data_2WGN
#
_entry.id   2WGN
#
_cell.length_a   1.000
_cell.length_b   1.000
_cell.length_c   1.000
_cell.angle_alpha   90.00
_cell.angle_beta   90.00
_cell.angle_gamma   90.00
#
_symmetry.space_group_name_H-M   'P 1'
#
_entity_poly.entity_id   1
_entity_poly.type   'polypeptide(L)'
_entity_poly.pdbx_seq_one_letter_code
;MGSSHHHHHHSSGLVPRGSHMQKPVVTLDDADDCSPLKLTQGQELVLTLPSNPTTGFRWELRNPAASVLKRLGPEVYSNS
EEDSGLVGSGGESTWRFRVAASGDDRLELVYRRPWEKDAEPAESFSCAIQVR
;
_entity_poly.pdbx_strand_id   B
#
# COMPACT_ATOMS: atom_id res chain seq x y z
N MET A 1 -22.06 50.14 15.99
CA MET A 1 -22.07 48.68 15.67
C MET A 1 -22.62 47.87 16.83
N GLY A 2 -23.63 47.06 16.55
CA GLY A 2 -24.24 46.24 17.58
C GLY A 2 -24.78 44.92 17.04
N SER A 3 -24.69 44.75 15.73
CA SER A 3 -25.17 43.53 15.08
C SER A 3 -24.22 42.36 15.36
N SER A 4 -24.72 41.34 16.05
CA SER A 4 -23.93 40.17 16.37
C SER A 4 -24.26 39.01 15.45
N HIS A 5 -25.37 39.12 14.74
CA HIS A 5 -25.81 38.08 13.81
C HIS A 5 -26.00 36.76 14.52
N HIS A 6 -26.23 35.70 13.75
CA HIS A 6 -26.44 34.37 14.31
C HIS A 6 -25.42 33.38 13.75
N HIS A 7 -25.43 32.17 14.28
CA HIS A 7 -24.51 31.11 13.84
C HIS A 7 -23.06 31.56 14.00
N HIS A 8 -22.14 30.74 13.48
CA HIS A 8 -20.72 31.04 13.56
C HIS A 8 -20.06 30.98 12.19
N HIS A 9 -19.05 31.81 11.99
CA HIS A 9 -18.34 31.86 10.71
C HIS A 9 -16.98 31.15 10.82
N HIS A 10 -16.42 30.80 9.67
CA HIS A 10 -15.13 30.11 9.64
C HIS A 10 -13.98 31.10 9.86
N SER A 11 -13.22 30.88 10.93
CA SER A 11 -12.09 31.74 11.25
C SER A 11 -10.97 30.94 11.90
N SER A 12 -11.31 29.80 12.47
CA SER A 12 -10.33 28.94 13.13
C SER A 12 -9.79 27.89 12.17
N GLY A 13 -10.67 27.34 11.33
CA GLY A 13 -10.25 26.33 10.38
C GLY A 13 -9.79 25.06 11.05
N LEU A 14 -10.74 24.28 11.58
CA LEU A 14 -10.41 23.03 12.25
C LEU A 14 -10.63 21.84 11.33
N VAL A 15 -11.12 22.11 10.11
CA VAL A 15 -11.36 21.06 9.14
C VAL A 15 -10.29 21.05 8.04
N PRO A 16 -9.97 19.87 7.49
CA PRO A 16 -8.96 19.73 6.44
C PRO A 16 -9.33 20.54 5.19
N ARG A 17 -8.42 21.42 4.77
CA ARG A 17 -8.64 22.25 3.59
C ARG A 17 -7.54 22.04 2.57
N GLY A 18 -6.57 21.18 2.91
CA GLY A 18 -5.47 20.91 2.01
C GLY A 18 -5.39 19.46 1.61
N SER A 19 -6.53 18.79 1.56
CA SER A 19 -6.60 17.38 1.20
C SER A 19 -7.85 17.07 0.38
N HIS A 20 -7.76 16.05 -0.46
CA HIS A 20 -8.89 15.65 -1.29
C HIS A 20 -9.14 14.14 -1.20
N MET A 21 -10.38 13.77 -0.90
CA MET A 21 -10.75 12.36 -0.78
C MET A 21 -11.30 11.84 -2.10
N GLN A 22 -10.74 10.72 -2.56
CA GLN A 22 -11.18 10.10 -3.81
C GLN A 22 -10.99 8.59 -3.76
N LYS A 23 -9.94 8.15 -3.09
CA LYS A 23 -9.65 6.72 -2.97
C LYS A 23 -10.23 6.16 -1.68
N PRO A 24 -10.42 4.83 -1.62
CA PRO A 24 -10.95 4.15 -0.45
C PRO A 24 -9.99 4.21 0.72
N VAL A 25 -8.77 3.82 0.43
CA VAL A 25 -7.70 3.80 1.42
C VAL A 25 -6.38 4.23 0.80
N VAL A 26 -6.09 3.68 -0.38
CA VAL A 26 -4.87 4.00 -1.11
C VAL A 26 -3.61 3.83 -0.28
N THR A 27 -3.77 3.26 0.91
CA THR A 27 -2.66 3.04 1.81
C THR A 27 -3.00 1.99 2.86
N LEU A 28 -1.96 1.38 3.44
CA LEU A 28 -2.15 0.35 4.46
C LEU A 28 -0.84 0.09 5.20
N ASP A 29 -0.80 0.49 6.48
CA ASP A 29 0.38 0.30 7.30
C ASP A 29 0.07 -0.55 8.52
N ASP A 30 -1.09 -0.30 9.13
CA ASP A 30 -1.50 -1.04 10.31
C ASP A 30 -1.72 -2.51 9.98
N ALA A 31 -1.36 -3.39 10.92
CA ALA A 31 -1.52 -4.82 10.74
C ALA A 31 -2.70 -5.37 11.54
N ASP A 32 -3.53 -4.46 12.05
CA ASP A 32 -4.69 -4.84 12.84
C ASP A 32 -5.93 -4.93 11.97
N ASP A 33 -6.06 -4.01 11.03
CA ASP A 33 -7.21 -3.98 10.13
C ASP A 33 -6.99 -4.91 8.94
N CYS A 34 -6.52 -6.12 9.22
CA CYS A 34 -6.28 -7.10 8.16
C CYS A 34 -7.59 -7.71 7.68
N SER A 35 -8.71 -7.10 8.05
CA SER A 35 -10.02 -7.59 7.65
C SER A 35 -10.14 -7.59 6.13
N PRO A 36 -11.10 -8.36 5.57
CA PRO A 36 -11.31 -8.43 4.12
C PRO A 36 -11.73 -7.08 3.55
N LEU A 37 -10.77 -6.17 3.43
CA LEU A 37 -11.03 -4.83 2.92
C LEU A 37 -11.54 -4.88 1.49
N LYS A 38 -12.64 -4.18 1.22
CA LYS A 38 -13.22 -4.14 -0.10
C LYS A 38 -12.52 -3.10 -0.98
N LEU A 39 -12.29 -3.47 -2.23
CA LEU A 39 -11.62 -2.58 -3.17
C LEU A 39 -12.48 -2.34 -4.41
N THR A 40 -11.91 -1.64 -5.38
CA THR A 40 -12.61 -1.35 -6.62
C THR A 40 -11.63 -1.09 -7.76
N GLN A 41 -11.92 -1.64 -8.93
CA GLN A 41 -11.05 -1.48 -10.09
C GLN A 41 -10.93 -0.01 -10.48
N GLY A 42 -9.83 0.61 -10.07
CA GLY A 42 -9.60 2.01 -10.38
C GLY A 42 -9.12 2.81 -9.18
N GLN A 43 -8.52 2.12 -8.21
CA GLN A 43 -8.01 2.77 -7.01
C GLN A 43 -6.57 2.35 -6.74
N GLU A 44 -5.72 3.33 -6.44
CA GLU A 44 -4.32 3.08 -6.16
C GLU A 44 -4.12 2.44 -4.78
N LEU A 45 -2.87 2.20 -4.46
CA LEU A 45 -2.50 1.61 -3.18
C LEU A 45 -1.02 1.86 -2.91
N VAL A 46 -0.73 3.05 -2.42
CA VAL A 46 0.65 3.45 -2.12
C VAL A 46 0.98 3.20 -0.66
N LEU A 47 1.44 1.99 -0.36
CA LEU A 47 1.79 1.62 1.00
C LEU A 47 2.85 2.56 1.58
N THR A 48 2.95 2.57 2.90
CA THR A 48 3.93 3.42 3.58
C THR A 48 4.32 2.81 4.93
N LEU A 49 5.55 2.30 5.01
CA LEU A 49 6.05 1.70 6.23
C LEU A 49 7.43 2.24 6.60
N PRO A 50 7.74 2.32 7.90
CA PRO A 50 9.04 2.83 8.37
C PRO A 50 10.16 1.82 8.17
N SER A 51 11.31 2.31 7.72
CA SER A 51 12.47 1.45 7.48
C SER A 51 13.75 2.28 7.46
N ASN A 52 14.88 1.62 7.69
CA ASN A 52 16.18 2.28 7.69
C ASN A 52 17.15 1.62 6.71
N PRO A 53 17.36 2.22 5.53
CA PRO A 53 18.27 1.67 4.51
C PRO A 53 19.74 1.82 4.91
N THR A 54 19.97 2.35 6.09
CA THR A 54 21.33 2.55 6.59
C THR A 54 21.80 1.34 7.41
N THR A 55 20.88 0.41 7.65
CA THR A 55 21.21 -0.79 8.41
C THR A 55 21.44 -1.99 7.49
N GLY A 56 20.38 -2.43 6.82
CA GLY A 56 20.49 -3.56 5.92
C GLY A 56 19.23 -4.38 5.89
N PHE A 57 18.49 -4.36 6.99
CA PHE A 57 17.25 -5.11 7.11
C PHE A 57 16.09 -4.32 6.52
N ARG A 58 15.65 -4.72 5.34
CA ARG A 58 14.53 -4.07 4.66
C ARG A 58 13.25 -4.89 4.79
N TRP A 59 12.28 -4.57 3.94
CA TRP A 59 11.01 -5.29 3.95
C TRP A 59 10.88 -6.16 2.70
N GLU A 60 10.99 -7.48 2.89
CA GLU A 60 10.88 -8.42 1.78
C GLU A 60 9.44 -8.55 1.32
N LEU A 61 9.24 -8.49 0.00
CA LEU A 61 7.91 -8.62 -0.58
C LEU A 61 7.58 -10.07 -0.87
N ARG A 62 6.65 -10.65 -0.11
CA ARG A 62 6.25 -12.04 -0.29
C ARG A 62 5.02 -12.14 -1.19
N ASN A 63 3.86 -11.77 -0.66
CA ASN A 63 2.62 -11.82 -1.40
C ASN A 63 2.12 -10.42 -1.73
N PRO A 64 2.49 -9.88 -2.91
CA PRO A 64 2.07 -8.53 -3.33
C PRO A 64 0.65 -8.51 -3.88
N ALA A 65 -0.09 -9.59 -3.66
CA ALA A 65 -1.47 -9.69 -4.13
C ALA A 65 -1.53 -9.49 -5.65
N ALA A 66 -0.45 -9.85 -6.33
CA ALA A 66 -0.39 -9.71 -7.78
C ALA A 66 -1.46 -10.54 -8.46
N SER A 67 -2.16 -11.37 -7.69
CA SER A 67 -3.22 -12.22 -8.22
C SER A 67 -4.37 -11.37 -8.77
N VAL A 68 -4.64 -10.24 -8.13
CA VAL A 68 -5.72 -9.36 -8.58
C VAL A 68 -5.23 -7.93 -8.76
N LEU A 69 -4.32 -7.49 -7.90
CA LEU A 69 -3.78 -6.13 -7.98
C LEU A 69 -2.56 -6.09 -8.90
N LYS A 70 -2.52 -5.10 -9.79
CA LYS A 70 -1.40 -4.95 -10.72
C LYS A 70 -0.45 -3.86 -10.25
N ARG A 71 0.85 -4.12 -10.37
CA ARG A 71 1.87 -3.16 -9.96
C ARG A 71 2.18 -2.18 -11.10
N LEU A 72 2.53 -0.95 -10.74
CA LEU A 72 2.86 0.07 -11.73
C LEU A 72 4.25 -0.17 -12.32
N GLY A 73 5.28 -0.02 -11.49
CA GLY A 73 6.64 -0.23 -11.95
C GLY A 73 7.64 -0.29 -10.81
N PRO A 74 8.84 -0.83 -11.05
CA PRO A 74 9.89 -0.95 -10.02
C PRO A 74 10.32 0.42 -9.49
N GLU A 75 10.34 1.42 -10.38
CA GLU A 75 10.74 2.77 -10.00
C GLU A 75 9.78 3.35 -8.98
N VAL A 76 10.27 3.57 -7.76
CA VAL A 76 9.44 4.12 -6.69
C VAL A 76 10.18 5.24 -5.96
N TYR A 77 11.30 5.68 -6.53
CA TYR A 77 12.10 6.75 -5.94
C TYR A 77 12.12 7.98 -6.84
N SER A 78 11.75 9.12 -6.29
CA SER A 78 11.73 10.36 -7.06
C SER A 78 13.14 10.92 -7.22
N ASN A 79 13.49 11.30 -8.45
CA ASN A 79 14.81 11.85 -8.75
C ASN A 79 14.91 13.29 -8.30
N SER A 80 13.81 14.02 -8.41
CA SER A 80 13.78 15.43 -8.01
C SER A 80 13.41 15.57 -6.53
N GLU A 81 13.32 16.81 -6.07
CA GLU A 81 12.98 17.07 -4.67
C GLU A 81 12.06 18.30 -4.57
N GLU A 82 10.86 18.08 -4.03
CA GLU A 82 9.89 19.15 -3.86
C GLU A 82 9.55 19.36 -2.39
N ASP A 83 8.93 18.36 -1.79
CA ASP A 83 8.56 18.43 -0.37
C ASP A 83 9.64 17.78 0.50
N SER A 84 10.78 17.48 -0.11
CA SER A 84 11.90 16.87 0.60
C SER A 84 11.44 15.66 1.42
N GLY A 85 11.51 14.48 0.80
CA GLY A 85 11.11 13.27 1.49
C GLY A 85 12.20 12.75 2.41
N LEU A 86 12.41 13.44 3.53
CA LEU A 86 13.43 13.06 4.48
C LEU A 86 12.92 13.24 5.90
N VAL A 87 12.47 12.13 6.49
CA VAL A 87 11.95 12.14 7.86
C VAL A 87 13.08 12.20 8.88
N GLY A 88 14.27 11.76 8.46
CA GLY A 88 15.42 11.78 9.34
C GLY A 88 16.11 10.42 9.40
N SER A 89 16.15 9.73 8.28
CA SER A 89 16.80 8.42 8.21
C SER A 89 17.25 8.10 6.78
N GLY A 90 17.02 9.06 5.88
CA GLY A 90 17.42 8.86 4.50
C GLY A 90 16.28 8.31 3.65
N GLY A 91 16.59 7.29 2.85
CA GLY A 91 15.59 6.68 2.00
C GLY A 91 14.54 5.93 2.79
N GLU A 92 13.43 5.60 2.13
CA GLU A 92 12.34 4.88 2.78
C GLU A 92 11.68 3.90 1.82
N SER A 93 10.74 3.12 2.33
CA SER A 93 10.04 2.13 1.52
C SER A 93 8.72 2.70 0.99
N THR A 94 8.52 2.59 -0.32
CA THR A 94 7.31 3.09 -0.96
C THR A 94 6.84 2.14 -2.05
N TRP A 95 5.72 1.47 -1.82
CA TRP A 95 5.16 0.54 -2.79
C TRP A 95 3.89 1.10 -3.42
N ARG A 96 3.95 1.40 -4.72
CA ARG A 96 2.80 1.93 -5.43
C ARG A 96 2.10 0.84 -6.23
N PHE A 97 0.85 0.56 -5.86
CA PHE A 97 0.07 -0.46 -6.55
C PHE A 97 -1.18 0.15 -7.20
N ARG A 98 -1.81 -0.62 -8.07
CA ARG A 98 -3.02 -0.18 -8.76
C ARG A 98 -3.95 -1.35 -9.05
N VAL A 99 -5.23 -1.17 -8.75
CA VAL A 99 -6.21 -2.22 -8.96
C VAL A 99 -6.63 -2.30 -10.43
N ALA A 100 -6.81 -3.52 -10.93
CA ALA A 100 -7.21 -3.73 -12.31
C ALA A 100 -8.39 -4.71 -12.40
N ALA A 101 -8.32 -5.77 -11.62
CA ALA A 101 -9.37 -6.78 -11.60
C ALA A 101 -9.80 -7.10 -10.17
N SER A 102 -10.93 -7.80 -10.04
CA SER A 102 -11.44 -8.17 -8.74
C SER A 102 -10.97 -9.56 -8.33
N GLY A 103 -11.54 -10.07 -7.25
CA GLY A 103 -11.16 -11.38 -6.76
C GLY A 103 -10.56 -11.34 -5.36
N ASP A 104 -10.55 -12.48 -4.69
CA ASP A 104 -10.01 -12.57 -3.34
C ASP A 104 -8.49 -12.67 -3.37
N ASP A 105 -7.84 -12.22 -2.30
CA ASP A 105 -6.39 -12.27 -2.20
C ASP A 105 -5.92 -11.89 -0.80
N ARG A 106 -4.61 -11.93 -0.60
CA ARG A 106 -4.03 -11.59 0.71
C ARG A 106 -2.63 -11.02 0.54
N LEU A 107 -2.35 -9.91 1.20
CA LEU A 107 -1.05 -9.27 1.13
C LEU A 107 -0.13 -9.77 2.24
N GLU A 108 1.12 -10.05 1.90
CA GLU A 108 2.08 -10.55 2.89
C GLU A 108 3.45 -9.90 2.71
N LEU A 109 3.94 -9.28 3.79
CA LEU A 109 5.24 -8.62 3.76
C LEU A 109 5.98 -8.85 5.07
N VAL A 110 7.26 -9.23 4.98
CA VAL A 110 8.07 -9.48 6.16
C VAL A 110 9.23 -8.48 6.26
N TYR A 111 9.89 -8.46 7.42
CA TYR A 111 11.01 -7.56 7.64
C TYR A 111 12.32 -8.33 7.76
N ARG A 112 13.10 -8.33 6.67
CA ARG A 112 14.38 -9.02 6.65
C ARG A 112 15.21 -8.59 5.44
N ARG A 113 16.45 -9.07 5.39
CA ARG A 113 17.34 -8.74 4.30
C ARG A 113 16.84 -9.36 2.99
N PRO A 114 16.53 -8.52 1.98
CA PRO A 114 16.02 -8.99 0.69
C PRO A 114 17.01 -9.90 -0.06
N TRP A 115 18.29 -9.75 0.23
CA TRP A 115 19.32 -10.55 -0.42
C TRP A 115 19.43 -11.93 0.23
N GLU A 116 18.57 -12.22 1.18
CA GLU A 116 18.59 -13.52 1.86
C GLU A 116 17.53 -14.44 1.30
N LYS A 117 17.45 -15.65 1.86
CA LYS A 117 16.47 -16.63 1.41
C LYS A 117 15.93 -17.44 2.59
N ASP A 118 14.63 -17.31 2.86
CA ASP A 118 13.98 -18.03 3.95
C ASP A 118 14.68 -17.74 5.28
N ALA A 119 15.32 -16.58 5.37
CA ALA A 119 16.02 -16.19 6.60
C ALA A 119 15.04 -15.94 7.74
N GLU A 120 15.55 -15.44 8.86
CA GLU A 120 14.72 -15.17 10.02
C GLU A 120 14.40 -13.67 10.12
N PRO A 121 13.20 -13.26 9.69
CA PRO A 121 12.79 -11.86 9.73
C PRO A 121 12.40 -11.39 11.13
N ALA A 122 12.83 -10.18 11.48
CA ALA A 122 12.52 -9.62 12.78
C ALA A 122 11.03 -9.31 12.91
N GLU A 123 10.55 -8.42 12.06
CA GLU A 123 9.14 -8.05 12.07
C GLU A 123 8.37 -8.85 11.03
N SER A 124 7.10 -8.50 10.85
CA SER A 124 6.25 -9.20 9.88
C SER A 124 4.99 -8.39 9.58
N PHE A 125 4.24 -8.85 8.59
CA PHE A 125 3.00 -8.19 8.19
C PHE A 125 2.21 -9.07 7.22
N SER A 126 0.89 -9.08 7.37
CA SER A 126 0.03 -9.88 6.51
C SER A 126 -1.44 -9.58 6.78
N CYS A 127 -2.10 -8.95 5.80
CA CYS A 127 -3.51 -8.61 5.92
C CYS A 127 -4.32 -9.19 4.77
N ALA A 128 -5.63 -9.22 4.92
CA ALA A 128 -6.51 -9.75 3.89
C ALA A 128 -6.97 -8.64 2.93
N ILE A 129 -7.32 -9.04 1.72
CA ILE A 129 -7.77 -8.10 0.70
C ILE A 129 -8.81 -8.74 -0.21
N GLN A 130 -9.83 -7.99 -0.59
CA GLN A 130 -10.89 -8.48 -1.46
C GLN A 130 -11.41 -7.38 -2.36
N VAL A 131 -11.33 -7.59 -3.67
CA VAL A 131 -11.79 -6.61 -4.64
C VAL A 131 -13.14 -7.02 -5.24
N ARG A 132 -13.89 -6.03 -5.69
CA ARG A 132 -15.20 -6.27 -6.28
C ARG A 132 -15.68 -5.06 -7.07
N MET A 1 -3.07 1.88 49.64
CA MET A 1 -2.04 1.56 48.61
C MET A 1 -1.01 2.67 48.50
N GLY A 2 -1.24 3.77 49.23
CA GLY A 2 -0.32 4.89 49.20
C GLY A 2 -0.65 5.89 48.11
N SER A 3 0.13 6.96 48.03
CA SER A 3 -0.09 7.98 47.01
C SER A 3 0.71 7.68 45.75
N SER A 4 0.00 7.32 44.68
CA SER A 4 0.63 7.01 43.41
C SER A 4 -0.37 7.05 42.27
N HIS A 5 0.08 7.46 41.10
CA HIS A 5 -0.78 7.54 39.92
C HIS A 5 -0.71 6.27 39.10
N HIS A 6 -1.87 5.70 38.78
CA HIS A 6 -1.94 4.48 38.00
C HIS A 6 -2.73 4.69 36.71
N HIS A 7 -2.17 4.26 35.59
CA HIS A 7 -2.82 4.40 34.29
C HIS A 7 -3.77 3.25 34.03
N HIS A 8 -5.01 3.57 33.64
CA HIS A 8 -6.01 2.56 33.36
C HIS A 8 -6.88 2.97 32.17
N HIS A 9 -7.20 4.26 32.10
CA HIS A 9 -8.03 4.77 31.01
C HIS A 9 -7.15 5.26 29.86
N HIS A 10 -7.65 5.10 28.64
CA HIS A 10 -6.93 5.52 27.45
C HIS A 10 -7.79 6.41 26.55
N SER A 11 -7.18 7.44 25.99
CA SER A 11 -7.90 8.36 25.12
C SER A 11 -7.94 7.85 23.69
N SER A 12 -7.07 6.89 23.38
CA SER A 12 -7.00 6.30 22.06
C SER A 12 -8.01 5.17 21.91
N GLY A 13 -8.35 4.84 20.66
CA GLY A 13 -9.30 3.78 20.41
C GLY A 13 -10.53 4.26 19.65
N LEU A 14 -11.48 4.84 20.39
CA LEU A 14 -12.71 5.34 19.79
C LEU A 14 -13.46 4.24 19.05
N VAL A 15 -14.51 4.62 18.33
CA VAL A 15 -15.30 3.67 17.58
C VAL A 15 -15.61 4.19 16.17
N PRO A 16 -14.75 3.84 15.19
CA PRO A 16 -14.92 4.27 13.80
C PRO A 16 -16.19 3.70 13.17
N ARG A 17 -16.39 3.97 11.89
CA ARG A 17 -17.55 3.48 11.17
C ARG A 17 -17.17 2.98 9.77
N GLY A 18 -17.84 1.93 9.33
CA GLY A 18 -17.56 1.36 8.01
C GLY A 18 -18.77 1.37 7.10
N SER A 19 -18.65 2.05 5.97
CA SER A 19 -19.73 2.13 5.00
C SER A 19 -19.40 1.34 3.74
N HIS A 20 -18.31 1.72 3.09
CA HIS A 20 -17.88 1.05 1.86
C HIS A 20 -16.38 1.20 1.67
N MET A 21 -15.83 2.33 2.14
CA MET A 21 -14.41 2.61 2.02
C MET A 21 -13.97 2.62 0.56
N GLN A 22 -13.85 3.82 0.00
CA GLN A 22 -13.44 3.98 -1.39
C GLN A 22 -12.66 5.28 -1.58
N LYS A 23 -11.37 5.16 -1.87
CA LYS A 23 -10.51 6.32 -2.07
C LYS A 23 -9.64 6.17 -3.30
N PRO A 24 -9.30 7.30 -3.95
CA PRO A 24 -8.45 7.30 -5.14
C PRO A 24 -7.17 6.56 -4.85
N VAL A 25 -6.79 6.60 -3.58
CA VAL A 25 -5.60 5.94 -3.08
C VAL A 25 -5.73 5.67 -1.59
N VAL A 26 -6.50 4.66 -1.22
CA VAL A 26 -6.69 4.31 0.18
C VAL A 26 -5.33 4.06 0.86
N THR A 27 -4.88 5.03 1.64
CA THR A 27 -3.60 4.93 2.32
C THR A 27 -3.69 4.02 3.54
N LEU A 28 -2.55 3.54 4.01
CA LEU A 28 -2.50 2.66 5.16
C LEU A 28 -1.18 2.81 5.91
N ASP A 29 -1.22 2.63 7.22
CA ASP A 29 -0.02 2.75 8.05
C ASP A 29 -0.07 1.76 9.21
N ASP A 30 -1.29 1.44 9.66
CA ASP A 30 -1.47 0.51 10.76
C ASP A 30 -2.46 -0.58 10.39
N ALA A 31 -2.06 -1.83 10.60
CA ALA A 31 -2.92 -2.97 10.29
C ALA A 31 -4.15 -3.00 11.18
N ASP A 32 -5.26 -2.46 10.67
CA ASP A 32 -6.51 -2.42 11.42
C ASP A 32 -7.68 -2.84 10.54
N ASP A 33 -7.85 -2.16 9.41
CA ASP A 33 -8.93 -2.45 8.49
C ASP A 33 -8.62 -3.70 7.67
N CYS A 34 -7.38 -4.18 7.79
CA CYS A 34 -6.95 -5.36 7.06
C CYS A 34 -7.42 -6.64 7.74
N SER A 35 -8.46 -7.26 7.17
CA SER A 35 -9.01 -8.49 7.75
C SER A 35 -10.18 -9.03 6.92
N PRO A 36 -11.17 -8.18 6.57
CA PRO A 36 -12.35 -8.62 5.80
C PRO A 36 -12.11 -8.65 4.30
N LEU A 37 -10.88 -8.37 3.86
CA LEU A 37 -10.53 -8.37 2.44
C LEU A 37 -11.62 -7.77 1.57
N LYS A 38 -12.49 -7.00 2.18
CA LYS A 38 -13.57 -6.35 1.45
C LYS A 38 -13.06 -5.11 0.73
N LEU A 39 -12.92 -5.22 -0.59
CA LEU A 39 -12.43 -4.10 -1.40
C LEU A 39 -13.37 -3.79 -2.55
N THR A 40 -12.88 -2.95 -3.48
CA THR A 40 -13.65 -2.54 -4.64
C THR A 40 -12.76 -1.89 -5.68
N GLN A 41 -13.05 -2.15 -6.95
CA GLN A 41 -12.27 -1.58 -8.05
C GLN A 41 -12.44 -0.08 -8.11
N GLY A 42 -11.33 0.64 -8.19
CA GLY A 42 -11.37 2.09 -8.26
C GLY A 42 -10.67 2.74 -7.08
N GLN A 43 -9.82 1.98 -6.40
CA GLN A 43 -9.09 2.48 -5.25
C GLN A 43 -7.61 2.13 -5.37
N GLU A 44 -6.75 3.02 -4.88
CA GLU A 44 -5.31 2.79 -4.94
C GLU A 44 -4.71 2.71 -3.54
N LEU A 45 -3.39 2.59 -3.47
CA LEU A 45 -2.71 2.52 -2.19
C LEU A 45 -1.21 2.76 -2.35
N VAL A 46 -0.64 3.49 -1.39
CA VAL A 46 0.79 3.80 -1.39
C VAL A 46 1.39 3.57 -0.01
N LEU A 47 1.94 2.39 0.21
CA LEU A 47 2.55 2.05 1.49
C LEU A 47 3.96 2.61 1.60
N THR A 48 4.35 2.99 2.81
CA THR A 48 5.67 3.54 3.07
C THR A 48 6.09 3.32 4.52
N LEU A 49 6.95 2.34 4.74
CA LEU A 49 7.43 2.02 6.08
C LEU A 49 8.87 2.49 6.27
N PRO A 50 9.24 2.88 7.50
CA PRO A 50 10.60 3.34 7.81
C PRO A 50 11.59 2.19 7.98
N SER A 51 12.75 2.32 7.33
CA SER A 51 13.77 1.29 7.41
C SER A 51 15.16 1.91 7.52
N ASN A 52 16.18 1.07 7.58
CA ASN A 52 17.56 1.54 7.68
C ASN A 52 18.50 0.66 6.86
N PRO A 53 18.82 1.08 5.61
CA PRO A 53 19.71 0.32 4.73
C PRO A 53 21.08 0.11 5.34
N THR A 54 21.41 0.93 6.34
CA THR A 54 22.71 0.82 7.01
C THR A 54 22.88 -0.55 7.65
N THR A 55 21.78 -1.12 8.13
CA THR A 55 21.81 -2.43 8.77
C THR A 55 21.82 -3.55 7.72
N GLY A 56 20.75 -3.65 6.95
CA GLY A 56 20.65 -4.67 5.93
C GLY A 56 19.29 -5.33 5.92
N PHE A 57 18.60 -5.28 7.05
CA PHE A 57 17.28 -5.87 7.18
C PHE A 57 16.22 -4.98 6.52
N ARG A 58 15.85 -5.33 5.29
CA ARG A 58 14.84 -4.58 4.56
C ARG A 58 13.50 -5.28 4.62
N TRP A 59 12.62 -4.94 3.68
CA TRP A 59 11.29 -5.54 3.62
C TRP A 59 11.12 -6.37 2.35
N GLU A 60 10.64 -7.59 2.51
CA GLU A 60 10.43 -8.49 1.37
C GLU A 60 8.95 -8.73 1.13
N LEU A 61 8.56 -8.79 -0.13
CA LEU A 61 7.16 -9.03 -0.50
C LEU A 61 6.89 -10.53 -0.67
N ARG A 62 6.22 -11.12 0.30
CA ARG A 62 5.88 -12.53 0.26
C ARG A 62 4.60 -12.76 -0.53
N ASN A 63 3.85 -11.68 -0.75
CA ASN A 63 2.59 -11.75 -1.49
C ASN A 63 2.10 -10.34 -1.84
N PRO A 64 2.56 -9.77 -2.96
CA PRO A 64 2.15 -8.43 -3.39
C PRO A 64 0.77 -8.42 -4.04
N ALA A 65 0.04 -9.52 -3.90
CA ALA A 65 -1.29 -9.64 -4.48
C ALA A 65 -1.26 -9.34 -5.98
N ALA A 66 -0.19 -9.76 -6.63
CA ALA A 66 -0.02 -9.53 -8.06
C ALA A 66 -0.96 -10.41 -8.88
N SER A 67 -1.92 -11.04 -8.21
CA SER A 67 -2.88 -11.92 -8.88
C SER A 67 -4.15 -11.15 -9.25
N VAL A 68 -4.42 -10.06 -8.54
CA VAL A 68 -5.61 -9.26 -8.82
C VAL A 68 -5.30 -7.77 -8.79
N LEU A 69 -4.39 -7.35 -7.91
CA LEU A 69 -4.02 -5.95 -7.78
C LEU A 69 -2.90 -5.59 -8.76
N LYS A 70 -2.92 -4.35 -9.24
CA LYS A 70 -1.91 -3.86 -10.18
C LYS A 70 -1.23 -2.61 -9.63
N ARG A 71 -0.57 -1.85 -10.50
CA ARG A 71 0.12 -0.63 -10.09
C ARG A 71 1.31 -0.96 -9.20
N LEU A 72 1.63 -2.23 -9.08
CA LEU A 72 2.74 -2.68 -8.26
C LEU A 72 4.06 -2.16 -8.81
N GLY A 73 5.01 -1.92 -7.91
CA GLY A 73 6.31 -1.41 -8.33
C GLY A 73 7.44 -1.89 -7.43
N PRO A 74 8.69 -1.89 -7.94
CA PRO A 74 9.86 -2.32 -7.18
C PRO A 74 10.17 -1.39 -6.01
N GLU A 75 11.37 -1.53 -5.45
CA GLU A 75 11.79 -0.69 -4.34
C GLU A 75 12.16 0.71 -4.82
N VAL A 76 12.14 1.67 -3.90
CA VAL A 76 12.48 3.05 -4.23
C VAL A 76 13.49 3.63 -3.25
N TYR A 77 14.71 3.85 -3.73
CA TYR A 77 15.76 4.40 -2.89
C TYR A 77 16.62 5.39 -3.68
N SER A 78 17.38 4.87 -4.64
CA SER A 78 18.24 5.71 -5.46
C SER A 78 18.68 4.97 -6.72
N ASN A 79 18.31 3.71 -6.82
CA ASN A 79 18.66 2.89 -7.97
C ASN A 79 17.67 3.11 -9.12
N SER A 80 16.45 3.49 -8.77
CA SER A 80 15.42 3.74 -9.77
C SER A 80 15.38 5.21 -10.17
N GLU A 81 14.94 6.05 -9.24
CA GLU A 81 14.86 7.50 -9.49
C GLU A 81 13.94 7.80 -10.68
N GLU A 82 12.70 8.16 -10.38
CA GLU A 82 11.73 8.47 -11.42
C GLU A 82 11.79 9.96 -11.79
N ASP A 83 11.41 10.82 -10.84
CA ASP A 83 11.42 12.25 -11.06
C ASP A 83 12.63 12.90 -10.40
N SER A 84 13.09 12.29 -9.31
CA SER A 84 14.25 12.80 -8.58
C SER A 84 14.81 11.74 -7.64
N GLY A 85 13.97 10.76 -7.29
CA GLY A 85 14.40 9.70 -6.40
C GLY A 85 14.79 10.22 -5.04
N LEU A 86 14.03 11.18 -4.53
CA LEU A 86 14.30 11.78 -3.23
C LEU A 86 13.00 11.99 -2.46
N VAL A 87 12.70 11.05 -1.58
CA VAL A 87 11.50 11.12 -0.76
C VAL A 87 11.85 11.38 0.70
N GLY A 88 13.03 10.94 1.11
CA GLY A 88 13.46 11.13 2.48
C GLY A 88 14.96 11.36 2.59
N SER A 89 15.57 10.78 3.62
CA SER A 89 17.00 10.92 3.84
C SER A 89 17.77 9.83 3.10
N GLY A 90 17.10 8.70 2.86
CA GLY A 90 17.74 7.59 2.16
C GLY A 90 17.56 6.27 2.88
N GLY A 91 16.32 5.99 3.29
CA GLY A 91 16.04 4.76 3.99
C GLY A 91 14.55 4.51 4.15
N GLU A 92 13.78 4.80 3.10
CA GLU A 92 12.34 4.62 3.12
C GLU A 92 11.83 4.09 1.79
N SER A 93 11.38 2.83 1.78
CA SER A 93 10.87 2.21 0.57
C SER A 93 9.49 2.77 0.21
N THR A 94 9.04 2.49 -1.00
CA THR A 94 7.75 2.97 -1.46
C THR A 94 7.06 1.95 -2.36
N TRP A 95 5.84 1.58 -2.01
CA TRP A 95 5.06 0.61 -2.78
C TRP A 95 3.71 1.19 -3.17
N ARG A 96 3.30 0.94 -4.41
CA ARG A 96 2.02 1.44 -4.90
C ARG A 96 1.23 0.33 -5.61
N PHE A 97 -0.08 0.39 -5.50
CA PHE A 97 -0.95 -0.61 -6.12
C PHE A 97 -2.29 0.02 -6.52
N ARG A 98 -3.11 -0.75 -7.23
CA ARG A 98 -4.42 -0.29 -7.69
C ARG A 98 -5.29 -1.47 -8.11
N VAL A 99 -6.52 -1.51 -7.61
CA VAL A 99 -7.44 -2.59 -7.94
C VAL A 99 -7.83 -2.53 -9.41
N ALA A 100 -7.57 -3.61 -10.14
CA ALA A 100 -7.88 -3.66 -11.56
C ALA A 100 -8.44 -5.03 -11.97
N ALA A 101 -8.56 -5.94 -11.01
CA ALA A 101 -9.08 -7.27 -11.28
C ALA A 101 -9.73 -7.88 -10.06
N SER A 102 -10.65 -8.82 -10.29
CA SER A 102 -11.35 -9.50 -9.23
C SER A 102 -10.57 -10.72 -8.76
N GLY A 103 -10.95 -11.22 -7.58
CA GLY A 103 -10.29 -12.38 -7.02
C GLY A 103 -9.88 -12.18 -5.57
N ASP A 104 -9.61 -13.29 -4.88
CA ASP A 104 -9.22 -13.23 -3.48
C ASP A 104 -7.70 -13.23 -3.34
N ASP A 105 -7.19 -12.36 -2.46
CA ASP A 105 -5.75 -12.25 -2.24
C ASP A 105 -5.45 -11.75 -0.83
N ARG A 106 -4.17 -11.62 -0.52
CA ARG A 106 -3.74 -11.17 0.80
C ARG A 106 -2.31 -10.66 0.75
N LEU A 107 -2.13 -9.35 0.93
CA LEU A 107 -0.80 -8.75 0.91
C LEU A 107 0.06 -9.32 2.05
N GLU A 108 1.33 -9.55 1.76
CA GLU A 108 2.24 -10.10 2.76
C GLU A 108 3.62 -9.41 2.67
N LEU A 109 3.99 -8.73 3.74
CA LEU A 109 5.26 -8.03 3.80
C LEU A 109 6.02 -8.38 5.08
N VAL A 110 7.09 -9.15 4.95
CA VAL A 110 7.87 -9.55 6.11
C VAL A 110 9.11 -8.67 6.26
N TYR A 111 9.80 -8.83 7.39
CA TYR A 111 10.99 -8.05 7.67
C TYR A 111 12.20 -8.94 7.90
N ARG A 112 13.06 -9.06 6.89
CA ARG A 112 14.25 -9.90 6.97
C ARG A 112 15.23 -9.56 5.87
N ARG A 113 16.38 -10.23 5.89
CA ARG A 113 17.41 -10.01 4.88
C ARG A 113 16.91 -10.45 3.50
N PRO A 114 16.92 -9.53 2.51
CA PRO A 114 16.46 -9.83 1.14
C PRO A 114 17.43 -10.70 0.36
N TRP A 115 18.64 -10.88 0.89
CA TRP A 115 19.65 -11.69 0.21
C TRP A 115 19.71 -13.10 0.81
N GLU A 116 18.68 -13.46 1.57
CA GLU A 116 18.62 -14.76 2.20
C GLU A 116 17.42 -15.56 1.70
N LYS A 117 17.60 -16.88 1.59
CA LYS A 117 16.53 -17.75 1.11
C LYS A 117 15.71 -18.29 2.29
N ASP A 118 14.61 -17.61 2.59
CA ASP A 118 13.74 -18.02 3.69
C ASP A 118 14.50 -18.07 5.01
N ALA A 119 14.41 -16.99 5.78
CA ALA A 119 15.09 -16.91 7.07
C ALA A 119 14.17 -16.34 8.13
N GLU A 120 14.61 -16.39 9.39
CA GLU A 120 13.81 -15.88 10.50
C GLU A 120 13.69 -14.36 10.43
N PRO A 121 12.46 -13.86 10.18
CA PRO A 121 12.19 -12.43 10.08
C PRO A 121 11.86 -11.80 11.43
N ALA A 122 12.38 -10.61 11.68
CA ALA A 122 12.14 -9.91 12.93
C ALA A 122 10.69 -9.44 13.01
N GLU A 123 10.29 -8.60 12.06
CA GLU A 123 8.93 -8.09 12.01
C GLU A 123 8.10 -8.83 10.96
N SER A 124 6.87 -8.38 10.77
CA SER A 124 5.97 -9.00 9.81
C SER A 124 4.77 -8.11 9.53
N PHE A 125 4.10 -8.36 8.41
CA PHE A 125 2.92 -7.58 8.04
C PHE A 125 2.05 -8.36 7.04
N SER A 126 0.75 -8.10 7.09
CA SER A 126 -0.19 -8.77 6.20
C SER A 126 -1.53 -8.04 6.16
N CYS A 127 -2.20 -8.08 5.01
CA CYS A 127 -3.49 -7.42 4.85
C CYS A 127 -4.43 -8.24 3.99
N ALA A 128 -5.70 -8.28 4.39
CA ALA A 128 -6.71 -9.02 3.65
C ALA A 128 -7.26 -8.16 2.52
N ILE A 129 -7.27 -8.71 1.30
CA ILE A 129 -7.76 -7.98 0.14
C ILE A 129 -8.49 -8.89 -0.83
N GLN A 130 -9.64 -8.46 -1.30
CA GLN A 130 -10.45 -9.23 -2.24
C GLN A 130 -11.44 -8.33 -2.96
N VAL A 131 -11.68 -8.64 -4.23
CA VAL A 131 -12.62 -7.87 -5.04
C VAL A 131 -13.79 -8.75 -5.50
N ARG A 132 -14.85 -8.11 -5.98
CA ARG A 132 -16.03 -8.82 -6.44
C ARG A 132 -16.60 -9.71 -5.33
N MET A 1 -1.45 23.73 43.01
CA MET A 1 -2.11 22.47 43.42
C MET A 1 -3.63 22.58 43.25
N GLY A 2 -4.17 21.80 42.33
CA GLY A 2 -5.61 21.82 42.09
C GLY A 2 -6.09 20.60 41.32
N SER A 3 -7.39 20.33 41.42
CA SER A 3 -7.97 19.18 40.72
C SER A 3 -8.61 19.61 39.40
N SER A 4 -9.20 18.66 38.71
CA SER A 4 -9.85 18.94 37.43
C SER A 4 -11.19 19.65 37.63
N HIS A 5 -11.75 20.15 36.54
CA HIS A 5 -13.03 20.85 36.60
C HIS A 5 -14.15 19.91 37.04
N HIS A 6 -15.14 20.47 37.73
CA HIS A 6 -16.27 19.69 38.21
C HIS A 6 -17.50 19.91 37.33
N HIS A 7 -17.53 21.07 36.66
CA HIS A 7 -18.65 21.41 35.77
C HIS A 7 -18.13 21.93 34.44
N HIS A 8 -18.57 21.28 33.36
CA HIS A 8 -18.16 21.68 32.01
C HIS A 8 -19.32 21.54 31.03
N HIS A 9 -19.64 22.63 30.35
CA HIS A 9 -20.73 22.63 29.38
C HIS A 9 -20.21 22.28 27.99
N HIS A 10 -21.04 21.57 27.22
CA HIS A 10 -20.67 21.16 25.87
C HIS A 10 -21.07 22.22 24.85
N SER A 11 -20.20 22.45 23.87
CA SER A 11 -20.47 23.43 22.82
C SER A 11 -21.10 22.77 21.60
N SER A 12 -20.77 21.50 21.39
CA SER A 12 -21.30 20.76 20.25
C SER A 12 -21.54 19.30 20.63
N GLY A 13 -20.77 18.81 21.60
CA GLY A 13 -20.92 17.43 22.03
C GLY A 13 -20.47 16.43 20.98
N LEU A 14 -21.08 15.26 20.99
CA LEU A 14 -20.74 14.21 20.03
C LEU A 14 -21.64 14.30 18.80
N VAL A 15 -21.04 14.66 17.66
CA VAL A 15 -21.79 14.78 16.42
C VAL A 15 -21.08 14.02 15.29
N PRO A 16 -21.62 12.86 14.89
CA PRO A 16 -21.04 12.05 13.80
C PRO A 16 -20.83 12.85 12.53
N ARG A 17 -19.68 12.64 11.88
CA ARG A 17 -19.36 13.34 10.65
C ARG A 17 -19.67 12.47 9.43
N GLY A 18 -19.09 11.27 9.42
CA GLY A 18 -19.31 10.35 8.31
C GLY A 18 -18.08 9.53 7.98
N SER A 19 -18.27 8.25 7.70
CA SER A 19 -17.17 7.36 7.36
C SER A 19 -16.92 7.37 5.86
N HIS A 20 -15.65 7.37 5.48
CA HIS A 20 -15.27 7.38 4.06
C HIS A 20 -14.85 5.98 3.61
N MET A 21 -15.20 5.63 2.37
CA MET A 21 -14.86 4.33 1.82
C MET A 21 -14.40 4.47 0.38
N GLN A 22 -13.66 3.46 -0.10
CA GLN A 22 -13.14 3.47 -1.47
C GLN A 22 -12.21 4.65 -1.69
N LYS A 23 -10.90 4.39 -1.67
CA LYS A 23 -9.91 5.44 -1.86
C LYS A 23 -9.05 5.20 -3.09
N PRO A 24 -8.67 6.28 -3.80
CA PRO A 24 -7.83 6.19 -4.98
C PRO A 24 -6.53 5.50 -4.64
N VAL A 25 -6.20 5.57 -3.36
CA VAL A 25 -5.01 4.94 -2.82
C VAL A 25 -5.22 4.62 -1.34
N VAL A 26 -6.03 3.62 -1.05
CA VAL A 26 -6.32 3.22 0.33
C VAL A 26 -5.01 3.06 1.11
N THR A 27 -4.75 4.00 2.02
CA THR A 27 -3.54 3.98 2.83
C THR A 27 -3.70 3.07 4.04
N LEU A 28 -2.58 2.73 4.66
CA LEU A 28 -2.56 1.88 5.84
C LEU A 28 -1.51 2.36 6.84
N ASP A 29 -1.34 1.62 7.93
CA ASP A 29 -0.37 1.99 8.96
C ASP A 29 -0.13 0.84 9.93
N ASP A 30 -1.12 -0.03 10.08
CA ASP A 30 -1.00 -1.17 10.98
C ASP A 30 -1.69 -2.40 10.41
N ALA A 31 -1.34 -3.57 10.93
CA ALA A 31 -1.92 -4.82 10.47
C ALA A 31 -3.26 -5.11 11.14
N ASP A 32 -3.35 -4.78 12.42
CA ASP A 32 -4.59 -5.01 13.19
C ASP A 32 -5.76 -4.29 12.53
N ASP A 33 -5.48 -3.17 11.87
CA ASP A 33 -6.52 -2.41 11.19
C ASP A 33 -6.88 -3.03 9.85
N CYS A 34 -5.94 -3.76 9.27
CA CYS A 34 -6.16 -4.42 7.98
C CYS A 34 -7.25 -5.48 8.09
N SER A 35 -8.19 -5.44 7.18
CA SER A 35 -9.29 -6.38 7.15
C SER A 35 -9.74 -6.66 5.72
N PRO A 36 -10.46 -7.78 5.49
CA PRO A 36 -10.95 -8.14 4.15
C PRO A 36 -11.83 -7.05 3.55
N LEU A 37 -11.20 -6.04 2.97
CA LEU A 37 -11.92 -4.92 2.37
C LEU A 37 -12.41 -5.29 0.97
N LYS A 38 -13.36 -4.50 0.46
CA LYS A 38 -13.92 -4.73 -0.87
C LYS A 38 -13.45 -3.65 -1.84
N LEU A 39 -12.25 -3.82 -2.36
CA LEU A 39 -11.68 -2.85 -3.31
C LEU A 39 -12.37 -2.94 -4.67
N THR A 40 -11.79 -2.26 -5.65
CA THR A 40 -12.34 -2.25 -7.00
C THR A 40 -11.38 -1.56 -7.97
N GLN A 41 -11.47 -1.91 -9.24
CA GLN A 41 -10.62 -1.32 -10.27
C GLN A 41 -10.72 0.20 -10.24
N GLY A 42 -9.69 0.85 -9.72
CA GLY A 42 -9.68 2.30 -9.64
C GLY A 42 -9.06 2.80 -8.34
N GLN A 43 -8.93 1.90 -7.37
CA GLN A 43 -8.35 2.25 -6.09
C GLN A 43 -6.90 1.79 -6.01
N GLU A 44 -6.17 2.30 -5.02
CA GLU A 44 -4.77 1.92 -4.87
C GLU A 44 -4.39 1.75 -3.40
N LEU A 45 -3.08 1.81 -3.13
CA LEU A 45 -2.57 1.68 -1.77
C LEU A 45 -1.16 2.24 -1.66
N VAL A 46 -0.82 2.72 -0.46
CA VAL A 46 0.50 3.27 -0.19
C VAL A 46 0.97 2.88 1.22
N LEU A 47 1.63 1.74 1.31
CA LEU A 47 2.12 1.24 2.59
C LEU A 47 3.19 2.18 3.17
N THR A 48 3.23 2.26 4.50
CA THR A 48 4.20 3.11 5.17
C THR A 48 4.68 2.45 6.46
N LEU A 49 5.99 2.34 6.62
CA LEU A 49 6.57 1.73 7.81
C LEU A 49 7.94 2.33 8.12
N PRO A 50 8.45 2.12 9.35
CA PRO A 50 9.75 2.64 9.77
C PRO A 50 10.90 1.75 9.32
N SER A 51 11.79 2.31 8.52
CA SER A 51 12.94 1.55 8.01
C SER A 51 14.03 2.49 7.52
N ASN A 52 15.06 1.91 6.92
CA ASN A 52 16.19 2.69 6.41
C ASN A 52 16.51 2.28 4.97
N PRO A 53 17.19 3.14 4.20
CA PRO A 53 17.55 2.86 2.81
C PRO A 53 18.54 1.69 2.70
N THR A 54 19.38 1.73 1.67
CA THR A 54 20.36 0.67 1.46
C THR A 54 21.27 0.50 2.68
N THR A 55 20.80 -0.26 3.65
CA THR A 55 21.55 -0.50 4.88
C THR A 55 21.83 -1.98 5.07
N GLY A 56 20.76 -2.76 5.22
CA GLY A 56 20.90 -4.19 5.42
C GLY A 56 19.57 -4.92 5.45
N PHE A 57 18.73 -4.54 6.41
CA PHE A 57 17.42 -5.16 6.56
C PHE A 57 16.35 -4.36 5.82
N ARG A 58 15.78 -4.97 4.79
CA ARG A 58 14.73 -4.33 4.00
C ARG A 58 13.39 -5.04 4.17
N TRP A 59 12.50 -4.82 3.21
CA TRP A 59 11.18 -5.43 3.25
C TRP A 59 10.95 -6.29 2.01
N GLU A 60 10.67 -7.57 2.22
CA GLU A 60 10.42 -8.49 1.12
C GLU A 60 8.92 -8.72 0.92
N LEU A 61 8.53 -8.99 -0.31
CA LEU A 61 7.13 -9.22 -0.63
C LEU A 61 6.80 -10.72 -0.62
N ARG A 62 6.20 -11.17 0.46
CA ARG A 62 5.82 -12.58 0.59
C ARG A 62 4.64 -12.90 -0.33
N ASN A 63 3.85 -11.86 -0.64
CA ASN A 63 2.69 -12.02 -1.49
C ASN A 63 2.12 -10.66 -1.89
N PRO A 64 2.58 -10.10 -3.03
CA PRO A 64 2.12 -8.78 -3.50
C PRO A 64 0.71 -8.82 -4.07
N ALA A 65 -0.01 -9.91 -3.80
CA ALA A 65 -1.37 -10.07 -4.29
C ALA A 65 -1.44 -9.89 -5.80
N ALA A 66 -0.34 -10.19 -6.47
CA ALA A 66 -0.26 -10.07 -7.92
C ALA A 66 -1.32 -10.91 -8.62
N SER A 67 -1.96 -11.79 -7.85
CA SER A 67 -2.99 -12.66 -8.40
C SER A 67 -4.17 -11.85 -8.93
N VAL A 68 -4.49 -10.76 -8.24
CA VAL A 68 -5.60 -9.90 -8.65
C VAL A 68 -5.15 -8.45 -8.80
N LEU A 69 -4.34 -7.98 -7.87
CA LEU A 69 -3.85 -6.61 -7.90
C LEU A 69 -2.62 -6.50 -8.81
N LYS A 70 -2.30 -5.29 -9.21
CA LYS A 70 -1.16 -5.05 -10.09
C LYS A 70 -0.16 -4.10 -9.43
N ARG A 71 1.13 -4.34 -9.68
CA ARG A 71 2.18 -3.50 -9.12
C ARG A 71 2.35 -2.22 -9.94
N LEU A 72 2.16 -1.08 -9.28
CA LEU A 72 2.28 0.22 -9.94
C LEU A 72 3.64 0.36 -10.61
N GLY A 73 4.69 0.39 -9.81
CA GLY A 73 6.04 0.53 -10.35
C GLY A 73 7.09 -0.09 -9.45
N PRO A 74 8.38 -0.01 -9.85
CA PRO A 74 9.49 -0.56 -9.07
C PRO A 74 9.89 0.35 -7.91
N GLU A 75 10.02 1.64 -8.19
CA GLU A 75 10.41 2.60 -7.16
C GLU A 75 9.29 3.62 -6.93
N VAL A 76 9.49 4.49 -5.95
CA VAL A 76 8.52 5.52 -5.63
C VAL A 76 9.19 6.87 -5.41
N TYR A 77 10.45 6.97 -5.81
CA TYR A 77 11.21 8.21 -5.66
C TYR A 77 11.26 8.98 -6.98
N SER A 78 10.54 8.48 -7.97
CA SER A 78 10.51 9.12 -9.28
C SER A 78 9.08 9.37 -9.75
N ASN A 79 8.13 8.74 -9.06
CA ASN A 79 6.72 8.89 -9.40
C ASN A 79 6.22 10.29 -9.08
N SER A 80 4.99 10.58 -9.49
CA SER A 80 4.40 11.89 -9.24
C SER A 80 4.20 12.14 -7.76
N GLU A 81 3.97 11.06 -7.01
CA GLU A 81 3.77 11.14 -5.57
C GLU A 81 2.55 12.01 -5.24
N GLU A 82 1.48 11.36 -4.79
CA GLU A 82 0.25 12.07 -4.44
C GLU A 82 0.48 12.95 -3.22
N ASP A 83 0.66 12.31 -2.06
CA ASP A 83 0.88 13.04 -0.81
C ASP A 83 2.37 13.23 -0.55
N SER A 84 2.74 14.39 -0.04
CA SER A 84 4.13 14.69 0.25
C SER A 84 4.70 13.72 1.29
N GLY A 85 5.36 12.67 0.84
CA GLY A 85 5.93 11.70 1.74
C GLY A 85 7.33 12.10 2.19
N LEU A 86 7.40 13.15 3.01
CA LEU A 86 8.68 13.64 3.51
C LEU A 86 8.58 13.96 4.99
N VAL A 87 9.00 13.03 5.82
CA VAL A 87 8.96 13.20 7.27
C VAL A 87 10.20 13.95 7.75
N GLY A 88 11.29 13.81 7.02
CA GLY A 88 12.52 14.49 7.39
C GLY A 88 13.50 14.58 6.24
N SER A 89 14.64 13.90 6.38
CA SER A 89 15.66 13.91 5.34
C SER A 89 15.43 12.78 4.33
N GLY A 90 14.75 11.74 4.78
CA GLY A 90 14.47 10.61 3.91
C GLY A 90 14.72 9.28 4.57
N GLY A 91 14.32 8.19 3.92
CA GLY A 91 14.52 6.87 4.47
C GLY A 91 13.21 6.18 4.82
N GLU A 92 12.22 6.34 3.94
CA GLU A 92 10.91 5.73 4.15
C GLU A 92 10.52 4.84 2.97
N SER A 93 10.18 3.60 3.26
CA SER A 93 9.79 2.64 2.23
C SER A 93 8.29 2.74 1.94
N THR A 94 7.94 3.21 0.76
CA THR A 94 6.55 3.35 0.36
C THR A 94 6.19 2.38 -0.76
N TRP A 95 5.22 1.51 -0.51
CA TRP A 95 4.79 0.54 -1.50
C TRP A 95 3.49 0.98 -2.18
N ARG A 96 3.59 1.28 -3.48
CA ARG A 96 2.42 1.72 -4.25
C ARG A 96 1.85 0.58 -5.08
N PHE A 97 0.56 0.35 -4.95
CA PHE A 97 -0.11 -0.72 -5.69
C PHE A 97 -1.43 -0.23 -6.28
N ARG A 98 -1.73 -0.68 -7.49
CA ARG A 98 -2.96 -0.32 -8.19
C ARG A 98 -3.77 -1.56 -8.55
N VAL A 99 -5.08 -1.50 -8.31
CA VAL A 99 -5.96 -2.62 -8.62
C VAL A 99 -6.20 -2.73 -10.12
N ALA A 100 -5.98 -3.92 -10.68
CA ALA A 100 -6.18 -4.14 -12.11
C ALA A 100 -7.34 -5.08 -12.37
N ALA A 101 -7.47 -6.11 -11.55
CA ALA A 101 -8.55 -7.09 -11.71
C ALA A 101 -9.19 -7.42 -10.37
N SER A 102 -10.44 -7.89 -10.42
CA SER A 102 -11.17 -8.24 -9.24
C SER A 102 -10.65 -9.55 -8.65
N GLY A 103 -11.33 -10.03 -7.61
CA GLY A 103 -10.93 -11.27 -6.97
C GLY A 103 -10.41 -11.04 -5.56
N ASP A 104 -10.48 -12.08 -4.74
CA ASP A 104 -10.02 -12.00 -3.35
C ASP A 104 -8.55 -12.39 -3.23
N ASP A 105 -7.85 -11.76 -2.30
CA ASP A 105 -6.44 -12.05 -2.08
C ASP A 105 -6.01 -11.53 -0.71
N ARG A 106 -4.70 -11.58 -0.44
CA ARG A 106 -4.17 -11.13 0.83
C ARG A 106 -2.70 -10.74 0.70
N LEU A 107 -2.38 -9.47 0.98
CA LEU A 107 -1.01 -9.00 0.90
C LEU A 107 -0.17 -9.57 2.02
N GLU A 108 1.07 -9.93 1.70
CA GLU A 108 1.98 -10.51 2.68
C GLU A 108 3.37 -9.90 2.56
N LEU A 109 3.82 -9.25 3.64
CA LEU A 109 5.13 -8.62 3.66
C LEU A 109 5.90 -9.02 4.92
N VAL A 110 7.22 -8.99 4.83
CA VAL A 110 8.06 -9.35 5.97
C VAL A 110 9.29 -8.45 6.05
N TYR A 111 9.85 -8.34 7.25
CA TYR A 111 11.03 -7.50 7.47
C TYR A 111 12.28 -8.37 7.64
N ARG A 112 13.16 -8.34 6.65
CA ARG A 112 14.39 -9.12 6.69
C ARG A 112 15.33 -8.70 5.57
N ARG A 113 16.51 -9.31 5.55
CA ARG A 113 17.51 -9.00 4.52
C ARG A 113 16.97 -9.36 3.14
N PRO A 114 17.02 -8.41 2.19
CA PRO A 114 16.51 -8.62 0.83
C PRO A 114 17.40 -9.54 -0.01
N TRP A 115 18.67 -9.63 0.35
CA TRP A 115 19.60 -10.48 -0.39
C TRP A 115 19.46 -11.95 0.01
N GLU A 116 18.75 -12.20 1.10
CA GLU A 116 18.55 -13.57 1.58
C GLU A 116 17.37 -14.22 0.86
N LYS A 117 17.47 -15.52 0.63
CA LYS A 117 16.42 -16.27 -0.04
C LYS A 117 15.45 -16.88 0.98
N ASP A 118 16.02 -17.49 2.01
CA ASP A 118 15.22 -18.11 3.07
C ASP A 118 15.98 -18.14 4.39
N ALA A 119 15.63 -17.22 5.28
CA ALA A 119 16.28 -17.14 6.59
C ALA A 119 15.29 -16.75 7.67
N GLU A 120 15.81 -16.45 8.87
CA GLU A 120 14.97 -16.06 9.99
C GLU A 120 14.76 -14.54 10.02
N PRO A 121 13.55 -14.07 9.68
CA PRO A 121 13.24 -12.64 9.67
C PRO A 121 13.09 -12.07 11.08
N ALA A 122 12.72 -10.79 11.15
CA ALA A 122 12.53 -10.13 12.44
C ALA A 122 11.07 -9.78 12.68
N GLU A 123 10.54 -8.89 11.84
CA GLU A 123 9.15 -8.45 11.96
C GLU A 123 8.24 -9.16 10.97
N SER A 124 7.05 -8.59 10.79
CA SER A 124 6.06 -9.14 9.87
C SER A 124 4.92 -8.15 9.67
N PHE A 125 4.23 -8.27 8.54
CA PHE A 125 3.11 -7.38 8.23
C PHE A 125 2.25 -7.97 7.11
N SER A 126 0.99 -8.27 7.44
CA SER A 126 0.07 -8.83 6.46
C SER A 126 -1.28 -8.12 6.52
N CYS A 127 -1.98 -8.08 5.38
CA CYS A 127 -3.28 -7.43 5.29
C CYS A 127 -4.19 -8.15 4.30
N ALA A 128 -5.50 -8.07 4.54
CA ALA A 128 -6.48 -8.71 3.67
C ALA A 128 -7.00 -7.74 2.61
N ILE A 129 -7.17 -8.24 1.39
CA ILE A 129 -7.67 -7.43 0.29
C ILE A 129 -8.53 -8.26 -0.66
N GLN A 130 -9.80 -7.88 -0.77
CA GLN A 130 -10.74 -8.59 -1.63
C GLN A 130 -11.43 -7.64 -2.60
N VAL A 131 -11.63 -8.09 -3.82
CA VAL A 131 -12.28 -7.29 -4.85
C VAL A 131 -13.56 -7.98 -5.35
N ARG A 132 -14.26 -7.32 -6.27
CA ARG A 132 -15.50 -7.87 -6.83
C ARG A 132 -15.39 -9.37 -7.09
N MET A 1 -31.83 20.63 -22.60
CA MET A 1 -30.80 19.64 -22.99
C MET A 1 -31.39 18.56 -23.89
N GLY A 2 -32.66 18.23 -23.66
CA GLY A 2 -33.32 17.21 -24.45
C GLY A 2 -34.44 16.52 -23.71
N SER A 3 -34.27 16.36 -22.40
CA SER A 3 -35.28 15.73 -21.56
C SER A 3 -35.40 16.44 -20.22
N SER A 4 -36.58 16.32 -19.60
CA SER A 4 -36.82 16.96 -18.31
C SER A 4 -37.75 16.09 -17.45
N HIS A 5 -38.08 14.91 -17.96
CA HIS A 5 -38.95 13.99 -17.23
C HIS A 5 -38.47 12.55 -17.37
N HIS A 6 -38.61 11.78 -16.30
CA HIS A 6 -38.19 10.38 -16.30
C HIS A 6 -39.04 9.56 -15.33
N HIS A 7 -39.29 8.30 -15.69
CA HIS A 7 -40.09 7.42 -14.85
C HIS A 7 -39.30 6.94 -13.64
N HIS A 8 -39.49 7.60 -12.49
CA HIS A 8 -38.80 7.25 -11.26
C HIS A 8 -37.29 7.47 -11.39
N HIS A 9 -36.70 8.07 -10.36
CA HIS A 9 -35.27 8.33 -10.35
C HIS A 9 -34.50 7.17 -9.75
N HIS A 10 -33.31 6.91 -10.29
CA HIS A 10 -32.47 5.81 -9.80
C HIS A 10 -33.17 4.47 -9.96
N SER A 11 -32.78 3.71 -10.99
CA SER A 11 -33.37 2.41 -11.24
C SER A 11 -32.32 1.41 -11.73
N SER A 12 -31.57 1.82 -12.75
CA SER A 12 -30.53 0.96 -13.31
C SER A 12 -29.18 1.24 -12.64
N GLY A 13 -28.40 0.17 -12.44
CA GLY A 13 -27.10 0.32 -11.81
C GLY A 13 -27.20 0.49 -10.31
N LEU A 14 -26.34 -0.20 -9.57
CA LEU A 14 -26.33 -0.11 -8.12
C LEU A 14 -25.73 1.21 -7.65
N VAL A 15 -24.43 1.36 -7.85
CA VAL A 15 -23.73 2.58 -7.45
C VAL A 15 -22.80 3.06 -8.56
N PRO A 16 -23.31 3.87 -9.50
CA PRO A 16 -22.51 4.41 -10.62
C PRO A 16 -21.37 5.28 -10.14
N ARG A 17 -21.66 6.20 -9.22
CA ARG A 17 -20.64 7.09 -8.67
C ARG A 17 -19.58 6.30 -7.93
N GLY A 18 -18.31 6.62 -8.21
CA GLY A 18 -17.21 5.94 -7.55
C GLY A 18 -16.79 6.62 -6.26
N SER A 19 -15.69 6.15 -5.68
CA SER A 19 -15.18 6.71 -4.43
C SER A 19 -16.21 6.59 -3.32
N HIS A 20 -17.21 5.72 -3.52
CA HIS A 20 -18.25 5.52 -2.52
C HIS A 20 -17.76 4.61 -1.39
N MET A 21 -17.17 3.48 -1.75
CA MET A 21 -16.66 2.54 -0.76
C MET A 21 -15.27 2.97 -0.28
N GLN A 22 -14.29 2.94 -1.19
CA GLN A 22 -12.93 3.32 -0.84
C GLN A 22 -12.49 4.53 -1.68
N LYS A 23 -11.17 4.68 -1.84
CA LYS A 23 -10.64 5.80 -2.61
C LYS A 23 -9.68 5.35 -3.71
N PRO A 24 -9.48 6.21 -4.72
CA PRO A 24 -8.60 5.93 -5.85
C PRO A 24 -7.24 5.48 -5.37
N VAL A 25 -6.98 5.80 -4.12
CA VAL A 25 -5.74 5.45 -3.45
C VAL A 25 -5.86 5.63 -1.94
N VAL A 26 -6.25 4.57 -1.25
CA VAL A 26 -6.38 4.61 0.19
C VAL A 26 -5.04 4.32 0.86
N THR A 27 -4.97 4.47 2.17
CA THR A 27 -3.75 4.22 2.90
C THR A 27 -3.94 3.18 4.00
N LEU A 28 -2.82 2.74 4.59
CA LEU A 28 -2.85 1.74 5.65
C LEU A 28 -1.53 1.71 6.40
N ASP A 29 -1.58 1.38 7.69
CA ASP A 29 -0.38 1.31 8.50
C ASP A 29 -0.46 0.16 9.50
N ASP A 30 -1.58 0.07 10.20
CA ASP A 30 -1.77 -0.99 11.19
C ASP A 30 -2.19 -2.29 10.51
N ALA A 31 -2.41 -3.34 11.31
CA ALA A 31 -2.80 -4.63 10.79
C ALA A 31 -3.97 -5.21 11.58
N ASP A 32 -4.40 -4.49 12.61
CA ASP A 32 -5.52 -4.94 13.45
C ASP A 32 -6.85 -4.59 12.80
N ASP A 33 -6.88 -3.48 12.07
CA ASP A 33 -8.10 -3.03 11.40
C ASP A 33 -8.26 -3.72 10.05
N CYS A 34 -7.30 -4.56 9.70
CA CYS A 34 -7.34 -5.28 8.43
C CYS A 34 -8.56 -6.19 8.34
N SER A 35 -9.05 -6.38 7.12
CA SER A 35 -10.21 -7.22 6.89
C SER A 35 -10.40 -7.44 5.38
N PRO A 36 -10.92 -8.61 4.97
CA PRO A 36 -11.15 -8.92 3.56
C PRO A 36 -12.08 -7.91 2.90
N LEU A 37 -11.51 -6.79 2.47
CA LEU A 37 -12.29 -5.74 1.82
C LEU A 37 -12.63 -6.09 0.40
N LYS A 38 -13.37 -5.19 -0.24
CA LYS A 38 -13.80 -5.38 -1.62
C LYS A 38 -13.49 -4.13 -2.44
N LEU A 39 -12.31 -4.10 -3.05
CA LEU A 39 -11.89 -2.97 -3.85
C LEU A 39 -12.68 -2.91 -5.16
N THR A 40 -12.24 -2.04 -6.06
CA THR A 40 -12.91 -1.89 -7.35
C THR A 40 -11.91 -1.53 -8.44
N GLN A 41 -12.08 -2.14 -9.61
CA GLN A 41 -11.18 -1.90 -10.74
C GLN A 41 -11.18 -0.42 -11.12
N GLY A 42 -10.18 0.30 -10.62
CA GLY A 42 -10.08 1.73 -10.90
C GLY A 42 -9.36 2.47 -9.80
N GLN A 43 -9.63 2.10 -8.56
CA GLN A 43 -8.98 2.72 -7.41
C GLN A 43 -7.66 2.03 -7.11
N GLU A 44 -7.08 2.33 -5.95
CA GLU A 44 -5.80 1.72 -5.59
C GLU A 44 -5.38 2.07 -4.17
N LEU A 45 -4.10 1.84 -3.86
CA LEU A 45 -3.57 2.13 -2.53
C LEU A 45 -2.05 2.34 -2.58
N VAL A 46 -1.55 3.16 -1.66
CA VAL A 46 -0.11 3.44 -1.58
C VAL A 46 0.39 3.22 -0.15
N LEU A 47 1.26 2.24 0.03
CA LEU A 47 1.82 1.94 1.34
C LEU A 47 3.07 2.76 1.63
N THR A 48 3.38 2.91 2.91
CA THR A 48 4.54 3.68 3.33
C THR A 48 4.98 3.27 4.74
N LEU A 49 6.09 2.55 4.83
CA LEU A 49 6.62 2.11 6.12
C LEU A 49 8.08 2.53 6.30
N PRO A 50 8.47 2.91 7.52
CA PRO A 50 9.84 3.32 7.81
C PRO A 50 10.85 2.18 7.66
N SER A 51 12.06 2.52 7.25
CA SER A 51 13.11 1.52 7.05
C SER A 51 14.47 2.19 6.85
N ASN A 52 15.40 1.93 7.76
CA ASN A 52 16.73 2.52 7.68
C ASN A 52 17.66 1.63 6.84
N PRO A 53 18.10 2.12 5.66
CA PRO A 53 19.00 1.36 4.79
C PRO A 53 20.42 1.26 5.34
N THR A 54 20.64 1.86 6.51
CA THR A 54 21.95 1.84 7.14
C THR A 54 22.25 0.46 7.72
N THR A 55 21.21 -0.25 8.13
CA THR A 55 21.36 -1.57 8.70
C THR A 55 21.48 -2.64 7.61
N GLY A 56 20.40 -2.85 6.87
CA GLY A 56 20.41 -3.84 5.81
C GLY A 56 19.10 -4.58 5.70
N PHE A 57 18.43 -4.75 6.83
CA PHE A 57 17.14 -5.44 6.86
C PHE A 57 16.05 -4.59 6.23
N ARG A 58 15.77 -4.87 4.97
CA ARG A 58 14.74 -4.14 4.23
C ARG A 58 13.39 -4.85 4.32
N TRP A 59 12.50 -4.52 3.39
CA TRP A 59 11.18 -5.13 3.35
C TRP A 59 11.01 -5.96 2.08
N GLU A 60 10.66 -7.22 2.24
CA GLU A 60 10.46 -8.13 1.12
C GLU A 60 8.99 -8.49 0.96
N LEU A 61 8.50 -8.43 -0.27
CA LEU A 61 7.10 -8.75 -0.56
C LEU A 61 6.91 -10.25 -0.72
N ARG A 62 6.42 -10.89 0.34
CA ARG A 62 6.18 -12.33 0.32
C ARG A 62 4.96 -12.66 -0.52
N ASN A 63 4.08 -11.66 -0.71
CA ASN A 63 2.87 -11.83 -1.48
C ASN A 63 2.21 -10.49 -1.77
N PRO A 64 2.54 -9.87 -2.93
CA PRO A 64 1.98 -8.57 -3.31
C PRO A 64 0.57 -8.67 -3.87
N ALA A 65 -0.05 -9.84 -3.70
CA ALA A 65 -1.41 -10.06 -4.19
C ALA A 65 -1.50 -9.73 -5.68
N ALA A 66 -0.42 -9.95 -6.40
CA ALA A 66 -0.35 -9.67 -7.84
C ALA A 66 -1.49 -10.33 -8.60
N SER A 67 -2.13 -11.32 -7.96
CA SER A 67 -3.23 -12.03 -8.60
C SER A 67 -4.37 -11.08 -8.97
N VAL A 68 -4.45 -9.95 -8.29
CA VAL A 68 -5.50 -8.97 -8.56
C VAL A 68 -4.97 -7.54 -8.56
N LEU A 69 -3.89 -7.31 -7.81
CA LEU A 69 -3.28 -5.98 -7.73
C LEU A 69 -2.15 -5.83 -8.75
N LYS A 70 -1.86 -4.59 -9.13
CA LYS A 70 -0.80 -4.30 -10.08
C LYS A 70 0.04 -3.12 -9.61
N ARG A 71 0.69 -2.43 -10.55
CA ARG A 71 1.53 -1.29 -10.21
C ARG A 71 2.65 -1.70 -9.26
N LEU A 72 2.85 -3.00 -9.12
CA LEU A 72 3.88 -3.55 -8.24
C LEU A 72 5.27 -3.36 -8.85
N GLY A 73 6.04 -2.43 -8.30
CA GLY A 73 7.37 -2.17 -8.81
C GLY A 73 8.47 -2.69 -7.88
N PRO A 74 9.69 -2.87 -8.39
CA PRO A 74 10.82 -3.36 -7.61
C PRO A 74 11.56 -2.25 -6.86
N GLU A 75 11.99 -1.23 -7.60
CA GLU A 75 12.72 -0.11 -7.01
C GLU A 75 11.75 0.97 -6.52
N VAL A 76 12.28 1.95 -5.80
CA VAL A 76 11.47 3.04 -5.28
C VAL A 76 12.13 4.39 -5.54
N TYR A 77 13.17 4.39 -6.37
CA TYR A 77 13.89 5.61 -6.71
C TYR A 77 14.36 5.58 -8.16
N SER A 78 14.25 6.72 -8.83
CA SER A 78 14.67 6.82 -10.22
C SER A 78 15.02 8.26 -10.59
N ASN A 79 13.99 9.08 -10.85
CA ASN A 79 14.19 10.48 -11.20
C ASN A 79 12.85 11.22 -11.25
N SER A 80 11.77 10.47 -11.14
CA SER A 80 10.44 11.06 -11.17
C SER A 80 10.00 11.50 -9.78
N GLU A 81 10.95 11.53 -8.84
CA GLU A 81 10.68 11.93 -7.47
C GLU A 81 10.19 13.38 -7.42
N GLU A 82 8.88 13.56 -7.34
CA GLU A 82 8.29 14.89 -7.27
C GLU A 82 8.25 15.40 -5.83
N ASP A 83 7.37 14.81 -5.04
CA ASP A 83 7.22 15.19 -3.64
C ASP A 83 8.26 14.47 -2.78
N SER A 84 8.94 15.22 -1.92
CA SER A 84 9.96 14.64 -1.03
C SER A 84 9.34 13.61 -0.09
N GLY A 85 9.41 12.34 -0.48
CA GLY A 85 8.87 11.28 0.34
C GLY A 85 9.92 10.68 1.25
N LEU A 86 10.38 11.45 2.23
CA LEU A 86 11.39 11.00 3.17
C LEU A 86 10.99 11.31 4.60
N VAL A 87 10.37 10.33 5.25
CA VAL A 87 9.92 10.48 6.62
C VAL A 87 10.91 9.85 7.59
N GLY A 88 11.04 10.47 8.77
CA GLY A 88 11.96 9.96 9.77
C GLY A 88 13.31 10.64 9.72
N SER A 89 14.38 9.84 9.76
CA SER A 89 15.74 10.38 9.71
C SER A 89 16.23 10.49 8.27
N GLY A 90 15.75 9.61 7.41
CA GLY A 90 16.15 9.62 6.01
C GLY A 90 16.06 8.25 5.37
N GLY A 91 15.47 8.20 4.17
CA GLY A 91 15.33 6.94 3.48
C GLY A 91 14.26 6.05 4.08
N GLU A 92 13.34 5.57 3.24
CA GLU A 92 12.27 4.70 3.70
C GLU A 92 11.70 3.87 2.56
N SER A 93 10.68 3.08 2.86
CA SER A 93 10.04 2.23 1.85
C SER A 93 8.75 2.86 1.35
N THR A 94 8.48 2.68 0.05
CA THR A 94 7.28 3.23 -0.56
C THR A 94 6.77 2.31 -1.67
N TRP A 95 5.53 1.87 -1.53
CA TRP A 95 4.92 0.97 -2.52
C TRP A 95 3.62 1.54 -3.04
N ARG A 96 3.25 1.16 -4.26
CA ARG A 96 2.02 1.63 -4.88
C ARG A 96 1.47 0.58 -5.85
N PHE A 97 0.28 0.07 -5.54
CA PHE A 97 -0.36 -0.94 -6.37
C PHE A 97 -1.72 -0.44 -6.86
N ARG A 98 -2.10 -0.81 -8.07
CA ARG A 98 -3.38 -0.39 -8.65
C ARG A 98 -4.30 -1.58 -8.86
N VAL A 99 -5.58 -1.39 -8.55
CA VAL A 99 -6.57 -2.46 -8.69
C VAL A 99 -6.69 -2.89 -10.16
N ALA A 100 -6.19 -4.08 -10.46
CA ALA A 100 -6.24 -4.60 -11.82
C ALA A 100 -7.56 -5.32 -12.08
N ALA A 101 -7.84 -6.35 -11.29
CA ALA A 101 -9.07 -7.12 -11.43
C ALA A 101 -9.65 -7.52 -10.08
N SER A 102 -10.74 -8.28 -10.13
CA SER A 102 -11.40 -8.74 -8.93
C SER A 102 -10.75 -10.03 -8.41
N GLY A 103 -11.20 -10.47 -7.25
CA GLY A 103 -10.66 -11.68 -6.65
C GLY A 103 -10.21 -11.46 -5.22
N ASP A 104 -10.12 -12.54 -4.46
CA ASP A 104 -9.70 -12.47 -3.07
C ASP A 104 -8.20 -12.72 -2.92
N ASP A 105 -7.53 -11.86 -2.17
CA ASP A 105 -6.09 -12.00 -1.95
C ASP A 105 -5.70 -11.48 -0.57
N ARG A 106 -4.40 -11.52 -0.28
CA ARG A 106 -3.90 -11.06 1.01
C ARG A 106 -2.43 -10.66 0.90
N LEU A 107 -2.14 -9.39 1.17
CA LEU A 107 -0.78 -8.90 1.12
C LEU A 107 0.07 -9.52 2.21
N GLU A 108 1.33 -9.81 1.87
CA GLU A 108 2.26 -10.41 2.82
C GLU A 108 3.61 -9.73 2.75
N LEU A 109 3.93 -8.93 3.77
CA LEU A 109 5.20 -8.22 3.82
C LEU A 109 6.00 -8.63 5.04
N VAL A 110 7.14 -9.27 4.81
CA VAL A 110 8.00 -9.72 5.91
C VAL A 110 9.26 -8.85 6.01
N TYR A 111 9.63 -8.52 7.24
CA TYR A 111 10.82 -7.70 7.48
C TYR A 111 12.08 -8.57 7.56
N ARG A 112 12.84 -8.58 6.47
CA ARG A 112 14.06 -9.37 6.41
C ARG A 112 14.94 -8.92 5.24
N ARG A 113 16.04 -9.63 5.03
CA ARG A 113 16.97 -9.32 3.94
C ARG A 113 16.42 -9.84 2.61
N PRO A 114 16.08 -8.94 1.67
CA PRO A 114 15.53 -9.32 0.37
C PRO A 114 16.54 -10.06 -0.51
N TRP A 115 17.82 -9.76 -0.32
CA TRP A 115 18.88 -10.40 -1.11
C TRP A 115 19.04 -11.87 -0.72
N GLU A 116 18.33 -12.29 0.31
CA GLU A 116 18.39 -13.68 0.77
C GLU A 116 17.26 -14.51 0.18
N LYS A 117 17.43 -15.83 0.20
CA LYS A 117 16.41 -16.74 -0.33
C LYS A 117 15.44 -17.17 0.76
N ASP A 118 15.98 -17.76 1.82
CA ASP A 118 15.16 -18.22 2.93
C ASP A 118 15.85 -17.97 4.27
N ALA A 119 15.36 -17.00 5.02
CA ALA A 119 15.93 -16.65 6.31
C ALA A 119 14.86 -16.22 7.30
N GLU A 120 15.05 -16.54 8.58
CA GLU A 120 14.09 -16.18 9.61
C GLU A 120 13.91 -14.66 9.69
N PRO A 121 12.73 -14.16 9.30
CA PRO A 121 12.43 -12.72 9.34
C PRO A 121 12.21 -12.20 10.75
N ALA A 122 12.74 -11.02 11.04
CA ALA A 122 12.60 -10.41 12.36
C ALA A 122 11.12 -10.12 12.66
N GLU A 123 10.52 -9.30 11.81
CA GLU A 123 9.12 -8.94 11.97
C GLU A 123 8.23 -9.67 10.97
N SER A 124 7.03 -9.14 10.78
CA SER A 124 6.07 -9.73 9.86
C SER A 124 4.87 -8.83 9.67
N PHE A 125 4.20 -8.94 8.52
CA PHE A 125 3.03 -8.14 8.23
C PHE A 125 2.11 -8.85 7.23
N SER A 126 0.81 -8.69 7.42
CA SER A 126 -0.18 -9.32 6.55
C SER A 126 -1.52 -8.62 6.66
N CYS A 127 -2.17 -8.41 5.52
CA CYS A 127 -3.47 -7.73 5.50
C CYS A 127 -4.39 -8.35 4.45
N ALA A 128 -5.67 -8.51 4.82
CA ALA A 128 -6.65 -9.09 3.91
C ALA A 128 -7.09 -8.08 2.86
N ILE A 129 -7.13 -8.51 1.60
CA ILE A 129 -7.53 -7.64 0.49
C ILE A 129 -8.27 -8.42 -0.59
N GLN A 130 -9.59 -8.24 -0.66
CA GLN A 130 -10.38 -8.94 -1.65
C GLN A 130 -11.09 -7.94 -2.56
N VAL A 131 -11.70 -8.44 -3.64
CA VAL A 131 -12.41 -7.59 -4.59
C VAL A 131 -13.68 -8.28 -5.07
N ARG A 132 -14.65 -7.48 -5.50
CA ARG A 132 -15.92 -8.00 -6.00
C ARG A 132 -16.66 -8.79 -4.91
N MET A 1 -0.93 37.60 0.07
CA MET A 1 -1.27 38.08 -1.29
C MET A 1 -2.51 37.40 -1.83
N GLY A 2 -3.01 36.42 -1.08
CA GLY A 2 -4.20 35.70 -1.48
C GLY A 2 -4.99 35.14 -0.31
N SER A 3 -4.98 33.82 -0.17
CA SER A 3 -5.68 33.16 0.93
C SER A 3 -4.77 32.94 2.11
N SER A 4 -5.35 32.83 3.30
CA SER A 4 -4.59 32.60 4.52
C SER A 4 -5.35 31.70 5.49
N HIS A 5 -6.62 31.50 5.21
CA HIS A 5 -7.47 30.65 6.06
C HIS A 5 -7.73 29.31 5.38
N HIS A 6 -7.86 29.32 4.06
CA HIS A 6 -8.11 28.10 3.31
C HIS A 6 -6.87 27.67 2.54
N HIS A 7 -6.37 26.48 2.86
CA HIS A 7 -5.18 25.95 2.21
C HIS A 7 -5.42 24.52 1.72
N HIS A 8 -4.41 23.93 1.09
CA HIS A 8 -4.52 22.57 0.57
C HIS A 8 -3.95 21.57 1.57
N HIS A 9 -3.56 22.06 2.73
CA HIS A 9 -3.00 21.21 3.78
C HIS A 9 -4.10 20.51 4.57
N HIS A 10 -4.24 19.21 4.35
CA HIS A 10 -5.26 18.42 5.04
C HIS A 10 -4.68 17.09 5.52
N SER A 11 -5.51 16.32 6.21
CA SER A 11 -5.09 15.02 6.72
C SER A 11 -5.40 13.90 5.72
N SER A 12 -4.98 12.68 6.04
CA SER A 12 -5.21 11.55 5.16
C SER A 12 -6.70 11.18 5.13
N GLY A 13 -7.39 11.62 4.09
CA GLY A 13 -8.81 11.33 3.96
C GLY A 13 -9.66 12.11 4.95
N LEU A 14 -10.89 12.40 4.57
CA LEU A 14 -11.81 13.13 5.43
C LEU A 14 -12.44 12.22 6.48
N VAL A 15 -13.09 11.16 5.99
CA VAL A 15 -13.74 10.20 6.88
C VAL A 15 -12.80 9.04 7.20
N PRO A 16 -12.72 8.62 8.48
CA PRO A 16 -11.86 7.52 8.91
C PRO A 16 -12.12 6.24 8.11
N ARG A 17 -13.39 5.87 7.97
CA ARG A 17 -13.77 4.68 7.22
C ARG A 17 -15.23 4.73 6.83
N GLY A 18 -15.58 4.03 5.75
CA GLY A 18 -16.95 4.00 5.29
C GLY A 18 -17.30 2.72 4.56
N SER A 19 -18.59 2.50 4.31
CA SER A 19 -19.04 1.30 3.62
C SER A 19 -19.14 1.55 2.13
N HIS A 20 -18.35 0.80 1.35
CA HIS A 20 -18.34 0.93 -0.10
C HIS A 20 -17.97 2.35 -0.51
N MET A 21 -16.69 2.55 -0.83
CA MET A 21 -16.19 3.86 -1.25
C MET A 21 -14.83 3.74 -1.92
N GLN A 22 -14.77 4.08 -3.21
CA GLN A 22 -13.53 4.01 -3.97
C GLN A 22 -12.54 5.06 -3.48
N LYS A 23 -11.49 4.61 -2.80
CA LYS A 23 -10.48 5.52 -2.27
C LYS A 23 -9.40 5.81 -3.32
N PRO A 24 -8.98 7.07 -3.44
CA PRO A 24 -7.94 7.46 -4.39
C PRO A 24 -6.65 6.73 -4.10
N VAL A 25 -6.52 6.36 -2.84
CA VAL A 25 -5.36 5.63 -2.34
C VAL A 25 -5.38 5.55 -0.82
N VAL A 26 -6.28 4.71 -0.29
CA VAL A 26 -6.39 4.54 1.15
C VAL A 26 -5.07 4.10 1.76
N THR A 27 -4.40 5.03 2.44
CA THR A 27 -3.12 4.75 3.05
C THR A 27 -3.27 3.90 4.31
N LEU A 28 -2.16 3.29 4.74
CA LEU A 28 -2.15 2.44 5.93
C LEU A 28 -0.73 2.25 6.44
N ASP A 29 -0.59 2.05 7.74
CA ASP A 29 0.71 1.84 8.35
C ASP A 29 0.66 0.75 9.42
N ASP A 30 -0.40 0.77 10.22
CA ASP A 30 -0.58 -0.22 11.28
C ASP A 30 -1.38 -1.42 10.77
N ALA A 31 -1.15 -2.58 11.37
CA ALA A 31 -1.85 -3.81 11.00
C ALA A 31 -3.19 -3.92 11.72
N ASP A 32 -3.89 -5.04 11.48
CA ASP A 32 -5.17 -5.30 12.10
C ASP A 32 -6.25 -4.30 11.66
N ASP A 33 -5.82 -3.18 11.07
CA ASP A 33 -6.74 -2.16 10.61
C ASP A 33 -6.81 -2.15 9.09
N CYS A 34 -6.29 -3.21 8.48
CA CYS A 34 -6.29 -3.34 7.03
C CYS A 34 -7.72 -3.37 6.48
N SER A 35 -7.84 -3.62 5.18
CA SER A 35 -9.14 -3.67 4.54
C SER A 35 -9.75 -5.06 4.70
N PRO A 36 -10.98 -5.15 5.25
CA PRO A 36 -11.66 -6.44 5.45
C PRO A 36 -11.94 -7.17 4.15
N LEU A 37 -10.92 -7.82 3.61
CA LEU A 37 -11.02 -8.58 2.37
C LEU A 37 -11.77 -7.81 1.30
N LYS A 38 -13.08 -7.95 1.34
CA LYS A 38 -13.99 -7.30 0.39
C LYS A 38 -13.48 -5.94 -0.06
N LEU A 39 -13.21 -5.81 -1.36
CA LEU A 39 -12.74 -4.56 -1.94
C LEU A 39 -13.58 -4.15 -3.14
N THR A 40 -13.04 -3.26 -3.97
CA THR A 40 -13.76 -2.79 -5.14
C THR A 40 -12.80 -2.22 -6.18
N GLN A 41 -13.10 -2.43 -7.45
CA GLN A 41 -12.27 -1.92 -8.54
C GLN A 41 -12.41 -0.41 -8.66
N GLY A 42 -11.34 0.30 -8.37
CA GLY A 42 -11.36 1.75 -8.45
C GLY A 42 -10.51 2.41 -7.38
N GLN A 43 -10.21 1.66 -6.33
CA GLN A 43 -9.40 2.17 -5.24
C GLN A 43 -7.99 1.60 -5.30
N GLU A 44 -7.12 2.10 -4.46
CA GLU A 44 -5.73 1.63 -4.43
C GLU A 44 -5.11 1.84 -3.05
N LEU A 45 -3.80 1.61 -2.95
CA LEU A 45 -3.10 1.78 -1.68
C LEU A 45 -1.60 1.90 -1.89
N VAL A 46 -0.94 2.65 -1.00
CA VAL A 46 0.49 2.85 -1.06
C VAL A 46 1.11 2.71 0.33
N LEU A 47 1.78 1.58 0.57
CA LEU A 47 2.42 1.34 1.86
C LEU A 47 3.84 1.87 1.89
N THR A 48 4.27 2.32 3.07
CA THR A 48 5.60 2.87 3.23
C THR A 48 6.08 2.74 4.67
N LEU A 49 7.11 1.92 4.89
CA LEU A 49 7.65 1.71 6.23
C LEU A 49 9.08 2.25 6.32
N PRO A 50 9.53 2.61 7.55
CA PRO A 50 10.87 3.14 7.77
C PRO A 50 11.91 2.02 7.92
N SER A 51 12.96 2.09 7.10
CA SER A 51 14.03 1.10 7.14
C SER A 51 15.18 1.51 6.22
N ASN A 52 16.32 1.81 6.83
CA ASN A 52 17.50 2.22 6.07
C ASN A 52 18.17 1.03 5.41
N PRO A 53 18.64 1.18 4.16
CA PRO A 53 19.30 0.10 3.43
C PRO A 53 20.76 -0.09 3.83
N THR A 54 21.27 0.85 4.63
CA THR A 54 22.65 0.80 5.10
C THR A 54 22.79 -0.17 6.26
N THR A 55 21.68 -0.77 6.67
CA THR A 55 21.70 -1.72 7.79
C THR A 55 21.70 -3.16 7.29
N GLY A 56 20.68 -3.51 6.50
CA GLY A 56 20.59 -4.85 5.97
C GLY A 56 19.17 -5.40 6.03
N PHE A 57 18.51 -5.16 7.16
CA PHE A 57 17.14 -5.62 7.36
C PHE A 57 16.17 -4.75 6.58
N ARG A 58 15.72 -5.26 5.44
CA ARG A 58 14.78 -4.52 4.60
C ARG A 58 13.39 -5.14 4.67
N TRP A 59 12.57 -4.84 3.67
CA TRP A 59 11.21 -5.36 3.60
C TRP A 59 10.97 -6.10 2.29
N GLU A 60 10.45 -7.32 2.38
CA GLU A 60 10.19 -8.13 1.21
C GLU A 60 8.70 -8.42 1.06
N LEU A 61 8.26 -8.65 -0.18
CA LEU A 61 6.86 -8.93 -0.47
C LEU A 61 6.62 -10.43 -0.55
N ARG A 62 6.14 -11.02 0.55
CA ARG A 62 5.87 -12.45 0.60
C ARG A 62 4.70 -12.79 -0.32
N ASN A 63 3.90 -11.78 -0.65
CA ASN A 63 2.75 -11.96 -1.52
C ASN A 63 2.20 -10.60 -1.97
N PRO A 64 2.66 -10.09 -3.13
CA PRO A 64 2.21 -8.80 -3.66
C PRO A 64 0.77 -8.81 -4.14
N ALA A 65 0.16 -9.99 -4.13
CA ALA A 65 -1.23 -10.13 -4.57
C ALA A 65 -1.39 -9.64 -6.01
N ALA A 66 -0.30 -9.67 -6.77
CA ALA A 66 -0.31 -9.22 -8.15
C ALA A 66 -1.33 -9.99 -8.98
N SER A 67 -1.87 -11.07 -8.41
CA SER A 67 -2.85 -11.89 -9.10
C SER A 67 -4.11 -11.08 -9.43
N VAL A 68 -4.44 -10.13 -8.56
CA VAL A 68 -5.62 -9.29 -8.76
C VAL A 68 -5.27 -7.82 -8.69
N LEU A 69 -4.17 -7.51 -8.00
CA LEU A 69 -3.73 -6.13 -7.85
C LEU A 69 -2.66 -5.78 -8.89
N LYS A 70 -2.68 -4.54 -9.36
CA LYS A 70 -1.72 -4.07 -10.34
C LYS A 70 -0.90 -2.91 -9.77
N ARG A 71 -0.27 -2.14 -10.66
CA ARG A 71 0.54 -0.99 -10.23
C ARG A 71 1.73 -1.43 -9.40
N LEU A 72 2.06 -2.73 -9.47
CA LEU A 72 3.19 -3.27 -8.72
C LEU A 72 4.45 -2.46 -8.99
N GLY A 73 5.00 -2.61 -10.20
CA GLY A 73 6.21 -1.89 -10.56
C GLY A 73 7.42 -2.31 -9.73
N PRO A 74 8.61 -1.76 -10.05
CA PRO A 74 9.83 -2.08 -9.33
C PRO A 74 9.99 -1.26 -8.05
N GLU A 75 11.19 -1.29 -7.48
CA GLU A 75 11.46 -0.56 -6.25
C GLU A 75 11.98 0.84 -6.56
N VAL A 76 11.59 1.81 -5.75
CA VAL A 76 12.01 3.19 -5.94
C VAL A 76 13.18 3.55 -5.03
N TYR A 77 14.29 3.95 -5.63
CA TYR A 77 15.48 4.31 -4.86
C TYR A 77 16.39 5.23 -5.69
N SER A 78 16.27 6.53 -5.45
CA SER A 78 17.07 7.52 -6.16
C SER A 78 16.89 8.90 -5.57
N ASN A 79 17.61 9.88 -6.11
CA ASN A 79 17.53 11.26 -5.62
C ASN A 79 16.69 12.11 -6.56
N SER A 80 15.75 12.85 -5.99
CA SER A 80 14.86 13.72 -6.76
C SER A 80 14.20 14.75 -5.88
N GLU A 81 13.58 14.28 -4.79
CA GLU A 81 12.89 15.18 -3.86
C GLU A 81 13.88 15.87 -2.95
N GLU A 82 13.78 17.20 -2.88
CA GLU A 82 14.67 17.99 -2.03
C GLU A 82 13.97 18.38 -0.73
N ASP A 83 12.92 19.18 -0.85
CA ASP A 83 12.17 19.63 0.33
C ASP A 83 10.84 18.89 0.45
N SER A 84 10.81 17.89 1.33
CA SER A 84 9.61 17.09 1.53
C SER A 84 9.61 16.45 2.92
N GLY A 85 8.62 15.62 3.18
CA GLY A 85 8.53 14.95 4.47
C GLY A 85 9.70 14.03 4.73
N LEU A 86 9.89 13.06 3.83
CA LEU A 86 10.98 12.10 3.95
C LEU A 86 10.89 11.33 5.26
N VAL A 87 10.53 10.05 5.16
CA VAL A 87 10.40 9.20 6.33
C VAL A 87 11.76 8.63 6.74
N GLY A 88 12.68 8.56 5.78
CA GLY A 88 14.00 8.03 6.05
C GLY A 88 15.07 9.10 5.99
N SER A 89 16.31 8.68 5.79
CA SER A 89 17.43 9.62 5.71
C SER A 89 18.40 9.21 4.61
N GLY A 90 18.21 8.00 4.07
CA GLY A 90 19.08 7.51 3.01
C GLY A 90 18.41 6.46 2.16
N GLY A 91 17.12 6.21 2.42
CA GLY A 91 16.39 5.22 1.65
C GLY A 91 15.24 4.63 2.42
N GLU A 92 14.09 4.49 1.77
CA GLU A 92 12.90 3.93 2.40
C GLU A 92 12.11 3.08 1.41
N SER A 93 11.49 2.02 1.93
CA SER A 93 10.70 1.12 1.10
C SER A 93 9.49 1.85 0.52
N THR A 94 9.13 1.50 -0.73
CA THR A 94 8.00 2.12 -1.40
C THR A 94 7.16 1.09 -2.12
N TRP A 95 5.95 0.84 -1.61
CA TRP A 95 5.04 -0.13 -2.21
C TRP A 95 3.77 0.55 -2.70
N ARG A 96 3.46 0.36 -3.98
CA ARG A 96 2.27 0.97 -4.57
C ARG A 96 1.55 -0.02 -5.49
N PHE A 97 0.22 -0.03 -5.38
CA PHE A 97 -0.60 -0.92 -6.20
C PHE A 97 -2.00 -0.33 -6.39
N ARG A 98 -2.74 -0.86 -7.36
CA ARG A 98 -4.09 -0.37 -7.64
C ARG A 98 -5.05 -1.53 -7.87
N VAL A 99 -6.31 -1.37 -7.46
CA VAL A 99 -7.31 -2.41 -7.65
C VAL A 99 -7.85 -2.38 -9.08
N ALA A 100 -7.43 -3.35 -9.87
CA ALA A 100 -7.86 -3.44 -11.27
C ALA A 100 -9.10 -4.32 -11.43
N ALA A 101 -8.99 -5.58 -11.03
CA ALA A 101 -10.11 -6.51 -11.14
C ALA A 101 -10.42 -7.17 -9.81
N SER A 102 -11.36 -8.11 -9.85
CA SER A 102 -11.78 -8.83 -8.67
C SER A 102 -10.84 -10.00 -8.37
N GLY A 103 -11.27 -10.86 -7.45
CA GLY A 103 -10.47 -12.01 -7.08
C GLY A 103 -10.08 -11.99 -5.61
N ASP A 104 -9.58 -13.11 -5.11
CA ASP A 104 -9.16 -13.20 -3.71
C ASP A 104 -7.65 -13.22 -3.58
N ASP A 105 -7.15 -12.43 -2.65
CA ASP A 105 -5.72 -12.33 -2.39
C ASP A 105 -5.46 -11.72 -1.02
N ARG A 106 -4.18 -11.56 -0.68
CA ARG A 106 -3.80 -10.98 0.60
C ARG A 106 -2.35 -10.50 0.58
N LEU A 107 -2.15 -9.20 0.74
CA LEU A 107 -0.81 -8.63 0.73
C LEU A 107 0.00 -9.18 1.90
N GLU A 108 1.20 -9.66 1.59
CA GLU A 108 2.08 -10.23 2.62
C GLU A 108 3.46 -9.60 2.57
N LEU A 109 3.91 -9.06 3.69
CA LEU A 109 5.21 -8.43 3.79
C LEU A 109 5.97 -8.93 5.02
N VAL A 110 7.28 -8.75 5.03
CA VAL A 110 8.11 -9.18 6.15
C VAL A 110 9.34 -8.29 6.30
N TYR A 111 9.92 -8.30 7.49
CA TYR A 111 11.10 -7.50 7.78
C TYR A 111 12.34 -8.38 7.95
N ARG A 112 13.15 -8.45 6.90
CA ARG A 112 14.37 -9.26 6.94
C ARG A 112 15.27 -8.92 5.76
N ARG A 113 16.54 -9.33 5.86
CA ARG A 113 17.50 -9.08 4.78
C ARG A 113 17.05 -9.75 3.49
N PRO A 114 17.11 -9.02 2.36
CA PRO A 114 16.66 -9.52 1.05
C PRO A 114 17.67 -10.42 0.32
N TRP A 115 18.55 -11.11 1.05
CA TRP A 115 19.51 -11.98 0.41
C TRP A 115 19.47 -13.35 1.08
N GLU A 116 18.80 -13.41 2.24
CA GLU A 116 18.67 -14.63 3.01
C GLU A 116 17.78 -15.63 2.30
N LYS A 117 17.85 -16.90 2.72
CA LYS A 117 17.05 -17.95 2.13
C LYS A 117 15.91 -18.35 3.07
N ASP A 118 16.28 -18.77 4.28
CA ASP A 118 15.29 -19.18 5.28
C ASP A 118 15.77 -18.84 6.68
N ALA A 119 15.30 -17.71 7.20
CA ALA A 119 15.67 -17.26 8.54
C ALA A 119 14.55 -16.45 9.18
N GLU A 120 14.27 -16.73 10.45
CA GLU A 120 13.23 -16.02 11.18
C GLU A 120 13.54 -14.52 11.26
N PRO A 121 12.56 -13.67 10.91
CA PRO A 121 12.73 -12.22 10.94
C PRO A 121 12.44 -11.63 12.31
N ALA A 122 12.20 -10.32 12.35
CA ALA A 122 11.91 -9.64 13.61
C ALA A 122 10.51 -9.02 13.59
N GLU A 123 9.97 -8.84 12.39
CA GLU A 123 8.65 -8.26 12.23
C GLU A 123 7.82 -9.02 11.20
N SER A 124 6.64 -8.49 10.91
CA SER A 124 5.73 -9.10 9.94
C SER A 124 4.54 -8.19 9.68
N PHE A 125 3.94 -8.33 8.50
CA PHE A 125 2.78 -7.51 8.13
C PHE A 125 1.97 -8.19 7.04
N SER A 126 0.67 -7.92 7.01
CA SER A 126 -0.22 -8.51 6.01
C SER A 126 -1.61 -7.90 6.08
N CYS A 127 -2.24 -7.76 4.92
CA CYS A 127 -3.58 -7.19 4.83
C CYS A 127 -4.47 -8.00 3.88
N ALA A 128 -5.70 -8.26 4.31
CA ALA A 128 -6.64 -9.02 3.48
C ALA A 128 -7.13 -8.18 2.31
N ILE A 129 -7.05 -8.76 1.11
CA ILE A 129 -7.48 -8.06 -0.10
C ILE A 129 -8.25 -9.00 -1.03
N GLN A 130 -9.57 -9.04 -0.86
CA GLN A 130 -10.43 -9.88 -1.68
C GLN A 130 -11.46 -9.01 -2.41
N VAL A 131 -11.19 -8.71 -3.68
CA VAL A 131 -12.10 -7.88 -4.45
C VAL A 131 -13.20 -8.71 -5.11
N ARG A 132 -14.26 -8.04 -5.52
CA ARG A 132 -15.39 -8.70 -6.16
C ARG A 132 -16.33 -7.68 -6.78
N MET A 1 7.88 21.21 19.52
CA MET A 1 7.35 22.45 18.90
C MET A 1 5.83 22.42 18.86
N GLY A 2 5.21 23.60 19.00
CA GLY A 2 3.77 23.69 18.98
C GLY A 2 3.27 24.98 18.34
N SER A 3 3.76 25.26 17.14
CA SER A 3 3.37 26.47 16.43
C SER A 3 3.23 26.19 14.93
N SER A 4 2.22 26.81 14.31
CA SER A 4 1.98 26.63 12.89
C SER A 4 2.84 27.57 12.06
N HIS A 5 3.00 27.26 10.78
CA HIS A 5 3.80 28.09 9.88
C HIS A 5 2.98 28.54 8.67
N HIS A 6 2.51 27.56 7.90
CA HIS A 6 1.71 27.85 6.71
C HIS A 6 0.22 27.89 7.06
N HIS A 7 -0.50 28.82 6.43
CA HIS A 7 -1.93 28.96 6.67
C HIS A 7 -2.74 28.26 5.59
N HIS A 8 -2.05 27.53 4.72
CA HIS A 8 -2.71 26.82 3.63
C HIS A 8 -3.44 25.59 4.16
N HIS A 9 -4.76 25.65 4.15
CA HIS A 9 -5.59 24.55 4.63
C HIS A 9 -6.09 23.69 3.46
N HIS A 10 -6.83 22.64 3.78
CA HIS A 10 -7.37 21.74 2.77
C HIS A 10 -8.75 21.24 3.16
N SER A 11 -9.62 21.06 2.17
CA SER A 11 -10.97 20.58 2.42
C SER A 11 -10.95 19.19 3.05
N SER A 12 -11.94 18.91 3.89
CA SER A 12 -12.05 17.62 4.55
C SER A 12 -12.82 16.62 3.70
N GLY A 13 -13.94 17.08 3.13
CA GLY A 13 -14.75 16.22 2.30
C GLY A 13 -14.18 16.03 0.91
N LEU A 14 -14.04 14.77 0.50
CA LEU A 14 -13.50 14.46 -0.82
C LEU A 14 -14.52 13.72 -1.68
N VAL A 15 -14.85 14.30 -2.83
CA VAL A 15 -15.82 13.70 -3.73
C VAL A 15 -15.18 13.39 -5.09
N PRO A 16 -14.69 12.15 -5.28
CA PRO A 16 -14.06 11.74 -6.55
C PRO A 16 -14.97 11.94 -7.74
N ARG A 17 -14.46 12.63 -8.77
CA ARG A 17 -15.23 12.90 -9.98
C ARG A 17 -14.69 12.07 -11.16
N GLY A 18 -13.38 11.87 -11.18
CA GLY A 18 -12.76 11.11 -12.25
C GLY A 18 -11.48 10.44 -11.83
N SER A 19 -10.95 9.58 -12.69
CA SER A 19 -9.71 8.87 -12.39
C SER A 19 -9.12 8.26 -13.66
N HIS A 20 -7.80 8.36 -13.80
CA HIS A 20 -7.11 7.81 -14.96
C HIS A 20 -5.82 7.11 -14.56
N MET A 21 -5.94 5.84 -14.18
CA MET A 21 -4.78 5.04 -13.75
C MET A 21 -4.08 5.66 -12.56
N GLN A 22 -4.69 6.71 -11.98
CA GLN A 22 -4.12 7.39 -10.83
C GLN A 22 -5.22 7.89 -9.90
N LYS A 23 -4.87 8.12 -8.64
CA LYS A 23 -5.81 8.60 -7.66
C LYS A 23 -5.08 9.38 -6.58
N PRO A 24 -5.79 10.07 -5.67
CA PRO A 24 -5.16 10.80 -4.60
C PRO A 24 -4.25 9.88 -3.82
N VAL A 25 -4.32 8.60 -4.20
CA VAL A 25 -3.51 7.56 -3.59
C VAL A 25 -3.88 7.37 -2.12
N VAL A 26 -4.20 6.13 -1.74
CA VAL A 26 -4.62 5.84 -0.39
C VAL A 26 -4.96 4.36 -0.20
N THR A 27 -4.36 3.72 0.79
CA THR A 27 -4.63 2.32 1.09
C THR A 27 -4.37 1.99 2.54
N LEU A 28 -3.15 1.56 2.83
CA LEU A 28 -2.77 1.19 4.19
C LEU A 28 -1.98 2.30 4.89
N ASP A 29 -1.51 1.99 6.08
CA ASP A 29 -0.72 2.93 6.88
C ASP A 29 -0.11 2.23 8.08
N ASP A 30 -0.76 1.17 8.53
CA ASP A 30 -0.28 0.39 9.68
C ASP A 30 -0.41 -1.10 9.40
N ALA A 31 -0.24 -1.91 10.44
CA ALA A 31 -0.34 -3.36 10.31
C ALA A 31 -1.51 -3.92 11.13
N ASP A 32 -2.39 -3.04 11.56
CA ASP A 32 -3.55 -3.45 12.35
C ASP A 32 -4.85 -3.11 11.62
N ASP A 33 -4.74 -2.34 10.55
CA ASP A 33 -5.92 -1.94 9.77
C ASP A 33 -6.24 -2.97 8.69
N CYS A 34 -5.55 -4.12 8.74
CA CYS A 34 -5.77 -5.17 7.76
C CYS A 34 -7.12 -5.84 7.98
N SER A 35 -7.85 -6.04 6.89
CA SER A 35 -9.16 -6.67 6.94
C SER A 35 -9.69 -6.94 5.53
N PRO A 36 -10.65 -7.88 5.39
CA PRO A 36 -11.22 -8.21 4.08
C PRO A 36 -11.99 -7.04 3.48
N LEU A 37 -11.25 -6.10 2.92
CA LEU A 37 -11.83 -4.91 2.31
C LEU A 37 -12.59 -5.27 1.04
N LYS A 38 -13.90 -5.02 1.04
CA LYS A 38 -14.73 -5.31 -0.11
C LYS A 38 -14.54 -4.26 -1.20
N LEU A 39 -14.32 -4.73 -2.43
CA LEU A 39 -14.11 -3.84 -3.58
C LEU A 39 -12.85 -3.00 -3.38
N THR A 40 -12.39 -2.39 -4.46
CA THR A 40 -11.19 -1.56 -4.43
C THR A 40 -10.75 -1.13 -5.84
N GLN A 41 -11.21 -1.85 -6.87
CA GLN A 41 -10.86 -1.52 -8.25
C GLN A 41 -10.88 -0.02 -8.47
N GLY A 42 -9.72 0.56 -8.76
CA GLY A 42 -9.64 1.98 -8.99
C GLY A 42 -9.16 2.72 -7.76
N GLN A 43 -8.14 2.18 -7.11
CA GLN A 43 -7.58 2.78 -5.90
C GLN A 43 -6.06 2.57 -5.87
N GLU A 44 -5.31 3.66 -5.71
CA GLU A 44 -3.86 3.58 -5.66
C GLU A 44 -3.36 3.22 -4.27
N LEU A 45 -2.04 3.26 -4.12
CA LEU A 45 -1.35 2.95 -2.86
C LEU A 45 -1.38 1.44 -2.60
N VAL A 46 -1.22 1.06 -1.32
CA VAL A 46 -1.17 -0.34 -0.91
C VAL A 46 -0.57 -0.47 0.49
N LEU A 47 0.54 0.25 0.72
CA LEU A 47 1.22 0.20 2.02
C LEU A 47 1.96 1.51 2.30
N THR A 48 2.28 1.73 3.58
CA THR A 48 3.00 2.93 3.99
C THR A 48 3.73 2.69 5.31
N LEU A 49 5.02 2.36 5.22
CA LEU A 49 5.82 2.10 6.42
C LEU A 49 7.26 2.60 6.23
N PRO A 50 7.93 2.96 7.35
CA PRO A 50 9.30 3.44 7.30
C PRO A 50 10.33 2.31 7.37
N SER A 51 11.51 2.56 6.82
CA SER A 51 12.58 1.55 6.81
C SER A 51 13.90 2.18 6.37
N ASN A 52 15.00 1.49 6.69
CA ASN A 52 16.33 1.97 6.34
C ASN A 52 16.82 1.33 5.03
N PRO A 53 16.80 2.08 3.91
CA PRO A 53 17.24 1.57 2.62
C PRO A 53 18.76 1.42 2.54
N THR A 54 19.21 0.49 1.70
CA THR A 54 20.65 0.24 1.52
C THR A 54 21.37 0.09 2.85
N THR A 55 20.62 -0.31 3.88
CA THR A 55 21.20 -0.49 5.21
C THR A 55 21.31 -1.98 5.56
N GLY A 56 20.29 -2.75 5.16
CA GLY A 56 20.29 -4.17 5.43
C GLY A 56 18.90 -4.70 5.70
N PHE A 57 18.28 -4.22 6.77
CA PHE A 57 16.94 -4.64 7.14
C PHE A 57 15.89 -3.93 6.29
N ARG A 58 15.29 -4.68 5.36
CA ARG A 58 14.27 -4.13 4.47
C ARG A 58 12.96 -4.90 4.58
N TRP A 59 12.11 -4.76 3.58
CA TRP A 59 10.83 -5.45 3.55
C TRP A 59 10.67 -6.25 2.26
N GLU A 60 10.43 -7.55 2.41
CA GLU A 60 10.25 -8.44 1.26
C GLU A 60 8.77 -8.72 1.03
N LEU A 61 8.45 -9.14 -0.19
CA LEU A 61 7.07 -9.45 -0.55
C LEU A 61 6.81 -10.95 -0.53
N ARG A 62 6.12 -11.42 0.51
CA ARG A 62 5.79 -12.83 0.64
C ARG A 62 4.58 -13.17 -0.22
N ASN A 63 3.80 -12.16 -0.56
CA ASN A 63 2.61 -12.33 -1.38
C ASN A 63 2.06 -10.96 -1.80
N PRO A 64 2.60 -10.39 -2.89
CA PRO A 64 2.17 -9.06 -3.39
C PRO A 64 0.73 -9.05 -3.87
N ALA A 65 0.06 -10.20 -3.82
CA ALA A 65 -1.32 -10.30 -4.27
C ALA A 65 -1.45 -9.78 -5.71
N ALA A 66 -0.35 -9.84 -6.44
CA ALA A 66 -0.32 -9.38 -7.82
C ALA A 66 -1.37 -10.09 -8.67
N SER A 67 -1.92 -11.18 -8.13
CA SER A 67 -2.93 -11.94 -8.84
C SER A 67 -4.18 -11.09 -9.13
N VAL A 68 -4.41 -10.09 -8.28
CA VAL A 68 -5.56 -9.21 -8.46
C VAL A 68 -5.16 -7.74 -8.39
N LEU A 69 -3.91 -7.47 -8.04
CA LEU A 69 -3.43 -6.10 -7.94
C LEU A 69 -2.36 -5.81 -8.98
N LYS A 70 -2.44 -4.63 -9.61
CA LYS A 70 -1.48 -4.23 -10.63
C LYS A 70 -0.44 -3.28 -10.05
N ARG A 71 0.80 -3.41 -10.54
CA ARG A 71 1.89 -2.56 -10.07
C ARG A 71 2.21 -1.47 -11.08
N LEU A 72 2.32 -0.23 -10.61
CA LEU A 72 2.62 0.90 -11.49
C LEU A 72 4.01 0.77 -12.09
N GLY A 73 4.97 0.36 -11.27
CA GLY A 73 6.33 0.19 -11.74
C GLY A 73 7.37 0.59 -10.70
N PRO A 74 8.66 0.62 -11.07
CA PRO A 74 9.74 1.00 -10.15
C PRO A 74 9.76 2.49 -9.85
N GLU A 75 9.24 2.86 -8.68
CA GLU A 75 9.20 4.26 -8.27
C GLU A 75 8.73 4.39 -6.83
N VAL A 76 9.60 4.90 -5.97
CA VAL A 76 9.27 5.07 -4.56
C VAL A 76 9.62 6.48 -4.08
N TYR A 77 9.92 7.36 -5.03
CA TYR A 77 10.28 8.73 -4.71
C TYR A 77 9.47 9.70 -5.56
N SER A 78 9.73 11.00 -5.38
CA SER A 78 9.02 12.03 -6.13
C SER A 78 9.97 12.76 -7.08
N ASN A 79 9.41 13.35 -8.12
CA ASN A 79 10.20 14.08 -9.11
C ASN A 79 10.81 15.34 -8.48
N SER A 80 9.96 16.25 -8.03
CA SER A 80 10.42 17.50 -7.42
C SER A 80 9.92 17.61 -5.98
N GLU A 81 8.60 17.66 -5.82
CA GLU A 81 7.99 17.77 -4.51
C GLU A 81 6.54 17.28 -4.53
N GLU A 82 6.32 16.09 -3.99
CA GLU A 82 4.99 15.52 -3.95
C GLU A 82 4.71 14.86 -2.59
N ASP A 83 3.53 14.27 -2.46
CA ASP A 83 3.15 13.61 -1.21
C ASP A 83 3.74 12.20 -1.14
N SER A 84 4.66 12.00 -0.20
CA SER A 84 5.30 10.70 -0.03
C SER A 84 5.81 10.54 1.40
N GLY A 85 6.16 11.65 2.04
CA GLY A 85 6.66 11.62 3.40
C GLY A 85 8.01 12.30 3.53
N LEU A 86 9.05 11.65 3.01
CA LEU A 86 10.40 12.20 3.08
C LEU A 86 10.77 12.59 4.50
N VAL A 87 10.17 11.90 5.45
CA VAL A 87 10.42 12.16 6.86
C VAL A 87 11.88 11.88 7.21
N GLY A 88 12.49 10.97 6.46
CA GLY A 88 13.88 10.64 6.71
C GLY A 88 14.76 10.86 5.49
N SER A 89 14.44 11.90 4.72
CA SER A 89 15.20 12.23 3.52
C SER A 89 15.19 11.07 2.53
N GLY A 90 14.23 10.17 2.71
CA GLY A 90 14.12 9.02 1.83
C GLY A 90 14.25 7.70 2.56
N GLY A 91 14.07 7.74 3.88
CA GLY A 91 14.18 6.54 4.68
C GLY A 91 12.84 5.92 5.00
N GLU A 92 11.98 5.83 4.00
CA GLU A 92 10.64 5.26 4.17
C GLU A 92 10.21 4.49 2.93
N SER A 93 9.99 3.18 3.09
CA SER A 93 9.57 2.33 1.98
C SER A 93 8.19 2.76 1.48
N THR A 94 8.16 3.45 0.36
CA THR A 94 6.90 3.93 -0.22
C THR A 94 6.33 2.93 -1.21
N TRP A 95 5.39 2.12 -0.75
CA TRP A 95 4.75 1.13 -1.61
C TRP A 95 3.39 1.64 -2.09
N ARG A 96 3.29 1.91 -3.38
CA ARG A 96 2.04 2.42 -3.94
C ARG A 96 1.66 1.70 -5.23
N PHE A 97 0.68 0.81 -5.13
CA PHE A 97 0.20 0.06 -6.28
C PHE A 97 -1.18 0.58 -6.71
N ARG A 98 -1.80 -0.12 -7.66
CA ARG A 98 -3.12 0.26 -8.14
C ARG A 98 -3.93 -0.99 -8.49
N VAL A 99 -5.15 -1.07 -7.97
CA VAL A 99 -6.02 -2.22 -8.23
C VAL A 99 -6.64 -2.17 -9.61
N ALA A 100 -6.80 -3.34 -10.23
CA ALA A 100 -7.38 -3.41 -11.57
C ALA A 100 -7.99 -4.78 -11.85
N ALA A 101 -8.04 -5.63 -10.84
CA ALA A 101 -8.59 -6.97 -11.01
C ALA A 101 -9.50 -7.37 -9.85
N SER A 102 -10.38 -8.32 -10.12
CA SER A 102 -11.31 -8.82 -9.12
C SER A 102 -10.79 -10.12 -8.51
N GLY A 103 -11.47 -10.59 -7.48
CA GLY A 103 -11.06 -11.82 -6.83
C GLY A 103 -10.49 -11.58 -5.44
N ASP A 104 -10.33 -12.65 -4.68
CA ASP A 104 -9.80 -12.55 -3.33
C ASP A 104 -8.27 -12.57 -3.33
N ASP A 105 -7.68 -12.11 -2.24
CA ASP A 105 -6.23 -12.07 -2.12
C ASP A 105 -5.82 -11.69 -0.70
N ARG A 106 -4.52 -11.65 -0.45
CA ARG A 106 -4.00 -11.31 0.87
C ARG A 106 -2.53 -10.91 0.79
N LEU A 107 -2.27 -9.60 0.79
CA LEU A 107 -0.91 -9.10 0.71
C LEU A 107 -0.10 -9.60 1.90
N GLU A 108 1.16 -9.95 1.63
CA GLU A 108 2.05 -10.45 2.68
C GLU A 108 3.46 -9.90 2.52
N LEU A 109 4.03 -9.45 3.64
CA LEU A 109 5.39 -8.91 3.65
C LEU A 109 6.13 -9.39 4.89
N VAL A 110 7.44 -9.14 4.92
CA VAL A 110 8.26 -9.54 6.06
C VAL A 110 9.43 -8.58 6.25
N TYR A 111 9.96 -8.56 7.46
CA TYR A 111 11.09 -7.69 7.79
C TYR A 111 12.39 -8.47 7.87
N ARG A 112 13.21 -8.34 6.83
CA ARG A 112 14.50 -9.03 6.77
C ARG A 112 15.32 -8.54 5.58
N ARG A 113 16.56 -8.99 5.51
CA ARG A 113 17.46 -8.60 4.43
C ARG A 113 16.99 -9.19 3.10
N PRO A 114 17.02 -8.40 2.01
CA PRO A 114 16.56 -8.83 0.68
C PRO A 114 17.59 -9.63 -0.12
N TRP A 115 18.50 -10.34 0.55
CA TRP A 115 19.47 -11.15 -0.17
C TRP A 115 19.48 -12.55 0.39
N GLU A 116 18.84 -12.72 1.55
CA GLU A 116 18.75 -14.00 2.22
C GLU A 116 17.85 -14.96 1.46
N LYS A 117 17.91 -16.23 1.83
CA LYS A 117 17.11 -17.26 1.18
C LYS A 117 16.08 -17.83 2.16
N ASP A 118 16.51 -18.03 3.40
CA ASP A 118 15.64 -18.58 4.44
C ASP A 118 16.28 -18.42 5.82
N ALA A 119 15.81 -17.44 6.58
CA ALA A 119 16.34 -17.19 7.92
C ALA A 119 15.22 -16.84 8.89
N GLU A 120 15.60 -16.29 10.04
CA GLU A 120 14.64 -15.91 11.07
C GLU A 120 14.47 -14.39 11.12
N PRO A 121 13.47 -13.85 10.39
CA PRO A 121 13.22 -12.41 10.36
C PRO A 121 12.69 -11.87 11.69
N ALA A 122 12.66 -10.55 11.82
CA ALA A 122 12.18 -9.92 13.04
C ALA A 122 10.68 -9.62 12.96
N GLU A 123 10.33 -8.59 12.19
CA GLU A 123 8.93 -8.20 12.03
C GLU A 123 8.30 -8.91 10.85
N SER A 124 7.04 -8.57 10.59
CA SER A 124 6.28 -9.17 9.49
C SER A 124 5.07 -8.32 9.14
N PHE A 125 4.30 -8.75 8.15
CA PHE A 125 3.11 -8.02 7.73
C PHE A 125 2.16 -8.93 6.97
N SER A 126 0.86 -8.65 7.08
CA SER A 126 -0.16 -9.44 6.39
C SER A 126 -1.49 -8.70 6.35
N CYS A 127 -1.85 -8.22 5.16
CA CYS A 127 -3.11 -7.50 4.98
C CYS A 127 -4.04 -8.25 4.05
N ALA A 128 -5.30 -8.39 4.45
CA ALA A 128 -6.30 -9.10 3.64
C ALA A 128 -7.02 -8.15 2.69
N ILE A 129 -7.39 -8.66 1.52
CA ILE A 129 -8.09 -7.86 0.52
C ILE A 129 -9.09 -8.73 -0.26
N GLN A 130 -10.22 -8.13 -0.64
CA GLN A 130 -11.24 -8.84 -1.39
C GLN A 130 -11.92 -7.91 -2.39
N VAL A 131 -11.56 -8.03 -3.65
CA VAL A 131 -12.14 -7.18 -4.69
C VAL A 131 -13.61 -7.52 -4.91
N ARG A 132 -13.86 -8.73 -5.40
CA ARG A 132 -15.21 -9.18 -5.68
C ARG A 132 -15.44 -10.58 -5.10
N MET A 1 -40.68 23.55 -18.36
CA MET A 1 -39.38 22.84 -18.43
C MET A 1 -38.32 23.56 -17.62
N GLY A 2 -37.14 22.95 -17.51
CA GLY A 2 -36.06 23.55 -16.76
C GLY A 2 -35.53 22.64 -15.67
N SER A 3 -36.01 21.41 -15.64
CA SER A 3 -35.59 20.43 -14.64
C SER A 3 -34.41 19.60 -15.16
N SER A 4 -33.73 18.93 -14.24
CA SER A 4 -32.58 18.11 -14.59
C SER A 4 -33.01 16.67 -14.87
N HIS A 5 -32.70 16.19 -16.07
CA HIS A 5 -33.05 14.83 -16.46
C HIS A 5 -31.90 13.86 -16.19
N HIS A 6 -32.22 12.74 -15.54
CA HIS A 6 -31.21 11.75 -15.20
C HIS A 6 -31.26 10.58 -16.20
N HIS A 7 -30.14 10.37 -16.90
CA HIS A 7 -30.06 9.30 -17.89
C HIS A 7 -28.80 8.47 -17.67
N HIS A 8 -28.99 7.24 -17.19
CA HIS A 8 -27.87 6.33 -16.93
C HIS A 8 -26.89 6.94 -15.94
N HIS A 9 -25.75 6.27 -15.75
CA HIS A 9 -24.73 6.75 -14.83
C HIS A 9 -23.72 7.65 -15.55
N HIS A 10 -22.69 8.06 -14.82
CA HIS A 10 -21.65 8.93 -15.38
C HIS A 10 -22.24 10.24 -15.88
N SER A 11 -22.13 11.28 -15.06
CA SER A 11 -22.65 12.60 -15.42
C SER A 11 -22.05 13.68 -14.54
N SER A 12 -21.55 14.74 -15.17
CA SER A 12 -20.93 15.85 -14.45
C SER A 12 -21.15 17.17 -15.19
N GLY A 13 -20.73 18.26 -14.56
CA GLY A 13 -20.88 19.56 -15.17
C GLY A 13 -21.78 20.48 -14.36
N LEU A 14 -21.78 20.29 -13.04
CA LEU A 14 -22.60 21.11 -12.15
C LEU A 14 -21.87 21.39 -10.84
N VAL A 15 -22.56 22.04 -9.92
CA VAL A 15 -21.98 22.38 -8.62
C VAL A 15 -21.49 21.13 -7.89
N PRO A 16 -20.46 21.27 -7.03
CA PRO A 16 -19.91 20.15 -6.27
C PRO A 16 -20.97 19.39 -5.48
N ARG A 17 -20.90 18.06 -5.53
CA ARG A 17 -21.86 17.21 -4.83
C ARG A 17 -21.23 16.60 -3.59
N GLY A 18 -21.97 15.70 -2.94
CA GLY A 18 -21.46 15.04 -1.75
C GLY A 18 -20.26 14.16 -2.03
N SER A 19 -19.70 13.57 -0.98
CA SER A 19 -18.54 12.70 -1.12
C SER A 19 -18.97 11.27 -1.46
N HIS A 20 -18.04 10.50 -2.02
CA HIS A 20 -18.32 9.12 -2.41
C HIS A 20 -17.39 8.15 -1.68
N MET A 21 -17.61 6.87 -1.88
CA MET A 21 -16.81 5.84 -1.24
C MET A 21 -15.56 5.54 -2.07
N GLN A 22 -14.76 4.57 -1.61
CA GLN A 22 -13.53 4.19 -2.31
C GLN A 22 -12.51 5.32 -2.29
N LYS A 23 -11.30 5.03 -1.83
CA LYS A 23 -10.26 6.05 -1.76
C LYS A 23 -9.24 5.89 -2.88
N PRO A 24 -8.78 7.02 -3.45
CA PRO A 24 -7.80 7.00 -4.53
C PRO A 24 -6.54 6.28 -4.10
N VAL A 25 -6.33 6.29 -2.80
CA VAL A 25 -5.18 5.63 -2.18
C VAL A 25 -5.45 5.32 -0.71
N VAL A 26 -6.17 4.22 -0.45
CA VAL A 26 -6.45 3.83 0.93
C VAL A 26 -5.14 3.62 1.68
N THR A 27 -4.81 4.56 2.55
CA THR A 27 -3.58 4.49 3.32
C THR A 27 -3.61 3.37 4.36
N LEU A 28 -2.43 3.00 4.84
CA LEU A 28 -2.30 1.95 5.84
C LEU A 28 -0.93 2.02 6.52
N ASP A 29 -0.94 2.35 7.81
CA ASP A 29 0.31 2.45 8.57
C ASP A 29 0.43 1.31 9.57
N ASP A 30 -0.67 0.62 9.82
CA ASP A 30 -0.70 -0.50 10.75
C ASP A 30 -0.12 -1.76 10.10
N ALA A 31 -0.46 -2.92 10.66
CA ALA A 31 0.02 -4.19 10.13
C ALA A 31 -1.08 -5.24 10.10
N ASP A 32 -1.49 -5.70 11.28
CA ASP A 32 -2.53 -6.71 11.38
C ASP A 32 -3.91 -6.07 11.50
N ASP A 33 -3.93 -4.75 11.68
CA ASP A 33 -5.18 -4.02 11.82
C ASP A 33 -5.97 -4.02 10.51
N CYS A 34 -5.34 -4.50 9.45
CA CYS A 34 -5.99 -4.55 8.14
C CYS A 34 -7.19 -5.49 8.17
N SER A 35 -6.99 -6.73 7.72
CA SER A 35 -8.05 -7.72 7.67
C SER A 35 -9.36 -7.13 7.14
N PRO A 36 -9.32 -6.35 6.03
CA PRO A 36 -10.53 -5.75 5.48
C PRO A 36 -11.23 -6.65 4.46
N LEU A 37 -10.45 -7.39 3.71
CA LEU A 37 -10.98 -8.30 2.69
C LEU A 37 -11.81 -7.52 1.67
N LYS A 38 -13.08 -7.41 1.98
CA LYS A 38 -14.04 -6.72 1.13
C LYS A 38 -13.44 -5.47 0.50
N LEU A 39 -13.17 -5.55 -0.80
CA LEU A 39 -12.58 -4.43 -1.54
C LEU A 39 -13.19 -4.35 -2.94
N THR A 40 -12.86 -3.29 -3.67
CA THR A 40 -13.37 -3.11 -5.02
C THR A 40 -12.43 -2.25 -5.85
N GLN A 41 -12.34 -2.56 -7.14
CA GLN A 41 -11.48 -1.82 -8.05
C GLN A 41 -11.77 -0.31 -7.99
N GLY A 42 -10.71 0.49 -8.11
CA GLY A 42 -10.86 1.92 -8.05
C GLY A 42 -10.12 2.54 -6.88
N GLN A 43 -9.65 1.69 -5.98
CA GLN A 43 -8.92 2.15 -4.81
C GLN A 43 -7.46 1.74 -4.88
N GLU A 44 -6.60 2.52 -4.24
CA GLU A 44 -5.17 2.21 -4.23
C GLU A 44 -4.62 2.18 -2.81
N LEU A 45 -3.30 2.18 -2.68
CA LEU A 45 -2.66 2.15 -1.37
C LEU A 45 -1.17 2.49 -1.47
N VAL A 46 -0.65 3.09 -0.41
CA VAL A 46 0.76 3.45 -0.36
C VAL A 46 1.35 3.15 1.03
N LEU A 47 2.18 2.12 1.09
CA LEU A 47 2.81 1.73 2.36
C LEU A 47 3.97 2.64 2.70
N THR A 48 4.32 2.67 3.98
CA THR A 48 5.43 3.51 4.45
C THR A 48 6.04 2.94 5.71
N LEU A 49 7.20 2.30 5.57
CA LEU A 49 7.88 1.70 6.71
C LEU A 49 9.36 2.07 6.71
N PRO A 50 9.93 2.41 7.89
CA PRO A 50 11.34 2.78 8.01
C PRO A 50 12.28 1.64 7.66
N SER A 51 13.46 1.99 7.15
CA SER A 51 14.46 0.99 6.77
C SER A 51 15.82 1.64 6.57
N ASN A 52 16.85 1.03 7.16
CA ASN A 52 18.20 1.54 7.06
C ASN A 52 19.06 0.67 6.15
N PRO A 53 19.33 1.12 4.90
CA PRO A 53 20.14 0.37 3.94
C PRO A 53 21.54 0.05 4.48
N THR A 54 21.97 0.85 5.45
CA THR A 54 23.29 0.66 6.05
C THR A 54 23.40 -0.69 6.74
N THR A 55 22.34 -1.07 7.46
CA THR A 55 22.33 -2.34 8.17
C THR A 55 22.21 -3.52 7.21
N GLY A 56 21.09 -3.58 6.49
CA GLY A 56 20.88 -4.66 5.54
C GLY A 56 19.48 -5.24 5.63
N PHE A 57 18.77 -4.89 6.71
CA PHE A 57 17.41 -5.36 6.91
C PHE A 57 16.43 -4.63 6.01
N ARG A 58 16.20 -5.19 4.83
CA ARG A 58 15.28 -4.62 3.86
C ARG A 58 13.87 -5.19 4.07
N TRP A 59 13.12 -5.34 2.97
CA TRP A 59 11.77 -5.87 3.05
C TRP A 59 11.52 -6.87 1.92
N GLU A 60 10.86 -7.97 2.25
CA GLU A 60 10.56 -9.01 1.25
C GLU A 60 9.05 -9.18 1.10
N LEU A 61 8.61 -9.33 -0.15
CA LEU A 61 7.19 -9.51 -0.43
C LEU A 61 6.81 -10.99 -0.43
N ARG A 62 6.07 -11.41 0.59
CA ARG A 62 5.65 -12.80 0.70
C ARG A 62 4.41 -13.05 -0.14
N ASN A 63 3.74 -11.96 -0.52
CA ASN A 63 2.52 -12.05 -1.33
C ASN A 63 2.04 -10.66 -1.73
N PRO A 64 2.56 -10.11 -2.84
CA PRO A 64 2.18 -8.77 -3.32
C PRO A 64 0.77 -8.75 -3.90
N ALA A 65 0.10 -9.90 -3.89
CA ALA A 65 -1.25 -10.00 -4.43
C ALA A 65 -1.29 -9.56 -5.89
N ALA A 66 -0.13 -9.61 -6.55
CA ALA A 66 -0.03 -9.22 -7.95
C ALA A 66 -0.93 -10.07 -8.83
N SER A 67 -1.52 -11.11 -8.24
CA SER A 67 -2.40 -12.00 -8.97
C SER A 67 -3.65 -11.27 -9.45
N VAL A 68 -4.13 -10.32 -8.65
CA VAL A 68 -5.32 -9.56 -9.00
C VAL A 68 -5.05 -8.06 -8.98
N LEU A 69 -4.24 -7.61 -8.04
CA LEU A 69 -3.91 -6.20 -7.92
C LEU A 69 -2.73 -5.83 -8.80
N LYS A 70 -2.86 -4.73 -9.55
CA LYS A 70 -1.81 -4.27 -10.44
C LYS A 70 -0.82 -3.37 -9.71
N ARG A 71 0.47 -3.57 -9.96
CA ARG A 71 1.50 -2.77 -9.32
C ARG A 71 1.68 -1.43 -10.03
N LEU A 72 1.90 -0.37 -9.25
CA LEU A 72 2.08 0.96 -9.80
C LEU A 72 3.56 1.24 -10.07
N GLY A 73 3.94 1.19 -11.35
CA GLY A 73 5.32 1.43 -11.72
C GLY A 73 6.24 0.28 -11.35
N PRO A 74 7.45 0.23 -11.93
CA PRO A 74 8.41 -0.84 -11.65
C PRO A 74 8.75 -0.95 -10.17
N GLU A 75 9.35 0.10 -9.62
CA GLU A 75 9.72 0.11 -8.21
C GLU A 75 10.05 1.53 -7.75
N VAL A 76 10.40 1.67 -6.48
CA VAL A 76 10.74 2.97 -5.92
C VAL A 76 12.10 2.94 -5.21
N TYR A 77 12.95 3.91 -5.55
CA TYR A 77 14.28 4.00 -4.96
C TYR A 77 15.10 2.75 -5.24
N SER A 78 16.04 2.87 -6.18
CA SER A 78 16.90 1.75 -6.55
C SER A 78 18.36 2.07 -6.26
N ASN A 79 18.91 3.03 -6.99
CA ASN A 79 20.30 3.44 -6.80
C ASN A 79 20.38 4.77 -6.06
N SER A 80 21.54 5.41 -6.13
CA SER A 80 21.75 6.69 -5.46
C SER A 80 20.67 7.69 -5.87
N GLU A 81 20.46 7.82 -7.17
CA GLU A 81 19.45 8.73 -7.71
C GLU A 81 19.73 10.18 -7.27
N GLU A 82 20.33 10.95 -8.17
CA GLU A 82 20.64 12.35 -7.89
C GLU A 82 19.37 13.16 -7.68
N ASP A 83 19.22 13.69 -6.46
CA ASP A 83 18.05 14.49 -6.12
C ASP A 83 16.76 13.68 -6.30
N SER A 84 16.31 13.06 -5.23
CA SER A 84 15.09 12.25 -5.27
C SER A 84 13.89 13.03 -4.74
N GLY A 85 14.11 13.80 -3.68
CA GLY A 85 13.04 14.58 -3.10
C GLY A 85 11.91 13.71 -2.58
N LEU A 86 12.16 13.01 -1.49
CA LEU A 86 11.17 12.14 -0.88
C LEU A 86 10.80 12.63 0.50
N VAL A 87 10.58 11.69 1.41
CA VAL A 87 10.20 12.01 2.78
C VAL A 87 11.44 12.09 3.68
N GLY A 88 12.47 11.35 3.31
CA GLY A 88 13.70 11.35 4.08
C GLY A 88 14.88 11.90 3.31
N SER A 89 16.07 11.39 3.63
CA SER A 89 17.29 11.85 2.95
C SER A 89 18.36 10.75 2.98
N GLY A 90 18.06 9.66 3.68
CA GLY A 90 19.00 8.56 3.77
C GLY A 90 18.52 7.32 3.04
N GLY A 91 17.26 6.96 3.26
CA GLY A 91 16.70 5.78 2.61
C GLY A 91 15.43 5.29 3.29
N GLU A 92 14.46 4.87 2.48
CA GLU A 92 13.20 4.36 3.02
C GLU A 92 12.58 3.35 2.07
N SER A 93 11.44 2.78 2.47
CA SER A 93 10.74 1.80 1.66
C SER A 93 9.33 2.26 1.34
N THR A 94 9.10 2.61 0.07
CA THR A 94 7.79 3.07 -0.37
C THR A 94 7.16 2.08 -1.36
N TRP A 95 5.92 1.70 -1.10
CA TRP A 95 5.22 0.76 -1.96
C TRP A 95 3.89 1.35 -2.42
N ARG A 96 3.49 0.99 -3.65
CA ARG A 96 2.23 1.48 -4.21
C ARG A 96 1.49 0.37 -4.92
N PHE A 97 0.17 0.29 -4.70
CA PHE A 97 -0.64 -0.75 -5.32
C PHE A 97 -1.97 -0.18 -5.82
N ARG A 98 -2.53 -0.84 -6.83
CA ARG A 98 -3.80 -0.43 -7.41
C ARG A 98 -4.66 -1.64 -7.75
N VAL A 99 -5.95 -1.56 -7.43
CA VAL A 99 -6.88 -2.65 -7.71
C VAL A 99 -7.43 -2.56 -9.13
N ALA A 100 -7.06 -3.52 -9.96
CA ALA A 100 -7.51 -3.53 -11.35
C ALA A 100 -8.48 -4.68 -11.63
N ALA A 101 -8.07 -5.90 -11.28
CA ALA A 101 -8.91 -7.07 -11.50
C ALA A 101 -9.45 -7.62 -10.18
N SER A 102 -10.57 -8.34 -10.27
CA SER A 102 -11.19 -8.92 -9.10
C SER A 102 -10.47 -10.18 -8.67
N GLY A 103 -11.01 -10.84 -7.65
CA GLY A 103 -10.40 -12.06 -7.14
C GLY A 103 -10.00 -11.95 -5.69
N ASP A 104 -9.82 -13.10 -5.04
CA ASP A 104 -9.42 -13.14 -3.64
C ASP A 104 -7.89 -13.13 -3.50
N ASP A 105 -7.40 -12.48 -2.46
CA ASP A 105 -5.97 -12.40 -2.22
C ASP A 105 -5.67 -11.82 -0.83
N ARG A 106 -4.39 -11.60 -0.55
CA ARG A 106 -3.97 -11.05 0.73
C ARG A 106 -2.52 -10.60 0.67
N LEU A 107 -2.31 -9.28 0.71
CA LEU A 107 -0.96 -8.74 0.66
C LEU A 107 -0.14 -9.17 1.88
N GLU A 108 1.15 -9.35 1.67
CA GLU A 108 2.04 -9.79 2.75
C GLU A 108 3.43 -9.15 2.62
N LEU A 109 3.96 -8.67 3.74
CA LEU A 109 5.28 -8.05 3.76
C LEU A 109 6.00 -8.35 5.08
N VAL A 110 7.13 -9.04 4.99
CA VAL A 110 7.91 -9.38 6.17
C VAL A 110 9.20 -8.56 6.23
N TYR A 111 9.75 -8.41 7.43
CA TYR A 111 10.98 -7.64 7.62
C TYR A 111 12.20 -8.54 7.62
N ARG A 112 12.98 -8.46 6.54
CA ARG A 112 14.21 -9.25 6.40
C ARG A 112 14.97 -8.82 5.16
N ARG A 113 16.17 -9.36 4.98
CA ARG A 113 17.00 -9.03 3.82
C ARG A 113 16.23 -9.28 2.53
N PRO A 114 16.61 -8.58 1.44
CA PRO A 114 15.96 -8.72 0.13
C PRO A 114 15.76 -10.16 -0.30
N TRP A 115 16.62 -11.06 0.18
CA TRP A 115 16.51 -12.47 -0.17
C TRP A 115 16.03 -13.28 1.03
N GLU A 116 16.78 -13.21 2.12
CA GLU A 116 16.44 -13.95 3.34
C GLU A 116 17.47 -13.73 4.44
N LYS A 117 17.01 -13.24 5.59
CA LYS A 117 17.88 -13.00 6.72
C LYS A 117 17.68 -14.11 7.75
N ASP A 118 18.49 -15.16 7.63
CA ASP A 118 18.39 -16.31 8.53
C ASP A 118 17.00 -16.93 8.43
N ALA A 119 16.27 -16.54 7.38
CA ALA A 119 14.93 -17.04 7.13
C ALA A 119 14.01 -16.76 8.32
N GLU A 120 14.45 -15.86 9.16
CA GLU A 120 13.69 -15.46 10.34
C GLU A 120 13.45 -13.95 10.35
N PRO A 121 12.28 -13.51 9.87
CA PRO A 121 11.92 -12.10 9.82
C PRO A 121 11.50 -11.54 11.17
N ALA A 122 11.84 -10.27 11.41
CA ALA A 122 11.49 -9.61 12.67
C ALA A 122 10.02 -9.19 12.68
N GLU A 123 9.69 -8.25 11.81
CA GLU A 123 8.32 -7.75 11.70
C GLU A 123 7.49 -8.64 10.78
N SER A 124 6.27 -8.21 10.49
CA SER A 124 5.38 -8.96 9.60
C SER A 124 4.20 -8.10 9.18
N PHE A 125 3.66 -8.41 8.01
CA PHE A 125 2.52 -7.67 7.47
C PHE A 125 1.57 -8.59 6.72
N SER A 126 0.27 -8.32 6.85
CA SER A 126 -0.75 -9.12 6.18
C SER A 126 -2.07 -8.37 6.08
N CYS A 127 -2.35 -7.84 4.89
CA CYS A 127 -3.58 -7.09 4.67
C CYS A 127 -4.55 -7.87 3.78
N ALA A 128 -5.71 -8.20 4.33
CA ALA A 128 -6.73 -8.96 3.59
C ALA A 128 -7.24 -8.16 2.40
N ILE A 129 -7.32 -8.81 1.23
CA ILE A 129 -7.81 -8.14 0.04
C ILE A 129 -8.58 -9.09 -0.87
N GLN A 130 -9.88 -8.85 -0.98
CA GLN A 130 -10.76 -9.68 -1.81
C GLN A 130 -11.76 -8.80 -2.55
N VAL A 131 -11.53 -8.59 -3.83
CA VAL A 131 -12.42 -7.76 -4.64
C VAL A 131 -13.82 -8.36 -4.72
N ARG A 132 -14.01 -9.32 -5.63
CA ARG A 132 -15.30 -9.98 -5.80
C ARG A 132 -15.47 -11.10 -4.78
N MET A 1 -36.67 -6.94 -33.74
CA MET A 1 -35.83 -8.16 -33.79
C MET A 1 -36.51 -9.25 -34.63
N GLY A 2 -37.72 -9.63 -34.22
CA GLY A 2 -38.46 -10.65 -34.95
C GLY A 2 -39.46 -10.07 -35.92
N SER A 3 -40.62 -10.72 -36.04
CA SER A 3 -41.67 -10.26 -36.94
C SER A 3 -42.64 -9.32 -36.21
N SER A 4 -42.82 -9.57 -34.91
CA SER A 4 -43.72 -8.75 -34.10
C SER A 4 -42.98 -7.58 -33.47
N HIS A 5 -43.44 -6.36 -33.76
CA HIS A 5 -42.83 -5.15 -33.22
C HIS A 5 -43.88 -4.12 -32.84
N HIS A 6 -43.92 -3.75 -31.57
CA HIS A 6 -44.87 -2.77 -31.07
C HIS A 6 -44.19 -1.71 -30.22
N HIS A 7 -43.29 -2.15 -29.35
CA HIS A 7 -42.56 -1.25 -28.48
C HIS A 7 -41.09 -1.16 -28.88
N HIS A 8 -40.49 0.02 -28.68
CA HIS A 8 -39.09 0.23 -29.04
C HIS A 8 -38.41 1.13 -28.01
N HIS A 9 -37.16 0.81 -27.68
CA HIS A 9 -36.40 1.58 -26.71
C HIS A 9 -34.94 1.71 -27.14
N HIS A 10 -34.15 2.43 -26.35
CA HIS A 10 -32.74 2.61 -26.65
C HIS A 10 -31.91 1.45 -26.12
N SER A 11 -31.11 0.85 -27.00
CA SER A 11 -30.26 -0.27 -26.63
C SER A 11 -29.03 0.20 -25.86
N SER A 12 -28.60 -0.61 -24.90
CA SER A 12 -27.44 -0.28 -24.08
C SER A 12 -26.15 -0.33 -24.90
N GLY A 13 -25.35 0.73 -24.81
CA GLY A 13 -24.10 0.77 -25.55
C GLY A 13 -22.98 1.40 -24.75
N LEU A 14 -22.16 2.20 -25.42
CA LEU A 14 -21.04 2.87 -24.76
C LEU A 14 -21.42 4.28 -24.31
N VAL A 15 -21.10 4.62 -23.07
CA VAL A 15 -21.40 5.94 -22.53
C VAL A 15 -20.18 6.86 -22.60
N PRO A 16 -20.41 8.19 -22.72
CA PRO A 16 -19.32 9.17 -22.80
C PRO A 16 -18.40 9.12 -21.59
N ARG A 17 -18.96 9.39 -20.41
CA ARG A 17 -18.18 9.37 -19.18
C ARG A 17 -18.33 8.03 -18.47
N GLY A 18 -17.22 7.51 -17.95
CA GLY A 18 -17.24 6.24 -17.25
C GLY A 18 -15.92 5.49 -17.36
N SER A 19 -14.99 6.04 -18.14
CA SER A 19 -13.69 5.41 -18.34
C SER A 19 -12.65 6.02 -17.38
N HIS A 20 -11.75 5.17 -16.89
CA HIS A 20 -10.70 5.61 -15.97
C HIS A 20 -11.29 6.11 -14.65
N MET A 21 -10.59 5.83 -13.55
CA MET A 21 -11.03 6.25 -12.23
C MET A 21 -9.87 6.83 -11.42
N GLN A 22 -10.20 7.39 -10.25
CA GLN A 22 -9.18 7.98 -9.39
C GLN A 22 -9.58 7.83 -7.92
N LYS A 23 -8.60 7.54 -7.07
CA LYS A 23 -8.84 7.36 -5.64
C LYS A 23 -7.83 8.17 -4.83
N PRO A 24 -8.27 8.77 -3.71
CA PRO A 24 -7.39 9.54 -2.83
C PRO A 24 -6.35 8.61 -2.20
N VAL A 25 -6.37 7.37 -2.67
CA VAL A 25 -5.46 6.32 -2.24
C VAL A 25 -5.26 6.33 -0.72
N VAL A 26 -5.95 5.40 -0.06
CA VAL A 26 -5.88 5.27 1.39
C VAL A 26 -4.52 4.75 1.83
N THR A 27 -4.03 5.28 2.95
CA THR A 27 -2.74 4.88 3.49
C THR A 27 -2.92 3.89 4.65
N LEU A 28 -1.83 3.20 5.00
CA LEU A 28 -1.85 2.23 6.09
C LEU A 28 -0.60 2.34 6.94
N ASP A 29 -0.76 2.09 8.24
CA ASP A 29 0.37 2.17 9.17
C ASP A 29 0.33 1.02 10.17
N ASP A 30 -0.78 0.27 10.17
CA ASP A 30 -0.93 -0.86 11.09
C ASP A 30 -1.41 -2.10 10.33
N ALA A 31 -0.96 -3.27 10.80
CA ALA A 31 -1.34 -4.54 10.18
C ALA A 31 -2.74 -4.96 10.59
N ASP A 32 -3.04 -4.83 11.88
CA ASP A 32 -4.35 -5.20 12.41
C ASP A 32 -5.43 -4.28 11.84
N ASP A 33 -5.04 -3.09 11.43
CA ASP A 33 -5.97 -2.12 10.86
C ASP A 33 -6.47 -2.58 9.49
N CYS A 34 -5.71 -3.49 8.86
CA CYS A 34 -6.08 -4.00 7.55
C CYS A 34 -7.32 -4.88 7.63
N SER A 35 -8.02 -4.99 6.51
CA SER A 35 -9.24 -5.79 6.43
C SER A 35 -9.46 -6.27 5.00
N PRO A 36 -10.26 -7.34 4.82
CA PRO A 36 -10.55 -7.88 3.48
C PRO A 36 -11.16 -6.82 2.57
N LEU A 37 -10.29 -6.09 1.86
CA LEU A 37 -10.73 -5.04 0.94
C LEU A 37 -11.95 -5.46 0.15
N LYS A 38 -13.12 -5.01 0.60
CA LYS A 38 -14.37 -5.35 -0.09
C LYS A 38 -14.51 -4.53 -1.36
N LEU A 39 -14.17 -5.15 -2.50
CA LEU A 39 -14.24 -4.48 -3.80
C LEU A 39 -13.28 -3.29 -3.85
N THR A 40 -12.99 -2.82 -5.06
CA THR A 40 -12.08 -1.69 -5.25
C THR A 40 -12.01 -1.28 -6.72
N GLN A 41 -11.09 -1.88 -7.49
CA GLN A 41 -10.93 -1.56 -8.90
C GLN A 41 -10.88 -0.05 -9.12
N GLY A 42 -9.67 0.50 -9.05
CA GLY A 42 -9.49 1.94 -9.24
C GLY A 42 -8.95 2.61 -7.99
N GLN A 43 -8.68 1.79 -6.96
CA GLN A 43 -8.15 2.29 -5.71
C GLN A 43 -6.67 1.97 -5.59
N GLU A 44 -5.88 2.97 -5.19
CA GLU A 44 -4.44 2.79 -5.04
C GLU A 44 -4.09 2.53 -3.58
N LEU A 45 -2.79 2.40 -3.30
CA LEU A 45 -2.33 2.16 -1.94
C LEU A 45 -0.84 2.46 -1.82
N VAL A 46 -0.51 3.51 -1.05
CA VAL A 46 0.87 3.91 -0.85
C VAL A 46 1.31 3.65 0.58
N LEU A 47 1.95 2.50 0.79
CA LEU A 47 2.43 2.12 2.11
C LEU A 47 3.65 2.94 2.51
N THR A 48 3.88 3.06 3.82
CA THR A 48 5.01 3.81 4.35
C THR A 48 5.42 3.29 5.72
N LEU A 49 6.58 2.65 5.78
CA LEU A 49 7.09 2.12 7.04
C LEU A 49 8.56 2.50 7.25
N PRO A 50 8.92 2.90 8.48
CA PRO A 50 10.30 3.31 8.80
C PRO A 50 11.29 2.15 8.63
N SER A 51 12.30 2.36 7.80
CA SER A 51 13.32 1.35 7.54
C SER A 51 14.49 1.94 6.77
N ASN A 52 15.67 1.93 7.38
CA ASN A 52 16.87 2.46 6.75
C ASN A 52 17.52 1.42 5.84
N PRO A 53 17.71 1.74 4.53
CA PRO A 53 18.31 0.82 3.58
C PRO A 53 19.82 0.69 3.77
N THR A 54 20.35 1.43 4.73
CA THR A 54 21.78 1.40 5.03
C THR A 54 22.12 0.31 6.04
N THR A 55 21.08 -0.31 6.60
CA THR A 55 21.27 -1.37 7.60
C THR A 55 21.34 -2.74 6.92
N GLY A 56 20.28 -3.09 6.19
CA GLY A 56 20.24 -4.37 5.51
C GLY A 56 18.86 -4.99 5.53
N PHE A 57 18.20 -4.92 6.68
CA PHE A 57 16.86 -5.47 6.82
C PHE A 57 15.83 -4.63 6.08
N ARG A 58 15.45 -5.10 4.90
CA ARG A 58 14.47 -4.41 4.07
C ARG A 58 13.10 -5.05 4.19
N TRP A 59 12.24 -4.77 3.22
CA TRP A 59 10.89 -5.33 3.21
C TRP A 59 10.69 -6.26 2.01
N GLU A 60 10.67 -7.57 2.29
CA GLU A 60 10.48 -8.56 1.25
C GLU A 60 9.00 -8.81 1.01
N LEU A 61 8.61 -8.98 -0.25
CA LEU A 61 7.22 -9.23 -0.60
C LEU A 61 6.91 -10.72 -0.63
N ARG A 62 6.29 -11.20 0.45
CA ARG A 62 5.92 -12.61 0.56
C ARG A 62 4.75 -12.92 -0.38
N ASN A 63 3.96 -11.89 -0.68
CA ASN A 63 2.81 -12.03 -1.55
C ASN A 63 2.21 -10.66 -1.86
N PRO A 64 2.67 -9.99 -2.94
CA PRO A 64 2.18 -8.66 -3.33
C PRO A 64 0.75 -8.68 -3.84
N ALA A 65 0.09 -9.84 -3.71
CA ALA A 65 -1.29 -9.98 -4.16
C ALA A 65 -1.43 -9.59 -5.63
N ALA A 66 -0.32 -9.67 -6.36
CA ALA A 66 -0.29 -9.31 -7.78
C ALA A 66 -1.31 -10.12 -8.57
N SER A 67 -1.82 -11.20 -7.96
CA SER A 67 -2.80 -12.06 -8.61
C SER A 67 -4.06 -11.28 -8.95
N VAL A 68 -4.36 -10.25 -8.16
CA VAL A 68 -5.55 -9.42 -8.39
C VAL A 68 -5.18 -7.95 -8.56
N LEU A 69 -4.11 -7.53 -7.87
CA LEU A 69 -3.67 -6.14 -7.94
C LEU A 69 -2.61 -5.97 -9.04
N LYS A 70 -2.30 -4.71 -9.35
CA LYS A 70 -1.31 -4.41 -10.39
C LYS A 70 -0.29 -3.39 -9.88
N ARG A 71 0.94 -3.49 -10.38
CA ARG A 71 2.01 -2.58 -9.97
C ARG A 71 2.06 -1.36 -10.90
N LEU A 72 2.65 -0.28 -10.40
CA LEU A 72 2.77 0.95 -11.18
C LEU A 72 4.12 1.00 -11.91
N GLY A 73 5.20 1.03 -11.15
CA GLY A 73 6.53 1.09 -11.75
C GLY A 73 7.53 0.24 -10.99
N PRO A 74 8.78 0.15 -11.49
CA PRO A 74 9.83 -0.64 -10.86
C PRO A 74 10.50 0.10 -9.70
N GLU A 75 10.81 1.37 -9.91
CA GLU A 75 11.45 2.19 -8.89
C GLU A 75 10.42 2.99 -8.10
N VAL A 76 10.82 3.43 -6.91
CA VAL A 76 9.93 4.22 -6.04
C VAL A 76 10.64 5.45 -5.50
N TYR A 77 11.80 5.75 -6.06
CA TYR A 77 12.59 6.90 -5.63
C TYR A 77 12.48 8.05 -6.65
N SER A 78 13.07 7.85 -7.81
CA SER A 78 13.04 8.86 -8.87
C SER A 78 12.03 8.48 -9.96
N ASN A 79 10.97 9.29 -10.07
CA ASN A 79 9.94 9.04 -11.07
C ASN A 79 9.21 10.33 -11.41
N SER A 80 8.59 10.94 -10.41
CA SER A 80 7.84 12.19 -10.60
C SER A 80 7.96 13.09 -9.38
N GLU A 81 7.84 12.49 -8.20
CA GLU A 81 7.93 13.24 -6.95
C GLU A 81 6.84 14.31 -6.86
N GLU A 82 5.77 14.01 -6.14
CA GLU A 82 4.65 14.94 -5.99
C GLU A 82 4.81 15.77 -4.71
N ASP A 83 4.75 15.10 -3.57
CA ASP A 83 4.88 15.77 -2.28
C ASP A 83 5.73 14.96 -1.31
N SER A 84 6.36 13.90 -1.83
CA SER A 84 7.20 13.03 -1.02
C SER A 84 8.40 13.81 -0.47
N GLY A 85 8.41 13.98 0.85
CA GLY A 85 9.50 14.71 1.49
C GLY A 85 10.74 13.85 1.66
N LEU A 86 10.54 12.58 2.02
CA LEU A 86 11.65 11.65 2.22
C LEU A 86 12.58 12.13 3.33
N VAL A 87 12.54 11.44 4.46
CA VAL A 87 13.37 11.78 5.60
C VAL A 87 14.85 11.57 5.27
N GLY A 88 15.59 12.67 5.22
CA GLY A 88 17.02 12.59 4.92
C GLY A 88 17.29 12.56 3.42
N SER A 89 18.16 11.63 3.01
CA SER A 89 18.50 11.50 1.59
C SER A 89 17.59 10.49 0.90
N GLY A 90 16.60 9.98 1.64
CA GLY A 90 15.67 9.02 1.09
C GLY A 90 15.82 7.65 1.71
N GLY A 91 15.41 7.53 2.97
CA GLY A 91 15.51 6.26 3.67
C GLY A 91 14.16 5.76 4.18
N GLU A 92 13.17 5.74 3.30
CA GLU A 92 11.83 5.30 3.66
C GLU A 92 11.25 4.40 2.58
N SER A 93 10.91 3.16 2.95
CA SER A 93 10.35 2.21 2.01
C SER A 93 8.93 2.60 1.60
N THR A 94 8.76 2.94 0.33
CA THR A 94 7.46 3.35 -0.20
C THR A 94 6.94 2.34 -1.21
N TRP A 95 5.79 1.73 -0.90
CA TRP A 95 5.19 0.74 -1.79
C TRP A 95 3.93 1.30 -2.45
N ARG A 96 3.96 1.45 -3.76
CA ARG A 96 2.82 1.97 -4.51
C ARG A 96 2.13 0.85 -5.29
N PHE A 97 0.82 0.71 -5.08
CA PHE A 97 0.04 -0.32 -5.75
C PHE A 97 -1.25 0.25 -6.33
N ARG A 98 -1.78 -0.43 -7.34
CA ARG A 98 -3.02 -0.02 -7.98
C ARG A 98 -3.84 -1.24 -8.41
N VAL A 99 -5.08 -1.31 -7.96
CA VAL A 99 -5.95 -2.43 -8.29
C VAL A 99 -6.29 -2.45 -9.78
N ALA A 100 -6.38 -3.65 -10.34
CA ALA A 100 -6.69 -3.81 -11.76
C ALA A 100 -7.81 -4.82 -11.98
N ALA A 101 -7.84 -5.88 -11.16
CA ALA A 101 -8.86 -6.91 -11.28
C ALA A 101 -9.31 -7.41 -9.92
N SER A 102 -10.52 -7.97 -9.86
CA SER A 102 -11.08 -8.48 -8.63
C SER A 102 -10.39 -9.79 -8.22
N GLY A 103 -11.00 -10.48 -7.26
CA GLY A 103 -10.44 -11.74 -6.78
C GLY A 103 -10.14 -11.71 -5.30
N ASP A 104 -10.01 -12.90 -4.70
CA ASP A 104 -9.73 -13.01 -3.28
C ASP A 104 -8.25 -13.36 -3.05
N ASP A 105 -7.53 -12.44 -2.40
CA ASP A 105 -6.12 -12.65 -2.12
C ASP A 105 -5.75 -12.07 -0.75
N ARG A 106 -4.45 -12.01 -0.46
CA ARG A 106 -3.99 -11.47 0.81
C ARG A 106 -2.55 -10.97 0.71
N LEU A 107 -2.37 -9.66 0.91
CA LEU A 107 -1.05 -9.06 0.84
C LEU A 107 -0.17 -9.60 1.97
N GLU A 108 1.10 -9.83 1.66
CA GLU A 108 2.05 -10.36 2.64
C GLU A 108 3.41 -9.70 2.50
N LEU A 109 3.78 -8.90 3.51
CA LEU A 109 5.06 -8.21 3.51
C LEU A 109 5.81 -8.48 4.81
N VAL A 110 7.02 -9.02 4.69
CA VAL A 110 7.83 -9.33 5.86
C VAL A 110 9.05 -8.42 5.95
N TYR A 111 9.59 -8.31 7.16
CA TYR A 111 10.76 -7.46 7.39
C TYR A 111 12.00 -8.32 7.66
N ARG A 112 12.84 -8.47 6.64
CA ARG A 112 14.06 -9.27 6.77
C ARG A 112 15.02 -8.99 5.61
N ARG A 113 16.06 -9.81 5.50
CA ARG A 113 17.06 -9.65 4.44
C ARG A 113 16.54 -10.24 3.12
N PRO A 114 16.27 -9.37 2.12
CA PRO A 114 15.75 -9.81 0.82
C PRO A 114 16.81 -10.46 -0.08
N TRP A 115 18.08 -10.31 0.29
CA TRP A 115 19.17 -10.88 -0.51
C TRP A 115 19.37 -12.36 -0.19
N GLU A 116 18.46 -12.92 0.62
CA GLU A 116 18.55 -14.33 0.99
C GLU A 116 17.37 -15.13 0.42
N LYS A 117 17.52 -16.44 0.39
CA LYS A 117 16.47 -17.32 -0.14
C LYS A 117 15.45 -17.64 0.95
N ASP A 118 15.94 -17.85 2.17
CA ASP A 118 15.08 -18.17 3.31
C ASP A 118 15.85 -18.05 4.63
N ALA A 119 15.54 -17.00 5.39
CA ALA A 119 16.20 -16.77 6.67
C ALA A 119 15.20 -16.40 7.75
N GLU A 120 15.69 -16.18 8.97
CA GLU A 120 14.83 -15.83 10.10
C GLU A 120 14.39 -14.37 10.01
N PRO A 121 13.08 -14.11 9.84
CA PRO A 121 12.53 -12.76 9.73
C PRO A 121 12.38 -12.09 11.10
N ALA A 122 12.30 -10.75 11.09
CA ALA A 122 12.15 -9.99 12.33
C ALA A 122 10.70 -9.61 12.57
N GLU A 123 10.18 -8.72 11.73
CA GLU A 123 8.80 -8.25 11.85
C GLU A 123 7.88 -8.95 10.86
N SER A 124 6.72 -8.34 10.66
CA SER A 124 5.72 -8.88 9.74
C SER A 124 4.62 -7.87 9.48
N PHE A 125 3.93 -8.03 8.34
CA PHE A 125 2.84 -7.11 7.98
C PHE A 125 1.98 -7.74 6.88
N SER A 126 0.80 -8.23 7.27
CA SER A 126 -0.11 -8.85 6.31
C SER A 126 -1.47 -8.16 6.32
N CYS A 127 -2.16 -8.22 5.18
CA CYS A 127 -3.48 -7.59 5.05
C CYS A 127 -4.38 -8.43 4.15
N ALA A 128 -5.65 -8.53 4.53
CA ALA A 128 -6.62 -9.31 3.75
C ALA A 128 -7.19 -8.49 2.59
N ILE A 129 -7.52 -9.18 1.50
CA ILE A 129 -8.08 -8.53 0.32
C ILE A 129 -9.14 -9.41 -0.34
N GLN A 130 -10.33 -8.84 -0.54
CA GLN A 130 -11.43 -9.58 -1.16
C GLN A 130 -12.28 -8.66 -2.03
N VAL A 131 -11.87 -8.49 -3.29
CA VAL A 131 -12.58 -7.63 -4.21
C VAL A 131 -13.90 -8.25 -4.63
N ARG A 132 -13.84 -9.47 -5.16
CA ARG A 132 -15.04 -10.19 -5.60
C ARG A 132 -14.92 -11.68 -5.32
N MET A 1 -24.53 34.49 -14.49
CA MET A 1 -23.82 34.07 -15.72
C MET A 1 -22.38 34.56 -15.71
N GLY A 2 -21.45 33.66 -16.01
CA GLY A 2 -20.04 34.01 -16.03
C GLY A 2 -19.37 33.78 -14.69
N SER A 3 -20.00 32.98 -13.84
CA SER A 3 -19.46 32.67 -12.52
C SER A 3 -19.72 31.22 -12.15
N SER A 4 -20.71 30.62 -12.79
CA SER A 4 -21.07 29.22 -12.53
C SER A 4 -21.32 28.47 -13.83
N HIS A 5 -20.77 27.26 -13.92
CA HIS A 5 -20.93 26.43 -15.11
C HIS A 5 -22.14 25.52 -14.98
N HIS A 6 -22.44 24.79 -16.05
CA HIS A 6 -23.57 23.86 -16.06
C HIS A 6 -23.12 22.45 -15.68
N HIS A 7 -23.95 21.75 -14.91
CA HIS A 7 -23.65 20.40 -14.48
C HIS A 7 -24.21 19.38 -15.46
N HIS A 8 -24.81 19.87 -16.54
CA HIS A 8 -25.40 19.00 -17.55
C HIS A 8 -24.36 18.66 -18.63
N HIS A 9 -24.18 17.37 -18.87
CA HIS A 9 -23.22 16.90 -19.88
C HIS A 9 -23.92 16.66 -21.21
N HIS A 10 -23.21 16.92 -22.31
CA HIS A 10 -23.76 16.73 -23.64
C HIS A 10 -22.80 15.91 -24.51
N SER A 11 -21.50 16.06 -24.25
CA SER A 11 -20.48 15.35 -25.02
C SER A 11 -20.25 13.96 -24.44
N SER A 12 -20.65 12.94 -25.20
CA SER A 12 -20.48 11.55 -24.77
C SER A 12 -21.19 11.30 -23.44
N GLY A 13 -20.98 10.12 -22.88
CA GLY A 13 -21.61 9.77 -21.62
C GLY A 13 -20.93 8.61 -20.92
N LEU A 14 -20.53 7.61 -21.71
CA LEU A 14 -19.87 6.42 -21.17
C LEU A 14 -19.11 5.69 -22.26
N VAL A 15 -17.77 5.72 -22.18
CA VAL A 15 -16.93 5.05 -23.17
C VAL A 15 -15.56 4.73 -22.57
N PRO A 16 -15.10 3.47 -22.71
CA PRO A 16 -13.80 3.04 -22.19
C PRO A 16 -12.64 3.83 -22.79
N ARG A 17 -12.83 4.30 -24.01
CA ARG A 17 -11.80 5.08 -24.70
C ARG A 17 -11.43 6.33 -23.91
N GLY A 18 -12.40 7.24 -23.76
CA GLY A 18 -12.16 8.46 -23.02
C GLY A 18 -12.71 8.41 -21.61
N SER A 19 -12.05 7.63 -20.75
CA SER A 19 -12.48 7.48 -19.36
C SER A 19 -11.38 6.86 -18.51
N HIS A 20 -10.88 7.61 -17.55
CA HIS A 20 -9.83 7.12 -16.66
C HIS A 20 -10.30 7.13 -15.20
N MET A 21 -10.33 5.96 -14.59
CA MET A 21 -10.77 5.84 -13.20
C MET A 21 -9.59 5.88 -12.24
N GLN A 22 -9.83 6.40 -11.05
CA GLN A 22 -8.79 6.50 -10.03
C GLN A 22 -9.41 6.64 -8.64
N LYS A 23 -8.62 6.37 -7.61
CA LYS A 23 -9.10 6.45 -6.24
C LYS A 23 -8.13 7.22 -5.36
N PRO A 24 -8.65 7.88 -4.31
CA PRO A 24 -7.84 8.64 -3.36
C PRO A 24 -6.91 7.72 -2.59
N VAL A 25 -6.93 6.44 -2.98
CA VAL A 25 -6.11 5.40 -2.39
C VAL A 25 -6.03 5.51 -0.87
N VAL A 26 -6.70 4.58 -0.19
CA VAL A 26 -6.72 4.54 1.26
C VAL A 26 -5.35 4.22 1.84
N THR A 27 -4.94 4.99 2.84
CA THR A 27 -3.65 4.78 3.47
C THR A 27 -3.76 3.73 4.58
N LEU A 28 -2.61 3.21 5.00
CA LEU A 28 -2.58 2.19 6.05
C LEU A 28 -1.27 2.28 6.84
N ASP A 29 -1.37 2.05 8.15
CA ASP A 29 -0.19 2.09 9.02
C ASP A 29 -0.28 1.02 10.11
N ASP A 30 -1.36 0.24 10.08
CA ASP A 30 -1.56 -0.82 11.06
C ASP A 30 -1.57 -2.19 10.40
N ALA A 31 -1.70 -3.23 11.20
CA ALA A 31 -1.72 -4.60 10.69
C ALA A 31 -2.82 -5.42 11.36
N ASP A 32 -3.27 -4.95 12.53
CA ASP A 32 -4.32 -5.65 13.27
C ASP A 32 -5.70 -5.16 12.84
N ASP A 33 -5.77 -3.93 12.34
CA ASP A 33 -7.02 -3.35 11.91
C ASP A 33 -7.37 -3.82 10.49
N CYS A 34 -6.53 -4.69 9.93
CA CYS A 34 -6.76 -5.20 8.59
C CYS A 34 -7.85 -6.26 8.57
N SER A 35 -8.62 -6.28 7.49
CA SER A 35 -9.71 -7.23 7.31
C SER A 35 -10.05 -7.38 5.84
N PRO A 36 -10.73 -8.48 5.46
CA PRO A 36 -11.12 -8.71 4.06
C PRO A 36 -11.93 -7.54 3.49
N LEU A 37 -11.21 -6.53 3.04
CA LEU A 37 -11.84 -5.33 2.48
C LEU A 37 -12.57 -5.65 1.18
N LYS A 38 -13.29 -4.65 0.68
CA LYS A 38 -14.05 -4.77 -0.56
C LYS A 38 -13.59 -3.72 -1.57
N LEU A 39 -12.40 -3.92 -2.12
CA LEU A 39 -11.85 -2.99 -3.09
C LEU A 39 -12.54 -3.11 -4.44
N THR A 40 -12.01 -2.43 -5.44
CA THR A 40 -12.56 -2.46 -6.79
C THR A 40 -11.49 -2.09 -7.82
N GLN A 41 -11.65 -2.62 -9.02
CA GLN A 41 -10.69 -2.34 -10.10
C GLN A 41 -10.57 -0.84 -10.34
N GLY A 42 -9.53 -0.24 -9.76
CA GLY A 42 -9.31 1.18 -9.92
C GLY A 42 -8.87 1.85 -8.63
N GLN A 43 -8.69 1.06 -7.58
CA GLN A 43 -8.26 1.57 -6.29
C GLN A 43 -6.80 1.25 -6.03
N GLU A 44 -6.06 2.22 -5.55
CA GLU A 44 -4.64 2.03 -5.26
C GLU A 44 -4.45 1.72 -3.78
N LEU A 45 -3.20 1.61 -3.35
CA LEU A 45 -2.89 1.31 -1.96
C LEU A 45 -1.49 1.78 -1.61
N VAL A 46 -1.40 2.72 -0.66
CA VAL A 46 -0.11 3.25 -0.23
C VAL A 46 0.28 2.72 1.14
N LEU A 47 1.57 2.58 1.37
CA LEU A 47 2.08 2.08 2.65
C LEU A 47 3.49 2.60 2.91
N THR A 48 3.81 2.82 4.19
CA THR A 48 5.13 3.31 4.56
C THR A 48 5.50 2.85 5.97
N LEU A 49 6.73 2.36 6.11
CA LEU A 49 7.22 1.88 7.39
C LEU A 49 8.63 2.41 7.67
N PRO A 50 9.06 2.39 8.95
CA PRO A 50 10.38 2.87 9.34
C PRO A 50 11.47 1.83 9.11
N SER A 51 12.51 2.22 8.37
CA SER A 51 13.61 1.32 8.07
C SER A 51 14.81 2.09 7.54
N ASN A 52 15.96 1.42 7.46
CA ASN A 52 17.18 2.04 6.96
C ASN A 52 17.86 1.16 5.92
N PRO A 53 18.08 1.68 4.70
CA PRO A 53 18.72 0.93 3.61
C PRO A 53 20.22 0.77 3.82
N THR A 54 20.72 1.34 4.92
CA THR A 54 22.15 1.27 5.23
C THR A 54 22.45 0.04 6.09
N THR A 55 21.50 -0.33 6.94
CA THR A 55 21.67 -1.48 7.82
C THR A 55 21.74 -2.78 7.02
N GLY A 56 20.64 -3.10 6.34
CA GLY A 56 20.59 -4.32 5.53
C GLY A 56 19.24 -5.01 5.61
N PHE A 57 18.56 -4.82 6.74
CA PHE A 57 17.24 -5.42 6.93
C PHE A 57 16.16 -4.61 6.25
N ARG A 58 15.75 -5.06 5.06
CA ARG A 58 14.72 -4.36 4.29
C ARG A 58 13.38 -5.08 4.42
N TRP A 59 12.50 -4.86 3.45
CA TRP A 59 11.18 -5.47 3.44
C TRP A 59 10.93 -6.19 2.12
N GLU A 60 10.37 -7.40 2.20
CA GLU A 60 10.08 -8.19 1.00
C GLU A 60 8.58 -8.43 0.86
N LEU A 61 8.15 -8.66 -0.38
CA LEU A 61 6.74 -8.91 -0.68
C LEU A 61 6.49 -10.40 -0.92
N ARG A 62 6.02 -11.09 0.11
CA ARG A 62 5.73 -12.52 0.00
C ARG A 62 4.48 -12.74 -0.85
N ASN A 63 3.64 -11.72 -0.94
CA ASN A 63 2.41 -11.79 -1.72
C ASN A 63 1.87 -10.40 -2.01
N PRO A 64 2.35 -9.74 -3.08
CA PRO A 64 1.91 -8.39 -3.45
C PRO A 64 0.55 -8.39 -4.15
N ALA A 65 -0.31 -9.33 -3.78
CA ALA A 65 -1.63 -9.43 -4.37
C ALA A 65 -1.54 -9.61 -5.89
N ALA A 66 -0.41 -10.14 -6.34
CA ALA A 66 -0.18 -10.36 -7.77
C ALA A 66 -1.26 -11.26 -8.36
N SER A 67 -2.04 -11.88 -7.48
CA SER A 67 -3.12 -12.77 -7.91
C SER A 67 -4.17 -12.02 -8.73
N VAL A 68 -4.60 -10.86 -8.22
CA VAL A 68 -5.59 -10.05 -8.90
C VAL A 68 -5.13 -8.61 -9.05
N LEU A 69 -4.43 -8.10 -8.05
CA LEU A 69 -3.92 -6.72 -8.09
C LEU A 69 -2.78 -6.60 -9.09
N LYS A 70 -2.18 -5.42 -9.16
CA LYS A 70 -1.07 -5.17 -10.07
C LYS A 70 -0.04 -4.23 -9.43
N ARG A 71 1.22 -4.41 -9.82
CA ARG A 71 2.30 -3.57 -9.27
C ARG A 71 2.57 -2.39 -10.19
N LEU A 72 3.15 -1.33 -9.61
CA LEU A 72 3.47 -0.13 -10.37
C LEU A 72 4.92 -0.14 -10.84
N GLY A 73 5.85 -0.05 -9.89
CA GLY A 73 7.26 -0.06 -10.24
C GLY A 73 8.15 -0.36 -9.04
N PRO A 74 9.37 -0.84 -9.28
CA PRO A 74 10.32 -1.17 -8.20
C PRO A 74 10.78 0.07 -7.44
N GLU A 75 11.25 1.07 -8.19
CA GLU A 75 11.73 2.31 -7.58
C GLU A 75 10.64 2.96 -6.73
N VAL A 76 11.06 3.72 -5.73
CA VAL A 76 10.13 4.40 -4.83
C VAL A 76 10.39 5.89 -4.78
N TYR A 77 11.23 6.37 -5.71
CA TYR A 77 11.57 7.78 -5.78
C TYR A 77 11.07 8.41 -7.08
N SER A 78 10.66 9.67 -7.00
CA SER A 78 10.15 10.38 -8.18
C SER A 78 10.30 11.89 -8.00
N ASN A 79 9.56 12.44 -7.04
CA ASN A 79 9.61 13.87 -6.77
C ASN A 79 10.37 14.17 -5.49
N SER A 80 10.49 15.45 -5.14
CA SER A 80 11.20 15.86 -3.95
C SER A 80 10.44 15.43 -2.69
N GLU A 81 9.19 15.86 -2.60
CA GLU A 81 8.36 15.53 -1.45
C GLU A 81 7.05 14.88 -1.89
N GLU A 82 6.89 13.60 -1.57
CA GLU A 82 5.68 12.86 -1.93
C GLU A 82 4.57 13.10 -0.92
N ASP A 83 4.80 12.67 0.32
CA ASP A 83 3.82 12.84 1.38
C ASP A 83 4.43 13.56 2.58
N SER A 84 5.49 12.97 3.14
CA SER A 84 6.17 13.56 4.28
C SER A 84 7.69 13.39 4.16
N GLY A 85 8.15 12.15 4.29
CA GLY A 85 9.57 11.88 4.19
C GLY A 85 10.38 12.60 5.25
N LEU A 86 9.74 12.89 6.37
CA LEU A 86 10.40 13.60 7.46
C LEU A 86 10.89 12.62 8.52
N VAL A 87 11.04 11.38 8.09
CA VAL A 87 11.50 10.31 8.98
C VAL A 87 12.76 9.65 8.44
N GLY A 88 13.84 9.72 9.20
CA GLY A 88 15.10 9.13 8.79
C GLY A 88 16.03 10.13 8.14
N SER A 89 15.46 11.12 7.46
CA SER A 89 16.23 12.16 6.79
C SER A 89 17.32 11.56 5.91
N GLY A 90 17.12 10.31 5.49
CA GLY A 90 18.09 9.65 4.64
C GLY A 90 17.45 8.65 3.69
N GLY A 91 16.20 8.29 3.96
CA GLY A 91 15.49 7.35 3.11
C GLY A 91 14.44 6.56 3.87
N GLU A 92 13.40 6.14 3.16
CA GLU A 92 12.33 5.37 3.77
C GLU A 92 11.71 4.40 2.77
N SER A 93 10.88 3.48 3.27
CA SER A 93 10.23 2.50 2.41
C SER A 93 8.80 2.92 2.08
N THR A 94 8.56 3.21 0.80
CA THR A 94 7.22 3.62 0.37
C THR A 94 6.69 2.68 -0.70
N TRP A 95 5.79 1.79 -0.30
CA TRP A 95 5.19 0.82 -1.21
C TRP A 95 3.92 1.37 -1.84
N ARG A 96 3.80 1.19 -3.16
CA ARG A 96 2.64 1.67 -3.89
C ARG A 96 2.09 0.58 -4.81
N PHE A 97 0.84 0.20 -4.61
CA PHE A 97 0.21 -0.84 -5.42
C PHE A 97 -1.05 -0.33 -6.10
N ARG A 98 -1.55 -1.10 -7.06
CA ARG A 98 -2.76 -0.73 -7.79
C ARG A 98 -3.51 -1.99 -8.25
N VAL A 99 -4.77 -2.10 -7.84
CA VAL A 99 -5.59 -3.24 -8.21
C VAL A 99 -5.84 -3.28 -9.71
N ALA A 100 -6.03 -4.48 -10.26
CA ALA A 100 -6.26 -4.63 -11.69
C ALA A 100 -7.24 -5.75 -12.01
N ALA A 101 -7.67 -6.47 -10.98
CA ALA A 101 -8.62 -7.57 -11.18
C ALA A 101 -9.33 -7.95 -9.88
N SER A 102 -10.50 -8.55 -10.01
CA SER A 102 -11.28 -8.97 -8.87
C SER A 102 -10.80 -10.30 -8.33
N GLY A 103 -11.27 -10.65 -7.14
CA GLY A 103 -10.88 -11.91 -6.52
C GLY A 103 -10.37 -11.71 -5.10
N ASP A 104 -10.05 -12.82 -4.44
CA ASP A 104 -9.56 -12.76 -3.07
C ASP A 104 -8.03 -12.76 -3.04
N ASP A 105 -7.45 -11.75 -2.40
CA ASP A 105 -6.01 -11.62 -2.29
C ASP A 105 -5.61 -11.15 -0.90
N ARG A 106 -4.31 -10.98 -0.68
CA ARG A 106 -3.82 -10.53 0.62
C ARG A 106 -2.37 -10.08 0.53
N LEU A 107 -2.10 -8.86 0.99
CA LEU A 107 -0.75 -8.30 0.97
C LEU A 107 0.10 -8.92 2.07
N GLU A 108 1.11 -9.69 1.66
CA GLU A 108 1.99 -10.35 2.62
C GLU A 108 3.40 -9.74 2.57
N LEU A 109 3.79 -9.08 3.65
CA LEU A 109 5.10 -8.46 3.74
C LEU A 109 5.86 -8.95 4.97
N VAL A 110 7.18 -9.05 4.85
CA VAL A 110 8.00 -9.50 5.97
C VAL A 110 9.24 -8.62 6.14
N TYR A 111 9.85 -8.68 7.31
CA TYR A 111 11.03 -7.87 7.60
C TYR A 111 12.30 -8.72 7.53
N ARG A 112 13.02 -8.59 6.41
CA ARG A 112 14.25 -9.34 6.21
C ARG A 112 15.11 -8.68 5.13
N ARG A 113 16.36 -9.10 5.03
CA ARG A 113 17.27 -8.54 4.02
C ARG A 113 16.69 -8.73 2.62
N PRO A 114 16.94 -7.77 1.71
CA PRO A 114 16.42 -7.82 0.34
C PRO A 114 17.19 -8.76 -0.58
N TRP A 115 18.47 -8.99 -0.29
CA TRP A 115 19.28 -9.86 -1.12
C TRP A 115 19.22 -11.31 -0.64
N GLU A 116 18.34 -11.59 0.31
CA GLU A 116 18.19 -12.94 0.85
C GLU A 116 16.86 -13.54 0.41
N LYS A 117 16.95 -14.59 -0.42
CA LYS A 117 15.75 -15.26 -0.91
C LYS A 117 15.19 -16.22 0.14
N ASP A 118 16.01 -16.54 1.13
CA ASP A 118 15.60 -17.46 2.19
C ASP A 118 16.28 -17.10 3.52
N ALA A 119 15.60 -16.31 4.33
CA ALA A 119 16.14 -15.89 5.63
C ALA A 119 15.02 -15.61 6.62
N GLU A 120 15.18 -16.11 7.85
CA GLU A 120 14.18 -15.92 8.89
C GLU A 120 13.97 -14.43 9.19
N PRO A 121 12.79 -13.89 8.86
CA PRO A 121 12.47 -12.47 9.10
C PRO A 121 12.12 -12.20 10.55
N ALA A 122 12.39 -10.97 11.00
CA ALA A 122 12.09 -10.57 12.37
C ALA A 122 10.61 -10.22 12.52
N GLU A 123 10.18 -9.16 11.84
CA GLU A 123 8.79 -8.73 11.89
C GLU A 123 7.96 -9.47 10.86
N SER A 124 6.70 -9.05 10.71
CA SER A 124 5.81 -9.67 9.75
C SER A 124 4.60 -8.78 9.49
N PHE A 125 3.99 -8.95 8.33
CA PHE A 125 2.81 -8.16 7.95
C PHE A 125 1.87 -8.96 7.07
N SER A 126 0.57 -8.71 7.21
CA SER A 126 -0.44 -9.40 6.44
C SER A 126 -1.77 -8.65 6.48
N CYS A 127 -2.20 -8.11 5.35
CA CYS A 127 -3.45 -7.37 5.27
C CYS A 127 -4.40 -7.99 4.25
N ALA A 128 -5.56 -8.44 4.74
CA ALA A 128 -6.56 -9.06 3.87
C ALA A 128 -7.14 -8.05 2.89
N ILE A 129 -7.26 -8.45 1.63
CA ILE A 129 -7.81 -7.57 0.60
C ILE A 129 -8.64 -8.34 -0.41
N GLN A 130 -9.94 -8.06 -0.45
CA GLN A 130 -10.83 -8.73 -1.39
C GLN A 130 -11.48 -7.71 -2.33
N VAL A 131 -11.12 -7.77 -3.61
CA VAL A 131 -11.66 -6.84 -4.60
C VAL A 131 -13.16 -7.06 -4.78
N ARG A 132 -13.53 -7.98 -5.66
CA ARG A 132 -14.93 -8.28 -5.91
C ARG A 132 -15.14 -9.79 -6.03
N MET A 1 -20.80 9.98 28.06
CA MET A 1 -20.38 9.02 27.00
C MET A 1 -21.32 9.10 25.80
N GLY A 2 -20.78 9.49 24.66
CA GLY A 2 -21.59 9.60 23.46
C GLY A 2 -20.82 10.20 22.29
N SER A 3 -21.36 11.25 21.71
CA SER A 3 -20.72 11.92 20.57
C SER A 3 -20.99 13.41 20.59
N SER A 4 -20.03 14.19 20.08
CA SER A 4 -20.17 15.64 20.05
C SER A 4 -19.41 16.22 18.86
N HIS A 5 -18.15 15.83 18.71
CA HIS A 5 -17.32 16.32 17.61
C HIS A 5 -17.54 15.49 16.36
N HIS A 6 -16.98 15.94 15.25
CA HIS A 6 -17.10 15.23 13.97
C HIS A 6 -16.08 14.09 13.88
N HIS A 7 -14.90 14.34 14.43
CA HIS A 7 -13.84 13.32 14.41
C HIS A 7 -13.70 12.65 15.78
N HIS A 8 -13.17 11.43 15.78
CA HIS A 8 -12.98 10.69 17.01
C HIS A 8 -11.57 10.13 17.11
N HIS A 9 -11.08 9.99 18.34
CA HIS A 9 -9.73 9.47 18.57
C HIS A 9 -9.74 8.41 19.66
N HIS A 10 -10.59 8.62 20.67
CA HIS A 10 -10.70 7.68 21.79
C HIS A 10 -11.59 6.50 21.41
N SER A 11 -11.00 5.31 21.35
CA SER A 11 -11.74 4.10 21.00
C SER A 11 -12.47 3.56 22.22
N SER A 12 -13.78 3.38 22.08
CA SER A 12 -14.60 2.87 23.18
C SER A 12 -15.51 1.75 22.69
N GLY A 13 -15.88 1.79 21.41
CA GLY A 13 -16.74 0.78 20.84
C GLY A 13 -17.21 1.13 19.45
N LEU A 14 -16.84 2.31 18.97
CA LEU A 14 -17.23 2.75 17.64
C LEU A 14 -16.23 2.28 16.59
N VAL A 15 -16.71 1.48 15.65
CA VAL A 15 -15.87 0.95 14.58
C VAL A 15 -15.96 1.81 13.33
N PRO A 16 -14.86 1.88 12.54
CA PRO A 16 -14.83 2.69 11.31
C PRO A 16 -15.92 2.27 10.32
N ARG A 17 -16.57 3.26 9.72
CA ARG A 17 -17.64 3.01 8.76
C ARG A 17 -17.13 3.25 7.34
N GLY A 18 -17.81 2.63 6.37
CA GLY A 18 -17.43 2.79 4.98
C GLY A 18 -18.56 2.46 4.01
N SER A 19 -18.33 2.70 2.73
CA SER A 19 -19.33 2.43 1.71
C SER A 19 -18.68 1.95 0.41
N HIS A 20 -19.50 1.67 -0.59
CA HIS A 20 -19.00 1.21 -1.88
C HIS A 20 -18.60 2.39 -2.76
N MET A 21 -17.32 2.76 -2.68
CA MET A 21 -16.80 3.88 -3.47
C MET A 21 -15.36 3.61 -3.89
N GLN A 22 -14.90 4.35 -4.90
CA GLN A 22 -13.54 4.20 -5.40
C GLN A 22 -12.63 5.30 -4.86
N LYS A 23 -11.61 4.90 -4.09
CA LYS A 23 -10.67 5.84 -3.51
C LYS A 23 -9.55 6.17 -4.48
N PRO A 24 -8.94 7.36 -4.32
CA PRO A 24 -7.83 7.80 -5.15
C PRO A 24 -6.65 6.89 -4.91
N VAL A 25 -6.26 6.86 -3.64
CA VAL A 25 -5.16 6.03 -3.18
C VAL A 25 -5.29 5.77 -1.68
N VAL A 26 -6.34 5.05 -1.30
CA VAL A 26 -6.58 4.74 0.10
C VAL A 26 -5.33 4.15 0.76
N THR A 27 -4.67 4.95 1.57
CA THR A 27 -3.45 4.52 2.25
C THR A 27 -3.76 3.52 3.36
N LEU A 28 -2.72 2.81 3.80
CA LEU A 28 -2.86 1.81 4.85
C LEU A 28 -1.56 1.68 5.64
N ASP A 29 -1.68 1.44 6.94
CA ASP A 29 -0.51 1.29 7.80
C ASP A 29 -0.73 0.23 8.88
N ASP A 30 -1.91 0.27 9.50
CA ASP A 30 -2.25 -0.68 10.55
C ASP A 30 -2.31 -2.10 9.99
N ALA A 31 -2.43 -3.08 10.88
CA ALA A 31 -2.50 -4.48 10.48
C ALA A 31 -3.85 -5.10 10.88
N ASP A 32 -4.27 -4.84 12.10
CA ASP A 32 -5.54 -5.37 12.59
C ASP A 32 -6.71 -4.62 11.98
N ASP A 33 -6.49 -3.38 11.57
CA ASP A 33 -7.52 -2.56 10.96
C ASP A 33 -7.74 -2.94 9.50
N CYS A 34 -6.93 -3.89 9.02
CA CYS A 34 -7.03 -4.35 7.63
C CYS A 34 -8.26 -5.22 7.43
N SER A 35 -8.11 -6.53 7.67
CA SER A 35 -9.21 -7.47 7.51
C SER A 35 -9.64 -7.53 6.06
N PRO A 36 -10.43 -8.57 5.67
CA PRO A 36 -10.90 -8.71 4.29
C PRO A 36 -11.61 -7.46 3.78
N LEU A 37 -10.81 -6.47 3.40
CA LEU A 37 -11.33 -5.20 2.90
C LEU A 37 -11.88 -5.36 1.49
N LYS A 38 -13.11 -4.88 1.28
CA LYS A 38 -13.74 -4.95 -0.03
C LYS A 38 -13.31 -3.79 -0.91
N LEU A 39 -12.50 -4.09 -1.92
CA LEU A 39 -12.00 -3.07 -2.84
C LEU A 39 -12.80 -3.06 -4.14
N THR A 40 -12.37 -2.22 -5.08
CA THR A 40 -13.04 -2.11 -6.37
C THR A 40 -12.10 -1.50 -7.40
N GLN A 41 -12.29 -1.89 -8.66
CA GLN A 41 -11.45 -1.38 -9.74
C GLN A 41 -11.49 0.15 -9.79
N GLY A 42 -10.40 0.76 -9.34
CA GLY A 42 -10.31 2.21 -9.32
C GLY A 42 -9.76 2.75 -8.01
N GLN A 43 -9.33 1.84 -7.13
CA GLN A 43 -8.78 2.23 -5.85
C GLN A 43 -7.29 1.94 -5.79
N GLU A 44 -6.52 2.92 -5.34
CA GLU A 44 -5.06 2.77 -5.23
C GLU A 44 -4.62 2.68 -3.78
N LEU A 45 -3.35 2.36 -3.57
CA LEU A 45 -2.81 2.26 -2.22
C LEU A 45 -1.28 2.33 -2.22
N VAL A 46 -0.73 2.96 -1.19
CA VAL A 46 0.71 3.09 -1.04
C VAL A 46 1.13 2.83 0.40
N LEU A 47 1.76 1.68 0.63
CA LEU A 47 2.21 1.30 1.97
C LEU A 47 3.48 2.04 2.37
N THR A 48 3.60 2.33 3.66
CA THR A 48 4.77 3.04 4.18
C THR A 48 5.67 2.09 4.96
N LEU A 49 6.83 1.78 4.39
CA LEU A 49 7.79 0.88 5.02
C LEU A 49 9.03 1.59 5.59
N PRO A 50 9.35 2.85 5.17
CA PRO A 50 10.52 3.57 5.67
C PRO A 50 10.84 3.24 7.13
N SER A 51 11.88 2.45 7.32
CA SER A 51 12.30 2.05 8.66
C SER A 51 13.67 2.62 9.00
N ASN A 52 14.72 2.05 8.41
CA ASN A 52 16.07 2.51 8.64
C ASN A 52 17.05 1.87 7.64
N PRO A 53 17.22 2.50 6.46
CA PRO A 53 18.12 1.99 5.42
C PRO A 53 19.59 1.98 5.87
N THR A 54 20.49 1.67 4.94
CA THR A 54 21.92 1.63 5.22
C THR A 54 22.24 0.72 6.40
N THR A 55 21.32 -0.20 6.70
CA THR A 55 21.51 -1.14 7.80
C THR A 55 21.60 -2.58 7.30
N GLY A 56 20.52 -3.04 6.67
CA GLY A 56 20.50 -4.39 6.15
C GLY A 56 19.13 -5.02 6.26
N PHE A 57 18.43 -4.74 7.35
CA PHE A 57 17.10 -5.27 7.58
C PHE A 57 16.02 -4.39 6.95
N ARG A 58 15.47 -4.85 5.83
CA ARG A 58 14.43 -4.13 5.13
C ARG A 58 13.12 -4.89 5.15
N TRP A 59 12.17 -4.45 4.32
CA TRP A 59 10.87 -5.11 4.23
C TRP A 59 10.70 -5.82 2.90
N GLU A 60 10.88 -7.14 2.92
CA GLU A 60 10.75 -7.96 1.72
C GLU A 60 9.28 -8.26 1.43
N LEU A 61 8.88 -8.14 0.18
CA LEU A 61 7.51 -8.40 -0.21
C LEU A 61 7.30 -9.88 -0.54
N ARG A 62 6.55 -10.56 0.31
CA ARG A 62 6.28 -11.99 0.12
C ARG A 62 5.18 -12.21 -0.93
N ASN A 63 3.98 -11.70 -0.64
CA ASN A 63 2.86 -11.83 -1.55
C ASN A 63 2.24 -10.47 -1.88
N PRO A 64 2.54 -9.93 -3.08
CA PRO A 64 2.02 -8.63 -3.51
C PRO A 64 0.58 -8.70 -4.03
N ALA A 65 -0.01 -9.89 -3.94
CA ALA A 65 -1.38 -10.09 -4.41
C ALA A 65 -1.53 -9.64 -5.86
N ALA A 66 -0.43 -9.70 -6.61
CA ALA A 66 -0.43 -9.30 -8.02
C ALA A 66 -1.45 -10.10 -8.83
N SER A 67 -1.99 -11.15 -8.23
CA SER A 67 -2.97 -11.99 -8.89
C SER A 67 -4.23 -11.20 -9.25
N VAL A 68 -4.53 -10.18 -8.45
CA VAL A 68 -5.71 -9.36 -8.70
C VAL A 68 -5.38 -7.87 -8.63
N LEU A 69 -4.22 -7.54 -8.07
CA LEU A 69 -3.80 -6.16 -7.94
C LEU A 69 -2.69 -5.82 -8.93
N LYS A 70 -2.73 -4.61 -9.47
CA LYS A 70 -1.73 -4.14 -10.42
C LYS A 70 -1.11 -2.82 -9.95
N ARG A 71 -0.67 -1.99 -10.88
CA ARG A 71 -0.06 -0.72 -10.54
C ARG A 71 1.20 -0.91 -9.70
N LEU A 72 1.77 -2.11 -9.79
CA LEU A 72 2.97 -2.45 -9.05
C LEU A 72 4.20 -1.82 -9.69
N GLY A 73 5.38 -2.20 -9.20
CA GLY A 73 6.62 -1.67 -9.75
C GLY A 73 7.83 -2.05 -8.92
N PRO A 74 9.02 -1.56 -9.29
CA PRO A 74 10.26 -1.85 -8.57
C PRO A 74 10.31 -1.17 -7.19
N GLU A 75 11.38 -1.43 -6.45
CA GLU A 75 11.54 -0.85 -5.12
C GLU A 75 12.29 0.48 -5.21
N VAL A 76 11.88 1.44 -4.38
CA VAL A 76 12.51 2.75 -4.36
C VAL A 76 13.80 2.73 -3.55
N TYR A 77 14.88 3.21 -4.15
CA TYR A 77 16.18 3.25 -3.50
C TYR A 77 17.21 4.00 -4.34
N SER A 78 18.14 4.67 -3.68
CA SER A 78 19.18 5.43 -4.38
C SER A 78 20.50 5.37 -3.62
N ASN A 79 21.59 5.28 -4.36
CA ASN A 79 22.93 5.21 -3.76
C ASN A 79 23.78 6.39 -4.21
N SER A 80 23.37 7.05 -5.29
CA SER A 80 24.10 8.19 -5.82
C SER A 80 23.79 9.45 -5.03
N GLU A 81 22.94 9.32 -4.03
CA GLU A 81 22.56 10.45 -3.18
C GLU A 81 23.78 11.07 -2.53
N GLU A 82 24.17 12.25 -2.99
CA GLU A 82 25.31 12.97 -2.45
C GLU A 82 25.02 13.46 -1.04
N ASP A 83 23.94 14.21 -0.90
CA ASP A 83 23.53 14.75 0.39
C ASP A 83 22.48 13.84 1.03
N SER A 84 22.22 14.06 2.32
CA SER A 84 21.23 13.27 3.04
C SER A 84 19.86 13.34 2.36
N GLY A 85 19.56 12.32 1.56
CA GLY A 85 18.29 12.28 0.86
C GLY A 85 17.35 11.25 1.46
N LEU A 86 16.75 11.59 2.60
CA LEU A 86 15.83 10.70 3.28
C LEU A 86 14.48 11.36 3.49
N VAL A 87 13.61 11.21 2.50
CA VAL A 87 12.27 11.79 2.55
C VAL A 87 11.24 10.80 2.01
N GLY A 88 11.32 10.54 0.72
CA GLY A 88 10.38 9.62 0.08
C GLY A 88 10.71 9.38 -1.38
N SER A 89 11.95 9.67 -1.76
CA SER A 89 12.39 9.49 -3.15
C SER A 89 13.78 8.85 -3.20
N GLY A 90 14.44 8.80 -2.05
CA GLY A 90 15.76 8.21 -1.98
C GLY A 90 15.91 7.25 -0.81
N GLY A 91 15.78 5.96 -1.09
CA GLY A 91 15.91 4.96 -0.04
C GLY A 91 14.56 4.46 0.44
N GLU A 92 14.55 3.81 1.60
CA GLU A 92 13.33 3.28 2.18
C GLU A 92 12.66 2.29 1.23
N SER A 93 11.47 1.83 1.62
CA SER A 93 10.71 0.89 0.80
C SER A 93 9.29 1.39 0.59
N THR A 94 8.82 1.37 -0.66
CA THR A 94 7.48 1.83 -0.99
C THR A 94 6.82 0.90 -2.01
N TRP A 95 5.55 0.59 -1.78
CA TRP A 95 4.80 -0.26 -2.69
C TRP A 95 3.48 0.38 -3.08
N ARG A 96 3.23 0.46 -4.39
CA ARG A 96 1.99 1.05 -4.89
C ARG A 96 1.25 0.07 -5.80
N PHE A 97 -0.07 0.04 -5.69
CA PHE A 97 -0.89 -0.85 -6.49
C PHE A 97 -2.28 -0.25 -6.74
N ARG A 98 -3.04 -0.90 -7.61
CA ARG A 98 -4.40 -0.46 -7.94
C ARG A 98 -5.24 -1.63 -8.41
N VAL A 99 -6.48 -1.70 -7.93
CA VAL A 99 -7.38 -2.79 -8.30
C VAL A 99 -7.56 -2.86 -9.81
N ALA A 100 -7.05 -3.93 -10.42
CA ALA A 100 -7.14 -4.12 -11.86
C ALA A 100 -8.17 -5.19 -12.21
N ALA A 101 -8.45 -6.08 -11.26
CA ALA A 101 -9.42 -7.14 -11.48
C ALA A 101 -9.91 -7.72 -10.15
N SER A 102 -11.10 -8.31 -10.18
CA SER A 102 -11.69 -8.90 -8.99
C SER A 102 -10.87 -10.07 -8.49
N GLY A 103 -11.37 -10.73 -7.45
CA GLY A 103 -10.67 -11.86 -6.88
C GLY A 103 -10.30 -11.64 -5.42
N ASP A 104 -10.03 -12.73 -4.71
CA ASP A 104 -9.67 -12.66 -3.31
C ASP A 104 -8.18 -12.95 -3.12
N ASP A 105 -7.49 -12.03 -2.45
CA ASP A 105 -6.07 -12.18 -2.19
C ASP A 105 -5.70 -11.61 -0.82
N ARG A 106 -4.40 -11.52 -0.55
CA ARG A 106 -3.91 -11.00 0.72
C ARG A 106 -2.45 -10.60 0.62
N LEU A 107 -2.15 -9.36 1.00
CA LEU A 107 -0.78 -8.87 0.97
C LEU A 107 0.06 -9.49 2.07
N GLU A 108 1.32 -9.77 1.76
CA GLU A 108 2.22 -10.38 2.73
C GLU A 108 3.61 -9.75 2.65
N LEU A 109 3.99 -9.00 3.68
CA LEU A 109 5.29 -8.35 3.72
C LEU A 109 6.04 -8.70 5.00
N VAL A 110 7.23 -9.27 4.85
CA VAL A 110 8.04 -9.66 6.00
C VAL A 110 9.21 -8.70 6.20
N TYR A 111 9.75 -8.71 7.41
CA TYR A 111 10.88 -7.83 7.75
C TYR A 111 12.17 -8.63 7.90
N ARG A 112 13.03 -8.53 6.90
CA ARG A 112 14.31 -9.23 6.90
C ARG A 112 15.13 -8.85 5.68
N ARG A 113 16.45 -9.07 5.76
CA ARG A 113 17.35 -8.76 4.67
C ARG A 113 16.84 -9.41 3.37
N PRO A 114 16.34 -8.58 2.42
CA PRO A 114 15.78 -9.08 1.16
C PRO A 114 16.82 -9.45 0.10
N TRP A 115 17.97 -9.99 0.53
CA TRP A 115 18.99 -10.40 -0.41
C TRP A 115 19.46 -11.81 -0.08
N GLU A 116 19.03 -12.28 1.09
CA GLU A 116 19.38 -13.60 1.58
C GLU A 116 18.64 -14.68 0.79
N LYS A 117 18.78 -15.93 1.25
CA LYS A 117 18.12 -17.05 0.61
C LYS A 117 17.01 -17.61 1.49
N ASP A 118 17.28 -17.68 2.79
CA ASP A 118 16.31 -18.17 3.76
C ASP A 118 16.83 -17.98 5.18
N ALA A 119 16.46 -16.86 5.80
CA ALA A 119 16.88 -16.56 7.16
C ALA A 119 15.68 -16.24 8.05
N GLU A 120 15.92 -16.24 9.36
CA GLU A 120 14.86 -15.95 10.32
C GLU A 120 14.63 -14.45 10.46
N PRO A 121 13.42 -13.97 10.10
CA PRO A 121 13.08 -12.54 10.18
C PRO A 121 12.74 -12.11 11.60
N ALA A 122 12.62 -10.79 11.80
CA ALA A 122 12.29 -10.25 13.10
C ALA A 122 10.82 -9.84 13.17
N GLU A 123 10.41 -9.00 12.23
CA GLU A 123 9.03 -8.53 12.18
C GLU A 123 8.27 -9.17 11.03
N SER A 124 7.03 -8.75 10.86
CA SER A 124 6.18 -9.28 9.79
C SER A 124 5.00 -8.35 9.52
N PHE A 125 4.24 -8.65 8.47
CA PHE A 125 3.08 -7.85 8.10
C PHE A 125 2.21 -8.60 7.10
N SER A 126 0.90 -8.40 7.20
CA SER A 126 -0.05 -9.04 6.31
C SER A 126 -1.46 -8.47 6.46
N CYS A 127 -2.14 -8.26 5.35
CA CYS A 127 -3.49 -7.72 5.37
C CYS A 127 -4.33 -8.32 4.24
N ALA A 128 -5.56 -8.67 4.56
CA ALA A 128 -6.48 -9.26 3.58
C ALA A 128 -6.97 -8.21 2.59
N ILE A 129 -7.05 -8.60 1.33
CA ILE A 129 -7.51 -7.70 0.27
C ILE A 129 -8.34 -8.45 -0.76
N GLN A 130 -9.63 -8.13 -0.83
CA GLN A 130 -10.54 -8.78 -1.77
C GLN A 130 -11.39 -7.73 -2.48
N VAL A 131 -11.36 -7.74 -3.82
CA VAL A 131 -12.13 -6.78 -4.60
C VAL A 131 -13.63 -7.01 -4.43
N ARG A 132 -14.18 -7.93 -5.22
CA ARG A 132 -15.60 -8.24 -5.15
C ARG A 132 -15.95 -8.93 -3.84
N MET A 1 -24.30 38.21 -4.25
CA MET A 1 -25.20 37.14 -3.75
C MET A 1 -24.80 35.78 -4.31
N GLY A 2 -24.67 34.79 -3.43
CA GLY A 2 -24.30 33.46 -3.86
C GLY A 2 -23.59 32.67 -2.77
N SER A 3 -24.21 32.60 -1.60
CA SER A 3 -23.63 31.87 -0.48
C SER A 3 -24.72 31.13 0.31
N SER A 4 -25.84 31.80 0.52
CA SER A 4 -26.96 31.21 1.26
C SER A 4 -27.97 30.60 0.30
N HIS A 5 -28.11 29.27 0.35
CA HIS A 5 -29.06 28.56 -0.51
C HIS A 5 -30.33 28.21 0.24
N HIS A 6 -31.29 27.63 -0.47
CA HIS A 6 -32.56 27.24 0.14
C HIS A 6 -32.54 25.77 0.57
N HIS A 7 -31.92 24.93 -0.25
CA HIS A 7 -31.82 23.51 0.04
C HIS A 7 -30.44 22.97 -0.30
N HIS A 8 -30.13 21.78 0.22
CA HIS A 8 -28.83 21.16 -0.03
C HIS A 8 -28.98 19.95 -0.94
N HIS A 9 -28.04 19.79 -1.86
CA HIS A 9 -28.07 18.67 -2.80
C HIS A 9 -26.86 17.77 -2.60
N HIS A 10 -27.11 16.51 -2.26
CA HIS A 10 -26.03 15.55 -2.03
C HIS A 10 -25.53 15.00 -3.36
N SER A 11 -26.37 14.25 -4.05
CA SER A 11 -26.02 13.65 -5.33
C SER A 11 -27.26 13.26 -6.12
N SER A 12 -27.20 13.40 -7.44
CA SER A 12 -28.32 13.06 -8.31
C SER A 12 -28.31 11.57 -8.64
N GLY A 13 -27.16 10.94 -8.44
CA GLY A 13 -27.05 9.52 -8.73
C GLY A 13 -25.70 9.15 -9.33
N LEU A 14 -25.18 8.00 -8.94
CA LEU A 14 -23.89 7.53 -9.44
C LEU A 14 -23.97 7.23 -10.93
N VAL A 15 -23.22 8.01 -11.72
CA VAL A 15 -23.20 7.82 -13.17
C VAL A 15 -22.12 6.83 -13.58
N PRO A 16 -22.47 5.82 -14.39
CA PRO A 16 -21.52 4.81 -14.85
C PRO A 16 -20.38 5.41 -15.68
N ARG A 17 -20.69 6.47 -16.41
CA ARG A 17 -19.70 7.13 -17.25
C ARG A 17 -18.99 8.25 -16.46
N GLY A 18 -17.71 8.43 -16.74
CA GLY A 18 -16.95 9.46 -16.06
C GLY A 18 -15.61 8.94 -15.53
N SER A 19 -15.67 8.24 -14.41
CA SER A 19 -14.46 7.70 -13.80
C SER A 19 -14.71 6.28 -13.28
N HIS A 20 -13.66 5.65 -12.76
CA HIS A 20 -13.76 4.30 -12.23
C HIS A 20 -13.08 4.21 -10.87
N MET A 21 -12.06 5.02 -10.66
CA MET A 21 -11.33 5.03 -9.38
C MET A 21 -12.21 5.55 -8.26
N GLN A 22 -11.70 5.47 -7.03
CA GLN A 22 -12.45 5.92 -5.87
C GLN A 22 -11.58 6.78 -4.96
N LYS A 23 -10.67 6.14 -4.23
CA LYS A 23 -9.77 6.85 -3.32
C LYS A 23 -8.59 7.47 -4.07
N PRO A 24 -8.09 8.60 -3.56
CA PRO A 24 -6.94 9.30 -4.14
C PRO A 24 -5.65 8.65 -3.67
N VAL A 25 -5.75 7.34 -3.51
CA VAL A 25 -4.66 6.48 -3.05
C VAL A 25 -4.74 6.32 -1.54
N VAL A 26 -5.78 5.65 -1.09
CA VAL A 26 -6.00 5.43 0.33
C VAL A 26 -4.79 4.77 0.98
N THR A 27 -4.08 5.56 1.78
CA THR A 27 -2.87 5.07 2.46
C THR A 27 -3.22 4.01 3.50
N LEU A 28 -2.21 3.24 3.90
CA LEU A 28 -2.41 2.18 4.88
C LEU A 28 -1.31 2.20 5.94
N ASP A 29 -1.67 1.84 7.17
CA ASP A 29 -0.72 1.82 8.27
C ASP A 29 -1.19 0.88 9.37
N ASP A 30 -2.21 0.08 9.07
CA ASP A 30 -2.76 -0.86 10.03
C ASP A 30 -2.76 -2.28 9.47
N ALA A 31 -3.33 -3.22 10.22
CA ALA A 31 -3.39 -4.61 9.78
C ALA A 31 -4.84 -5.09 9.72
N ASP A 32 -5.77 -4.18 9.93
CA ASP A 32 -7.20 -4.51 9.89
C ASP A 32 -7.93 -3.67 8.85
N ASP A 33 -7.41 -2.47 8.60
CA ASP A 33 -8.02 -1.58 7.62
C ASP A 33 -7.55 -1.89 6.21
N CYS A 34 -6.91 -3.06 6.05
CA CYS A 34 -6.40 -3.48 4.75
C CYS A 34 -7.54 -3.98 3.86
N SER A 35 -8.76 -3.95 4.39
CA SER A 35 -9.91 -4.42 3.64
C SER A 35 -9.79 -5.92 3.42
N PRO A 36 -9.89 -6.71 4.50
CA PRO A 36 -9.77 -8.18 4.43
C PRO A 36 -10.96 -8.83 3.74
N LEU A 37 -11.52 -8.13 2.77
CA LEU A 37 -12.67 -8.65 2.04
C LEU A 37 -13.07 -7.74 0.87
N LYS A 38 -14.35 -7.81 0.51
CA LYS A 38 -14.91 -7.03 -0.60
C LYS A 38 -14.26 -5.66 -0.76
N LEU A 39 -13.41 -5.54 -1.76
CA LEU A 39 -12.74 -4.28 -2.06
C LEU A 39 -13.38 -3.61 -3.27
N THR A 40 -12.90 -2.42 -3.60
CA THR A 40 -13.45 -1.68 -4.73
C THR A 40 -12.39 -1.41 -5.79
N GLN A 41 -12.56 -2.04 -6.95
CA GLN A 41 -11.64 -1.86 -8.07
C GLN A 41 -11.54 -0.40 -8.45
N GLY A 42 -10.32 0.12 -8.46
CA GLY A 42 -10.11 1.52 -8.80
C GLY A 42 -9.44 2.29 -7.69
N GLN A 43 -9.41 1.70 -6.50
CA GLN A 43 -8.80 2.34 -5.35
C GLN A 43 -7.30 2.09 -5.33
N GLU A 44 -6.56 3.15 -5.10
CA GLU A 44 -5.10 3.09 -5.04
C GLU A 44 -4.64 3.02 -3.60
N LEU A 45 -3.36 2.74 -3.39
CA LEU A 45 -2.82 2.65 -2.04
C LEU A 45 -1.30 2.83 -2.01
N VAL A 46 -0.80 3.33 -0.88
CA VAL A 46 0.63 3.55 -0.70
C VAL A 46 1.04 3.24 0.74
N LEU A 47 2.25 2.72 0.90
CA LEU A 47 2.75 2.38 2.24
C LEU A 47 4.24 2.71 2.36
N THR A 48 4.61 3.28 3.50
CA THR A 48 6.00 3.64 3.75
C THR A 48 6.45 3.17 5.12
N LEU A 49 7.56 2.42 5.15
CA LEU A 49 8.11 1.90 6.40
C LEU A 49 9.61 2.13 6.47
N PRO A 50 10.17 2.30 7.69
CA PRO A 50 11.60 2.52 7.88
C PRO A 50 12.41 1.24 7.65
N SER A 51 13.62 1.41 7.12
CA SER A 51 14.49 0.27 6.85
C SER A 51 15.96 0.69 6.86
N ASN A 52 16.21 1.97 6.59
CA ASN A 52 17.56 2.49 6.55
C ASN A 52 18.39 1.80 5.46
N PRO A 53 18.61 2.47 4.32
CA PRO A 53 19.39 1.91 3.21
C PRO A 53 20.76 1.41 3.65
N THR A 54 21.21 0.33 3.03
CA THR A 54 22.51 -0.26 3.34
C THR A 54 22.61 -0.63 4.82
N THR A 55 22.05 -1.78 5.17
CA THR A 55 22.07 -2.25 6.56
C THR A 55 22.14 -3.78 6.61
N GLY A 56 21.13 -4.42 6.06
CA GLY A 56 21.09 -5.88 6.06
C GLY A 56 19.67 -6.41 6.09
N PHE A 57 18.85 -5.86 6.98
CA PHE A 57 17.46 -6.27 7.10
C PHE A 57 16.55 -5.37 6.29
N ARG A 58 16.06 -5.90 5.18
CA ARG A 58 15.16 -5.16 4.30
C ARG A 58 13.72 -5.64 4.47
N TRP A 59 12.90 -5.38 3.45
CA TRP A 59 11.51 -5.79 3.47
C TRP A 59 11.19 -6.67 2.27
N GLU A 60 10.97 -7.96 2.53
CA GLU A 60 10.66 -8.91 1.48
C GLU A 60 9.17 -9.04 1.26
N LEU A 61 8.74 -8.78 0.02
CA LEU A 61 7.33 -8.87 -0.32
C LEU A 61 6.97 -10.28 -0.75
N ARG A 62 6.37 -11.04 0.17
CA ARG A 62 5.98 -12.42 -0.10
C ARG A 62 4.81 -12.48 -1.08
N ASN A 63 3.67 -11.94 -0.67
CA ASN A 63 2.48 -11.94 -1.51
C ASN A 63 2.13 -10.51 -1.96
N PRO A 64 2.54 -10.12 -3.18
CA PRO A 64 2.25 -8.78 -3.71
C PRO A 64 0.83 -8.66 -4.23
N ALA A 65 0.07 -9.75 -4.14
CA ALA A 65 -1.31 -9.76 -4.61
C ALA A 65 -1.40 -9.34 -6.08
N ALA A 66 -0.29 -9.50 -6.79
CA ALA A 66 -0.23 -9.13 -8.20
C ALA A 66 -1.21 -9.95 -9.02
N SER A 67 -1.82 -10.96 -8.39
CA SER A 67 -2.78 -11.81 -9.06
C SER A 67 -4.07 -11.06 -9.38
N VAL A 68 -4.38 -10.07 -8.54
CA VAL A 68 -5.59 -9.27 -8.73
C VAL A 68 -5.30 -7.77 -8.66
N LEU A 69 -4.49 -7.37 -7.69
CA LEU A 69 -4.14 -5.98 -7.52
C LEU A 69 -2.96 -5.61 -8.42
N LYS A 70 -3.20 -4.73 -9.39
CA LYS A 70 -2.16 -4.31 -10.31
C LYS A 70 -1.18 -3.36 -9.63
N ARG A 71 0.10 -3.56 -9.88
CA ARG A 71 1.14 -2.72 -9.29
C ARG A 71 1.31 -1.42 -10.05
N LEU A 72 1.78 -0.38 -9.36
CA LEU A 72 1.99 0.93 -9.98
C LEU A 72 3.46 1.34 -9.88
N GLY A 73 4.24 1.03 -10.93
CA GLY A 73 5.64 1.38 -10.94
C GLY A 73 6.44 0.65 -9.87
N PRO A 74 7.78 0.71 -9.95
CA PRO A 74 8.66 0.05 -8.98
C PRO A 74 8.43 0.54 -7.55
N GLU A 75 9.31 0.14 -6.63
CA GLU A 75 9.20 0.54 -5.24
C GLU A 75 9.66 1.98 -5.04
N VAL A 76 10.17 2.58 -6.11
CA VAL A 76 10.63 3.97 -6.06
C VAL A 76 11.85 4.13 -5.14
N TYR A 77 12.88 4.80 -5.62
CA TYR A 77 14.09 5.02 -4.85
C TYR A 77 14.96 6.10 -5.48
N SER A 78 15.35 7.08 -4.68
CA SER A 78 16.18 8.17 -5.16
C SER A 78 17.63 8.00 -4.72
N ASN A 79 18.56 8.51 -5.52
CA ASN A 79 19.98 8.41 -5.21
C ASN A 79 20.52 9.72 -4.64
N SER A 80 19.65 10.74 -4.59
CA SER A 80 20.03 12.05 -4.08
C SER A 80 20.03 12.05 -2.55
N GLU A 81 20.64 13.07 -1.97
CA GLU A 81 20.71 13.20 -0.51
C GLU A 81 19.42 13.79 0.04
N GLU A 82 18.93 13.22 1.15
CA GLU A 82 17.70 13.70 1.77
C GLU A 82 17.89 13.87 3.28
N ASP A 83 17.40 14.97 3.81
CA ASP A 83 17.51 15.26 5.24
C ASP A 83 16.20 15.80 5.79
N SER A 84 15.53 14.99 6.61
CA SER A 84 14.26 15.39 7.21
C SER A 84 14.03 14.66 8.52
N GLY A 85 12.86 14.88 9.13
CA GLY A 85 12.53 14.23 10.38
C GLY A 85 11.97 12.84 10.20
N LEU A 86 12.72 11.99 9.50
CA LEU A 86 12.29 10.62 9.24
C LEU A 86 12.90 9.65 10.24
N VAL A 87 12.49 8.40 10.17
CA VAL A 87 13.01 7.37 11.07
C VAL A 87 14.39 6.89 10.63
N GLY A 88 14.67 7.04 9.34
CA GLY A 88 15.95 6.62 8.80
C GLY A 88 16.74 7.77 8.22
N SER A 89 17.87 7.46 7.60
CA SER A 89 18.73 8.48 7.00
C SER A 89 19.27 8.00 5.66
N GLY A 90 18.73 8.55 4.58
CA GLY A 90 19.18 8.17 3.25
C GLY A 90 18.03 7.89 2.31
N GLY A 91 17.17 6.93 2.68
CA GLY A 91 16.04 6.59 1.86
C GLY A 91 14.90 5.98 2.66
N GLU A 92 13.89 5.49 1.96
CA GLU A 92 12.73 4.89 2.62
C GLU A 92 11.97 3.99 1.65
N SER A 93 11.58 2.81 2.13
CA SER A 93 10.84 1.85 1.31
C SER A 93 9.41 2.32 1.10
N THR A 94 8.99 2.41 -0.17
CA THR A 94 7.65 2.85 -0.49
C THR A 94 6.97 1.87 -1.44
N TRP A 95 5.67 1.65 -1.23
CA TRP A 95 4.90 0.73 -2.07
C TRP A 95 3.68 1.43 -2.65
N ARG A 96 3.21 0.94 -3.79
CA ARG A 96 2.04 1.51 -4.45
C ARG A 96 1.28 0.43 -5.24
N PHE A 97 -0.03 0.38 -5.05
CA PHE A 97 -0.85 -0.62 -5.74
C PHE A 97 -2.17 -0.01 -6.24
N ARG A 98 -2.82 -0.74 -7.14
CA ARG A 98 -4.09 -0.32 -7.73
C ARG A 98 -4.96 -1.53 -8.02
N VAL A 99 -6.20 -1.50 -7.54
CA VAL A 99 -7.14 -2.59 -7.78
C VAL A 99 -7.72 -2.51 -9.19
N ALA A 100 -7.49 -3.55 -9.98
CA ALA A 100 -7.98 -3.59 -11.36
C ALA A 100 -9.11 -4.58 -11.54
N ALA A 101 -8.97 -5.78 -10.95
CA ALA A 101 -9.99 -6.81 -11.08
C ALA A 101 -10.31 -7.45 -9.74
N SER A 102 -11.27 -8.37 -9.76
CA SER A 102 -11.68 -9.08 -8.56
C SER A 102 -10.76 -10.24 -8.26
N GLY A 103 -11.18 -11.08 -7.32
CA GLY A 103 -10.39 -12.22 -6.93
C GLY A 103 -9.96 -12.16 -5.48
N ASP A 104 -9.70 -13.33 -4.89
CA ASP A 104 -9.29 -13.41 -3.50
C ASP A 104 -7.77 -13.32 -3.39
N ASP A 105 -7.30 -12.32 -2.66
CA ASP A 105 -5.86 -12.13 -2.47
C ASP A 105 -5.56 -11.72 -1.03
N ARG A 106 -4.28 -11.67 -0.70
CA ARG A 106 -3.83 -11.30 0.63
C ARG A 106 -2.39 -10.84 0.61
N LEU A 107 -2.17 -9.54 0.70
CA LEU A 107 -0.82 -8.99 0.68
C LEU A 107 -0.01 -9.51 1.87
N GLU A 108 1.24 -9.87 1.60
CA GLU A 108 2.12 -10.40 2.64
C GLU A 108 3.52 -9.79 2.54
N LEU A 109 3.94 -9.13 3.62
CA LEU A 109 5.26 -8.50 3.67
C LEU A 109 5.94 -8.78 5.00
N VAL A 110 7.27 -8.80 5.00
CA VAL A 110 8.03 -9.05 6.21
C VAL A 110 9.31 -8.21 6.24
N TYR A 111 9.94 -8.14 7.41
CA TYR A 111 11.16 -7.37 7.58
C TYR A 111 12.33 -8.27 7.97
N ARG A 112 13.19 -8.56 7.01
CA ARG A 112 14.35 -9.42 7.24
C ARG A 112 15.33 -9.33 6.08
N ARG A 113 16.45 -10.03 6.20
CA ARG A 113 17.47 -10.04 5.15
C ARG A 113 16.85 -10.43 3.81
N PRO A 114 16.95 -9.54 2.79
CA PRO A 114 16.39 -9.79 1.46
C PRO A 114 17.13 -10.84 0.65
N TRP A 115 18.11 -11.49 1.27
CA TRP A 115 18.89 -12.52 0.60
C TRP A 115 18.65 -13.89 1.24
N GLU A 116 17.62 -13.97 2.07
CA GLU A 116 17.28 -15.22 2.75
C GLU A 116 15.98 -15.79 2.22
N LYS A 117 15.80 -17.11 2.37
CA LYS A 117 14.60 -17.78 1.90
C LYS A 117 13.59 -17.92 3.04
N ASP A 118 14.03 -18.49 4.15
CA ASP A 118 13.17 -18.69 5.30
C ASP A 118 13.92 -18.41 6.60
N ALA A 119 13.70 -17.23 7.16
CA ALA A 119 14.35 -16.84 8.41
C ALA A 119 13.35 -16.25 9.39
N GLU A 120 13.85 -15.67 10.48
CA GLU A 120 13.00 -15.07 11.50
C GLU A 120 13.05 -13.55 11.40
N PRO A 121 12.05 -12.94 10.72
CA PRO A 121 11.99 -11.48 10.56
C PRO A 121 11.60 -10.77 11.85
N ALA A 122 12.30 -9.67 12.14
CA ALA A 122 12.03 -8.90 13.35
C ALA A 122 10.62 -8.32 13.33
N GLU A 123 10.24 -7.77 12.18
CA GLU A 123 8.92 -7.19 12.01
C GLU A 123 8.07 -8.05 11.08
N SER A 124 6.89 -7.54 10.74
CA SER A 124 5.97 -8.26 9.86
C SER A 124 4.78 -7.38 9.51
N PHE A 125 4.18 -7.65 8.35
CA PHE A 125 3.03 -6.89 7.90
C PHE A 125 2.16 -7.70 6.94
N SER A 126 0.97 -8.08 7.40
CA SER A 126 0.05 -8.87 6.58
C SER A 126 -1.26 -8.12 6.38
N CYS A 127 -1.89 -8.33 5.23
CA CYS A 127 -3.16 -7.69 4.90
C CYS A 127 -4.00 -8.55 3.96
N ALA A 128 -5.27 -8.70 4.28
CA ALA A 128 -6.19 -9.49 3.45
C ALA A 128 -7.01 -8.58 2.54
N ILE A 129 -7.41 -9.10 1.38
CA ILE A 129 -8.18 -8.34 0.41
C ILE A 129 -8.96 -9.26 -0.53
N GLN A 130 -10.29 -9.24 -0.42
CA GLN A 130 -11.12 -10.06 -1.30
C GLN A 130 -11.94 -9.17 -2.22
N VAL A 131 -11.54 -9.07 -3.48
CA VAL A 131 -12.25 -8.22 -4.43
C VAL A 131 -13.34 -8.99 -5.15
N ARG A 132 -14.41 -8.29 -5.50
CA ARG A 132 -15.53 -8.89 -6.20
C ARG A 132 -16.55 -7.83 -6.60
N MET A 1 -5.56 36.17 35.65
CA MET A 1 -6.64 35.44 34.96
C MET A 1 -7.21 36.28 33.82
N GLY A 2 -7.26 35.70 32.62
CA GLY A 2 -7.79 36.40 31.47
C GLY A 2 -8.45 35.48 30.47
N SER A 3 -8.69 34.25 30.88
CA SER A 3 -9.33 33.26 30.03
C SER A 3 -10.85 33.24 30.24
N SER A 4 -11.59 33.12 29.14
CA SER A 4 -13.05 33.09 29.21
C SER A 4 -13.59 31.78 28.66
N HIS A 5 -14.04 30.91 29.56
CA HIS A 5 -14.60 29.62 29.17
C HIS A 5 -15.81 29.26 30.01
N HIS A 6 -16.78 28.57 29.39
CA HIS A 6 -17.99 28.18 30.09
C HIS A 6 -17.87 26.76 30.65
N HIS A 7 -18.94 26.28 31.28
CA HIS A 7 -18.94 24.94 31.86
C HIS A 7 -18.79 23.88 30.77
N HIS A 8 -19.47 24.08 29.65
CA HIS A 8 -19.41 23.14 28.54
C HIS A 8 -19.86 23.80 27.24
N HIS A 9 -18.94 23.91 26.29
CA HIS A 9 -19.25 24.53 25.00
C HIS A 9 -19.96 23.55 24.08
N HIS A 10 -21.10 23.97 23.54
CA HIS A 10 -21.89 23.13 22.65
C HIS A 10 -21.17 22.94 21.31
N SER A 11 -20.96 21.68 20.94
CA SER A 11 -20.28 21.36 19.69
C SER A 11 -21.22 20.63 18.72
N SER A 12 -20.97 20.79 17.43
CA SER A 12 -21.79 20.15 16.41
C SER A 12 -21.27 18.77 16.08
N GLY A 13 -21.96 18.07 15.18
CA GLY A 13 -21.54 16.73 14.79
C GLY A 13 -22.67 15.93 14.17
N LEU A 14 -23.59 16.62 13.52
CA LEU A 14 -24.73 15.97 12.87
C LEU A 14 -24.43 15.72 11.39
N VAL A 15 -23.17 15.91 11.00
CA VAL A 15 -22.76 15.71 9.62
C VAL A 15 -22.15 14.32 9.43
N PRO A 16 -22.86 13.41 8.73
CA PRO A 16 -22.38 12.04 8.48
C PRO A 16 -21.12 12.02 7.63
N ARG A 17 -20.70 10.82 7.24
CA ARG A 17 -19.51 10.65 6.41
C ARG A 17 -19.82 10.90 4.94
N GLY A 18 -20.90 10.27 4.46
CA GLY A 18 -21.29 10.44 3.07
C GLY A 18 -20.50 9.54 2.14
N SER A 19 -20.94 8.31 1.99
CA SER A 19 -20.27 7.35 1.11
C SER A 19 -20.77 7.48 -0.32
N HIS A 20 -19.85 7.83 -1.22
CA HIS A 20 -20.18 8.00 -2.63
C HIS A 20 -18.97 7.72 -3.51
N MET A 21 -17.81 8.15 -3.06
CA MET A 21 -16.57 7.95 -3.81
C MET A 21 -15.65 6.98 -3.07
N GLN A 22 -14.96 6.12 -3.84
CA GLN A 22 -14.04 5.15 -3.25
C GLN A 22 -12.73 5.82 -2.85
N LYS A 23 -11.72 5.00 -2.53
CA LYS A 23 -10.43 5.53 -2.12
C LYS A 23 -9.49 5.69 -3.31
N PRO A 24 -9.01 6.91 -3.54
CA PRO A 24 -8.07 7.19 -4.63
C PRO A 24 -6.77 6.45 -4.40
N VAL A 25 -6.68 5.88 -3.21
CA VAL A 25 -5.51 5.12 -2.77
C VAL A 25 -5.57 4.84 -1.27
N VAL A 26 -6.28 3.78 -0.90
CA VAL A 26 -6.39 3.40 0.50
C VAL A 26 -5.00 3.13 1.09
N THR A 27 -4.81 3.47 2.36
CA THR A 27 -3.53 3.27 3.01
C THR A 27 -3.64 2.36 4.23
N LEU A 28 -2.49 1.98 4.78
CA LEU A 28 -2.42 1.12 5.95
C LEU A 28 -1.21 1.45 6.80
N ASP A 29 -1.01 0.69 7.88
CA ASP A 29 0.11 0.91 8.78
C ASP A 29 0.11 -0.13 9.90
N ASP A 30 -1.06 -0.69 10.20
CA ASP A 30 -1.19 -1.70 11.24
C ASP A 30 -1.73 -3.00 10.68
N ALA A 31 -1.02 -4.10 10.95
CA ALA A 31 -1.44 -5.41 10.47
C ALA A 31 -2.73 -5.85 11.15
N ASP A 32 -2.87 -5.51 12.43
CA ASP A 32 -4.06 -5.87 13.19
C ASP A 32 -5.29 -5.15 12.64
N ASP A 33 -5.08 -3.95 12.12
CA ASP A 33 -6.16 -3.16 11.55
C ASP A 33 -6.56 -3.67 10.17
N CYS A 34 -5.76 -4.60 9.64
CA CYS A 34 -6.03 -5.17 8.33
C CYS A 34 -7.01 -6.33 8.44
N SER A 35 -7.93 -6.39 7.48
CA SER A 35 -8.95 -7.44 7.45
C SER A 35 -9.46 -7.63 6.02
N PRO A 36 -10.14 -8.75 5.73
CA PRO A 36 -10.69 -9.00 4.39
C PRO A 36 -11.64 -7.89 3.96
N LEU A 37 -11.08 -6.79 3.50
CA LEU A 37 -11.84 -5.64 3.06
C LEU A 37 -12.38 -5.81 1.65
N LYS A 38 -13.60 -5.32 1.42
CA LYS A 38 -14.22 -5.40 0.12
C LYS A 38 -13.76 -4.23 -0.76
N LEU A 39 -12.79 -4.51 -1.63
CA LEU A 39 -12.25 -3.50 -2.52
C LEU A 39 -13.07 -3.36 -3.80
N THR A 40 -12.51 -2.62 -4.75
CA THR A 40 -13.17 -2.40 -6.04
C THR A 40 -12.21 -1.77 -7.03
N GLN A 41 -12.27 -2.23 -8.28
CA GLN A 41 -11.41 -1.72 -9.32
C GLN A 41 -11.58 -0.21 -9.47
N GLY A 42 -10.49 0.53 -9.23
CA GLY A 42 -10.54 1.98 -9.32
C GLY A 42 -9.81 2.65 -8.17
N GLN A 43 -9.56 1.88 -7.10
CA GLN A 43 -8.87 2.40 -5.93
C GLN A 43 -7.40 2.04 -6.01
N GLU A 44 -6.61 2.68 -5.17
CA GLU A 44 -5.18 2.44 -5.13
C GLU A 44 -4.72 2.01 -3.75
N LEU A 45 -3.41 1.85 -3.59
CA LEU A 45 -2.85 1.47 -2.31
C LEU A 45 -1.35 1.76 -2.28
N VAL A 46 -1.00 2.87 -1.65
CA VAL A 46 0.39 3.29 -1.54
C VAL A 46 0.84 3.24 -0.08
N LEU A 47 1.51 2.16 0.29
CA LEU A 47 1.98 1.98 1.66
C LEU A 47 3.39 2.53 1.83
N THR A 48 3.77 2.82 3.07
CA THR A 48 5.10 3.36 3.36
C THR A 48 5.54 3.00 4.77
N LEU A 49 6.64 2.26 4.88
CA LEU A 49 7.18 1.85 6.18
C LEU A 49 8.54 2.47 6.42
N PRO A 50 8.89 2.72 7.69
CA PRO A 50 10.18 3.31 8.06
C PRO A 50 11.29 2.27 8.14
N SER A 51 12.31 2.43 7.30
CA SER A 51 13.43 1.50 7.27
C SER A 51 14.69 2.19 6.77
N ASN A 52 15.71 2.26 7.64
CA ASN A 52 16.98 2.90 7.28
C ASN A 52 17.74 2.05 6.26
N PRO A 53 18.21 2.66 5.16
CA PRO A 53 18.96 1.95 4.12
C PRO A 53 20.41 1.67 4.52
N THR A 54 20.72 1.93 5.78
CA THR A 54 22.07 1.70 6.29
C THR A 54 22.09 0.58 7.32
N THR A 55 20.98 -0.13 7.43
CA THR A 55 20.88 -1.24 8.39
C THR A 55 21.16 -2.58 7.72
N GLY A 56 20.21 -3.04 6.90
CA GLY A 56 20.38 -4.31 6.22
C GLY A 56 19.08 -5.07 6.12
N PHE A 57 18.18 -4.83 7.08
CA PHE A 57 16.89 -5.49 7.11
C PHE A 57 15.83 -4.66 6.41
N ARG A 58 15.52 -5.03 5.18
CA ARG A 58 14.52 -4.34 4.39
C ARG A 58 13.15 -5.02 4.53
N TRP A 59 12.30 -4.84 3.53
CA TRP A 59 10.97 -5.43 3.54
C TRP A 59 10.74 -6.27 2.29
N GLU A 60 10.37 -7.53 2.49
CA GLU A 60 10.13 -8.45 1.39
C GLU A 60 8.63 -8.68 1.18
N LEU A 61 8.28 -9.17 -0.01
CA LEU A 61 6.89 -9.43 -0.35
C LEU A 61 6.63 -10.92 -0.53
N ARG A 62 5.90 -11.51 0.41
CA ARG A 62 5.57 -12.92 0.35
C ARG A 62 4.33 -13.14 -0.50
N ASN A 63 3.62 -12.05 -0.77
CA ASN A 63 2.41 -12.09 -1.58
C ASN A 63 2.05 -10.69 -2.08
N PRO A 64 2.60 -10.29 -3.24
CA PRO A 64 2.35 -8.95 -3.82
C PRO A 64 0.94 -8.82 -4.40
N ALA A 65 0.12 -9.85 -4.20
CA ALA A 65 -1.24 -9.84 -4.72
C ALA A 65 -1.26 -9.65 -6.23
N ALA A 66 -0.19 -10.07 -6.88
CA ALA A 66 -0.07 -9.95 -8.33
C ALA A 66 -1.15 -10.74 -9.05
N SER A 67 -1.94 -11.48 -8.29
CA SER A 67 -3.03 -12.29 -8.85
C SER A 67 -4.22 -11.43 -9.24
N VAL A 68 -4.46 -10.36 -8.49
CA VAL A 68 -5.57 -9.46 -8.76
C VAL A 68 -5.13 -8.00 -8.79
N LEU A 69 -4.23 -7.64 -7.87
CA LEU A 69 -3.74 -6.28 -7.79
C LEU A 69 -2.69 -6.01 -8.86
N LYS A 70 -2.53 -4.74 -9.22
CA LYS A 70 -1.56 -4.34 -10.24
C LYS A 70 -0.75 -3.14 -9.76
N ARG A 71 -0.10 -2.43 -10.69
CA ARG A 71 0.71 -1.28 -10.35
C ARG A 71 1.84 -1.66 -9.40
N LEU A 72 2.14 -2.96 -9.37
CA LEU A 72 3.21 -3.48 -8.51
C LEU A 72 4.46 -2.61 -8.60
N GLY A 73 4.82 -2.22 -9.82
CA GLY A 73 5.99 -1.38 -10.03
C GLY A 73 7.28 -2.11 -9.72
N PRO A 74 8.43 -1.44 -9.85
CA PRO A 74 9.74 -2.03 -9.60
C PRO A 74 10.06 -2.08 -8.10
N GLU A 75 11.31 -2.44 -7.78
CA GLU A 75 11.75 -2.54 -6.40
C GLU A 75 12.38 -1.23 -5.94
N VAL A 76 11.95 -0.74 -4.78
CA VAL A 76 12.47 0.51 -4.23
C VAL A 76 13.93 0.35 -3.81
N TYR A 77 14.77 1.28 -4.25
CA TYR A 77 16.20 1.26 -3.93
C TYR A 77 16.84 -0.07 -4.34
N SER A 78 17.40 -0.10 -5.54
CA SER A 78 18.04 -1.32 -6.04
C SER A 78 19.01 -0.99 -7.18
N ASN A 79 18.90 0.23 -7.71
CA ASN A 79 19.76 0.67 -8.80
C ASN A 79 21.00 1.38 -8.26
N SER A 80 21.87 1.82 -9.17
CA SER A 80 23.10 2.51 -8.78
C SER A 80 22.81 3.98 -8.49
N GLU A 81 23.74 4.63 -7.80
CA GLU A 81 23.60 6.04 -7.44
C GLU A 81 22.37 6.27 -6.58
N GLU A 82 22.59 6.49 -5.29
CA GLU A 82 21.50 6.72 -4.35
C GLU A 82 20.71 7.97 -4.73
N ASP A 83 19.46 7.78 -5.16
CA ASP A 83 18.61 8.88 -5.56
C ASP A 83 18.03 9.58 -4.34
N SER A 84 17.67 10.86 -4.49
CA SER A 84 17.11 11.63 -3.40
C SER A 84 15.60 11.42 -3.29
N GLY A 85 15.17 10.16 -3.47
CA GLY A 85 13.76 9.84 -3.38
C GLY A 85 13.29 9.71 -1.95
N LEU A 86 13.70 10.65 -1.10
CA LEU A 86 13.33 10.64 0.31
C LEU A 86 11.82 10.72 0.47
N VAL A 87 11.30 10.09 1.52
CA VAL A 87 9.87 10.10 1.79
C VAL A 87 9.55 10.86 3.07
N GLY A 88 10.49 10.83 4.00
CA GLY A 88 10.29 11.53 5.27
C GLY A 88 11.60 11.87 5.95
N SER A 89 11.97 11.09 6.95
CA SER A 89 13.22 11.32 7.69
C SER A 89 14.41 11.24 6.77
N GLY A 90 14.41 10.27 5.87
CA GLY A 90 15.52 10.10 4.94
C GLY A 90 15.82 8.64 4.65
N GLY A 91 15.17 8.09 3.64
CA GLY A 91 15.38 6.70 3.28
C GLY A 91 14.35 5.78 3.88
N GLU A 92 13.25 5.56 3.15
CA GLU A 92 12.19 4.68 3.62
C GLU A 92 11.60 3.88 2.46
N SER A 93 11.14 2.67 2.75
CA SER A 93 10.54 1.81 1.74
C SER A 93 9.28 2.43 1.16
N THR A 94 8.98 2.11 -0.09
CA THR A 94 7.80 2.64 -0.76
C THR A 94 7.08 1.56 -1.55
N TRP A 95 5.77 1.46 -1.33
CA TRP A 95 4.95 0.46 -2.02
C TRP A 95 3.76 1.13 -2.71
N ARG A 96 3.57 0.83 -3.98
CA ARG A 96 2.46 1.40 -4.75
C ARG A 96 1.77 0.34 -5.60
N PHE A 97 0.43 0.31 -5.55
CA PHE A 97 -0.35 -0.66 -6.31
C PHE A 97 -1.68 -0.05 -6.75
N ARG A 98 -2.39 -0.73 -7.65
CA ARG A 98 -3.67 -0.28 -8.15
C ARG A 98 -4.58 -1.47 -8.44
N VAL A 99 -5.83 -1.38 -7.98
CA VAL A 99 -6.79 -2.46 -8.20
C VAL A 99 -7.16 -2.57 -9.67
N ALA A 100 -6.71 -3.64 -10.31
CA ALA A 100 -6.98 -3.87 -11.73
C ALA A 100 -8.15 -4.83 -11.94
N ALA A 101 -8.11 -5.96 -11.23
CA ALA A 101 -9.16 -6.96 -11.35
C ALA A 101 -9.62 -7.44 -9.97
N SER A 102 -10.84 -7.98 -9.92
CA SER A 102 -11.39 -8.47 -8.67
C SER A 102 -10.69 -9.75 -8.23
N GLY A 103 -11.25 -10.38 -7.23
CA GLY A 103 -10.68 -11.61 -6.70
C GLY A 103 -10.30 -11.50 -5.24
N ASP A 104 -10.07 -12.64 -4.60
CA ASP A 104 -9.69 -12.68 -3.20
C ASP A 104 -8.18 -12.86 -3.05
N ASP A 105 -7.51 -11.82 -2.59
CA ASP A 105 -6.07 -11.86 -2.39
C ASP A 105 -5.71 -11.50 -0.95
N ARG A 106 -4.41 -11.44 -0.68
CA ARG A 106 -3.95 -11.12 0.66
C ARG A 106 -2.50 -10.63 0.61
N LEU A 107 -2.29 -9.36 0.94
CA LEU A 107 -0.95 -8.78 0.94
C LEU A 107 -0.10 -9.40 2.04
N GLU A 108 1.15 -9.71 1.71
CA GLU A 108 2.06 -10.31 2.67
C GLU A 108 3.44 -9.65 2.62
N LEU A 109 3.86 -9.10 3.76
CA LEU A 109 5.15 -8.43 3.87
C LEU A 109 5.86 -8.88 5.13
N VAL A 110 7.20 -8.84 5.11
CA VAL A 110 7.98 -9.24 6.26
C VAL A 110 9.19 -8.32 6.44
N TYR A 111 9.78 -8.37 7.63
CA TYR A 111 10.94 -7.54 7.94
C TYR A 111 12.22 -8.38 8.00
N ARG A 112 13.01 -8.30 6.94
CA ARG A 112 14.26 -9.05 6.86
C ARG A 112 15.14 -8.52 5.73
N ARG A 113 16.37 -9.01 5.66
CA ARG A 113 17.30 -8.59 4.62
C ARG A 113 16.72 -8.87 3.23
N PRO A 114 16.89 -7.93 2.28
CA PRO A 114 16.36 -8.08 0.92
C PRO A 114 17.21 -8.97 0.04
N TRP A 115 18.44 -9.25 0.47
CA TRP A 115 19.35 -10.09 -0.31
C TRP A 115 19.28 -11.54 0.15
N GLU A 116 18.30 -11.84 1.01
CA GLU A 116 18.13 -13.20 1.51
C GLU A 116 16.84 -13.82 0.99
N LYS A 117 16.98 -14.89 0.21
CA LYS A 117 15.83 -15.57 -0.36
C LYS A 117 15.04 -16.30 0.73
N ASP A 118 15.76 -16.89 1.68
CA ASP A 118 15.13 -17.63 2.77
C ASP A 118 15.85 -17.36 4.09
N ALA A 119 15.28 -16.50 4.92
CA ALA A 119 15.87 -16.17 6.20
C ALA A 119 14.81 -15.76 7.21
N GLU A 120 14.92 -16.28 8.43
CA GLU A 120 13.96 -15.99 9.49
C GLU A 120 13.87 -14.47 9.72
N PRO A 121 12.73 -13.86 9.35
CA PRO A 121 12.53 -12.41 9.53
C PRO A 121 12.18 -12.05 10.98
N ALA A 122 12.54 -10.82 11.36
CA ALA A 122 12.26 -10.35 12.71
C ALA A 122 10.79 -9.98 12.87
N GLU A 123 10.40 -8.90 12.20
CA GLU A 123 9.02 -8.43 12.24
C GLU A 123 8.20 -9.05 11.12
N SER A 124 7.03 -8.46 10.88
CA SER A 124 6.13 -8.94 9.84
C SER A 124 4.97 -7.97 9.64
N PHE A 125 4.25 -8.16 8.53
CA PHE A 125 3.12 -7.30 8.21
C PHE A 125 2.31 -7.87 7.05
N SER A 126 1.14 -8.42 7.35
CA SER A 126 0.27 -8.99 6.33
C SER A 126 -1.14 -8.45 6.46
N CYS A 127 -1.78 -8.22 5.31
CA CYS A 127 -3.16 -7.69 5.29
C CYS A 127 -4.02 -8.45 4.29
N ALA A 128 -5.33 -8.46 4.54
CA ALA A 128 -6.27 -9.14 3.67
C ALA A 128 -6.93 -8.16 2.71
N ILE A 129 -7.13 -8.60 1.47
CA ILE A 129 -7.74 -7.76 0.44
C ILE A 129 -8.61 -8.59 -0.50
N GLN A 130 -9.89 -8.24 -0.58
CA GLN A 130 -10.83 -8.95 -1.45
C GLN A 130 -11.70 -7.96 -2.22
N VAL A 131 -11.44 -7.82 -3.51
CA VAL A 131 -12.20 -6.91 -4.35
C VAL A 131 -13.66 -7.36 -4.48
N ARG A 132 -13.90 -8.34 -5.34
CA ARG A 132 -15.24 -8.86 -5.55
C ARG A 132 -15.25 -10.38 -5.56
N MET A 1 -36.49 41.96 -7.94
CA MET A 1 -37.36 41.84 -6.74
C MET A 1 -37.37 43.14 -5.95
N GLY A 2 -36.19 43.57 -5.53
CA GLY A 2 -36.08 44.81 -4.75
C GLY A 2 -34.70 45.00 -4.16
N SER A 3 -34.65 45.64 -3.00
CA SER A 3 -33.38 45.89 -2.32
C SER A 3 -33.03 44.74 -1.37
N SER A 4 -34.02 43.91 -1.06
CA SER A 4 -33.82 42.78 -0.17
C SER A 4 -33.31 41.57 -0.93
N HIS A 5 -32.00 41.30 -0.80
CA HIS A 5 -31.39 40.17 -1.49
C HIS A 5 -30.00 39.88 -0.91
N HIS A 6 -29.86 38.74 -0.26
CA HIS A 6 -28.59 38.35 0.34
C HIS A 6 -28.31 36.87 0.12
N HIS A 7 -29.26 36.19 -0.52
CA HIS A 7 -29.11 34.76 -0.79
C HIS A 7 -28.03 34.51 -1.83
N HIS A 8 -26.92 33.92 -1.40
CA HIS A 8 -25.81 33.62 -2.30
C HIS A 8 -25.10 32.35 -1.88
N HIS A 9 -25.34 31.26 -2.62
CA HIS A 9 -24.72 29.98 -2.32
C HIS A 9 -24.31 29.27 -3.61
N HIS A 10 -23.09 28.73 -3.61
CA HIS A 10 -22.57 28.02 -4.77
C HIS A 10 -23.02 26.57 -4.79
N SER A 11 -23.39 26.07 -5.97
CA SER A 11 -23.85 24.70 -6.11
C SER A 11 -22.73 23.81 -6.64
N SER A 12 -22.97 22.50 -6.63
CA SER A 12 -21.98 21.54 -7.11
C SER A 12 -22.66 20.29 -7.68
N GLY A 13 -22.27 19.92 -8.89
CA GLY A 13 -22.85 18.75 -9.53
C GLY A 13 -22.17 17.47 -9.11
N LEU A 14 -22.35 17.09 -7.85
CA LEU A 14 -21.75 15.86 -7.32
C LEU A 14 -22.54 14.63 -7.74
N VAL A 15 -21.90 13.77 -8.53
CA VAL A 15 -22.54 12.55 -9.00
C VAL A 15 -22.60 11.48 -7.90
N PRO A 16 -21.47 11.21 -7.21
CA PRO A 16 -21.42 10.21 -6.14
C PRO A 16 -22.34 10.56 -4.98
N ARG A 17 -23.07 9.57 -4.48
CA ARG A 17 -23.99 9.77 -3.37
C ARG A 17 -23.85 8.66 -2.33
N GLY A 18 -22.86 7.79 -2.53
CA GLY A 18 -22.63 6.70 -1.61
C GLY A 18 -21.26 6.74 -0.98
N SER A 19 -21.19 6.46 0.32
CA SER A 19 -19.93 6.48 1.04
C SER A 19 -19.32 5.08 1.11
N HIS A 20 -18.18 4.90 0.47
CA HIS A 20 -17.50 3.60 0.46
C HIS A 20 -16.00 3.77 0.69
N MET A 21 -15.29 2.65 0.75
CA MET A 21 -13.85 2.67 0.96
C MET A 21 -13.10 2.77 -0.37
N GLN A 22 -13.85 3.04 -1.44
CA GLN A 22 -13.27 3.16 -2.77
C GLN A 22 -12.47 4.46 -2.89
N LYS A 23 -11.16 4.36 -2.74
CA LYS A 23 -10.28 5.53 -2.83
C LYS A 23 -9.30 5.39 -3.97
N PRO A 24 -9.00 6.52 -4.64
CA PRO A 24 -8.05 6.54 -5.74
C PRO A 24 -6.72 5.96 -5.31
N VAL A 25 -6.46 6.15 -4.03
CA VAL A 25 -5.26 5.65 -3.38
C VAL A 25 -5.49 5.48 -1.88
N VAL A 26 -6.06 4.35 -1.48
CA VAL A 26 -6.31 4.10 -0.07
C VAL A 26 -5.00 4.05 0.71
N THR A 27 -5.07 4.30 2.01
CA THR A 27 -3.87 4.29 2.84
C THR A 27 -3.98 3.27 3.96
N LEU A 28 -2.84 2.74 4.38
CA LEU A 28 -2.79 1.75 5.44
C LEU A 28 -1.59 1.99 6.36
N ASP A 29 -1.69 1.54 7.61
CA ASP A 29 -0.61 1.70 8.57
C ASP A 29 -0.80 0.77 9.76
N ASP A 30 -1.67 -0.22 9.60
CA ASP A 30 -1.94 -1.18 10.67
C ASP A 30 -1.90 -2.61 10.13
N ALA A 31 -2.17 -3.57 11.01
CA ALA A 31 -2.16 -4.97 10.62
C ALA A 31 -3.53 -5.62 10.87
N ASP A 32 -4.12 -5.32 12.03
CA ASP A 32 -5.42 -5.88 12.38
C ASP A 32 -6.54 -5.03 11.79
N ASP A 33 -6.27 -3.75 11.58
CA ASP A 33 -7.25 -2.83 11.02
C ASP A 33 -7.32 -2.96 9.50
N CYS A 34 -6.67 -4.00 8.98
CA CYS A 34 -6.66 -4.24 7.54
C CYS A 34 -7.97 -4.85 7.06
N SER A 35 -8.12 -6.16 7.25
CA SER A 35 -9.33 -6.85 6.82
C SER A 35 -9.39 -6.85 5.30
N PRO A 36 -10.31 -7.62 4.68
CA PRO A 36 -10.44 -7.67 3.21
C PRO A 36 -10.49 -6.27 2.62
N LEU A 37 -9.30 -5.67 2.46
CA LEU A 37 -9.16 -4.33 1.92
C LEU A 37 -9.82 -4.19 0.55
N LYS A 38 -9.52 -3.09 -0.10
CA LYS A 38 -10.06 -2.82 -1.42
C LYS A 38 -11.58 -2.92 -1.40
N LEU A 39 -12.17 -3.20 -2.56
CA LEU A 39 -13.63 -3.29 -2.68
C LEU A 39 -14.03 -3.48 -4.12
N THR A 40 -13.51 -2.62 -4.96
CA THR A 40 -13.79 -2.64 -6.38
C THR A 40 -12.64 -2.02 -7.16
N GLN A 41 -12.39 -2.55 -8.35
CA GLN A 41 -11.33 -2.06 -9.21
C GLN A 41 -11.43 -0.55 -9.39
N GLY A 42 -10.28 0.10 -9.56
CA GLY A 42 -10.25 1.53 -9.74
C GLY A 42 -9.70 2.25 -8.53
N GLN A 43 -9.11 1.48 -7.61
CA GLN A 43 -8.53 2.03 -6.40
C GLN A 43 -7.04 1.72 -6.35
N GLU A 44 -6.33 2.44 -5.50
CA GLU A 44 -4.89 2.22 -5.36
C GLU A 44 -4.45 2.28 -3.90
N LEU A 45 -3.14 2.27 -3.69
CA LEU A 45 -2.60 2.33 -2.34
C LEU A 45 -1.16 2.82 -2.34
N VAL A 46 -0.81 3.56 -1.29
CA VAL A 46 0.54 4.10 -1.13
C VAL A 46 0.98 3.98 0.33
N LEU A 47 1.80 2.98 0.62
CA LEU A 47 2.28 2.75 1.98
C LEU A 47 3.73 3.20 2.13
N THR A 48 4.06 3.69 3.32
CA THR A 48 5.42 4.16 3.60
C THR A 48 5.83 3.81 5.03
N LEU A 49 6.73 2.84 5.16
CA LEU A 49 7.21 2.41 6.47
C LEU A 49 8.72 2.62 6.59
N PRO A 50 9.22 2.75 7.84
CA PRO A 50 10.65 2.95 8.09
C PRO A 50 11.44 1.65 8.02
N SER A 51 12.70 1.75 7.61
CA SER A 51 13.57 0.58 7.51
C SER A 51 15.04 0.96 7.63
N ASN A 52 15.37 2.17 7.17
CA ASN A 52 16.73 2.66 7.23
C ASN A 52 17.69 1.75 6.46
N PRO A 53 18.09 2.15 5.23
CA PRO A 53 19.00 1.35 4.40
C PRO A 53 20.36 1.14 5.07
N THR A 54 20.59 1.86 6.17
CA THR A 54 21.85 1.75 6.90
C THR A 54 21.94 0.43 7.66
N THR A 55 20.79 -0.10 8.07
CA THR A 55 20.74 -1.34 8.80
C THR A 55 21.02 -2.54 7.90
N GLY A 56 20.05 -2.88 7.05
CA GLY A 56 20.21 -4.00 6.15
C GLY A 56 18.94 -4.82 6.02
N PHE A 57 18.09 -4.73 7.03
CA PHE A 57 16.84 -5.45 7.03
C PHE A 57 15.74 -4.65 6.34
N ARG A 58 15.51 -4.97 5.09
CA ARG A 58 14.50 -4.30 4.29
C ARG A 58 13.16 -5.02 4.45
N TRP A 59 12.29 -4.86 3.45
CA TRP A 59 10.98 -5.50 3.47
C TRP A 59 10.75 -6.33 2.21
N GLU A 60 10.55 -7.63 2.38
CA GLU A 60 10.33 -8.52 1.26
C GLU A 60 8.84 -8.76 1.04
N LEU A 61 8.47 -9.01 -0.22
CA LEU A 61 7.06 -9.24 -0.57
C LEU A 61 6.78 -10.73 -0.76
N ARG A 62 6.15 -11.33 0.23
CA ARG A 62 5.81 -12.75 0.17
C ARG A 62 4.53 -12.95 -0.64
N ASN A 63 3.81 -11.85 -0.85
CA ASN A 63 2.57 -11.89 -1.61
C ASN A 63 2.14 -10.46 -1.98
N PRO A 64 2.63 -9.94 -3.11
CA PRO A 64 2.29 -8.59 -3.56
C PRO A 64 0.88 -8.50 -4.15
N ALA A 65 0.04 -9.48 -3.83
CA ALA A 65 -1.33 -9.51 -4.33
C ALA A 65 -1.36 -9.45 -5.85
N ALA A 66 -0.29 -9.91 -6.48
CA ALA A 66 -0.21 -9.90 -7.94
C ALA A 66 -1.30 -10.76 -8.56
N SER A 67 -2.01 -11.51 -7.72
CA SER A 67 -3.08 -12.38 -8.18
C SER A 67 -4.26 -11.56 -8.69
N VAL A 68 -4.49 -10.41 -8.08
CA VAL A 68 -5.60 -9.54 -8.48
C VAL A 68 -5.13 -8.10 -8.70
N LEU A 69 -4.33 -7.58 -7.78
CA LEU A 69 -3.82 -6.21 -7.89
C LEU A 69 -2.61 -6.15 -8.82
N LYS A 70 -2.61 -5.17 -9.71
CA LYS A 70 -1.51 -5.00 -10.65
C LYS A 70 -0.45 -4.07 -10.07
N ARG A 71 0.82 -4.44 -10.28
CA ARG A 71 1.93 -3.64 -9.78
C ARG A 71 2.26 -2.49 -10.75
N LEU A 72 2.52 -1.31 -10.20
CA LEU A 72 2.85 -0.16 -11.00
C LEU A 72 4.33 -0.14 -11.37
N GLY A 73 5.15 -0.71 -10.50
CA GLY A 73 6.58 -0.76 -10.74
C GLY A 73 7.38 -0.04 -9.68
N PRO A 74 8.68 0.19 -9.92
CA PRO A 74 9.55 0.89 -8.96
C PRO A 74 9.19 2.37 -8.83
N GLU A 75 8.74 2.77 -7.64
CA GLU A 75 8.36 4.15 -7.38
C GLU A 75 8.56 4.50 -5.91
N VAL A 76 9.45 5.44 -5.64
CA VAL A 76 9.73 5.87 -4.28
C VAL A 76 9.89 7.38 -4.19
N TYR A 77 10.16 7.88 -2.98
CA TYR A 77 10.33 9.32 -2.76
C TYR A 77 9.07 10.08 -3.16
N SER A 78 7.94 9.38 -3.15
CA SER A 78 6.67 10.00 -3.50
C SER A 78 6.34 11.15 -2.56
N ASN A 79 5.62 12.15 -3.08
CA ASN A 79 5.25 13.32 -2.30
C ASN A 79 3.76 13.61 -2.43
N SER A 80 3.05 13.61 -1.30
CA SER A 80 1.61 13.87 -1.30
C SER A 80 1.20 14.58 -0.01
N GLU A 81 1.41 13.92 1.12
CA GLU A 81 1.07 14.48 2.41
C GLU A 81 2.22 14.33 3.40
N GLU A 82 2.33 15.29 4.32
CA GLU A 82 3.38 15.26 5.33
C GLU A 82 3.17 14.10 6.30
N ASP A 83 1.92 13.85 6.67
CA ASP A 83 1.59 12.77 7.59
C ASP A 83 1.27 11.50 6.83
N SER A 84 2.22 10.57 6.81
CA SER A 84 2.04 9.29 6.13
C SER A 84 2.86 8.20 6.79
N GLY A 85 3.70 8.59 7.75
CA GLY A 85 4.53 7.62 8.44
C GLY A 85 6.02 7.87 8.23
N LEU A 86 6.34 9.01 7.61
CA LEU A 86 7.74 9.37 7.35
C LEU A 86 8.51 9.50 8.65
N VAL A 87 9.61 8.76 8.75
CA VAL A 87 10.45 8.79 9.95
C VAL A 87 11.39 9.99 9.92
N GLY A 88 11.68 10.49 8.73
CA GLY A 88 12.57 11.63 8.58
C GLY A 88 12.36 12.36 7.27
N SER A 89 13.41 12.40 6.45
CA SER A 89 13.34 13.08 5.16
C SER A 89 14.09 12.30 4.09
N GLY A 90 14.62 11.13 4.48
CA GLY A 90 15.36 10.31 3.55
C GLY A 90 14.49 9.75 2.45
N GLY A 91 13.29 9.32 2.80
CA GLY A 91 12.37 8.76 1.82
C GLY A 91 11.75 7.47 2.29
N GLU A 92 12.55 6.60 2.89
CA GLU A 92 12.06 5.31 3.39
C GLU A 92 11.44 4.48 2.27
N SER A 93 10.92 3.30 2.62
CA SER A 93 10.30 2.42 1.65
C SER A 93 8.97 2.99 1.16
N THR A 94 8.62 2.67 -0.09
CA THR A 94 7.38 3.13 -0.69
C THR A 94 6.74 2.04 -1.55
N TRP A 95 5.46 1.81 -1.32
CA TRP A 95 4.73 0.79 -2.08
C TRP A 95 3.52 1.39 -2.79
N ARG A 96 3.37 1.04 -4.07
CA ARG A 96 2.26 1.52 -4.88
C ARG A 96 1.55 0.37 -5.58
N PHE A 97 0.25 0.23 -5.35
CA PHE A 97 -0.51 -0.85 -5.97
C PHE A 97 -1.83 -0.34 -6.56
N ARG A 98 -2.27 -1.01 -7.61
CA ARG A 98 -3.52 -0.65 -8.29
C ARG A 98 -4.44 -1.87 -8.40
N VAL A 99 -5.74 -1.63 -8.47
CA VAL A 99 -6.70 -2.71 -8.59
C VAL A 99 -7.27 -2.78 -10.01
N ALA A 100 -6.99 -3.88 -10.70
CA ALA A 100 -7.46 -4.07 -12.06
C ALA A 100 -8.18 -5.41 -12.22
N ALA A 101 -8.05 -6.27 -11.23
CA ALA A 101 -8.68 -7.59 -11.28
C ALA A 101 -9.57 -7.81 -10.07
N SER A 102 -10.55 -8.70 -10.21
CA SER A 102 -11.46 -9.03 -9.15
C SER A 102 -10.97 -10.24 -8.38
N GLY A 103 -11.72 -10.62 -7.37
CA GLY A 103 -11.37 -11.76 -6.56
C GLY A 103 -10.72 -11.36 -5.25
N ASP A 104 -10.54 -12.33 -4.37
CA ASP A 104 -9.93 -12.09 -3.07
C ASP A 104 -8.42 -12.33 -3.13
N ASP A 105 -7.72 -11.79 -2.14
CA ASP A 105 -6.28 -11.93 -2.06
C ASP A 105 -5.79 -11.50 -0.68
N ARG A 106 -4.47 -11.51 -0.49
CA ARG A 106 -3.90 -11.13 0.78
C ARG A 106 -2.45 -10.69 0.63
N LEU A 107 -2.18 -9.43 0.94
CA LEU A 107 -0.84 -8.90 0.84
C LEU A 107 0.04 -9.44 1.97
N GLU A 108 1.23 -9.90 1.63
CA GLU A 108 2.15 -10.45 2.63
C GLU A 108 3.52 -9.79 2.54
N LEU A 109 4.00 -9.30 3.68
CA LEU A 109 5.29 -8.65 3.76
C LEU A 109 6.05 -9.12 5.00
N VAL A 110 7.38 -9.01 4.97
CA VAL A 110 8.20 -9.42 6.10
C VAL A 110 9.37 -8.47 6.31
N TYR A 111 9.91 -8.46 7.52
CA TYR A 111 11.03 -7.58 7.86
C TYR A 111 12.33 -8.37 7.95
N ARG A 112 13.06 -8.42 6.83
CA ARG A 112 14.32 -9.14 6.78
C ARG A 112 15.14 -8.72 5.56
N ARG A 113 16.27 -9.39 5.36
CA ARG A 113 17.15 -9.08 4.23
C ARG A 113 16.63 -9.75 2.95
N PRO A 114 16.37 -8.96 1.90
CA PRO A 114 15.84 -9.47 0.61
C PRO A 114 16.83 -10.37 -0.12
N TRP A 115 18.09 -10.37 0.30
CA TRP A 115 19.11 -11.19 -0.36
C TRP A 115 19.37 -12.47 0.42
N GLU A 116 18.40 -12.86 1.25
CA GLU A 116 18.53 -14.07 2.06
C GLU A 116 17.40 -15.04 1.77
N LYS A 117 17.74 -16.16 1.12
CA LYS A 117 16.75 -17.18 0.78
C LYS A 117 16.18 -17.82 2.04
N ASP A 118 14.96 -17.42 2.40
CA ASP A 118 14.29 -17.95 3.58
C ASP A 118 15.15 -17.77 4.83
N ALA A 119 15.12 -16.56 5.38
CA ALA A 119 15.89 -16.26 6.58
C ALA A 119 14.98 -15.79 7.71
N GLU A 120 15.23 -16.29 8.91
CA GLU A 120 14.42 -15.93 10.08
C GLU A 120 14.26 -14.41 10.20
N PRO A 121 13.05 -13.89 9.88
CA PRO A 121 12.77 -12.46 9.94
C PRO A 121 12.38 -12.01 11.35
N ALA A 122 12.81 -10.81 11.72
CA ALA A 122 12.50 -10.27 13.04
C ALA A 122 11.00 -9.99 13.17
N GLU A 123 10.52 -9.09 12.32
CA GLU A 123 9.11 -8.72 12.32
C GLU A 123 8.34 -9.47 11.24
N SER A 124 7.15 -8.96 10.93
CA SER A 124 6.30 -9.57 9.91
C SER A 124 5.06 -8.71 9.66
N PHE A 125 4.46 -8.90 8.49
CA PHE A 125 3.25 -8.15 8.12
C PHE A 125 2.35 -8.98 7.23
N SER A 126 1.04 -8.80 7.39
CA SER A 126 0.06 -9.54 6.60
C SER A 126 -1.32 -8.90 6.69
N CYS A 127 -1.96 -8.71 5.55
CA CYS A 127 -3.29 -8.10 5.50
C CYS A 127 -4.09 -8.63 4.31
N ALA A 128 -5.40 -8.74 4.50
CA ALA A 128 -6.29 -9.24 3.45
C ALA A 128 -6.74 -8.13 2.51
N ILE A 129 -7.12 -8.52 1.30
CA ILE A 129 -7.60 -7.57 0.29
C ILE A 129 -8.70 -8.21 -0.56
N GLN A 130 -9.71 -7.42 -0.92
CA GLN A 130 -10.82 -7.96 -1.72
C GLN A 130 -11.30 -6.98 -2.81
N VAL A 131 -11.58 -7.52 -3.99
CA VAL A 131 -12.07 -6.71 -5.11
C VAL A 131 -13.51 -7.07 -5.43
N ARG A 132 -14.20 -6.17 -6.14
CA ARG A 132 -15.59 -6.36 -6.53
C ARG A 132 -16.42 -6.90 -5.36
N MET A 1 -15.39 3.04 12.45
CA MET A 1 -16.44 3.46 13.42
C MET A 1 -17.83 3.19 12.85
N GLY A 2 -18.76 2.85 13.73
CA GLY A 2 -20.13 2.57 13.31
C GLY A 2 -21.07 2.38 14.48
N SER A 3 -22.35 2.68 14.26
CA SER A 3 -23.36 2.54 15.30
C SER A 3 -24.68 2.05 14.71
N SER A 4 -25.19 0.95 15.26
CA SER A 4 -26.45 0.38 14.79
C SER A 4 -27.63 1.01 15.51
N HIS A 5 -28.66 1.39 14.75
CA HIS A 5 -29.85 2.00 15.31
C HIS A 5 -31.02 1.02 15.30
N HIS A 6 -31.67 0.85 16.45
CA HIS A 6 -32.81 -0.05 16.56
C HIS A 6 -34.10 0.66 16.18
N HIS A 7 -34.80 0.13 15.18
CA HIS A 7 -36.05 0.71 14.72
C HIS A 7 -37.14 0.56 15.78
N HIS A 8 -38.07 1.51 15.81
CA HIS A 8 -39.16 1.48 16.77
C HIS A 8 -40.51 1.35 16.07
N HIS A 9 -40.63 2.00 14.91
CA HIS A 9 -41.86 1.96 14.14
C HIS A 9 -41.60 2.29 12.67
N HIS A 10 -41.09 3.48 12.42
CA HIS A 10 -40.79 3.93 11.06
C HIS A 10 -39.39 3.48 10.65
N SER A 11 -39.32 2.79 9.50
CA SER A 11 -38.05 2.30 8.99
C SER A 11 -37.48 3.25 7.94
N SER A 12 -36.16 3.32 7.87
CA SER A 12 -35.49 4.19 6.90
C SER A 12 -35.28 3.47 5.57
N GLY A 13 -34.76 4.19 4.59
CA GLY A 13 -34.51 3.60 3.29
C GLY A 13 -33.23 4.11 2.66
N LEU A 14 -32.09 3.80 3.28
CA LEU A 14 -30.80 4.23 2.77
C LEU A 14 -30.29 3.28 1.70
N VAL A 15 -29.48 3.81 0.77
CA VAL A 15 -28.93 3.01 -0.30
C VAL A 15 -28.09 1.86 0.23
N PRO A 16 -28.04 0.73 -0.48
CA PRO A 16 -27.26 -0.45 -0.06
C PRO A 16 -25.77 -0.20 -0.12
N ARG A 17 -25.23 -0.12 -1.34
CA ARG A 17 -23.80 0.10 -1.54
C ARG A 17 -23.54 1.44 -2.21
N GLY A 18 -24.56 2.29 -2.24
CA GLY A 18 -24.43 3.60 -2.86
C GLY A 18 -23.83 4.63 -1.92
N SER A 19 -22.79 4.23 -1.19
CA SER A 19 -22.12 5.13 -0.26
C SER A 19 -20.65 4.74 -0.08
N HIS A 20 -20.19 3.80 -0.89
CA HIS A 20 -18.81 3.35 -0.83
C HIS A 20 -18.08 3.66 -2.12
N MET A 21 -17.09 4.56 -2.03
CA MET A 21 -16.31 4.96 -3.20
C MET A 21 -14.86 4.50 -3.05
N GLN A 22 -14.09 4.65 -4.13
CA GLN A 22 -12.69 4.25 -4.12
C GLN A 22 -11.78 5.46 -3.87
N LYS A 23 -10.58 5.20 -3.34
CA LYS A 23 -9.63 6.27 -3.05
C LYS A 23 -8.50 6.29 -4.07
N PRO A 24 -8.03 7.48 -4.43
CA PRO A 24 -6.94 7.64 -5.38
C PRO A 24 -5.71 6.90 -4.89
N VAL A 25 -5.46 7.08 -3.61
CA VAL A 25 -4.34 6.44 -2.92
C VAL A 25 -4.60 6.39 -1.41
N VAL A 26 -5.39 5.41 -0.97
CA VAL A 26 -5.68 5.27 0.44
C VAL A 26 -4.44 4.89 1.22
N THR A 27 -3.89 5.85 1.96
CA THR A 27 -2.68 5.63 2.74
C THR A 27 -2.88 4.53 3.77
N LEU A 28 -1.77 4.01 4.28
CA LEU A 28 -1.81 2.94 5.27
C LEU A 28 -0.70 3.13 6.30
N ASP A 29 -1.03 2.90 7.57
CA ASP A 29 -0.05 3.05 8.65
C ASP A 29 -0.19 1.91 9.66
N ASP A 30 -1.28 1.15 9.56
CA ASP A 30 -1.52 0.04 10.47
C ASP A 30 -2.04 -1.18 9.71
N ALA A 31 -1.80 -2.36 10.26
CA ALA A 31 -2.24 -3.60 9.64
C ALA A 31 -3.76 -3.70 9.63
N ASP A 32 -4.38 -3.33 10.74
CA ASP A 32 -5.84 -3.36 10.86
C ASP A 32 -6.47 -2.24 10.06
N ASP A 33 -5.66 -1.25 9.70
CA ASP A 33 -6.15 -0.11 8.93
C ASP A 33 -6.56 -0.54 7.53
N CYS A 34 -6.28 -1.79 7.19
CA CYS A 34 -6.62 -2.33 5.88
C CYS A 34 -8.12 -2.52 5.73
N SER A 35 -8.55 -2.88 4.53
CA SER A 35 -9.95 -3.12 4.25
C SER A 35 -10.20 -4.62 4.23
N PRO A 36 -10.79 -5.18 5.31
CA PRO A 36 -11.05 -6.61 5.41
C PRO A 36 -11.66 -7.20 4.14
N LEU A 37 -10.78 -7.62 3.23
CA LEU A 37 -11.19 -8.22 1.97
C LEU A 37 -11.98 -7.26 1.12
N LYS A 38 -13.29 -7.30 1.31
CA LYS A 38 -14.23 -6.47 0.57
C LYS A 38 -13.59 -5.17 0.09
N LEU A 39 -13.25 -5.14 -1.20
CA LEU A 39 -12.63 -3.97 -1.80
C LEU A 39 -13.31 -3.62 -3.12
N THR A 40 -12.65 -2.80 -3.94
CA THR A 40 -13.20 -2.39 -5.23
C THR A 40 -12.10 -1.92 -6.15
N GLN A 41 -12.32 -2.08 -7.45
CA GLN A 41 -11.35 -1.67 -8.46
C GLN A 41 -11.43 -0.16 -8.69
N GLY A 42 -10.27 0.46 -8.81
CA GLY A 42 -10.21 1.90 -9.04
C GLY A 42 -9.66 2.66 -7.86
N GLN A 43 -8.76 2.02 -7.10
CA GLN A 43 -8.15 2.64 -5.95
C GLN A 43 -6.71 2.18 -5.79
N GLU A 44 -5.87 3.05 -5.24
CA GLU A 44 -4.47 2.73 -5.03
C GLU A 44 -4.09 2.86 -3.56
N LEU A 45 -2.85 2.48 -3.24
CA LEU A 45 -2.37 2.57 -1.87
C LEU A 45 -0.84 2.71 -1.83
N VAL A 46 -0.35 3.36 -0.79
CA VAL A 46 1.08 3.56 -0.61
C VAL A 46 1.51 3.27 0.83
N LEU A 47 2.14 2.12 1.01
CA LEU A 47 2.60 1.71 2.34
C LEU A 47 3.77 2.57 2.80
N THR A 48 3.74 2.98 4.07
CA THR A 48 4.80 3.81 4.63
C THR A 48 5.36 3.19 5.91
N LEU A 49 6.42 2.40 5.77
CA LEU A 49 7.04 1.75 6.91
C LEU A 49 8.50 2.20 7.07
N PRO A 50 9.01 2.19 8.32
CA PRO A 50 10.39 2.59 8.60
C PRO A 50 11.39 1.49 8.27
N SER A 51 12.53 1.89 7.71
CA SER A 51 13.57 0.93 7.34
C SER A 51 14.91 1.63 7.14
N ASN A 52 15.97 0.85 7.01
CA ASN A 52 17.31 1.39 6.81
C ASN A 52 18.12 0.50 5.87
N PRO A 53 18.17 0.85 4.57
CA PRO A 53 18.92 0.08 3.57
C PRO A 53 20.42 0.05 3.85
N THR A 54 20.85 0.80 4.86
CA THR A 54 22.25 0.87 5.22
C THR A 54 22.61 -0.18 6.28
N THR A 55 21.63 -1.00 6.65
CA THR A 55 21.85 -2.04 7.65
C THR A 55 21.93 -3.42 7.00
N GLY A 56 20.82 -3.85 6.41
CA GLY A 56 20.78 -5.16 5.77
C GLY A 56 19.38 -5.74 5.76
N PHE A 57 18.64 -5.48 6.83
CA PHE A 57 17.28 -5.98 6.95
C PHE A 57 16.30 -5.02 6.31
N ARG A 58 15.80 -5.42 5.15
CA ARG A 58 14.83 -4.63 4.40
C ARG A 58 13.45 -5.25 4.50
N TRP A 59 12.58 -4.92 3.55
CA TRP A 59 11.23 -5.45 3.52
C TRP A 59 11.00 -6.27 2.25
N GLU A 60 10.85 -7.58 2.43
CA GLU A 60 10.62 -8.48 1.30
C GLU A 60 9.13 -8.70 1.06
N LEU A 61 8.79 -9.06 -0.18
CA LEU A 61 7.40 -9.31 -0.55
C LEU A 61 7.12 -10.80 -0.68
N ARG A 62 6.24 -11.31 0.18
CA ARG A 62 5.87 -12.72 0.16
C ARG A 62 4.63 -12.93 -0.70
N ASN A 63 3.91 -11.84 -0.95
CA ASN A 63 2.70 -11.88 -1.77
C ASN A 63 2.15 -10.48 -1.99
N PRO A 64 2.61 -9.79 -3.06
CA PRO A 64 2.16 -8.44 -3.38
C PRO A 64 0.77 -8.41 -4.03
N ALA A 65 0.02 -9.49 -3.83
CA ALA A 65 -1.33 -9.60 -4.38
C ALA A 65 -1.30 -9.46 -5.90
N ALA A 66 -0.17 -9.84 -6.51
CA ALA A 66 -0.02 -9.75 -7.96
C ALA A 66 -1.03 -10.64 -8.68
N SER A 67 -1.78 -11.43 -7.92
CA SER A 67 -2.78 -12.31 -8.49
C SER A 67 -4.02 -11.54 -8.94
N VAL A 68 -4.27 -10.42 -8.27
CA VAL A 68 -5.43 -9.58 -8.60
C VAL A 68 -5.07 -8.11 -8.61
N LEU A 69 -4.34 -7.67 -7.58
CA LEU A 69 -3.93 -6.27 -7.48
C LEU A 69 -2.71 -6.02 -8.34
N LYS A 70 -2.84 -5.10 -9.30
CA LYS A 70 -1.75 -4.77 -10.20
C LYS A 70 -0.83 -3.71 -9.58
N ARG A 71 0.46 -3.90 -9.75
CA ARG A 71 1.45 -2.97 -9.21
C ARG A 71 1.80 -1.89 -10.24
N LEU A 72 2.01 -0.67 -9.76
CA LEU A 72 2.36 0.44 -10.63
C LEU A 72 3.75 0.25 -11.23
N GLY A 73 4.22 1.26 -11.96
CA GLY A 73 5.53 1.18 -12.58
C GLY A 73 6.65 1.08 -11.55
N PRO A 74 7.92 1.07 -12.01
CA PRO A 74 9.08 0.97 -11.12
C PRO A 74 9.37 2.28 -10.39
N GLU A 75 10.56 2.36 -9.80
CA GLU A 75 10.98 3.56 -9.07
C GLU A 75 10.06 3.84 -7.90
N VAL A 76 10.50 3.50 -6.70
CA VAL A 76 9.72 3.72 -5.49
C VAL A 76 10.20 4.95 -4.73
N TYR A 77 11.06 5.73 -5.38
CA TYR A 77 11.60 6.94 -4.77
C TYR A 77 11.12 8.18 -5.49
N SER A 78 11.16 9.32 -4.81
CA SER A 78 10.73 10.59 -5.39
C SER A 78 11.87 11.25 -6.15
N ASN A 79 11.60 12.42 -6.70
CA ASN A 79 12.59 13.16 -7.46
C ASN A 79 13.48 14.00 -6.53
N SER A 80 12.83 14.75 -5.65
CA SER A 80 13.56 15.60 -4.71
C SER A 80 12.73 15.84 -3.44
N GLU A 81 13.39 16.29 -2.39
CA GLU A 81 12.72 16.55 -1.11
C GLU A 81 13.25 17.84 -0.48
N GLU A 82 12.33 18.67 -0.02
CA GLU A 82 12.69 19.94 0.60
C GLU A 82 12.64 19.83 2.12
N ASP A 83 11.44 19.65 2.66
CA ASP A 83 11.25 19.53 4.11
C ASP A 83 9.96 18.79 4.43
N SER A 84 10.07 17.73 5.22
CA SER A 84 8.91 16.93 5.61
C SER A 84 9.13 16.28 6.97
N GLY A 85 8.03 16.04 7.69
CA GLY A 85 8.13 15.42 8.99
C GLY A 85 7.99 13.91 8.93
N LEU A 86 8.76 13.28 8.05
CA LEU A 86 8.72 11.83 7.89
C LEU A 86 9.70 11.16 8.84
N VAL A 87 9.64 9.83 8.89
CA VAL A 87 10.51 9.06 9.76
C VAL A 87 11.97 9.19 9.32
N GLY A 88 12.16 9.44 8.04
CA GLY A 88 13.51 9.58 7.50
C GLY A 88 13.58 10.60 6.38
N SER A 89 14.78 10.77 5.81
CA SER A 89 14.98 11.73 4.73
C SER A 89 14.85 11.05 3.38
N GLY A 90 15.49 9.88 3.24
CA GLY A 90 15.44 9.15 1.99
C GLY A 90 15.49 7.65 2.21
N GLY A 91 15.70 7.23 3.44
CA GLY A 91 15.76 5.82 3.75
C GLY A 91 14.46 5.28 4.29
N GLU A 92 13.54 4.97 3.39
CA GLU A 92 12.23 4.43 3.77
C GLU A 92 11.66 3.54 2.68
N SER A 93 10.75 2.66 3.06
CA SER A 93 10.12 1.74 2.11
C SER A 93 8.80 2.32 1.58
N THR A 94 8.54 2.10 0.30
CA THR A 94 7.32 2.60 -0.32
C THR A 94 6.76 1.56 -1.30
N TRP A 95 5.58 1.03 -0.97
CA TRP A 95 4.93 0.03 -1.82
C TRP A 95 3.64 0.58 -2.40
N ARG A 96 3.59 0.71 -3.72
CA ARG A 96 2.41 1.22 -4.41
C ARG A 96 1.65 0.08 -5.09
N PHE A 97 0.32 0.09 -4.93
CA PHE A 97 -0.51 -0.94 -5.53
C PHE A 97 -1.81 -0.34 -6.09
N ARG A 98 -2.42 -1.05 -7.03
CA ARG A 98 -3.65 -0.62 -7.66
C ARG A 98 -4.54 -1.81 -8.00
N VAL A 99 -5.84 -1.68 -7.75
CA VAL A 99 -6.77 -2.75 -8.04
C VAL A 99 -7.24 -2.69 -9.49
N ALA A 100 -7.01 -3.77 -10.23
CA ALA A 100 -7.41 -3.83 -11.63
C ALA A 100 -8.61 -4.74 -11.86
N ALA A 101 -8.59 -5.92 -11.23
CA ALA A 101 -9.67 -6.87 -11.37
C ALA A 101 -10.10 -7.43 -10.03
N SER A 102 -11.10 -8.31 -10.06
CA SER A 102 -11.61 -8.93 -8.86
C SER A 102 -10.75 -10.10 -8.44
N GLY A 103 -11.25 -10.89 -7.50
CA GLY A 103 -10.52 -12.05 -7.01
C GLY A 103 -10.07 -11.87 -5.58
N ASP A 104 -9.84 -12.98 -4.89
CA ASP A 104 -9.42 -12.96 -3.51
C ASP A 104 -7.89 -12.99 -3.40
N ASP A 105 -7.36 -12.27 -2.41
CA ASP A 105 -5.93 -12.21 -2.20
C ASP A 105 -5.61 -11.78 -0.78
N ARG A 106 -4.32 -11.75 -0.45
CA ARG A 106 -3.88 -11.35 0.88
C ARG A 106 -2.44 -10.85 0.83
N LEU A 107 -2.27 -9.54 0.87
CA LEU A 107 -0.95 -8.94 0.83
C LEU A 107 -0.05 -9.55 1.91
N GLU A 108 1.24 -9.67 1.61
CA GLU A 108 2.18 -10.25 2.56
C GLU A 108 3.54 -9.56 2.48
N LEU A 109 3.94 -8.93 3.59
CA LEU A 109 5.22 -8.25 3.67
C LEU A 109 5.94 -8.66 4.95
N VAL A 110 7.27 -8.72 4.88
CA VAL A 110 8.08 -9.10 6.04
C VAL A 110 9.32 -8.23 6.15
N TYR A 111 9.95 -8.25 7.33
CA TYR A 111 11.14 -7.47 7.58
C TYR A 111 12.37 -8.35 7.74
N ARG A 112 13.12 -8.51 6.64
CA ARG A 112 14.32 -9.34 6.65
C ARG A 112 15.14 -9.08 5.39
N ARG A 113 16.38 -9.57 5.39
CA ARG A 113 17.28 -9.39 4.25
C ARG A 113 16.67 -10.04 3.00
N PRO A 114 16.43 -9.24 1.94
CA PRO A 114 15.84 -9.73 0.69
C PRO A 114 16.64 -10.84 0.03
N TRP A 115 17.95 -10.85 0.24
CA TRP A 115 18.82 -11.86 -0.36
C TRP A 115 18.76 -13.17 0.43
N GLU A 116 17.78 -13.31 1.30
CA GLU A 116 17.62 -14.52 2.10
C GLU A 116 16.35 -15.28 1.69
N LYS A 117 16.53 -16.53 1.31
CA LYS A 117 15.41 -17.37 0.90
C LYS A 117 14.49 -17.67 2.08
N ASP A 118 15.08 -18.15 3.18
CA ASP A 118 14.32 -18.47 4.37
C ASP A 118 15.09 -18.09 5.63
N ALA A 119 14.65 -17.00 6.27
CA ALA A 119 15.31 -16.52 7.49
C ALA A 119 14.30 -15.84 8.41
N GLU A 120 14.29 -16.26 9.67
CA GLU A 120 13.36 -15.68 10.64
C GLU A 120 13.49 -14.16 10.70
N PRO A 121 12.42 -13.43 10.36
CA PRO A 121 12.41 -11.97 10.36
C PRO A 121 12.03 -11.40 11.72
N ALA A 122 12.28 -10.11 11.91
CA ALA A 122 11.96 -9.44 13.16
C ALA A 122 10.52 -8.94 13.17
N GLU A 123 10.02 -8.60 11.99
CA GLU A 123 8.66 -8.11 11.85
C GLU A 123 7.89 -8.93 10.82
N SER A 124 6.70 -8.46 10.51
CA SER A 124 5.84 -9.14 9.54
C SER A 124 4.60 -8.30 9.24
N PHE A 125 3.93 -8.61 8.13
CA PHE A 125 2.73 -7.88 7.73
C PHE A 125 1.84 -8.72 6.83
N SER A 126 0.54 -8.47 6.89
CA SER A 126 -0.44 -9.19 6.07
C SER A 126 -1.73 -8.40 5.98
N CYS A 127 -2.16 -8.10 4.75
CA CYS A 127 -3.38 -7.34 4.54
C CYS A 127 -4.46 -8.19 3.85
N ALA A 128 -5.66 -8.16 4.40
CA ALA A 128 -6.78 -8.91 3.82
C ALA A 128 -7.38 -8.16 2.66
N ILE A 129 -7.33 -8.74 1.46
CA ILE A 129 -7.84 -8.06 0.28
C ILE A 129 -8.59 -9.00 -0.66
N GLN A 130 -9.89 -8.76 -0.82
CA GLN A 130 -10.71 -9.55 -1.73
C GLN A 130 -11.62 -8.65 -2.56
N VAL A 131 -11.37 -8.61 -3.86
CA VAL A 131 -12.15 -7.78 -4.77
C VAL A 131 -13.28 -8.58 -5.41
N ARG A 132 -14.25 -7.86 -5.97
CA ARG A 132 -15.38 -8.48 -6.63
C ARG A 132 -15.95 -7.56 -7.70
N MET A 1 -3.42 39.54 15.48
CA MET A 1 -4.65 40.35 15.63
C MET A 1 -5.58 39.75 16.68
N GLY A 2 -6.57 40.52 17.10
CA GLY A 2 -7.51 40.04 18.10
C GLY A 2 -8.82 39.60 17.49
N SER A 3 -9.23 40.26 16.42
CA SER A 3 -10.47 39.93 15.73
C SER A 3 -10.32 40.06 14.22
N SER A 4 -11.17 39.36 13.48
CA SER A 4 -11.12 39.39 12.03
C SER A 4 -12.51 39.70 11.44
N HIS A 5 -13.54 39.49 12.24
CA HIS A 5 -14.91 39.75 11.82
C HIS A 5 -15.82 40.01 13.02
N HIS A 6 -16.51 41.15 13.00
CA HIS A 6 -17.41 41.52 14.08
C HIS A 6 -18.68 40.68 14.04
N HIS A 7 -19.68 41.10 14.82
CA HIS A 7 -20.96 40.39 14.87
C HIS A 7 -20.78 38.98 15.43
N HIS A 8 -21.24 38.78 16.66
CA HIS A 8 -21.14 37.48 17.32
C HIS A 8 -19.68 37.07 17.47
N HIS A 9 -19.47 35.86 18.01
CA HIS A 9 -18.12 35.34 18.22
C HIS A 9 -17.48 34.97 16.89
N HIS A 10 -16.24 34.46 16.96
CA HIS A 10 -15.51 34.06 15.76
C HIS A 10 -16.20 32.88 15.08
N SER A 11 -15.90 32.70 13.80
CA SER A 11 -16.48 31.61 13.02
C SER A 11 -15.40 30.67 12.50
N SER A 12 -15.57 29.38 12.75
CA SER A 12 -14.61 28.37 12.30
C SER A 12 -15.03 27.76 10.98
N GLY A 13 -14.17 27.88 9.97
CA GLY A 13 -14.46 27.34 8.66
C GLY A 13 -13.66 26.08 8.37
N LEU A 14 -14.28 24.92 8.63
CA LEU A 14 -13.62 23.64 8.39
C LEU A 14 -14.34 22.87 7.28
N VAL A 15 -15.20 23.56 6.55
CA VAL A 15 -15.95 22.94 5.45
C VAL A 15 -15.01 22.28 4.45
N PRO A 16 -15.05 20.93 4.34
CA PRO A 16 -14.20 20.19 3.41
C PRO A 16 -14.43 20.60 1.95
N ARG A 17 -13.55 20.14 1.07
CA ARG A 17 -13.66 20.45 -0.35
C ARG A 17 -14.31 19.29 -1.11
N GLY A 18 -14.39 18.13 -0.46
CA GLY A 18 -14.97 16.97 -1.10
C GLY A 18 -15.54 15.98 -0.09
N SER A 19 -15.48 14.70 -0.42
CA SER A 19 -15.99 13.66 0.46
C SER A 19 -14.92 13.20 1.44
N HIS A 20 -15.33 12.40 2.42
CA HIS A 20 -14.40 11.90 3.43
C HIS A 20 -13.83 10.54 3.03
N MET A 21 -14.56 9.84 2.15
CA MET A 21 -14.12 8.52 1.69
C MET A 21 -12.87 8.63 0.84
N GLN A 22 -13.03 9.17 -0.38
CA GLN A 22 -11.91 9.33 -1.30
C GLN A 22 -11.30 7.99 -1.67
N LYS A 23 -10.39 7.49 -0.82
CA LYS A 23 -9.73 6.22 -1.06
C LYS A 23 -10.13 5.19 0.00
N PRO A 24 -10.46 3.98 -0.44
CA PRO A 24 -10.85 2.89 0.46
C PRO A 24 -9.65 2.27 1.17
N VAL A 25 -8.57 2.12 0.43
CA VAL A 25 -7.35 1.51 0.96
C VAL A 25 -6.09 2.08 0.31
N VAL A 26 -6.23 3.08 -0.55
CA VAL A 26 -5.08 3.68 -1.21
C VAL A 26 -4.00 4.06 -0.22
N THR A 27 -4.44 4.54 0.93
CA THR A 27 -3.55 4.92 2.00
C THR A 27 -3.59 3.92 3.14
N LEU A 28 -2.45 3.70 3.79
CA LEU A 28 -2.37 2.76 4.90
C LEU A 28 -1.07 2.92 5.66
N ASP A 29 -1.09 2.56 6.94
CA ASP A 29 0.09 2.66 7.79
C ASP A 29 -0.05 1.80 9.05
N ASP A 30 -1.03 0.90 9.03
CA ASP A 30 -1.28 0.03 10.17
C ASP A 30 -1.60 -1.39 9.70
N ALA A 31 -1.44 -2.36 10.60
CA ALA A 31 -1.71 -3.76 10.28
C ALA A 31 -3.06 -4.21 10.85
N ASP A 32 -3.40 -3.68 12.02
CA ASP A 32 -4.66 -4.02 12.67
C ASP A 32 -5.85 -3.57 11.83
N ASP A 33 -5.66 -2.53 11.04
CA ASP A 33 -6.72 -1.99 10.20
C ASP A 33 -6.84 -2.77 8.89
N CYS A 34 -6.15 -3.91 8.83
CA CYS A 34 -6.17 -4.75 7.64
C CYS A 34 -7.19 -5.87 7.79
N SER A 35 -7.98 -6.09 6.74
CA SER A 35 -9.00 -7.12 6.74
C SER A 35 -9.48 -7.40 5.32
N PRO A 36 -10.12 -8.57 5.08
CA PRO A 36 -10.63 -8.93 3.76
C PRO A 36 -11.75 -8.01 3.32
N LEU A 37 -11.38 -6.80 2.93
CA LEU A 37 -12.33 -5.81 2.49
C LEU A 37 -12.59 -5.88 0.99
N LYS A 38 -13.80 -5.51 0.59
CA LYS A 38 -14.18 -5.52 -0.82
C LYS A 38 -13.70 -4.24 -1.51
N LEU A 39 -13.11 -4.40 -2.69
CA LEU A 39 -12.60 -3.26 -3.44
C LEU A 39 -13.24 -3.18 -4.82
N THR A 40 -12.63 -2.38 -5.69
CA THR A 40 -13.12 -2.20 -7.05
C THR A 40 -12.02 -1.65 -7.95
N GLN A 41 -12.06 -2.03 -9.21
CA GLN A 41 -11.07 -1.59 -10.19
C GLN A 41 -11.09 -0.07 -10.33
N GLY A 42 -10.03 0.57 -9.87
CA GLY A 42 -9.94 2.01 -9.95
C GLY A 42 -9.29 2.63 -8.72
N GLN A 43 -9.04 1.81 -7.71
CA GLN A 43 -8.42 2.29 -6.48
C GLN A 43 -6.97 1.83 -6.41
N GLU A 44 -6.35 2.04 -5.26
CA GLU A 44 -4.95 1.66 -5.06
C GLU A 44 -4.67 1.30 -3.61
N LEU A 45 -3.38 1.20 -3.28
CA LEU A 45 -2.94 0.87 -1.93
C LEU A 45 -1.47 1.22 -1.76
N VAL A 46 -1.16 1.96 -0.71
CA VAL A 46 0.22 2.38 -0.45
C VAL A 46 0.66 2.00 0.96
N LEU A 47 1.89 1.56 1.09
CA LEU A 47 2.44 1.17 2.38
C LEU A 47 3.74 1.91 2.68
N THR A 48 3.80 2.58 3.83
CA THR A 48 4.99 3.33 4.22
C THR A 48 5.43 2.96 5.62
N LEU A 49 6.42 2.07 5.71
CA LEU A 49 6.94 1.63 6.99
C LEU A 49 8.42 2.01 7.13
N PRO A 50 8.93 2.10 8.37
CA PRO A 50 10.33 2.45 8.63
C PRO A 50 11.27 1.28 8.38
N SER A 51 12.45 1.58 7.83
CA SER A 51 13.43 0.54 7.54
C SER A 51 14.85 1.11 7.56
N ASN A 52 15.05 2.20 6.82
CA ASN A 52 16.37 2.84 6.74
C ASN A 52 17.41 1.89 6.17
N PRO A 53 17.71 2.00 4.87
CA PRO A 53 18.69 1.13 4.20
C PRO A 53 20.06 1.16 4.88
N THR A 54 20.25 2.13 5.77
CA THR A 54 21.50 2.27 6.49
C THR A 54 21.70 1.13 7.49
N THR A 55 20.69 0.27 7.62
CA THR A 55 20.76 -0.86 8.53
C THR A 55 21.04 -2.16 7.79
N GLY A 56 20.07 -2.62 7.01
CA GLY A 56 20.22 -3.85 6.26
C GLY A 56 18.93 -4.62 6.15
N PHE A 57 18.13 -4.58 7.21
CA PHE A 57 16.86 -5.27 7.22
C PHE A 57 15.80 -4.47 6.48
N ARG A 58 15.54 -4.86 5.25
CA ARG A 58 14.54 -4.19 4.42
C ARG A 58 13.18 -4.87 4.56
N TRP A 59 12.35 -4.73 3.53
CA TRP A 59 11.02 -5.33 3.54
C TRP A 59 10.77 -6.11 2.25
N GLU A 60 10.59 -7.42 2.39
CA GLU A 60 10.35 -8.28 1.23
C GLU A 60 8.85 -8.55 1.06
N LEU A 61 8.45 -8.81 -0.18
CA LEU A 61 7.04 -9.08 -0.47
C LEU A 61 6.77 -10.58 -0.50
N ARG A 62 6.08 -11.07 0.52
CA ARG A 62 5.73 -12.48 0.61
C ARG A 62 4.53 -12.79 -0.27
N ASN A 63 3.79 -11.74 -0.64
CA ASN A 63 2.61 -11.89 -1.49
C ASN A 63 2.05 -10.52 -1.88
N PRO A 64 2.51 -9.96 -3.01
CA PRO A 64 2.05 -8.65 -3.48
C PRO A 64 0.64 -8.69 -4.07
N ALA A 65 -0.02 -9.83 -3.90
CA ALA A 65 -1.38 -10.00 -4.41
C ALA A 65 -1.45 -9.65 -5.90
N ALA A 66 -0.35 -9.88 -6.61
CA ALA A 66 -0.27 -9.59 -8.03
C ALA A 66 -1.33 -10.37 -8.81
N SER A 67 -2.00 -11.30 -8.13
CA SER A 67 -3.02 -12.12 -8.77
C SER A 67 -4.22 -11.27 -9.18
N VAL A 68 -4.47 -10.19 -8.45
CA VAL A 68 -5.59 -9.31 -8.76
C VAL A 68 -5.16 -7.84 -8.77
N LEU A 69 -4.30 -7.46 -7.84
CA LEU A 69 -3.81 -6.09 -7.76
C LEU A 69 -2.56 -5.91 -8.60
N LYS A 70 -2.61 -4.96 -9.53
CA LYS A 70 -1.48 -4.69 -10.40
C LYS A 70 -0.39 -3.90 -9.66
N ARG A 71 0.85 -4.08 -10.08
CA ARG A 71 1.98 -3.40 -9.46
C ARG A 71 2.42 -2.20 -10.29
N LEU A 72 2.88 -1.15 -9.62
CA LEU A 72 3.33 0.06 -10.30
C LEU A 72 4.85 0.18 -10.22
N GLY A 73 5.46 0.66 -11.31
CA GLY A 73 6.90 0.83 -11.34
C GLY A 73 7.63 -0.51 -11.35
N PRO A 74 8.94 -0.49 -11.68
CA PRO A 74 9.75 -1.71 -11.72
C PRO A 74 9.71 -2.50 -10.42
N GLU A 75 10.10 -1.85 -9.32
CA GLU A 75 10.11 -2.47 -8.01
C GLU A 75 9.55 -1.53 -6.95
N VAL A 76 10.25 -0.43 -6.72
CA VAL A 76 9.83 0.56 -5.73
C VAL A 76 9.88 1.97 -6.30
N TYR A 77 9.23 2.90 -5.61
CA TYR A 77 9.19 4.30 -6.05
C TYR A 77 8.60 4.42 -7.44
N SER A 78 8.65 5.63 -8.00
CA SER A 78 8.13 5.89 -9.33
C SER A 78 9.14 6.67 -10.17
N ASN A 79 9.35 7.93 -9.81
CA ASN A 79 10.29 8.78 -10.54
C ASN A 79 11.07 9.67 -9.59
N SER A 80 10.38 10.66 -9.02
CA SER A 80 11.01 11.59 -8.08
C SER A 80 9.98 12.15 -7.10
N GLU A 81 8.75 11.67 -7.20
CA GLU A 81 7.67 12.11 -6.33
C GLU A 81 7.45 13.61 -6.44
N GLU A 82 6.55 14.13 -5.61
CA GLU A 82 6.23 15.55 -5.61
C GLU A 82 6.40 16.15 -4.21
N ASP A 83 5.55 15.70 -3.29
CA ASP A 83 5.61 16.18 -1.91
C ASP A 83 6.56 15.33 -1.08
N SER A 84 7.70 15.90 -0.71
CA SER A 84 8.69 15.19 0.08
C SER A 84 8.13 14.83 1.46
N GLY A 85 7.76 13.56 1.63
CA GLY A 85 7.23 13.10 2.89
C GLY A 85 8.07 12.00 3.50
N LEU A 86 9.39 12.08 3.29
CA LEU A 86 10.30 11.08 3.82
C LEU A 86 10.25 11.04 5.35
N VAL A 87 9.93 9.87 5.89
CA VAL A 87 9.84 9.69 7.33
C VAL A 87 11.12 9.08 7.89
N GLY A 88 11.86 8.39 7.02
CA GLY A 88 13.10 7.76 7.44
C GLY A 88 14.28 8.70 7.38
N SER A 89 14.02 9.96 7.03
CA SER A 89 15.06 10.97 6.95
C SER A 89 16.13 10.58 5.94
N GLY A 90 15.80 9.62 5.07
CA GLY A 90 16.75 9.16 4.07
C GLY A 90 16.61 7.68 3.77
N GLY A 91 15.94 7.38 2.66
CA GLY A 91 15.75 5.98 2.27
C GLY A 91 14.70 5.29 3.12
N GLU A 92 13.72 4.68 2.46
CA GLU A 92 12.65 3.97 3.16
C GLU A 92 11.94 2.99 2.23
N SER A 93 11.00 2.24 2.78
CA SER A 93 10.24 1.26 2.00
C SER A 93 8.95 1.88 1.48
N THR A 94 8.77 1.86 0.16
CA THR A 94 7.57 2.41 -0.46
C THR A 94 6.90 1.39 -1.36
N TRP A 95 5.61 1.18 -1.15
CA TRP A 95 4.85 0.22 -1.96
C TRP A 95 3.61 0.89 -2.56
N ARG A 96 3.36 0.60 -3.84
CA ARG A 96 2.21 1.18 -4.54
C ARG A 96 1.60 0.17 -5.50
N PHE A 97 0.31 -0.10 -5.36
CA PHE A 97 -0.39 -1.04 -6.22
C PHE A 97 -1.75 -0.50 -6.63
N ARG A 98 -2.16 -0.80 -7.86
CA ARG A 98 -3.44 -0.35 -8.37
C ARG A 98 -4.34 -1.54 -8.69
N VAL A 99 -5.56 -1.51 -8.19
CA VAL A 99 -6.52 -2.59 -8.42
C VAL A 99 -6.95 -2.64 -9.88
N ALA A 100 -6.53 -3.68 -10.59
CA ALA A 100 -6.88 -3.85 -11.99
C ALA A 100 -7.73 -5.10 -12.22
N ALA A 101 -7.82 -5.94 -11.19
CA ALA A 101 -8.59 -7.16 -11.27
C ALA A 101 -9.27 -7.48 -9.95
N SER A 102 -10.34 -8.28 -10.00
CA SER A 102 -11.07 -8.65 -8.82
C SER A 102 -10.66 -10.02 -8.34
N GLY A 103 -11.10 -10.37 -7.13
CA GLY A 103 -10.77 -11.65 -6.56
C GLY A 103 -10.37 -11.56 -5.10
N ASP A 104 -10.23 -12.72 -4.45
CA ASP A 104 -9.84 -12.76 -3.06
C ASP A 104 -8.34 -12.93 -2.92
N ASP A 105 -7.69 -11.89 -2.40
CA ASP A 105 -6.24 -11.91 -2.22
C ASP A 105 -5.86 -11.54 -0.78
N ARG A 106 -4.56 -11.39 -0.54
CA ARG A 106 -4.07 -11.03 0.78
C ARG A 106 -2.61 -10.61 0.72
N LEU A 107 -2.36 -9.32 0.83
CA LEU A 107 -0.99 -8.81 0.78
C LEU A 107 -0.17 -9.39 1.92
N GLU A 108 1.10 -9.70 1.63
CA GLU A 108 1.99 -10.28 2.63
C GLU A 108 3.39 -9.68 2.52
N LEU A 109 3.91 -9.21 3.64
CA LEU A 109 5.25 -8.62 3.68
C LEU A 109 6.01 -9.11 4.90
N VAL A 110 7.31 -8.87 4.93
CA VAL A 110 8.14 -9.29 6.05
C VAL A 110 9.33 -8.37 6.24
N TYR A 111 9.87 -8.38 7.46
CA TYR A 111 11.01 -7.54 7.81
C TYR A 111 12.30 -8.37 7.84
N ARG A 112 13.09 -8.26 6.77
CA ARG A 112 14.35 -8.98 6.68
C ARG A 112 15.22 -8.43 5.56
N ARG A 113 16.44 -8.95 5.45
CA ARG A 113 17.36 -8.50 4.41
C ARG A 113 17.02 -9.14 3.06
N PRO A 114 16.98 -8.34 1.99
CA PRO A 114 16.64 -8.82 0.64
C PRO A 114 17.71 -9.75 0.06
N TRP A 115 18.97 -9.34 0.15
CA TRP A 115 20.07 -10.15 -0.39
C TRP A 115 20.10 -11.54 0.24
N GLU A 116 19.57 -11.67 1.44
CA GLU A 116 19.55 -12.95 2.14
C GLU A 116 18.53 -13.89 1.50
N LYS A 117 19.03 -14.87 0.74
CA LYS A 117 18.15 -15.84 0.07
C LYS A 117 17.54 -16.79 1.09
N ASP A 118 16.28 -16.53 1.45
CA ASP A 118 15.57 -17.36 2.40
C ASP A 118 16.32 -17.44 3.73
N ALA A 119 16.04 -16.49 4.61
CA ALA A 119 16.69 -16.44 5.92
C ALA A 119 15.67 -16.20 7.04
N GLU A 120 16.03 -16.60 8.25
CA GLU A 120 15.15 -16.42 9.41
C GLU A 120 14.87 -14.94 9.66
N PRO A 121 13.62 -14.49 9.43
CA PRO A 121 13.24 -13.10 9.64
C PRO A 121 12.86 -12.81 11.09
N ALA A 122 12.24 -11.66 11.31
CA ALA A 122 11.81 -11.26 12.65
C ALA A 122 10.36 -10.79 12.66
N GLU A 123 10.16 -9.54 12.29
CA GLU A 123 8.83 -8.95 12.24
C GLU A 123 8.00 -9.55 11.12
N SER A 124 6.89 -8.89 10.82
CA SER A 124 5.99 -9.32 9.76
C SER A 124 4.86 -8.32 9.56
N PHE A 125 4.29 -8.31 8.36
CA PHE A 125 3.19 -7.39 8.04
C PHE A 125 2.29 -7.98 6.98
N SER A 126 1.13 -8.49 7.40
CA SER A 126 0.17 -9.09 6.48
C SER A 126 -1.17 -8.35 6.50
N CYS A 127 -1.82 -8.28 5.35
CA CYS A 127 -3.10 -7.60 5.23
C CYS A 127 -4.00 -8.30 4.22
N ALA A 128 -5.28 -8.47 4.56
CA ALA A 128 -6.22 -9.12 3.67
C ALA A 128 -6.86 -8.11 2.71
N ILE A 129 -7.17 -8.57 1.51
CA ILE A 129 -7.77 -7.73 0.48
C ILE A 129 -8.68 -8.55 -0.43
N GLN A 130 -9.84 -8.01 -0.76
CA GLN A 130 -10.78 -8.71 -1.61
C GLN A 130 -11.49 -7.75 -2.57
N VAL A 131 -11.98 -8.30 -3.67
CA VAL A 131 -12.69 -7.50 -4.67
C VAL A 131 -13.94 -8.23 -5.15
N ARG A 132 -14.37 -7.94 -6.37
CA ARG A 132 -15.56 -8.57 -6.93
C ARG A 132 -15.34 -10.07 -7.14
N MET A 1 -24.04 23.53 -28.64
CA MET A 1 -23.15 24.68 -28.34
C MET A 1 -23.44 25.26 -26.96
N GLY A 2 -22.46 25.17 -26.07
CA GLY A 2 -22.63 25.67 -24.72
C GLY A 2 -21.33 25.66 -23.93
N SER A 3 -20.54 24.62 -24.12
CA SER A 3 -19.26 24.49 -23.42
C SER A 3 -18.13 24.20 -24.40
N SER A 4 -16.92 24.61 -24.04
CA SER A 4 -15.75 24.40 -24.89
C SER A 4 -14.55 23.97 -24.05
N HIS A 5 -14.08 22.75 -24.27
CA HIS A 5 -12.93 22.23 -23.54
C HIS A 5 -11.63 22.53 -24.27
N HIS A 6 -10.51 22.09 -23.71
CA HIS A 6 -9.21 22.32 -24.31
C HIS A 6 -8.47 21.00 -24.53
N HIS A 7 -7.19 21.09 -24.87
CA HIS A 7 -6.39 19.90 -25.11
C HIS A 7 -5.62 19.50 -23.86
N HIS A 8 -6.21 18.60 -23.07
CA HIS A 8 -5.59 18.12 -21.84
C HIS A 8 -5.35 19.25 -20.85
N HIS A 9 -5.93 20.42 -21.13
CA HIS A 9 -5.78 21.57 -20.24
C HIS A 9 -6.98 21.70 -19.31
N HIS A 10 -6.71 21.96 -18.04
CA HIS A 10 -7.76 22.11 -17.04
C HIS A 10 -7.40 23.18 -16.02
N SER A 11 -8.41 23.90 -15.53
CA SER A 11 -8.20 24.96 -14.55
C SER A 11 -8.57 24.48 -13.15
N SER A 12 -9.78 23.93 -13.03
CA SER A 12 -10.26 23.43 -11.74
C SER A 12 -10.87 22.04 -11.89
N GLY A 13 -10.62 21.18 -10.90
CA GLY A 13 -11.14 19.83 -10.94
C GLY A 13 -10.17 18.82 -10.39
N LEU A 14 -9.62 19.10 -9.21
CA LEU A 14 -8.66 18.21 -8.57
C LEU A 14 -9.37 17.15 -7.74
N VAL A 15 -10.68 17.31 -7.59
CA VAL A 15 -11.48 16.37 -6.82
C VAL A 15 -11.96 15.21 -7.69
N PRO A 16 -12.18 14.02 -7.09
CA PRO A 16 -12.63 12.84 -7.82
C PRO A 16 -14.00 13.05 -8.46
N ARG A 17 -14.42 12.09 -9.27
CA ARG A 17 -15.71 12.16 -9.94
C ARG A 17 -16.86 12.13 -8.93
N GLY A 18 -16.91 11.05 -8.15
CA GLY A 18 -17.96 10.91 -7.16
C GLY A 18 -17.42 10.87 -5.75
N SER A 19 -18.26 11.21 -4.78
CA SER A 19 -17.85 11.20 -3.37
C SER A 19 -18.35 9.94 -2.67
N HIS A 20 -17.44 9.00 -2.44
CA HIS A 20 -17.78 7.75 -1.78
C HIS A 20 -16.67 7.32 -0.83
N MET A 21 -16.89 6.21 -0.12
CA MET A 21 -15.90 5.69 0.82
C MET A 21 -14.65 5.23 0.09
N GLN A 22 -14.82 4.84 -1.17
CA GLN A 22 -13.70 4.37 -1.98
C GLN A 22 -12.85 5.55 -2.43
N LYS A 23 -11.54 5.32 -2.54
CA LYS A 23 -10.62 6.38 -2.95
C LYS A 23 -9.73 5.95 -4.09
N PRO A 24 -9.30 6.91 -4.91
CA PRO A 24 -8.43 6.67 -6.04
C PRO A 24 -7.18 5.97 -5.60
N VAL A 25 -6.82 6.24 -4.35
CA VAL A 25 -5.64 5.65 -3.73
C VAL A 25 -5.80 5.62 -2.21
N VAL A 26 -6.54 4.65 -1.69
CA VAL A 26 -6.73 4.52 -0.25
C VAL A 26 -5.39 4.23 0.43
N THR A 27 -5.34 4.39 1.75
CA THR A 27 -4.12 4.14 2.50
C THR A 27 -4.35 3.17 3.64
N LEU A 28 -3.25 2.59 4.14
CA LEU A 28 -3.32 1.64 5.25
C LEU A 28 -2.20 1.91 6.25
N ASP A 29 -2.48 1.62 7.53
CA ASP A 29 -1.49 1.83 8.58
C ASP A 29 -1.97 1.22 9.91
N ASP A 30 -2.93 0.30 9.83
CA ASP A 30 -3.47 -0.35 11.01
C ASP A 30 -2.89 -1.74 11.19
N ALA A 31 -2.94 -2.54 10.12
CA ALA A 31 -2.42 -3.91 10.12
C ALA A 31 -3.38 -4.85 10.86
N ASP A 32 -3.83 -4.44 12.04
CA ASP A 32 -4.75 -5.25 12.83
C ASP A 32 -6.16 -5.16 12.28
N ASP A 33 -6.46 -4.04 11.62
CA ASP A 33 -7.78 -3.82 11.03
C ASP A 33 -7.90 -4.55 9.70
N CYS A 34 -6.83 -5.26 9.32
CA CYS A 34 -6.82 -5.99 8.06
C CYS A 34 -7.86 -7.10 8.04
N SER A 35 -8.65 -7.13 6.98
CA SER A 35 -9.71 -8.13 6.83
C SER A 35 -10.10 -8.24 5.35
N PRO A 36 -10.79 -9.33 4.95
CA PRO A 36 -11.22 -9.50 3.56
C PRO A 36 -12.18 -8.39 3.12
N LEU A 37 -11.60 -7.25 2.80
CA LEU A 37 -12.37 -6.08 2.38
C LEU A 37 -12.78 -6.18 0.92
N LYS A 38 -13.98 -5.71 0.61
CA LYS A 38 -14.48 -5.73 -0.75
C LYS A 38 -14.17 -4.41 -1.47
N LEU A 39 -13.35 -4.49 -2.50
CA LEU A 39 -12.96 -3.32 -3.27
C LEU A 39 -13.61 -3.32 -4.64
N THR A 40 -13.14 -2.42 -5.50
CA THR A 40 -13.66 -2.31 -6.86
C THR A 40 -12.65 -1.60 -7.75
N GLN A 41 -12.60 -2.02 -9.00
CA GLN A 41 -11.67 -1.44 -9.97
C GLN A 41 -11.81 0.08 -10.00
N GLY A 42 -10.85 0.76 -9.40
CA GLY A 42 -10.87 2.22 -9.35
C GLY A 42 -10.29 2.77 -8.07
N GLN A 43 -9.60 1.93 -7.31
CA GLN A 43 -8.99 2.34 -6.06
C GLN A 43 -7.53 1.90 -6.03
N GLU A 44 -6.68 2.72 -5.44
CA GLU A 44 -5.25 2.39 -5.34
C GLU A 44 -4.77 2.36 -3.90
N LEU A 45 -3.47 2.13 -3.72
CA LEU A 45 -2.88 2.07 -2.39
C LEU A 45 -1.41 2.48 -2.40
N VAL A 46 -0.99 3.11 -1.31
CA VAL A 46 0.39 3.54 -1.15
C VAL A 46 0.83 3.43 0.31
N LEU A 47 1.41 2.30 0.66
CA LEU A 47 1.86 2.05 2.03
C LEU A 47 3.35 2.32 2.17
N THR A 48 3.70 3.15 3.16
CA THR A 48 5.09 3.49 3.42
C THR A 48 5.51 3.08 4.82
N LEU A 49 6.73 2.58 4.95
CA LEU A 49 7.25 2.14 6.24
C LEU A 49 8.74 2.49 6.37
N PRO A 50 9.12 3.14 7.49
CA PRO A 50 10.53 3.53 7.72
C PRO A 50 11.45 2.32 7.82
N SER A 51 12.67 2.47 7.32
CA SER A 51 13.66 1.39 7.36
C SER A 51 15.03 1.93 7.71
N ASN A 52 15.99 1.02 7.87
CA ASN A 52 17.36 1.40 8.20
C ASN A 52 18.35 0.69 7.29
N PRO A 53 18.64 1.26 6.11
CA PRO A 53 19.59 0.68 5.15
C PRO A 53 21.00 0.58 5.71
N THR A 54 21.21 1.16 6.88
CA THR A 54 22.51 1.14 7.53
C THR A 54 22.70 -0.13 8.37
N THR A 55 21.76 -1.06 8.26
CA THR A 55 21.83 -2.30 9.02
C THR A 55 21.98 -3.50 8.09
N GLY A 56 20.95 -3.78 7.30
CA GLY A 56 20.97 -4.90 6.39
C GLY A 56 19.61 -5.54 6.22
N PHE A 57 18.74 -5.29 7.19
CA PHE A 57 17.39 -5.83 7.16
C PHE A 57 16.45 -4.90 6.40
N ARG A 58 16.23 -5.22 5.14
CA ARG A 58 15.33 -4.43 4.30
C ARG A 58 13.91 -4.94 4.41
N TRP A 59 13.13 -4.73 3.36
CA TRP A 59 11.73 -5.18 3.33
C TRP A 59 11.49 -6.14 2.18
N GLU A 60 11.06 -7.35 2.52
CA GLU A 60 10.78 -8.37 1.51
C GLU A 60 9.29 -8.62 1.38
N LEU A 61 8.78 -8.54 0.16
CA LEU A 61 7.36 -8.74 -0.10
C LEU A 61 7.10 -10.18 -0.54
N ARG A 62 6.47 -10.96 0.34
CA ARG A 62 6.16 -12.35 0.04
C ARG A 62 4.99 -12.47 -0.93
N ASN A 63 3.80 -12.10 -0.46
CA ASN A 63 2.60 -12.15 -1.29
C ASN A 63 2.22 -10.76 -1.80
N PRO A 64 2.59 -10.43 -3.05
CA PRO A 64 2.30 -9.11 -3.63
C PRO A 64 0.86 -9.00 -4.11
N ALA A 65 0.10 -10.10 -4.02
CA ALA A 65 -1.28 -10.12 -4.45
C ALA A 65 -1.40 -9.68 -5.91
N ALA A 66 -0.34 -9.91 -6.68
CA ALA A 66 -0.31 -9.54 -8.08
C ALA A 66 -1.40 -10.28 -8.87
N SER A 67 -2.08 -11.21 -8.21
CA SER A 67 -3.14 -11.98 -8.84
C SER A 67 -4.34 -11.11 -9.18
N VAL A 68 -4.63 -10.14 -8.32
CA VAL A 68 -5.76 -9.24 -8.54
C VAL A 68 -5.37 -7.78 -8.33
N LEU A 69 -4.09 -7.54 -8.07
CA LEU A 69 -3.60 -6.18 -7.85
C LEU A 69 -2.42 -5.86 -8.76
N LYS A 70 -2.57 -4.78 -9.51
CA LYS A 70 -1.53 -4.33 -10.42
C LYS A 70 -0.91 -3.01 -9.95
N ARG A 71 -0.21 -2.32 -10.83
CA ARG A 71 0.42 -1.05 -10.50
C ARG A 71 1.58 -1.24 -9.54
N LEU A 72 2.04 -2.48 -9.38
CA LEU A 72 3.16 -2.78 -8.50
C LEU A 72 4.47 -2.32 -9.12
N GLY A 73 4.99 -1.20 -8.63
CA GLY A 73 6.24 -0.68 -9.14
C GLY A 73 7.46 -1.34 -8.54
N PRO A 74 8.66 -0.94 -8.96
CA PRO A 74 9.91 -1.52 -8.45
C PRO A 74 10.31 -0.94 -7.09
N GLU A 75 11.53 -1.24 -6.66
CA GLU A 75 12.02 -0.75 -5.37
C GLU A 75 12.43 0.72 -5.47
N VAL A 76 12.03 1.50 -4.48
CA VAL A 76 12.35 2.92 -4.45
C VAL A 76 13.74 3.15 -3.86
N TYR A 77 14.46 2.06 -3.63
CA TYR A 77 15.81 2.14 -3.06
C TYR A 77 16.79 1.30 -3.88
N SER A 78 16.41 1.01 -5.12
CA SER A 78 17.25 0.21 -6.01
C SER A 78 18.63 0.84 -6.16
N ASN A 79 19.58 0.05 -6.64
CA ASN A 79 20.95 0.53 -6.84
C ASN A 79 20.99 1.68 -7.83
N SER A 80 20.43 1.44 -9.02
CA SER A 80 20.40 2.46 -10.06
C SER A 80 19.26 3.45 -9.84
N GLU A 81 19.60 4.72 -9.70
CA GLU A 81 18.60 5.76 -9.48
C GLU A 81 19.11 7.11 -9.97
N GLU A 82 18.23 7.86 -10.62
CA GLU A 82 18.59 9.18 -11.13
C GLU A 82 18.51 10.24 -10.04
N ASP A 83 17.28 10.56 -9.64
CA ASP A 83 17.07 11.56 -8.60
C ASP A 83 16.48 10.91 -7.33
N SER A 84 17.24 10.98 -6.24
CA SER A 84 16.80 10.40 -4.98
C SER A 84 16.48 11.50 -3.96
N GLY A 85 15.19 11.68 -3.70
CA GLY A 85 14.77 12.69 -2.74
C GLY A 85 14.35 12.09 -1.41
N LEU A 86 14.75 10.84 -1.19
CA LEU A 86 14.41 10.15 0.05
C LEU A 86 15.13 10.78 1.24
N VAL A 87 14.39 10.97 2.33
CA VAL A 87 14.96 11.56 3.54
C VAL A 87 14.39 10.91 4.80
N GLY A 88 13.18 11.30 5.16
CA GLY A 88 12.53 10.73 6.33
C GLY A 88 13.39 10.88 7.58
N SER A 89 14.00 9.79 8.00
CA SER A 89 14.85 9.79 9.19
C SER A 89 16.06 8.88 8.99
N GLY A 90 16.14 8.27 7.82
CA GLY A 90 17.26 7.38 7.52
C GLY A 90 16.82 6.13 6.76
N GLY A 91 16.13 6.34 5.65
CA GLY A 91 15.65 5.21 4.86
C GLY A 91 14.15 5.09 4.86
N GLU A 92 13.56 5.01 3.67
CA GLU A 92 12.11 4.89 3.54
C GLU A 92 11.73 3.99 2.37
N SER A 93 10.64 3.24 2.54
CA SER A 93 10.16 2.34 1.49
C SER A 93 8.84 2.83 0.93
N THR A 94 8.40 2.21 -0.17
CA THR A 94 7.14 2.60 -0.81
C THR A 94 6.54 1.45 -1.60
N TRP A 95 5.23 1.30 -1.49
CA TRP A 95 4.51 0.24 -2.20
C TRP A 95 3.20 0.77 -2.77
N ARG A 96 3.13 0.84 -4.09
CA ARG A 96 1.92 1.34 -4.77
C ARG A 96 1.31 0.28 -5.67
N PHE A 97 -0.02 0.20 -5.65
CA PHE A 97 -0.75 -0.76 -6.49
C PHE A 97 -2.11 -0.20 -6.90
N ARG A 98 -2.85 -0.98 -7.69
CA ARG A 98 -4.16 -0.58 -8.18
C ARG A 98 -5.02 -1.81 -8.44
N VAL A 99 -6.31 -1.72 -8.11
CA VAL A 99 -7.22 -2.84 -8.32
C VAL A 99 -7.50 -3.05 -9.81
N ALA A 100 -6.74 -3.95 -10.43
CA ALA A 100 -6.89 -4.24 -11.84
C ALA A 100 -8.22 -4.94 -12.12
N ALA A 101 -8.48 -6.00 -11.36
CA ALA A 101 -9.72 -6.77 -11.52
C ALA A 101 -10.22 -7.27 -10.17
N SER A 102 -11.29 -8.03 -10.22
CA SER A 102 -11.88 -8.58 -9.01
C SER A 102 -11.04 -9.73 -8.46
N GLY A 103 -11.61 -10.50 -7.57
CA GLY A 103 -10.91 -11.62 -6.97
C GLY A 103 -10.41 -11.31 -5.57
N ASP A 104 -10.07 -12.35 -4.83
CA ASP A 104 -9.57 -12.19 -3.47
C ASP A 104 -8.05 -12.29 -3.43
N ASP A 105 -7.46 -11.81 -2.34
CA ASP A 105 -6.01 -11.85 -2.19
C ASP A 105 -5.62 -11.49 -0.76
N ARG A 106 -4.32 -11.48 -0.49
CA ARG A 106 -3.82 -11.14 0.83
C ARG A 106 -2.35 -10.74 0.75
N LEU A 107 -2.09 -9.44 0.87
CA LEU A 107 -0.73 -8.93 0.80
C LEU A 107 0.07 -9.38 2.02
N GLU A 108 1.21 -10.02 1.78
CA GLU A 108 2.06 -10.50 2.85
C GLU A 108 3.47 -9.91 2.76
N LEU A 109 3.84 -9.13 3.77
CA LEU A 109 5.16 -8.51 3.81
C LEU A 109 5.93 -8.93 5.05
N VAL A 110 7.24 -8.86 4.99
CA VAL A 110 8.09 -9.23 6.11
C VAL A 110 9.29 -8.32 6.23
N TYR A 111 9.93 -8.30 7.40
CA TYR A 111 11.08 -7.46 7.63
C TYR A 111 12.35 -8.31 7.79
N ARG A 112 13.16 -8.35 6.73
CA ARG A 112 14.39 -9.12 6.75
C ARG A 112 15.35 -8.62 5.67
N ARG A 113 16.55 -9.20 5.62
CA ARG A 113 17.55 -8.81 4.63
C ARG A 113 17.03 -9.09 3.22
N PRO A 114 17.39 -8.22 2.26
CA PRO A 114 16.96 -8.36 0.87
C PRO A 114 17.79 -9.35 0.06
N TRP A 115 18.84 -9.91 0.67
CA TRP A 115 19.71 -10.86 -0.02
C TRP A 115 19.64 -12.24 0.62
N GLU A 116 18.58 -12.48 1.40
CA GLU A 116 18.41 -13.77 2.06
C GLU A 116 17.18 -14.50 1.52
N LYS A 117 17.39 -15.71 1.02
CA LYS A 117 16.31 -16.51 0.48
C LYS A 117 15.71 -17.41 1.56
N ASP A 118 14.51 -17.06 2.02
CA ASP A 118 13.83 -17.82 3.06
C ASP A 118 14.68 -17.91 4.31
N ALA A 119 14.65 -16.86 5.13
CA ALA A 119 15.41 -16.82 6.37
C ALA A 119 14.55 -16.31 7.52
N GLU A 120 15.14 -16.28 8.71
CA GLU A 120 14.43 -15.81 9.89
C GLU A 120 14.34 -14.29 9.92
N PRO A 121 13.12 -13.73 9.77
CA PRO A 121 12.89 -12.30 9.77
C PRO A 121 12.60 -11.75 11.16
N ALA A 122 12.81 -10.45 11.33
CA ALA A 122 12.55 -9.80 12.62
C ALA A 122 11.07 -9.49 12.78
N GLU A 123 10.60 -8.51 12.02
CA GLU A 123 9.20 -8.11 12.07
C GLU A 123 8.37 -8.93 11.10
N SER A 124 7.17 -8.44 10.81
CA SER A 124 6.26 -9.12 9.89
C SER A 124 5.02 -8.28 9.63
N PHE A 125 4.34 -8.56 8.52
CA PHE A 125 3.14 -7.83 8.15
C PHE A 125 2.24 -8.68 7.27
N SER A 126 0.93 -8.47 7.37
CA SER A 126 -0.04 -9.22 6.58
C SER A 126 -1.37 -8.47 6.52
N CYS A 127 -2.00 -8.50 5.35
CA CYS A 127 -3.29 -7.82 5.17
C CYS A 127 -4.15 -8.53 4.13
N ALA A 128 -5.43 -8.69 4.44
CA ALA A 128 -6.37 -9.34 3.54
C ALA A 128 -7.07 -8.33 2.65
N ILE A 129 -7.22 -8.69 1.38
CA ILE A 129 -7.86 -7.82 0.40
C ILE A 129 -8.74 -8.62 -0.54
N GLN A 130 -9.85 -8.02 -0.96
CA GLN A 130 -10.77 -8.69 -1.88
C GLN A 130 -11.47 -7.67 -2.77
N VAL A 131 -12.02 -8.13 -3.88
CA VAL A 131 -12.73 -7.25 -4.81
C VAL A 131 -14.04 -7.87 -5.28
N ARG A 132 -14.97 -7.02 -5.69
CA ARG A 132 -16.26 -7.48 -6.17
C ARG A 132 -16.77 -6.60 -7.32
N MET A 1 -17.14 28.86 19.41
CA MET A 1 -16.14 29.93 19.68
C MET A 1 -16.41 31.16 18.82
N GLY A 2 -17.04 30.94 17.67
CA GLY A 2 -17.36 32.04 16.78
C GLY A 2 -16.46 32.05 15.55
N SER A 3 -15.17 32.28 15.76
CA SER A 3 -14.21 32.31 14.67
C SER A 3 -13.46 30.99 14.55
N SER A 4 -13.31 30.51 13.31
CA SER A 4 -12.61 29.25 13.06
C SER A 4 -11.16 29.50 12.68
N HIS A 5 -10.34 28.46 12.77
CA HIS A 5 -8.93 28.57 12.42
C HIS A 5 -8.49 27.40 11.54
N HIS A 6 -9.41 26.48 11.29
CA HIS A 6 -9.13 25.32 10.44
C HIS A 6 -10.14 25.22 9.31
N HIS A 7 -11.27 25.90 9.46
CA HIS A 7 -12.32 25.88 8.45
C HIS A 7 -12.03 26.90 7.35
N HIS A 8 -11.77 26.41 6.14
CA HIS A 8 -11.47 27.28 5.01
C HIS A 8 -12.74 27.97 4.52
N HIS A 9 -12.57 29.13 3.90
CA HIS A 9 -13.70 29.90 3.38
C HIS A 9 -14.41 29.13 2.27
N HIS A 10 -13.63 28.55 1.37
CA HIS A 10 -14.19 27.78 0.25
C HIS A 10 -13.30 26.59 -0.08
N SER A 11 -13.81 25.39 0.22
CA SER A 11 -13.06 24.16 -0.05
C SER A 11 -13.98 22.94 0.03
N SER A 12 -15.09 23.09 0.73
CA SER A 12 -16.06 22.00 0.87
C SER A 12 -17.10 22.05 -0.24
N GLY A 13 -17.93 21.00 -0.31
CA GLY A 13 -18.95 20.93 -1.34
C GLY A 13 -19.07 19.56 -1.94
N LEU A 14 -19.20 18.54 -1.09
CA LEU A 14 -19.32 17.16 -1.56
C LEU A 14 -18.12 16.76 -2.39
N VAL A 15 -18.18 15.56 -2.98
CA VAL A 15 -17.09 15.05 -3.81
C VAL A 15 -17.63 14.24 -4.99
N PRO A 16 -17.17 14.55 -6.22
CA PRO A 16 -17.61 13.85 -7.43
C PRO A 16 -17.00 12.46 -7.53
N ARG A 17 -17.64 11.59 -8.31
CA ARG A 17 -17.16 10.22 -8.50
C ARG A 17 -16.38 10.10 -9.80
N GLY A 18 -17.11 10.01 -10.91
CA GLY A 18 -16.48 9.88 -12.21
C GLY A 18 -15.47 8.75 -12.27
N SER A 19 -14.45 8.90 -13.09
CA SER A 19 -13.41 7.89 -13.24
C SER A 19 -12.17 8.47 -13.91
N HIS A 20 -11.10 8.62 -13.13
CA HIS A 20 -9.86 9.17 -13.65
C HIS A 20 -8.69 8.23 -13.33
N MET A 21 -7.49 8.64 -13.74
CA MET A 21 -6.29 7.84 -13.51
C MET A 21 -5.74 8.07 -12.11
N GLN A 22 -6.22 9.13 -11.46
CA GLN A 22 -5.79 9.46 -10.11
C GLN A 22 -6.84 9.06 -9.07
N LYS A 23 -6.38 8.77 -7.86
CA LYS A 23 -7.28 8.37 -6.79
C LYS A 23 -6.75 8.90 -5.47
N PRO A 24 -7.63 9.03 -4.48
CA PRO A 24 -7.25 9.47 -3.15
C PRO A 24 -6.17 8.55 -2.61
N VAL A 25 -5.95 7.48 -3.37
CA VAL A 25 -4.95 6.46 -3.06
C VAL A 25 -4.84 6.24 -1.56
N VAL A 26 -5.69 5.34 -1.05
CA VAL A 26 -5.71 5.03 0.37
C VAL A 26 -4.34 4.54 0.85
N THR A 27 -4.11 4.62 2.16
CA THR A 27 -2.86 4.20 2.75
C THR A 27 -3.06 3.12 3.80
N LEU A 28 -1.97 2.73 4.46
CA LEU A 28 -2.02 1.71 5.50
C LEU A 28 -0.70 1.65 6.26
N ASP A 29 -0.77 1.28 7.53
CA ASP A 29 0.44 1.19 8.36
C ASP A 29 0.17 0.36 9.62
N ASP A 30 -1.08 0.35 10.06
CA ASP A 30 -1.46 -0.40 11.25
C ASP A 30 -1.62 -1.89 10.94
N ALA A 31 -0.70 -2.69 11.44
CA ALA A 31 -0.74 -4.13 11.22
C ALA A 31 -1.86 -4.78 12.03
N ASP A 32 -2.30 -5.95 11.57
CA ASP A 32 -3.38 -6.69 12.24
C ASP A 32 -4.70 -5.92 12.22
N ASP A 33 -4.64 -4.63 11.90
CA ASP A 33 -5.84 -3.80 11.85
C ASP A 33 -6.53 -3.97 10.51
N CYS A 34 -6.04 -4.93 9.72
CA CYS A 34 -6.60 -5.21 8.41
C CYS A 34 -7.74 -6.21 8.48
N SER A 35 -8.41 -6.37 7.36
CA SER A 35 -9.53 -7.29 7.22
C SER A 35 -9.82 -7.52 5.74
N PRO A 36 -10.61 -8.55 5.39
CA PRO A 36 -10.96 -8.83 3.99
C PRO A 36 -11.53 -7.60 3.30
N LEU A 37 -10.65 -6.71 2.84
CA LEU A 37 -11.06 -5.49 2.17
C LEU A 37 -12.02 -5.73 1.04
N LYS A 38 -12.68 -4.66 0.63
CA LYS A 38 -13.65 -4.70 -0.47
C LYS A 38 -13.41 -3.54 -1.42
N LEU A 39 -12.40 -3.67 -2.26
CA LEU A 39 -12.06 -2.63 -3.22
C LEU A 39 -12.75 -2.88 -4.56
N THR A 40 -12.33 -2.11 -5.57
CA THR A 40 -12.88 -2.23 -6.90
C THR A 40 -11.90 -1.67 -7.93
N GLN A 41 -12.02 -2.13 -9.16
CA GLN A 41 -11.15 -1.69 -10.24
C GLN A 41 -11.06 -0.18 -10.29
N GLY A 42 -9.98 0.37 -9.75
CA GLY A 42 -9.79 1.80 -9.73
C GLY A 42 -9.42 2.32 -8.36
N GLN A 43 -8.84 1.44 -7.53
CA GLN A 43 -8.45 1.80 -6.18
C GLN A 43 -6.93 1.72 -6.01
N GLU A 44 -6.28 2.88 -5.97
CA GLU A 44 -4.83 2.93 -5.81
C GLU A 44 -4.43 2.76 -4.36
N LEU A 45 -3.17 2.38 -4.14
CA LEU A 45 -2.67 2.19 -2.78
C LEU A 45 -1.14 2.25 -2.75
N VAL A 46 -0.61 3.03 -1.81
CA VAL A 46 0.83 3.18 -1.68
C VAL A 46 1.25 2.91 -0.23
N LEU A 47 2.07 1.87 -0.04
CA LEU A 47 2.54 1.50 1.29
C LEU A 47 3.89 2.15 1.59
N THR A 48 4.18 2.31 2.88
CA THR A 48 5.43 2.91 3.31
C THR A 48 5.78 2.49 4.73
N LEU A 49 6.72 1.56 4.86
CA LEU A 49 7.13 1.07 6.17
C LEU A 49 8.48 1.66 6.57
N PRO A 50 8.70 1.87 7.88
CA PRO A 50 9.96 2.43 8.39
C PRO A 50 11.07 1.39 8.46
N SER A 51 12.15 1.64 7.73
CA SER A 51 13.29 0.72 7.71
C SER A 51 14.59 1.44 8.09
N ASN A 52 15.70 0.73 8.01
CA ASN A 52 17.00 1.30 8.34
C ASN A 52 18.05 0.92 7.29
N PRO A 53 18.24 1.77 6.27
CA PRO A 53 19.22 1.52 5.21
C PRO A 53 20.65 1.39 5.74
N THR A 54 20.84 1.80 7.00
CA THR A 54 22.15 1.74 7.62
C THR A 54 22.49 0.31 8.05
N THR A 55 21.46 -0.47 8.38
CA THR A 55 21.65 -1.85 8.81
C THR A 55 21.67 -2.80 7.62
N GLY A 56 20.50 -3.05 7.04
CA GLY A 56 20.42 -3.95 5.90
C GLY A 56 19.08 -4.66 5.86
N PHE A 57 18.38 -4.66 6.99
CA PHE A 57 17.09 -5.31 7.09
C PHE A 57 15.99 -4.40 6.58
N ARG A 58 15.60 -4.64 5.35
CA ARG A 58 14.54 -3.87 4.70
C ARG A 58 13.21 -4.59 4.84
N TRP A 59 12.27 -4.26 3.96
CA TRP A 59 10.96 -4.89 3.97
C TRP A 59 10.69 -5.58 2.64
N GLU A 60 10.52 -6.90 2.69
CA GLU A 60 10.28 -7.69 1.48
C GLU A 60 8.79 -8.03 1.34
N LEU A 61 8.32 -8.09 0.10
CA LEU A 61 6.93 -8.40 -0.17
C LEU A 61 6.79 -9.80 -0.76
N ARG A 62 6.35 -10.74 0.07
CA ARG A 62 6.19 -12.13 -0.36
C ARG A 62 4.99 -12.27 -1.30
N ASN A 63 3.79 -12.06 -0.77
CA ASN A 63 2.57 -12.16 -1.55
C ASN A 63 1.96 -10.77 -1.79
N PRO A 64 2.28 -10.14 -2.93
CA PRO A 64 1.76 -8.81 -3.26
C PRO A 64 0.36 -8.85 -3.85
N ALA A 65 -0.27 -10.03 -3.81
CA ALA A 65 -1.62 -10.19 -4.34
C ALA A 65 -1.66 -9.75 -5.81
N ALA A 66 -0.56 -9.96 -6.52
CA ALA A 66 -0.45 -9.59 -7.92
C ALA A 66 -1.54 -10.25 -8.76
N SER A 67 -2.19 -11.27 -8.20
CA SER A 67 -3.25 -11.98 -8.90
C SER A 67 -4.48 -11.10 -9.09
N VAL A 68 -4.53 -9.99 -8.35
CA VAL A 68 -5.66 -9.07 -8.42
C VAL A 68 -5.20 -7.62 -8.29
N LEU A 69 -3.93 -7.45 -7.92
CA LEU A 69 -3.36 -6.12 -7.75
C LEU A 69 -2.25 -5.86 -8.76
N LYS A 70 -2.42 -4.83 -9.58
CA LYS A 70 -1.43 -4.48 -10.59
C LYS A 70 -0.79 -3.13 -10.27
N ARG A 71 -0.08 -2.56 -11.23
CA ARG A 71 0.58 -1.26 -11.07
C ARG A 71 1.75 -1.36 -10.09
N LEU A 72 2.31 -2.56 -9.96
CA LEU A 72 3.46 -2.78 -9.08
C LEU A 72 4.76 -2.44 -9.79
N GLY A 73 5.48 -1.46 -9.28
CA GLY A 73 6.74 -1.07 -9.90
C GLY A 73 7.84 -0.80 -8.88
N PRO A 74 9.09 -0.65 -9.34
CA PRO A 74 10.23 -0.40 -8.48
C PRO A 74 10.44 1.10 -8.20
N GLU A 75 11.69 1.50 -8.07
CA GLU A 75 12.03 2.90 -7.80
C GLU A 75 11.54 3.33 -6.43
N VAL A 76 12.48 3.59 -5.53
CA VAL A 76 12.15 4.02 -4.17
C VAL A 76 12.63 5.44 -3.90
N TYR A 77 11.99 6.11 -2.95
CA TYR A 77 12.35 7.48 -2.59
C TYR A 77 12.11 8.44 -3.75
N SER A 78 11.82 9.69 -3.43
CA SER A 78 11.56 10.71 -4.44
C SER A 78 11.84 12.10 -3.89
N ASN A 79 12.88 12.74 -4.42
CA ASN A 79 13.26 14.09 -3.97
C ASN A 79 12.66 15.15 -4.89
N SER A 80 12.58 16.38 -4.39
CA SER A 80 12.02 17.48 -5.15
C SER A 80 12.69 18.81 -4.76
N GLU A 81 12.54 19.18 -3.49
CA GLU A 81 13.12 20.40 -2.98
C GLU A 81 13.91 20.15 -1.70
N GLU A 82 14.23 18.89 -1.47
CA GLU A 82 14.99 18.50 -0.28
C GLU A 82 16.49 18.55 -0.55
N ASP A 83 17.27 18.18 0.46
CA ASP A 83 18.72 18.17 0.33
C ASP A 83 19.27 16.75 0.36
N SER A 84 18.46 15.82 0.83
CA SER A 84 18.85 14.42 0.91
C SER A 84 17.79 13.52 0.30
N GLY A 85 18.03 12.21 0.36
CA GLY A 85 17.08 11.26 -0.20
C GLY A 85 16.06 10.79 0.82
N LEU A 86 15.17 11.70 1.21
CA LEU A 86 14.13 11.38 2.18
C LEU A 86 12.76 11.33 1.52
N VAL A 87 12.01 10.27 1.78
CA VAL A 87 10.68 10.11 1.21
C VAL A 87 9.60 10.54 2.20
N GLY A 88 9.96 10.59 3.48
CA GLY A 88 9.02 10.98 4.51
C GLY A 88 9.71 11.58 5.72
N SER A 89 10.28 10.72 6.56
CA SER A 89 10.97 11.17 7.77
C SER A 89 12.31 10.47 7.91
N GLY A 90 12.69 9.70 6.89
CA GLY A 90 13.95 8.99 6.93
C GLY A 90 13.94 7.75 6.07
N GLY A 91 14.77 6.77 6.41
CA GLY A 91 14.83 5.54 5.65
C GLY A 91 13.51 4.80 5.64
N GLU A 92 12.80 4.85 4.51
CA GLU A 92 11.51 4.18 4.37
C GLU A 92 11.37 3.54 3.00
N SER A 93 10.64 2.42 2.95
CA SER A 93 10.42 1.71 1.70
C SER A 93 9.39 2.43 0.84
N THR A 94 9.04 1.83 -0.30
CA THR A 94 8.07 2.42 -1.20
C THR A 94 7.36 1.35 -2.03
N TRP A 95 6.03 1.32 -1.94
CA TRP A 95 5.22 0.36 -2.68
C TRP A 95 4.05 1.04 -3.36
N ARG A 96 3.83 0.74 -4.63
CA ARG A 96 2.74 1.33 -5.40
C ARG A 96 2.02 0.28 -6.23
N PHE A 97 0.69 0.31 -6.20
CA PHE A 97 -0.12 -0.64 -6.96
C PHE A 97 -1.59 -0.22 -6.99
N ARG A 98 -2.29 -0.56 -8.07
CA ARG A 98 -3.70 -0.23 -8.23
C ARG A 98 -4.50 -1.47 -8.60
N VAL A 99 -5.72 -1.56 -8.08
CA VAL A 99 -6.59 -2.70 -8.36
C VAL A 99 -6.95 -2.79 -9.84
N ALA A 100 -6.53 -3.88 -10.47
CA ALA A 100 -6.79 -4.09 -11.90
C ALA A 100 -8.07 -4.91 -12.11
N ALA A 101 -8.29 -5.88 -11.22
CA ALA A 101 -9.46 -6.74 -11.31
C ALA A 101 -9.87 -7.26 -9.94
N SER A 102 -11.02 -7.93 -9.88
CA SER A 102 -11.52 -8.47 -8.64
C SER A 102 -10.75 -9.72 -8.24
N GLY A 103 -11.26 -10.40 -7.22
CA GLY A 103 -10.62 -11.61 -6.74
C GLY A 103 -10.30 -11.53 -5.26
N ASP A 104 -10.25 -12.69 -4.61
CA ASP A 104 -9.94 -12.77 -3.19
C ASP A 104 -8.49 -13.19 -2.97
N ASP A 105 -7.69 -12.26 -2.46
CA ASP A 105 -6.29 -12.53 -2.19
C ASP A 105 -5.87 -11.94 -0.84
N ARG A 106 -4.57 -11.96 -0.58
CA ARG A 106 -4.05 -11.44 0.68
C ARG A 106 -2.63 -10.91 0.49
N LEU A 107 -2.28 -9.91 1.28
CA LEU A 107 -0.94 -9.32 1.21
C LEU A 107 -0.04 -9.92 2.27
N GLU A 108 1.25 -10.08 1.95
CA GLU A 108 2.20 -10.66 2.88
C GLU A 108 3.56 -9.98 2.79
N LEU A 109 3.90 -9.22 3.84
CA LEU A 109 5.18 -8.52 3.90
C LEU A 109 5.97 -8.98 5.12
N VAL A 110 7.29 -8.81 5.08
CA VAL A 110 8.15 -9.20 6.19
C VAL A 110 9.30 -8.22 6.37
N TYR A 111 10.05 -8.38 7.46
CA TYR A 111 11.17 -7.50 7.76
C TYR A 111 12.49 -8.27 7.76
N ARG A 112 13.21 -8.19 6.65
CA ARG A 112 14.49 -8.87 6.51
C ARG A 112 15.23 -8.38 5.26
N ARG A 113 16.51 -8.73 5.16
CA ARG A 113 17.32 -8.33 4.02
C ARG A 113 16.74 -8.89 2.72
N PRO A 114 16.42 -8.01 1.75
CA PRO A 114 15.84 -8.42 0.46
C PRO A 114 16.74 -9.34 -0.35
N TRP A 115 18.06 -9.20 -0.16
CA TRP A 115 19.02 -10.03 -0.89
C TRP A 115 19.17 -11.41 -0.27
N GLU A 116 18.19 -11.82 0.53
CA GLU A 116 18.23 -13.12 1.18
C GLU A 116 17.13 -14.04 0.62
N LYS A 117 17.53 -15.20 0.14
CA LYS A 117 16.58 -16.17 -0.42
C LYS A 117 15.58 -16.62 0.63
N ASP A 118 16.09 -17.06 1.77
CA ASP A 118 15.23 -17.54 2.85
C ASP A 118 15.91 -17.33 4.21
N ALA A 119 15.37 -16.40 5.00
CA ALA A 119 15.91 -16.11 6.31
C ALA A 119 14.79 -15.92 7.33
N GLU A 120 15.16 -15.58 8.56
CA GLU A 120 14.17 -15.36 9.62
C GLU A 120 13.98 -13.87 9.88
N PRO A 121 12.91 -13.29 9.32
CA PRO A 121 12.60 -11.86 9.51
C PRO A 121 12.15 -11.55 10.93
N ALA A 122 12.72 -10.51 11.52
CA ALA A 122 12.37 -10.11 12.87
C ALA A 122 10.89 -9.77 13.00
N GLU A 123 10.40 -8.96 12.08
CA GLU A 123 9.01 -8.55 12.07
C GLU A 123 8.22 -9.30 11.00
N SER A 124 6.99 -8.87 10.78
CA SER A 124 6.12 -9.47 9.79
C SER A 124 4.89 -8.61 9.55
N PHE A 125 4.22 -8.83 8.42
CA PHE A 125 3.05 -8.06 8.07
C PHE A 125 2.14 -8.82 7.11
N SER A 126 0.84 -8.48 7.13
CA SER A 126 -0.13 -9.12 6.26
C SER A 126 -1.45 -8.34 6.27
N CYS A 127 -2.08 -8.23 5.11
CA CYS A 127 -3.33 -7.49 4.99
C CYS A 127 -4.28 -8.15 3.99
N ALA A 128 -5.40 -8.68 4.47
CA ALA A 128 -6.38 -9.32 3.61
C ALA A 128 -6.96 -8.32 2.62
N ILE A 129 -7.05 -8.72 1.35
CA ILE A 129 -7.57 -7.85 0.31
C ILE A 129 -8.49 -8.60 -0.65
N GLN A 130 -9.76 -8.19 -0.66
CA GLN A 130 -10.74 -8.81 -1.55
C GLN A 130 -11.39 -7.77 -2.45
N VAL A 131 -11.56 -8.11 -3.73
CA VAL A 131 -12.18 -7.19 -4.68
C VAL A 131 -13.32 -7.86 -5.44
N ARG A 132 -14.23 -7.05 -5.95
CA ARG A 132 -15.37 -7.55 -6.69
C ARG A 132 -15.82 -6.55 -7.75
N MET A 1 -12.39 18.79 -41.80
CA MET A 1 -12.31 19.15 -40.36
C MET A 1 -13.40 20.15 -40.00
N GLY A 2 -13.37 21.32 -40.64
CA GLY A 2 -14.36 22.34 -40.37
C GLY A 2 -13.99 23.20 -39.18
N SER A 3 -14.82 24.21 -38.90
CA SER A 3 -14.57 25.12 -37.79
C SER A 3 -15.08 24.53 -36.48
N SER A 4 -14.36 24.79 -35.39
CA SER A 4 -14.74 24.28 -34.09
C SER A 4 -14.39 25.29 -32.99
N HIS A 5 -13.99 26.49 -33.40
CA HIS A 5 -13.64 27.55 -32.46
C HIS A 5 -14.86 28.00 -31.66
N HIS A 6 -16.05 27.74 -32.21
CA HIS A 6 -17.29 28.13 -31.54
C HIS A 6 -17.72 27.05 -30.54
N HIS A 7 -18.18 27.49 -29.38
CA HIS A 7 -18.63 26.57 -28.33
C HIS A 7 -19.96 25.93 -28.70
N HIS A 8 -19.98 24.61 -28.78
CA HIS A 8 -21.19 23.87 -29.12
C HIS A 8 -21.20 22.49 -28.46
N HIS A 9 -20.01 21.90 -28.33
CA HIS A 9 -19.89 20.58 -27.71
C HIS A 9 -18.71 20.55 -26.75
N HIS A 10 -17.67 21.35 -27.05
CA HIS A 10 -16.48 21.40 -26.22
C HIS A 10 -16.82 21.89 -24.80
N SER A 11 -16.61 21.04 -23.82
CA SER A 11 -16.88 21.38 -22.43
C SER A 11 -15.70 22.12 -21.79
N SER A 12 -15.92 23.37 -21.41
CA SER A 12 -14.89 24.18 -20.79
C SER A 12 -15.03 24.19 -19.28
N GLY A 13 -16.27 24.05 -18.80
CA GLY A 13 -16.52 24.04 -17.37
C GLY A 13 -17.80 23.31 -17.01
N LEU A 14 -18.66 23.11 -18.00
CA LEU A 14 -19.92 22.42 -17.77
C LEU A 14 -19.79 20.92 -18.05
N VAL A 15 -19.89 20.11 -17.01
CA VAL A 15 -19.78 18.67 -17.14
C VAL A 15 -20.89 17.96 -16.36
N PRO A 16 -21.29 16.75 -16.81
CA PRO A 16 -22.35 15.97 -16.16
C PRO A 16 -22.02 15.67 -14.70
N ARG A 17 -22.99 15.10 -13.98
CA ARG A 17 -22.81 14.77 -12.57
C ARG A 17 -21.82 13.61 -12.42
N GLY A 18 -21.51 13.27 -11.17
CA GLY A 18 -20.58 12.17 -10.91
C GLY A 18 -21.14 11.15 -9.96
N SER A 19 -20.84 9.88 -10.22
CA SER A 19 -21.32 8.79 -9.37
C SER A 19 -20.26 8.39 -8.35
N HIS A 20 -20.45 7.22 -7.74
CA HIS A 20 -19.51 6.72 -6.73
C HIS A 20 -18.10 6.64 -7.31
N MET A 21 -17.11 6.99 -6.48
CA MET A 21 -15.71 6.96 -6.91
C MET A 21 -14.81 6.45 -5.79
N GLN A 22 -13.80 5.67 -6.16
CA GLN A 22 -12.87 5.12 -5.19
C GLN A 22 -11.79 6.14 -4.84
N LYS A 23 -10.71 5.69 -4.21
CA LYS A 23 -9.63 6.59 -3.81
C LYS A 23 -8.43 6.48 -4.75
N PRO A 24 -7.64 7.56 -4.86
CA PRO A 24 -6.46 7.59 -5.73
C PRO A 24 -5.35 6.71 -5.18
N VAL A 25 -5.55 6.27 -3.93
CA VAL A 25 -4.61 5.42 -3.21
C VAL A 25 -4.90 5.43 -1.71
N VAL A 26 -5.59 4.39 -1.24
CA VAL A 26 -5.90 4.29 0.17
C VAL A 26 -4.74 3.68 0.94
N THR A 27 -4.00 4.53 1.65
CA THR A 27 -2.83 4.09 2.40
C THR A 27 -3.23 3.24 3.61
N LEU A 28 -2.25 2.54 4.17
CA LEU A 28 -2.48 1.69 5.33
C LEU A 28 -1.29 1.75 6.28
N ASP A 29 -1.56 1.65 7.57
CA ASP A 29 -0.50 1.69 8.59
C ASP A 29 -0.71 0.62 9.65
N ASP A 30 -1.97 0.46 10.08
CA ASP A 30 -2.30 -0.53 11.10
C ASP A 30 -2.60 -1.89 10.47
N ALA A 31 -2.50 -2.94 11.26
CA ALA A 31 -2.75 -4.30 10.78
C ALA A 31 -3.87 -4.97 11.58
N ASP A 32 -4.36 -4.27 12.61
CA ASP A 32 -5.43 -4.80 13.45
C ASP A 32 -6.78 -4.63 12.77
N ASP A 33 -6.85 -3.75 11.78
CA ASP A 33 -8.08 -3.49 11.06
C ASP A 33 -8.17 -4.35 9.80
N CYS A 34 -7.10 -5.10 9.52
CA CYS A 34 -7.05 -5.97 8.35
C CYS A 34 -8.16 -7.00 8.39
N SER A 35 -8.82 -7.17 7.25
CA SER A 35 -9.93 -8.13 7.12
C SER A 35 -10.37 -8.22 5.66
N PRO A 36 -11.13 -9.28 5.29
CA PRO A 36 -11.62 -9.45 3.92
C PRO A 36 -12.53 -8.30 3.51
N LEU A 37 -11.92 -7.17 3.19
CA LEU A 37 -12.65 -5.98 2.80
C LEU A 37 -13.02 -6.02 1.32
N LYS A 38 -14.24 -5.61 1.02
CA LYS A 38 -14.72 -5.58 -0.36
C LYS A 38 -14.26 -4.32 -1.08
N LEU A 39 -13.26 -4.48 -1.94
CA LEU A 39 -12.71 -3.35 -2.69
C LEU A 39 -13.37 -3.25 -4.06
N THR A 40 -12.80 -2.40 -4.92
CA THR A 40 -13.33 -2.21 -6.26
C THR A 40 -12.24 -1.73 -7.22
N GLN A 41 -12.37 -2.09 -8.49
CA GLN A 41 -11.40 -1.71 -9.51
C GLN A 41 -11.49 -0.21 -9.80
N GLY A 42 -10.53 0.55 -9.29
CA GLY A 42 -10.52 1.99 -9.52
C GLY A 42 -9.83 2.77 -8.41
N GLN A 43 -8.94 2.10 -7.67
CA GLN A 43 -8.22 2.75 -6.58
C GLN A 43 -6.80 2.23 -6.50
N GLU A 44 -5.95 2.93 -5.75
CA GLU A 44 -4.56 2.52 -5.62
C GLU A 44 -4.22 2.18 -4.16
N LEU A 45 -2.93 1.93 -3.93
CA LEU A 45 -2.41 1.61 -2.61
C LEU A 45 -0.90 1.81 -2.57
N VAL A 46 -0.44 2.77 -1.79
CA VAL A 46 0.98 3.04 -1.68
C VAL A 46 1.42 3.05 -0.22
N LEU A 47 1.86 1.89 0.26
CA LEU A 47 2.30 1.74 1.64
C LEU A 47 3.54 2.60 1.92
N THR A 48 3.75 2.93 3.19
CA THR A 48 4.88 3.73 3.60
C THR A 48 5.24 3.47 5.06
N LEU A 49 6.40 2.86 5.28
CA LEU A 49 6.86 2.56 6.63
C LEU A 49 8.34 2.93 6.80
N PRO A 50 8.77 3.20 8.05
CA PRO A 50 10.15 3.57 8.34
C PRO A 50 11.07 2.35 8.45
N SER A 51 12.29 2.50 7.96
CA SER A 51 13.28 1.42 8.00
C SER A 51 14.69 1.98 8.17
N ASN A 52 15.66 1.08 8.22
CA ASN A 52 17.05 1.48 8.38
C ASN A 52 17.94 0.88 7.29
N PRO A 53 17.99 1.54 6.12
CA PRO A 53 18.80 1.06 4.99
C PRO A 53 20.29 1.05 5.30
N THR A 54 20.67 1.77 6.36
CA THR A 54 22.07 1.85 6.77
C THR A 54 22.42 0.73 7.75
N THR A 55 21.39 0.13 8.34
CA THR A 55 21.60 -0.96 9.30
C THR A 55 21.78 -2.30 8.58
N GLY A 56 20.70 -2.78 7.95
CA GLY A 56 20.77 -4.04 7.24
C GLY A 56 19.41 -4.69 7.08
N PHE A 57 18.56 -4.55 8.09
CA PHE A 57 17.23 -5.13 8.06
C PHE A 57 16.29 -4.27 7.22
N ARG A 58 16.03 -4.74 6.01
CA ARG A 58 15.14 -4.04 5.08
C ARG A 58 13.79 -4.71 5.01
N TRP A 59 13.05 -4.44 3.94
CA TRP A 59 11.73 -5.02 3.75
C TRP A 59 11.70 -5.88 2.49
N GLU A 60 11.27 -7.13 2.63
CA GLU A 60 11.19 -8.06 1.52
C GLU A 60 9.74 -8.36 1.16
N LEU A 61 9.43 -8.31 -0.13
CA LEU A 61 8.09 -8.59 -0.62
C LEU A 61 7.83 -10.10 -0.67
N ARG A 62 6.71 -10.52 -0.09
CA ARG A 62 6.35 -11.94 -0.08
C ARG A 62 5.16 -12.23 -0.99
N ASN A 63 4.09 -11.45 -0.83
CA ASN A 63 2.89 -11.63 -1.63
C ASN A 63 2.23 -10.28 -1.95
N PRO A 64 2.57 -9.68 -3.10
CA PRO A 64 2.01 -8.39 -3.51
C PRO A 64 0.59 -8.50 -4.03
N ALA A 65 -0.03 -9.66 -3.81
CA ALA A 65 -1.40 -9.89 -4.27
C ALA A 65 -1.52 -9.62 -5.77
N ALA A 66 -0.43 -9.85 -6.50
CA ALA A 66 -0.41 -9.63 -7.94
C ALA A 66 -1.47 -10.48 -8.65
N SER A 67 -2.08 -11.39 -7.91
CA SER A 67 -3.11 -12.27 -8.46
C SER A 67 -4.31 -11.46 -8.94
N VAL A 68 -4.59 -10.35 -8.27
CA VAL A 68 -5.72 -9.50 -8.63
C VAL A 68 -5.31 -8.04 -8.74
N LEU A 69 -4.41 -7.60 -7.86
CA LEU A 69 -3.95 -6.22 -7.86
C LEU A 69 -2.74 -6.05 -8.79
N LYS A 70 -2.87 -5.12 -9.74
CA LYS A 70 -1.79 -4.86 -10.69
C LYS A 70 -0.78 -3.86 -10.13
N ARG A 71 0.49 -4.06 -10.45
CA ARG A 71 1.55 -3.18 -9.98
C ARG A 71 1.79 -2.04 -10.96
N LEU A 72 2.08 -0.85 -10.42
CA LEU A 72 2.34 0.31 -11.26
C LEU A 72 3.71 0.22 -11.92
N GLY A 73 4.76 0.22 -11.10
CA GLY A 73 6.11 0.13 -11.62
C GLY A 73 7.08 -0.49 -10.63
N PRO A 74 8.39 -0.37 -10.88
CA PRO A 74 9.42 -0.93 -9.98
C PRO A 74 9.44 -0.24 -8.63
N GLU A 75 10.37 -0.65 -7.77
CA GLU A 75 10.50 -0.08 -6.45
C GLU A 75 11.06 1.34 -6.51
N VAL A 76 11.09 2.01 -5.36
CA VAL A 76 11.61 3.38 -5.29
C VAL A 76 13.06 3.39 -4.85
N TYR A 77 13.66 2.20 -4.78
CA TYR A 77 15.06 2.06 -4.37
C TYR A 77 15.90 1.49 -5.50
N SER A 78 16.70 2.35 -6.14
CA SER A 78 17.55 1.93 -7.24
C SER A 78 18.88 2.68 -7.21
N ASN A 79 19.71 2.42 -8.21
CA ASN A 79 21.02 3.07 -8.31
C ASN A 79 20.89 4.48 -8.86
N SER A 80 19.70 4.81 -9.37
CA SER A 80 19.44 6.13 -9.93
C SER A 80 18.13 6.70 -9.41
N GLU A 81 18.15 7.97 -9.02
CA GLU A 81 16.96 8.63 -8.50
C GLU A 81 16.65 9.89 -9.31
N GLU A 82 15.62 9.80 -10.15
CA GLU A 82 15.21 10.92 -10.98
C GLU A 82 14.74 12.10 -10.11
N ASP A 83 13.61 11.91 -9.44
CA ASP A 83 13.06 12.95 -8.58
C ASP A 83 13.36 12.65 -7.12
N SER A 84 14.13 13.54 -6.48
CA SER A 84 14.51 13.36 -5.08
C SER A 84 13.28 13.41 -4.18
N GLY A 85 12.84 14.62 -3.85
CA GLY A 85 11.67 14.78 -3.00
C GLY A 85 12.01 14.60 -1.53
N LEU A 86 12.44 13.39 -1.18
CA LEU A 86 12.79 13.05 0.20
C LEU A 86 11.64 13.34 1.16
N VAL A 87 11.01 12.28 1.63
CA VAL A 87 9.89 12.40 2.56
C VAL A 87 10.37 12.35 4.00
N GLY A 88 11.49 11.68 4.22
CA GLY A 88 12.04 11.57 5.56
C GLY A 88 13.56 11.69 5.57
N SER A 89 14.23 10.64 6.04
CA SER A 89 15.69 10.64 6.11
C SER A 89 16.30 10.18 4.79
N GLY A 90 15.60 9.27 4.11
CA GLY A 90 16.08 8.76 2.84
C GLY A 90 15.81 7.28 2.67
N GLY A 91 15.62 6.86 1.42
CA GLY A 91 15.36 5.45 1.15
C GLY A 91 13.97 5.03 1.59
N GLU A 92 13.91 4.38 2.76
CA GLU A 92 12.64 3.91 3.30
C GLU A 92 11.96 2.92 2.37
N SER A 93 10.80 2.41 2.78
CA SER A 93 10.05 1.45 1.97
C SER A 93 8.80 2.09 1.37
N THR A 94 8.58 1.83 0.08
CA THR A 94 7.43 2.37 -0.61
C THR A 94 6.91 1.39 -1.66
N TRP A 95 5.80 0.72 -1.34
CA TRP A 95 5.21 -0.25 -2.25
C TRP A 95 3.95 0.31 -2.88
N ARG A 96 3.99 0.51 -4.20
CA ARG A 96 2.86 1.05 -4.94
C ARG A 96 2.05 -0.08 -5.59
N PHE A 97 0.73 0.07 -5.58
CA PHE A 97 -0.16 -0.94 -6.18
C PHE A 97 -1.40 -0.28 -6.77
N ARG A 98 -2.14 -1.04 -7.58
CA ARG A 98 -3.35 -0.55 -8.21
C ARG A 98 -4.33 -1.69 -8.46
N VAL A 99 -5.60 -1.44 -8.16
CA VAL A 99 -6.63 -2.46 -8.35
C VAL A 99 -7.18 -2.43 -9.78
N ALA A 100 -7.06 -3.57 -10.47
CA ALA A 100 -7.53 -3.67 -11.85
C ALA A 100 -8.36 -4.94 -12.06
N ALA A 101 -8.21 -5.91 -11.16
CA ALA A 101 -8.95 -7.15 -11.27
C ALA A 101 -9.64 -7.50 -9.96
N SER A 102 -10.74 -8.23 -10.05
CA SER A 102 -11.51 -8.63 -8.88
C SER A 102 -11.00 -9.95 -8.33
N GLY A 103 -11.64 -10.42 -7.27
CA GLY A 103 -11.23 -11.66 -6.65
C GLY A 103 -10.72 -11.47 -5.23
N ASP A 104 -10.34 -12.58 -4.59
CA ASP A 104 -9.82 -12.53 -3.22
C ASP A 104 -8.30 -12.62 -3.22
N ASP A 105 -7.69 -12.08 -2.16
CA ASP A 105 -6.24 -12.09 -2.03
C ASP A 105 -5.82 -11.67 -0.62
N ARG A 106 -4.52 -11.56 -0.40
CA ARG A 106 -4.00 -11.16 0.90
C ARG A 106 -2.54 -10.73 0.79
N LEU A 107 -2.29 -9.44 0.98
CA LEU A 107 -0.94 -8.89 0.89
C LEU A 107 -0.06 -9.48 2.00
N GLU A 108 1.21 -9.71 1.67
CA GLU A 108 2.14 -10.27 2.64
C GLU A 108 3.52 -9.61 2.53
N LEU A 109 3.87 -8.81 3.53
CA LEU A 109 5.15 -8.12 3.55
C LEU A 109 5.96 -8.55 4.77
N VAL A 110 7.12 -9.16 4.51
CA VAL A 110 7.99 -9.63 5.59
C VAL A 110 9.11 -8.65 5.87
N TYR A 111 9.70 -8.78 7.07
CA TYR A 111 10.80 -7.91 7.47
C TYR A 111 12.09 -8.70 7.65
N ARG A 112 12.93 -8.69 6.63
CA ARG A 112 14.21 -9.40 6.66
C ARG A 112 15.24 -8.70 5.80
N ARG A 113 16.45 -9.26 5.76
CA ARG A 113 17.53 -8.69 4.96
C ARG A 113 17.44 -9.16 3.51
N PRO A 114 17.66 -8.25 2.55
CA PRO A 114 17.58 -8.57 1.11
C PRO A 114 18.65 -9.53 0.65
N TRP A 115 19.89 -9.31 1.10
CA TRP A 115 21.01 -10.16 0.70
C TRP A 115 20.89 -11.57 1.28
N GLU A 116 20.05 -11.73 2.30
CA GLU A 116 19.86 -13.04 2.93
C GLU A 116 18.94 -13.92 2.09
N LYS A 117 18.13 -13.30 1.23
CA LYS A 117 17.21 -14.03 0.38
C LYS A 117 16.17 -14.79 1.21
N ASP A 118 16.56 -15.95 1.73
CA ASP A 118 15.65 -16.76 2.54
C ASP A 118 16.26 -17.04 3.91
N ALA A 119 15.80 -16.31 4.92
CA ALA A 119 16.28 -16.47 6.28
C ALA A 119 15.19 -16.16 7.30
N GLU A 120 15.53 -16.26 8.58
CA GLU A 120 14.57 -15.97 9.64
C GLU A 120 14.40 -14.48 9.85
N PRO A 121 13.19 -13.95 9.55
CA PRO A 121 12.90 -12.52 9.69
C PRO A 121 12.58 -12.14 11.14
N ALA A 122 12.58 -10.83 11.41
CA ALA A 122 12.30 -10.33 12.75
C ALA A 122 10.81 -10.04 12.90
N GLU A 123 10.27 -9.23 11.99
CA GLU A 123 8.86 -8.86 12.02
C GLU A 123 8.07 -9.61 10.97
N SER A 124 6.88 -9.10 10.68
CA SER A 124 5.98 -9.70 9.70
C SER A 124 4.75 -8.84 9.49
N PHE A 125 4.13 -8.98 8.31
CA PHE A 125 2.93 -8.21 7.99
C PHE A 125 2.05 -8.96 7.01
N SER A 126 0.74 -8.90 7.21
CA SER A 126 -0.22 -9.57 6.34
C SER A 126 -1.60 -8.94 6.47
N CYS A 127 -2.13 -8.44 5.35
CA CYS A 127 -3.44 -7.82 5.34
C CYS A 127 -4.37 -8.48 4.33
N ALA A 128 -5.63 -8.64 4.71
CA ALA A 128 -6.62 -9.27 3.83
C ALA A 128 -7.18 -8.26 2.84
N ILE A 129 -7.40 -8.72 1.60
CA ILE A 129 -7.93 -7.87 0.54
C ILE A 129 -8.78 -8.67 -0.44
N GLN A 130 -9.97 -8.17 -0.75
CA GLN A 130 -10.86 -8.85 -1.68
C GLN A 130 -11.74 -7.85 -2.43
N VAL A 131 -11.45 -7.67 -3.73
CA VAL A 131 -12.21 -6.74 -4.55
C VAL A 131 -13.70 -7.12 -4.58
N ARG A 132 -14.08 -7.92 -5.57
CA ARG A 132 -15.47 -8.35 -5.70
C ARG A 132 -15.62 -9.81 -5.27
N MET A 1 -16.90 37.77 18.06
CA MET A 1 -18.17 37.24 18.64
C MET A 1 -19.09 36.72 17.54
N GLY A 2 -18.95 37.28 16.33
CA GLY A 2 -19.77 36.86 15.23
C GLY A 2 -19.29 37.43 13.90
N SER A 3 -19.37 36.62 12.85
CA SER A 3 -18.93 37.05 11.52
C SER A 3 -20.08 37.73 10.78
N SER A 4 -21.27 37.13 10.85
CA SER A 4 -22.45 37.68 10.19
C SER A 4 -22.27 37.73 8.68
N HIS A 5 -21.61 38.78 8.20
CA HIS A 5 -21.36 38.94 6.78
C HIS A 5 -20.27 37.99 6.29
N HIS A 6 -20.47 37.44 5.09
CA HIS A 6 -19.51 36.51 4.51
C HIS A 6 -18.75 37.15 3.35
N HIS A 7 -17.46 37.40 3.56
CA HIS A 7 -16.63 38.00 2.53
C HIS A 7 -15.78 36.96 1.82
N HIS A 8 -15.95 35.70 2.22
CA HIS A 8 -15.20 34.60 1.63
C HIS A 8 -15.92 34.06 0.39
N HIS A 9 -15.31 34.25 -0.77
CA HIS A 9 -15.88 33.79 -2.03
C HIS A 9 -15.39 32.39 -2.36
N HIS A 10 -16.32 31.53 -2.79
CA HIS A 10 -15.98 30.16 -3.16
C HIS A 10 -16.86 29.67 -4.29
N SER A 11 -16.23 29.09 -5.31
CA SER A 11 -16.96 28.58 -6.47
C SER A 11 -17.48 27.17 -6.20
N SER A 12 -18.79 27.00 -6.29
CA SER A 12 -19.41 25.70 -6.05
C SER A 12 -20.58 25.47 -7.01
N GLY A 13 -20.48 24.44 -7.83
CA GLY A 13 -21.52 24.14 -8.78
C GLY A 13 -22.19 22.81 -8.50
N LEU A 14 -22.65 22.14 -9.56
CA LEU A 14 -23.30 20.84 -9.42
C LEU A 14 -22.28 19.73 -9.28
N VAL A 15 -22.69 18.64 -8.64
CA VAL A 15 -21.82 17.49 -8.44
C VAL A 15 -22.50 16.18 -8.83
N PRO A 16 -21.77 15.28 -9.51
CA PRO A 16 -22.33 13.99 -9.95
C PRO A 16 -22.52 13.02 -8.78
N ARG A 17 -22.79 11.77 -9.10
CA ARG A 17 -23.00 10.75 -8.08
C ARG A 17 -21.67 10.14 -7.64
N GLY A 18 -20.80 9.88 -8.61
CA GLY A 18 -19.49 9.31 -8.31
C GLY A 18 -19.59 8.00 -7.57
N SER A 19 -18.49 7.60 -6.94
CA SER A 19 -18.45 6.35 -6.18
C SER A 19 -17.48 6.46 -5.01
N HIS A 20 -18.03 6.51 -3.79
CA HIS A 20 -17.21 6.61 -2.59
C HIS A 20 -17.31 5.35 -1.75
N MET A 21 -16.21 4.60 -1.69
CA MET A 21 -16.18 3.36 -0.91
C MET A 21 -14.93 3.31 -0.04
N GLN A 22 -13.77 3.26 -0.67
CA GLN A 22 -12.51 3.22 0.05
C GLN A 22 -11.63 4.42 -0.33
N LYS A 23 -10.33 4.20 -0.46
CA LYS A 23 -9.41 5.29 -0.80
C LYS A 23 -8.80 5.09 -2.18
N PRO A 24 -8.71 6.18 -2.96
CA PRO A 24 -8.12 6.15 -4.29
C PRO A 24 -6.72 5.58 -4.23
N VAL A 25 -6.19 5.62 -3.01
CA VAL A 25 -4.86 5.10 -2.72
C VAL A 25 -4.76 4.77 -1.23
N VAL A 26 -5.43 3.69 -0.82
CA VAL A 26 -5.41 3.27 0.58
C VAL A 26 -3.98 3.20 1.12
N THR A 27 -3.83 3.36 2.43
CA THR A 27 -2.51 3.32 3.04
C THR A 27 -2.46 2.28 4.16
N LEU A 28 -1.25 1.91 4.57
CA LEU A 28 -1.06 0.94 5.63
C LEU A 28 -0.02 1.41 6.63
N ASP A 29 -0.37 1.39 7.91
CA ASP A 29 0.53 1.82 8.97
C ASP A 29 0.43 0.89 10.17
N ASP A 30 -0.54 -0.01 10.15
CA ASP A 30 -0.74 -0.96 11.23
C ASP A 30 -0.85 -2.38 10.68
N ALA A 31 0.12 -3.21 11.02
CA ALA A 31 0.15 -4.60 10.54
C ALA A 31 -0.95 -5.44 11.21
N ASP A 32 -1.73 -4.82 12.08
CA ASP A 32 -2.80 -5.52 12.78
C ASP A 32 -4.15 -5.09 12.23
N ASP A 33 -4.15 -4.09 11.35
CA ASP A 33 -5.38 -3.59 10.76
C ASP A 33 -5.85 -4.49 9.61
N CYS A 34 -5.23 -5.67 9.51
CA CYS A 34 -5.59 -6.62 8.47
C CYS A 34 -7.06 -7.01 8.56
N SER A 35 -7.70 -7.20 7.40
CA SER A 35 -9.10 -7.57 7.34
C SER A 35 -9.55 -7.78 5.90
N PRO A 36 -10.34 -8.83 5.63
CA PRO A 36 -10.83 -9.11 4.27
C PRO A 36 -11.74 -8.00 3.76
N LEU A 37 -11.13 -6.93 3.28
CA LEU A 37 -11.87 -5.78 2.78
C LEU A 37 -12.17 -5.92 1.29
N LYS A 38 -13.15 -5.16 0.82
CA LYS A 38 -13.54 -5.18 -0.58
C LYS A 38 -13.19 -3.86 -1.25
N LEU A 39 -12.55 -3.94 -2.41
CA LEU A 39 -12.15 -2.77 -3.15
C LEU A 39 -12.89 -2.69 -4.47
N THR A 40 -12.44 -1.81 -5.36
CA THR A 40 -13.06 -1.63 -6.66
C THR A 40 -12.06 -1.08 -7.66
N GLN A 41 -12.17 -1.53 -8.89
CA GLN A 41 -11.28 -1.09 -9.96
C GLN A 41 -11.31 0.43 -10.09
N GLY A 42 -10.30 1.10 -9.53
CA GLY A 42 -10.23 2.54 -9.59
C GLY A 42 -9.50 3.13 -8.40
N GLN A 43 -9.21 2.29 -7.41
CA GLN A 43 -8.52 2.73 -6.21
C GLN A 43 -7.07 2.29 -6.26
N GLU A 44 -6.32 2.60 -5.22
CA GLU A 44 -4.90 2.23 -5.15
C GLU A 44 -4.46 1.95 -3.73
N LEU A 45 -3.16 1.78 -3.55
CA LEU A 45 -2.61 1.52 -2.22
C LEU A 45 -1.09 1.65 -2.22
N VAL A 46 -0.58 2.36 -1.22
CA VAL A 46 0.86 2.57 -1.06
C VAL A 46 1.31 2.21 0.34
N LEU A 47 2.14 1.18 0.45
CA LEU A 47 2.64 0.72 1.74
C LEU A 47 3.77 1.61 2.25
N THR A 48 3.74 1.92 3.54
CA THR A 48 4.76 2.76 4.15
C THR A 48 5.27 2.15 5.45
N LEU A 49 6.57 1.86 5.49
CA LEU A 49 7.19 1.27 6.67
C LEU A 49 8.12 2.25 7.36
N PRO A 50 8.33 2.08 8.69
CA PRO A 50 9.20 2.94 9.47
C PRO A 50 10.66 2.55 9.30
N SER A 51 10.92 1.72 8.30
CA SER A 51 12.26 1.25 8.00
C SER A 51 13.21 2.40 7.72
N ASN A 52 14.49 2.09 7.56
CA ASN A 52 15.51 3.10 7.29
C ASN A 52 16.61 2.52 6.41
N PRO A 53 17.14 3.32 5.45
CA PRO A 53 18.21 2.87 4.55
C PRO A 53 19.40 2.27 5.29
N THR A 54 20.01 3.07 6.16
CA THR A 54 21.17 2.62 6.92
C THR A 54 20.76 1.82 8.14
N THR A 55 20.52 0.52 7.95
CA THR A 55 20.12 -0.36 9.05
C THR A 55 20.61 -1.79 8.80
N GLY A 56 20.01 -2.43 7.80
CA GLY A 56 20.40 -3.79 7.48
C GLY A 56 19.20 -4.63 7.08
N PHE A 57 18.07 -4.38 7.74
CA PHE A 57 16.84 -5.10 7.45
C PHE A 57 16.05 -4.41 6.35
N ARG A 58 16.15 -4.96 5.15
CA ARG A 58 15.45 -4.42 3.99
C ARG A 58 13.98 -4.81 4.03
N TRP A 59 13.38 -5.01 2.86
CA TRP A 59 11.98 -5.40 2.77
C TRP A 59 11.79 -6.49 1.72
N GLU A 60 11.29 -7.64 2.16
CA GLU A 60 11.05 -8.76 1.26
C GLU A 60 9.56 -9.01 1.09
N LEU A 61 9.08 -8.88 -0.14
CA LEU A 61 7.67 -9.09 -0.44
C LEU A 61 7.40 -10.54 -0.83
N ARG A 62 6.41 -11.14 -0.18
CA ARG A 62 6.05 -12.53 -0.45
C ARG A 62 4.87 -12.60 -1.42
N ASN A 63 3.72 -12.15 -0.97
CA ASN A 63 2.51 -12.16 -1.79
C ASN A 63 1.98 -10.75 -2.03
N PRO A 64 2.35 -10.13 -3.17
CA PRO A 64 1.91 -8.76 -3.50
C PRO A 64 0.48 -8.71 -4.01
N ALA A 65 -0.21 -9.84 -3.97
CA ALA A 65 -1.59 -9.92 -4.44
C ALA A 65 -1.71 -9.41 -5.86
N ALA A 66 -0.62 -9.54 -6.62
CA ALA A 66 -0.59 -9.07 -8.01
C ALA A 66 -1.67 -9.76 -8.85
N SER A 67 -2.21 -10.86 -8.34
CA SER A 67 -3.24 -11.60 -9.04
C SER A 67 -4.50 -10.75 -9.22
N VAL A 68 -4.64 -9.72 -8.37
CA VAL A 68 -5.80 -8.84 -8.45
C VAL A 68 -5.38 -7.37 -8.42
N LEU A 69 -4.12 -7.12 -8.09
CA LEU A 69 -3.60 -5.76 -8.03
C LEU A 69 -2.62 -5.51 -9.17
N LYS A 70 -2.41 -4.23 -9.48
CA LYS A 70 -1.49 -3.86 -10.55
C LYS A 70 -0.62 -2.67 -10.12
N ARG A 71 -0.34 -1.75 -11.04
CA ARG A 71 0.49 -0.59 -10.73
C ARG A 71 1.75 -1.00 -9.98
N LEU A 72 2.20 -2.22 -10.25
CA LEU A 72 3.39 -2.76 -9.61
C LEU A 72 4.65 -2.31 -10.35
N GLY A 73 5.79 -2.88 -9.97
CA GLY A 73 7.04 -2.53 -10.60
C GLY A 73 8.23 -3.24 -9.98
N PRO A 74 9.44 -3.06 -10.56
CA PRO A 74 10.66 -3.69 -10.07
C PRO A 74 11.27 -2.93 -8.89
N GLU A 75 11.33 -1.60 -9.02
CA GLU A 75 11.89 -0.76 -7.97
C GLU A 75 10.89 0.30 -7.54
N VAL A 76 11.33 1.21 -6.66
CA VAL A 76 10.48 2.28 -6.18
C VAL A 76 11.09 3.64 -6.47
N TYR A 77 12.13 3.65 -7.30
CA TYR A 77 12.81 4.89 -7.66
C TYR A 77 13.21 4.87 -9.13
N SER A 78 12.74 3.86 -9.85
CA SER A 78 13.05 3.72 -11.27
C SER A 78 12.25 4.72 -12.10
N ASN A 79 11.30 5.39 -11.45
CA ASN A 79 10.46 6.37 -12.13
C ASN A 79 11.27 7.61 -12.52
N SER A 80 10.68 8.45 -13.36
CA SER A 80 11.34 9.67 -13.81
C SER A 80 11.07 10.82 -12.85
N GLU A 81 9.79 11.13 -12.66
CA GLU A 81 9.39 12.21 -11.77
C GLU A 81 8.50 11.68 -10.64
N GLU A 82 8.91 11.94 -9.41
CA GLU A 82 8.16 11.50 -8.24
C GLU A 82 8.23 12.54 -7.13
N ASP A 83 7.06 13.01 -6.69
CA ASP A 83 6.99 14.00 -5.63
C ASP A 83 7.57 13.44 -4.33
N SER A 84 8.14 14.32 -3.52
CA SER A 84 8.73 13.92 -2.25
C SER A 84 7.67 13.36 -1.31
N GLY A 85 7.03 14.24 -0.55
CA GLY A 85 6.00 13.82 0.38
C GLY A 85 6.48 12.74 1.33
N LEU A 86 7.79 12.70 1.56
CA LEU A 86 8.37 11.71 2.46
C LEU A 86 8.57 12.28 3.86
N VAL A 87 8.95 11.43 4.79
CA VAL A 87 9.17 11.84 6.18
C VAL A 87 10.64 12.15 6.42
N GLY A 88 11.51 11.51 5.65
CA GLY A 88 12.94 11.72 5.79
C GLY A 88 13.56 12.35 4.57
N SER A 89 14.86 12.15 4.40
CA SER A 89 15.58 12.70 3.27
C SER A 89 15.27 11.91 1.99
N GLY A 90 14.98 10.63 2.16
CA GLY A 90 14.66 9.79 1.01
C GLY A 90 15.04 8.34 1.24
N GLY A 91 14.06 7.46 1.16
CA GLY A 91 14.32 6.04 1.36
C GLY A 91 13.08 5.27 1.76
N GLU A 92 13.23 4.35 2.70
CA GLU A 92 12.12 3.53 3.18
C GLU A 92 11.50 2.73 2.04
N SER A 93 10.47 1.95 2.36
CA SER A 93 9.79 1.14 1.37
C SER A 93 8.54 1.85 0.84
N THR A 94 8.14 1.51 -0.37
CA THR A 94 6.97 2.13 -0.99
C THR A 94 6.35 1.21 -2.04
N TRP A 95 5.52 0.27 -1.60
CA TRP A 95 4.87 -0.65 -2.51
C TRP A 95 3.58 -0.04 -3.06
N ARG A 96 3.58 0.29 -4.35
CA ARG A 96 2.42 0.90 -4.98
C ARG A 96 1.71 -0.08 -5.92
N PHE A 97 0.38 -0.07 -5.85
CA PHE A 97 -0.44 -0.94 -6.70
C PHE A 97 -1.80 -0.30 -6.97
N ARG A 98 -2.48 -0.78 -8.01
CA ARG A 98 -3.79 -0.27 -8.38
C ARG A 98 -4.75 -1.42 -8.66
N VAL A 99 -5.98 -1.30 -8.15
CA VAL A 99 -6.98 -2.35 -8.35
C VAL A 99 -7.27 -2.54 -9.83
N ALA A 100 -6.81 -3.67 -10.37
CA ALA A 100 -7.00 -3.99 -11.78
C ALA A 100 -8.27 -4.81 -11.99
N ALA A 101 -8.44 -5.84 -11.18
CA ALA A 101 -9.61 -6.72 -11.29
C ALA A 101 -10.04 -7.23 -9.92
N SER A 102 -11.19 -7.89 -9.87
CA SER A 102 -11.72 -8.43 -8.65
C SER A 102 -10.87 -9.59 -8.16
N GLY A 103 -11.41 -10.35 -7.23
CA GLY A 103 -10.69 -11.49 -6.69
C GLY A 103 -10.36 -11.33 -5.22
N ASP A 104 -10.11 -12.44 -4.55
CA ASP A 104 -9.78 -12.44 -3.13
C ASP A 104 -8.32 -12.82 -2.91
N ASP A 105 -7.53 -11.86 -2.46
CA ASP A 105 -6.11 -12.10 -2.19
C ASP A 105 -5.73 -11.67 -0.78
N ARG A 106 -4.43 -11.61 -0.51
CA ARG A 106 -3.95 -11.22 0.80
C ARG A 106 -2.48 -10.80 0.73
N LEU A 107 -2.21 -9.53 1.01
CA LEU A 107 -0.84 -9.03 0.98
C LEU A 107 0.03 -9.74 2.02
N GLU A 108 1.22 -10.14 1.62
CA GLU A 108 2.14 -10.83 2.51
C GLU A 108 3.56 -10.28 2.38
N LEU A 109 4.04 -9.61 3.41
CA LEU A 109 5.39 -9.06 3.41
C LEU A 109 6.09 -9.37 4.73
N VAL A 110 7.40 -9.12 4.76
CA VAL A 110 8.19 -9.37 5.97
C VAL A 110 9.35 -8.39 6.06
N TYR A 111 9.54 -7.83 7.25
CA TYR A 111 10.62 -6.87 7.48
C TYR A 111 11.91 -7.60 7.87
N ARG A 112 12.66 -8.05 6.87
CA ARG A 112 13.90 -8.77 7.11
C ARG A 112 14.99 -8.34 6.14
N ARG A 113 16.11 -9.05 6.18
CA ARG A 113 17.24 -8.75 5.30
C ARG A 113 17.14 -9.57 4.01
N PRO A 114 17.68 -9.05 2.89
CA PRO A 114 17.63 -9.73 1.60
C PRO A 114 18.60 -10.91 1.50
N TRP A 115 19.65 -10.90 2.31
CA TRP A 115 20.64 -11.97 2.29
C TRP A 115 20.38 -13.00 3.38
N GLU A 116 19.12 -13.18 3.74
CA GLU A 116 18.75 -14.14 4.76
C GLU A 116 17.66 -15.09 4.26
N LYS A 117 17.99 -16.37 4.16
CA LYS A 117 17.05 -17.37 3.69
C LYS A 117 15.94 -17.60 4.71
N ASP A 118 16.32 -18.07 5.89
CA ASP A 118 15.36 -18.33 6.95
C ASP A 118 15.88 -17.82 8.30
N ALA A 119 15.46 -16.62 8.68
CA ALA A 119 15.87 -16.03 9.94
C ALA A 119 14.78 -15.13 10.51
N GLU A 120 14.45 -15.33 11.78
CA GLU A 120 13.43 -14.54 12.44
C GLU A 120 13.69 -13.05 12.28
N PRO A 121 12.75 -12.30 11.69
CA PRO A 121 12.87 -10.87 11.47
C PRO A 121 12.26 -10.04 12.58
N ALA A 122 12.30 -8.72 12.41
CA ALA A 122 11.75 -7.80 13.40
C ALA A 122 10.23 -7.73 13.26
N GLU A 123 9.77 -7.14 12.18
CA GLU A 123 8.35 -7.01 11.92
C GLU A 123 7.86 -8.07 10.95
N SER A 124 6.63 -7.90 10.51
CA SER A 124 6.01 -8.82 9.57
C SER A 124 4.73 -8.22 9.02
N PHE A 125 4.30 -8.70 7.85
CA PHE A 125 3.09 -8.19 7.23
C PHE A 125 2.27 -9.32 6.61
N SER A 126 0.95 -9.22 6.77
CA SER A 126 0.04 -10.21 6.23
C SER A 126 -1.41 -9.78 6.43
N CYS A 127 -1.90 -8.93 5.53
CA CYS A 127 -3.27 -8.44 5.63
C CYS A 127 -4.13 -8.92 4.46
N ALA A 128 -5.40 -9.16 4.75
CA ALA A 128 -6.33 -9.63 3.74
C ALA A 128 -6.78 -8.49 2.82
N ILE A 129 -6.97 -8.82 1.54
CA ILE A 129 -7.38 -7.84 0.55
C ILE A 129 -8.26 -8.49 -0.51
N GLN A 130 -9.49 -8.02 -0.63
CA GLN A 130 -10.42 -8.56 -1.61
C GLN A 130 -11.06 -7.45 -2.44
N VAL A 131 -11.66 -7.82 -3.56
CA VAL A 131 -12.30 -6.86 -4.43
C VAL A 131 -13.68 -7.37 -4.86
N ARG A 132 -14.55 -6.44 -5.25
CA ARG A 132 -15.90 -6.79 -5.69
C ARG A 132 -16.71 -7.39 -4.54
N MET A 1 -7.83 -0.51 -37.46
CA MET A 1 -7.92 0.71 -38.30
C MET A 1 -9.34 0.94 -38.79
N GLY A 2 -9.98 -0.14 -39.25
CA GLY A 2 -11.35 -0.03 -39.75
C GLY A 2 -12.37 -0.25 -38.65
N SER A 3 -13.08 0.81 -38.29
CA SER A 3 -14.10 0.73 -37.25
C SER A 3 -15.48 0.52 -37.86
N SER A 4 -16.16 -0.52 -37.40
CA SER A 4 -17.50 -0.84 -37.89
C SER A 4 -18.44 -1.16 -36.75
N HIS A 5 -17.91 -1.16 -35.52
CA HIS A 5 -18.71 -1.45 -34.34
C HIS A 5 -19.69 -0.32 -34.05
N HIS A 6 -20.80 -0.65 -33.41
CA HIS A 6 -21.83 0.33 -33.08
C HIS A 6 -21.23 1.47 -32.26
N HIS A 7 -21.40 2.71 -32.75
CA HIS A 7 -20.88 3.88 -32.05
C HIS A 7 -21.57 4.06 -30.71
N HIS A 8 -20.77 4.21 -29.65
CA HIS A 8 -21.31 4.40 -28.31
C HIS A 8 -20.31 5.16 -27.43
N HIS A 9 -20.65 5.30 -26.15
CA HIS A 9 -19.79 6.00 -25.21
C HIS A 9 -18.70 5.06 -24.66
N HIS A 10 -17.52 5.60 -24.43
CA HIS A 10 -16.40 4.82 -23.90
C HIS A 10 -16.63 4.46 -22.44
N SER A 11 -16.89 5.48 -21.62
CA SER A 11 -17.13 5.28 -20.20
C SER A 11 -18.20 6.23 -19.67
N SER A 12 -17.98 7.52 -19.88
CA SER A 12 -18.93 8.54 -19.44
C SER A 12 -19.22 9.54 -20.55
N GLY A 13 -20.40 10.16 -20.50
CA GLY A 13 -20.77 11.13 -21.50
C GLY A 13 -21.91 12.02 -21.06
N LEU A 14 -23.02 11.40 -20.66
CA LEU A 14 -24.19 12.15 -20.21
C LEU A 14 -24.18 12.33 -18.70
N VAL A 15 -23.88 11.24 -17.99
CA VAL A 15 -23.83 11.29 -16.52
C VAL A 15 -22.50 10.74 -16.02
N PRO A 16 -21.82 11.47 -15.12
CA PRO A 16 -20.53 11.05 -14.55
C PRO A 16 -20.63 9.70 -13.85
N ARG A 17 -21.78 9.44 -13.23
CA ARG A 17 -22.02 8.20 -12.51
C ARG A 17 -21.06 8.06 -11.33
N GLY A 18 -19.84 7.59 -11.61
CA GLY A 18 -18.86 7.42 -10.55
C GLY A 18 -17.58 6.77 -11.06
N SER A 19 -16.51 6.91 -10.28
CA SER A 19 -15.22 6.33 -10.66
C SER A 19 -14.49 5.81 -9.42
N HIS A 20 -14.52 6.60 -8.35
CA HIS A 20 -13.85 6.21 -7.10
C HIS A 20 -14.88 5.91 -6.01
N MET A 21 -14.92 4.66 -5.58
CA MET A 21 -15.85 4.25 -4.53
C MET A 21 -15.31 4.58 -3.15
N GLN A 22 -14.01 4.33 -2.96
CA GLN A 22 -13.36 4.60 -1.67
C GLN A 22 -12.30 5.68 -1.82
N LYS A 23 -11.08 5.27 -2.18
CA LYS A 23 -9.98 6.21 -2.34
C LYS A 23 -9.10 5.85 -3.53
N PRO A 24 -8.68 6.87 -4.29
CA PRO A 24 -7.81 6.68 -5.45
C PRO A 24 -6.54 5.97 -5.03
N VAL A 25 -6.29 6.05 -3.73
CA VAL A 25 -5.13 5.42 -3.11
C VAL A 25 -5.42 5.15 -1.62
N VAL A 26 -6.27 4.17 -1.35
CA VAL A 26 -6.62 3.83 0.04
C VAL A 26 -5.36 3.50 0.83
N THR A 27 -4.96 4.43 1.70
CA THR A 27 -3.76 4.26 2.52
C THR A 27 -3.97 3.16 3.56
N LEU A 28 -2.86 2.66 4.10
CA LEU A 28 -2.91 1.60 5.11
C LEU A 28 -1.78 1.77 6.11
N ASP A 29 -1.94 1.18 7.29
CA ASP A 29 -0.94 1.26 8.35
C ASP A 29 -1.15 0.18 9.40
N ASP A 30 -2.31 0.24 10.05
CA ASP A 30 -2.63 -0.74 11.10
C ASP A 30 -2.91 -2.11 10.49
N ALA A 31 -2.46 -3.15 11.18
CA ALA A 31 -2.66 -4.53 10.72
C ALA A 31 -3.95 -5.12 11.28
N ASP A 32 -4.47 -4.49 12.33
CA ASP A 32 -5.71 -4.95 12.97
C ASP A 32 -6.92 -4.63 12.09
N ASP A 33 -6.82 -3.53 11.35
CA ASP A 33 -7.91 -3.10 10.48
C ASP A 33 -7.88 -3.85 9.15
N CYS A 34 -6.89 -4.73 9.00
CA CYS A 34 -6.75 -5.52 7.79
C CYS A 34 -7.66 -6.73 7.81
N SER A 35 -8.55 -6.82 6.83
CA SER A 35 -9.50 -7.91 6.71
C SER A 35 -9.95 -8.09 5.26
N PRO A 36 -10.50 -9.26 4.91
CA PRO A 36 -10.97 -9.53 3.55
C PRO A 36 -12.13 -8.61 3.17
N LEU A 37 -11.79 -7.37 2.83
CA LEU A 37 -12.77 -6.37 2.46
C LEU A 37 -12.91 -6.27 0.94
N LYS A 38 -14.15 -6.07 0.47
CA LYS A 38 -14.41 -5.95 -0.96
C LYS A 38 -13.94 -4.59 -1.47
N LEU A 39 -13.38 -4.61 -2.68
CA LEU A 39 -12.89 -3.39 -3.30
C LEU A 39 -13.48 -3.23 -4.71
N THR A 40 -12.86 -2.36 -5.50
CA THR A 40 -13.32 -2.11 -6.86
C THR A 40 -12.22 -1.47 -7.69
N GLN A 41 -12.14 -1.87 -8.95
CA GLN A 41 -11.13 -1.34 -9.86
C GLN A 41 -11.26 0.19 -9.97
N GLY A 42 -10.21 0.89 -9.58
CA GLY A 42 -10.22 2.34 -9.63
C GLY A 42 -9.66 2.95 -8.35
N GLN A 43 -9.15 2.09 -7.48
CA GLN A 43 -8.59 2.54 -6.22
C GLN A 43 -7.16 2.03 -6.10
N GLU A 44 -6.38 2.66 -5.23
CA GLU A 44 -4.98 2.24 -5.06
C GLU A 44 -4.57 2.17 -3.59
N LEU A 45 -3.27 2.12 -3.36
CA LEU A 45 -2.72 2.05 -2.01
C LEU A 45 -1.28 2.56 -1.98
N VAL A 46 -0.89 3.16 -0.87
CA VAL A 46 0.47 3.68 -0.69
C VAL A 46 0.87 3.61 0.78
N LEU A 47 1.77 2.67 1.09
CA LEU A 47 2.25 2.48 2.45
C LEU A 47 3.70 2.94 2.59
N THR A 48 4.03 3.54 3.73
CA THR A 48 5.39 4.02 3.98
C THR A 48 5.82 3.71 5.41
N LEU A 49 6.87 2.89 5.54
CA LEU A 49 7.39 2.52 6.84
C LEU A 49 8.84 2.93 6.98
N PRO A 50 9.33 3.08 8.23
CA PRO A 50 10.72 3.48 8.49
C PRO A 50 11.70 2.33 8.28
N SER A 51 12.75 2.60 7.53
CA SER A 51 13.77 1.59 7.24
C SER A 51 15.02 2.22 6.65
N ASN A 52 16.16 1.97 7.28
CA ASN A 52 17.43 2.53 6.82
C ASN A 52 17.94 1.74 5.61
N PRO A 53 18.12 2.41 4.46
CA PRO A 53 18.61 1.77 3.23
C PRO A 53 20.09 1.39 3.32
N THR A 54 20.53 0.53 2.40
CA THR A 54 21.91 0.07 2.36
C THR A 54 22.39 -0.39 3.72
N THR A 55 21.45 -0.83 4.56
CA THR A 55 21.79 -1.31 5.90
C THR A 55 21.89 -2.83 5.93
N GLY A 56 20.77 -3.51 5.66
CA GLY A 56 20.77 -4.96 5.67
C GLY A 56 19.37 -5.53 5.74
N PHE A 57 18.56 -5.01 6.66
CA PHE A 57 17.20 -5.47 6.84
C PHE A 57 16.22 -4.64 6.02
N ARG A 58 15.75 -5.23 4.92
CA ARG A 58 14.81 -4.56 4.04
C ARG A 58 13.40 -5.12 4.25
N TRP A 59 12.56 -5.01 3.22
CA TRP A 59 11.20 -5.51 3.30
C TRP A 59 10.88 -6.39 2.09
N GLU A 60 10.64 -7.67 2.35
CA GLU A 60 10.33 -8.63 1.29
C GLU A 60 8.83 -8.82 1.14
N LEU A 61 8.39 -9.06 -0.09
CA LEU A 61 6.99 -9.27 -0.38
C LEU A 61 6.65 -10.75 -0.51
N ARG A 62 6.08 -11.32 0.55
CA ARG A 62 5.71 -12.73 0.54
C ARG A 62 4.44 -12.92 -0.30
N ASN A 63 3.77 -11.83 -0.60
CA ASN A 63 2.55 -11.86 -1.40
C ASN A 63 2.16 -10.45 -1.85
N PRO A 64 2.65 -10.02 -3.04
CA PRO A 64 2.34 -8.69 -3.58
C PRO A 64 0.93 -8.59 -4.12
N ALA A 65 0.14 -9.65 -3.92
CA ALA A 65 -1.24 -9.68 -4.40
C ALA A 65 -1.30 -9.44 -5.89
N ALA A 66 -0.22 -9.77 -6.59
CA ALA A 66 -0.15 -9.59 -8.04
C ALA A 66 -1.20 -10.43 -8.75
N SER A 67 -1.89 -11.29 -8.00
CA SER A 67 -2.91 -12.16 -8.55
C SER A 67 -4.13 -11.35 -9.00
N VAL A 68 -4.44 -10.29 -8.25
CA VAL A 68 -5.58 -9.45 -8.57
C VAL A 68 -5.18 -7.98 -8.67
N LEU A 69 -4.31 -7.54 -7.77
CA LEU A 69 -3.86 -6.15 -7.77
C LEU A 69 -2.64 -5.98 -8.67
N LYS A 70 -2.73 -5.04 -9.59
CA LYS A 70 -1.64 -4.78 -10.53
C LYS A 70 -0.63 -3.82 -9.91
N ARG A 71 0.66 -4.09 -10.15
CA ARG A 71 1.73 -3.26 -9.62
C ARG A 71 2.06 -2.13 -10.59
N LEU A 72 2.58 -1.02 -10.05
CA LEU A 72 2.94 0.13 -10.87
C LEU A 72 4.45 0.17 -11.13
N GLY A 73 5.21 0.53 -10.09
CA GLY A 73 6.65 0.60 -10.23
C GLY A 73 7.36 -0.62 -9.68
N PRO A 74 8.70 -0.66 -9.77
CA PRO A 74 9.49 -1.79 -9.28
C PRO A 74 9.64 -1.79 -7.75
N GLU A 75 10.44 -0.87 -7.23
CA GLU A 75 10.67 -0.78 -5.79
C GLU A 75 10.52 0.66 -5.31
N VAL A 76 10.66 1.61 -6.24
CA VAL A 76 10.56 3.03 -5.93
C VAL A 76 11.66 3.45 -4.96
N TYR A 77 12.64 4.18 -5.47
CA TYR A 77 13.75 4.66 -4.65
C TYR A 77 14.37 5.92 -5.26
N SER A 78 14.47 5.94 -6.59
CA SER A 78 15.05 7.09 -7.29
C SER A 78 14.48 7.20 -8.70
N ASN A 79 13.49 6.36 -9.01
CA ASN A 79 12.87 6.36 -10.32
C ASN A 79 12.08 7.65 -10.55
N SER A 80 11.00 7.81 -9.78
CA SER A 80 10.15 8.99 -9.90
C SER A 80 9.42 9.27 -8.60
N GLU A 81 9.51 10.51 -8.12
CA GLU A 81 8.86 10.91 -6.89
C GLU A 81 8.54 12.40 -6.89
N GLU A 82 7.43 12.77 -6.27
CA GLU A 82 7.01 14.17 -6.22
C GLU A 82 6.77 14.60 -4.77
N ASP A 83 5.86 13.92 -4.09
CA ASP A 83 5.55 14.22 -2.70
C ASP A 83 5.53 12.97 -1.85
N SER A 84 6.43 12.92 -0.87
CA SER A 84 6.52 11.76 0.02
C SER A 84 6.90 12.19 1.44
N GLY A 85 7.81 13.16 1.52
CA GLY A 85 8.25 13.65 2.82
C GLY A 85 9.50 12.93 3.32
N LEU A 86 10.57 13.02 2.55
CA LEU A 86 11.83 12.39 2.92
C LEU A 86 12.51 13.13 4.06
N VAL A 87 13.22 12.39 4.91
CA VAL A 87 13.91 12.99 6.04
C VAL A 87 15.28 13.52 5.63
N GLY A 88 15.82 12.96 4.54
CA GLY A 88 17.12 13.40 4.06
C GLY A 88 17.16 13.51 2.55
N SER A 89 17.46 12.40 1.88
CA SER A 89 17.53 12.37 0.42
C SER A 89 16.96 11.08 -0.13
N GLY A 90 16.54 10.19 0.76
CA GLY A 90 15.97 8.92 0.35
C GLY A 90 16.27 7.80 1.33
N GLY A 91 15.24 7.04 1.68
CA GLY A 91 15.41 5.94 2.62
C GLY A 91 14.10 5.50 3.24
N GLU A 92 13.06 5.41 2.41
CA GLU A 92 11.74 4.99 2.89
C GLU A 92 11.07 4.08 1.87
N SER A 93 10.82 2.84 2.28
CA SER A 93 10.18 1.85 1.41
C SER A 93 8.74 2.27 1.09
N THR A 94 8.47 2.46 -0.20
CA THR A 94 7.14 2.85 -0.65
C THR A 94 6.46 1.71 -1.40
N TRP A 95 5.22 1.39 -0.97
CA TRP A 95 4.47 0.32 -1.60
C TRP A 95 3.22 0.86 -2.29
N ARG A 96 3.27 0.96 -3.61
CA ARG A 96 2.14 1.47 -4.38
C ARG A 96 1.51 0.36 -5.21
N PHE A 97 0.18 0.21 -5.08
CA PHE A 97 -0.54 -0.83 -5.81
C PHE A 97 -1.86 -0.29 -6.37
N ARG A 98 -2.31 -0.90 -7.47
CA ARG A 98 -3.56 -0.51 -8.11
C ARG A 98 -4.43 -1.74 -8.37
N VAL A 99 -5.74 -1.58 -8.25
CA VAL A 99 -6.66 -2.69 -8.47
C VAL A 99 -7.06 -2.78 -9.94
N ALA A 100 -6.67 -3.87 -10.59
CA ALA A 100 -6.97 -4.07 -12.01
C ALA A 100 -8.20 -4.94 -12.20
N ALA A 101 -8.31 -6.00 -11.40
CA ALA A 101 -9.44 -6.92 -11.49
C ALA A 101 -9.91 -7.35 -10.10
N SER A 102 -10.95 -8.18 -10.08
CA SER A 102 -11.50 -8.68 -8.84
C SER A 102 -10.76 -9.92 -8.38
N GLY A 103 -11.33 -10.60 -7.40
CA GLY A 103 -10.72 -11.80 -6.86
C GLY A 103 -10.24 -11.63 -5.43
N ASP A 104 -9.87 -12.74 -4.81
CA ASP A 104 -9.39 -12.73 -3.43
C ASP A 104 -7.87 -12.64 -3.39
N ASP A 105 -7.34 -12.03 -2.34
CA ASP A 105 -5.90 -11.88 -2.19
C ASP A 105 -5.56 -11.42 -0.78
N ARG A 106 -4.27 -11.44 -0.45
CA ARG A 106 -3.80 -11.02 0.85
C ARG A 106 -2.34 -10.57 0.77
N LEU A 107 -2.13 -9.27 0.89
CA LEU A 107 -0.77 -8.72 0.83
C LEU A 107 0.08 -9.20 2.00
N GLU A 108 1.21 -9.82 1.68
CA GLU A 108 2.11 -10.34 2.70
C GLU A 108 3.46 -9.64 2.66
N LEU A 109 3.89 -9.09 3.79
CA LEU A 109 5.16 -8.40 3.88
C LEU A 109 5.93 -8.84 5.12
N VAL A 110 7.26 -8.82 5.03
CA VAL A 110 8.10 -9.23 6.15
C VAL A 110 9.33 -8.32 6.27
N TYR A 111 9.93 -8.29 7.45
CA TYR A 111 11.10 -7.45 7.70
C TYR A 111 12.35 -8.31 7.87
N ARG A 112 13.17 -8.36 6.83
CA ARG A 112 14.41 -9.13 6.86
C ARG A 112 15.32 -8.77 5.69
N ARG A 113 16.48 -9.40 5.64
CA ARG A 113 17.45 -9.13 4.57
C ARG A 113 16.85 -9.50 3.21
N PRO A 114 17.02 -8.63 2.19
CA PRO A 114 16.46 -8.85 0.86
C PRO A 114 17.30 -9.73 -0.06
N TRP A 115 18.06 -10.67 0.50
CA TRP A 115 18.87 -11.56 -0.31
C TRP A 115 18.63 -13.00 0.12
N GLU A 116 17.98 -13.16 1.28
CA GLU A 116 17.69 -14.47 1.83
C GLU A 116 16.60 -15.17 1.02
N LYS A 117 16.71 -16.48 0.90
CA LYS A 117 15.72 -17.27 0.16
C LYS A 117 14.62 -17.76 1.09
N ASP A 118 14.99 -18.09 2.32
CA ASP A 118 14.04 -18.57 3.31
C ASP A 118 14.67 -18.64 4.69
N ALA A 119 14.37 -17.65 5.53
CA ALA A 119 14.92 -17.60 6.88
C ALA A 119 13.97 -16.87 7.83
N GLU A 120 13.95 -17.31 9.09
CA GLU A 120 13.09 -16.70 10.09
C GLU A 120 13.37 -15.21 10.23
N PRO A 121 12.42 -14.36 9.82
CA PRO A 121 12.55 -12.91 9.89
C PRO A 121 12.23 -12.36 11.27
N ALA A 122 12.64 -11.13 11.54
CA ALA A 122 12.38 -10.49 12.83
C ALA A 122 10.92 -10.09 12.94
N GLU A 123 10.53 -9.10 12.16
CA GLU A 123 9.16 -8.61 12.16
C GLU A 123 8.32 -9.36 11.14
N SER A 124 7.16 -8.79 10.82
CA SER A 124 6.25 -9.39 9.85
C SER A 124 5.05 -8.49 9.61
N PHE A 125 4.29 -8.79 8.56
CA PHE A 125 3.12 -8.01 8.20
C PHE A 125 2.22 -8.78 7.24
N SER A 126 0.91 -8.54 7.32
CA SER A 126 -0.04 -9.22 6.46
C SER A 126 -1.41 -8.56 6.52
N CYS A 127 -2.09 -8.49 5.38
CA CYS A 127 -3.41 -7.87 5.31
C CYS A 127 -4.26 -8.52 4.21
N ALA A 128 -5.50 -8.83 4.55
CA ALA A 128 -6.43 -9.46 3.60
C ALA A 128 -7.08 -8.42 2.70
N ILE A 129 -7.36 -8.83 1.46
CA ILE A 129 -7.99 -7.94 0.48
C ILE A 129 -8.92 -8.72 -0.43
N GLN A 130 -10.10 -8.17 -0.69
CA GLN A 130 -11.08 -8.81 -1.55
C GLN A 130 -11.61 -7.82 -2.59
N VAL A 131 -11.93 -8.32 -3.78
CA VAL A 131 -12.45 -7.48 -4.85
C VAL A 131 -13.57 -8.17 -5.60
N ARG A 132 -14.50 -7.38 -6.12
CA ARG A 132 -15.63 -7.91 -6.88
C ARG A 132 -16.48 -6.78 -7.45
N MET A 1 -30.08 -12.02 28.40
CA MET A 1 -30.15 -11.58 29.82
C MET A 1 -29.36 -10.30 30.04
N GLY A 2 -28.55 -9.94 29.04
CA GLY A 2 -27.74 -8.73 29.14
C GLY A 2 -27.08 -8.38 27.83
N SER A 3 -26.73 -9.39 27.05
CA SER A 3 -26.08 -9.17 25.76
C SER A 3 -27.11 -9.19 24.63
N SER A 4 -28.31 -9.68 24.92
CA SER A 4 -29.37 -9.75 23.93
C SER A 4 -30.04 -8.39 23.76
N HIS A 5 -29.72 -7.46 24.65
CA HIS A 5 -30.29 -6.12 24.59
C HIS A 5 -29.52 -5.24 23.62
N HIS A 6 -28.21 -5.46 23.55
CA HIS A 6 -27.35 -4.68 22.65
C HIS A 6 -27.16 -5.40 21.33
N HIS A 7 -27.71 -4.83 20.26
CA HIS A 7 -27.59 -5.41 18.93
C HIS A 7 -26.50 -4.74 18.13
N HIS A 8 -26.15 -5.32 17.00
CA HIS A 8 -25.11 -4.77 16.13
C HIS A 8 -25.70 -3.83 15.10
N HIS A 9 -25.25 -2.57 15.13
CA HIS A 9 -25.74 -1.56 14.19
C HIS A 9 -24.77 -1.39 13.02
N HIS A 10 -25.27 -1.60 11.82
CA HIS A 10 -24.45 -1.47 10.62
C HIS A 10 -25.17 -0.66 9.55
N SER A 11 -24.41 0.09 8.75
CA SER A 11 -24.97 0.91 7.68
C SER A 11 -24.25 0.67 6.37
N SER A 12 -24.86 1.10 5.27
CA SER A 12 -24.28 0.94 3.95
C SER A 12 -24.47 2.20 3.11
N GLY A 13 -25.59 2.89 3.34
CA GLY A 13 -25.88 4.11 2.59
C GLY A 13 -25.36 5.34 3.30
N LEU A 14 -24.16 5.78 2.91
CA LEU A 14 -23.55 6.97 3.50
C LEU A 14 -23.07 7.93 2.43
N VAL A 15 -22.21 7.42 1.53
CA VAL A 15 -21.67 8.24 0.45
C VAL A 15 -22.56 8.15 -0.80
N PRO A 16 -22.63 9.25 -1.58
CA PRO A 16 -23.43 9.29 -2.80
C PRO A 16 -22.93 8.33 -3.86
N ARG A 17 -23.75 8.08 -4.89
CA ARG A 17 -23.38 7.18 -5.97
C ARG A 17 -22.77 7.96 -7.13
N GLY A 18 -21.47 7.77 -7.35
CA GLY A 18 -20.79 8.47 -8.42
C GLY A 18 -19.28 8.46 -8.25
N SER A 19 -18.72 9.64 -7.98
CA SER A 19 -17.28 9.77 -7.81
C SER A 19 -16.94 10.04 -6.34
N HIS A 20 -15.64 10.07 -6.03
CA HIS A 20 -15.17 10.34 -4.68
C HIS A 20 -13.79 10.96 -4.69
N MET A 21 -13.20 11.13 -3.51
CA MET A 21 -11.88 11.72 -3.38
C MET A 21 -10.96 10.84 -2.53
N GLN A 22 -11.53 10.21 -1.51
CA GLN A 22 -10.77 9.34 -0.63
C GLN A 22 -10.95 7.87 -1.00
N LYS A 23 -9.84 7.11 -0.93
CA LYS A 23 -9.89 5.69 -1.27
C LYS A 23 -9.92 4.83 0.00
N PRO A 24 -10.61 3.68 -0.08
CA PRO A 24 -10.76 2.75 1.04
C PRO A 24 -9.46 2.06 1.40
N VAL A 25 -8.44 2.32 0.61
CA VAL A 25 -7.13 1.72 0.80
C VAL A 25 -6.08 2.76 1.17
N VAL A 26 -5.55 3.44 0.16
CA VAL A 26 -4.52 4.47 0.36
C VAL A 26 -3.45 4.04 1.36
N THR A 27 -2.65 5.00 1.81
CA THR A 27 -1.58 4.71 2.76
C THR A 27 -2.13 4.47 4.16
N LEU A 28 -1.34 3.81 4.99
CA LEU A 28 -1.73 3.50 6.36
C LEU A 28 -0.50 3.18 7.21
N ASP A 29 -0.74 2.63 8.40
CA ASP A 29 0.36 2.28 9.30
C ASP A 29 -0.07 1.21 10.30
N ASP A 30 -1.30 1.31 10.78
CA ASP A 30 -1.83 0.35 11.75
C ASP A 30 -2.11 -0.99 11.08
N ALA A 31 -1.51 -2.05 11.61
CA ALA A 31 -1.70 -3.38 11.07
C ALA A 31 -2.97 -4.03 11.62
N ASP A 32 -3.33 -5.18 11.05
CA ASP A 32 -4.52 -5.93 11.46
C ASP A 32 -5.81 -5.14 11.19
N ASP A 33 -5.68 -3.84 10.95
CA ASP A 33 -6.84 -3.00 10.66
C ASP A 33 -7.24 -3.14 9.20
N CYS A 34 -6.56 -4.04 8.49
CA CYS A 34 -6.82 -4.27 7.09
C CYS A 34 -8.04 -5.17 6.90
N SER A 35 -7.83 -6.47 7.04
CA SER A 35 -8.90 -7.46 6.88
C SER A 35 -9.37 -7.47 5.44
N PRO A 36 -10.08 -8.53 5.00
CA PRO A 36 -10.59 -8.63 3.62
C PRO A 36 -11.34 -7.38 3.19
N LEU A 37 -10.59 -6.31 2.89
CA LEU A 37 -11.18 -5.05 2.46
C LEU A 37 -12.10 -5.23 1.27
N LYS A 38 -12.81 -4.17 0.94
CA LYS A 38 -13.73 -4.18 -0.19
C LYS A 38 -13.27 -3.18 -1.24
N LEU A 39 -12.42 -3.65 -2.15
CA LEU A 39 -11.89 -2.80 -3.21
C LEU A 39 -12.66 -3.02 -4.52
N THR A 40 -12.19 -2.37 -5.58
CA THR A 40 -12.79 -2.47 -6.89
C THR A 40 -11.82 -1.97 -7.94
N GLN A 41 -12.03 -2.42 -9.18
CA GLN A 41 -11.17 -2.03 -10.29
C GLN A 41 -11.03 -0.51 -10.35
N GLY A 42 -9.92 -0.01 -9.84
CA GLY A 42 -9.67 1.42 -9.83
C GLY A 42 -9.31 1.92 -8.43
N GLN A 43 -8.86 1.00 -7.59
CA GLN A 43 -8.49 1.34 -6.22
C GLN A 43 -6.98 1.35 -6.09
N GLU A 44 -6.49 1.89 -4.97
CA GLU A 44 -5.04 1.96 -4.76
C GLU A 44 -4.64 1.71 -3.32
N LEU A 45 -3.87 0.64 -3.13
CA LEU A 45 -3.38 0.27 -1.81
C LEU A 45 -1.97 0.81 -1.62
N VAL A 46 -1.81 1.75 -0.69
CA VAL A 46 -0.52 2.36 -0.42
C VAL A 46 -0.07 2.08 1.02
N LEU A 47 1.23 2.17 1.27
CA LEU A 47 1.77 1.94 2.60
C LEU A 47 3.22 2.42 2.69
N THR A 48 3.61 2.90 3.86
CA THR A 48 4.96 3.38 4.09
C THR A 48 5.48 2.94 5.45
N LEU A 49 6.71 2.41 5.46
CA LEU A 49 7.33 1.95 6.70
C LEU A 49 8.79 2.38 6.78
N PRO A 50 9.19 3.02 7.90
CA PRO A 50 10.58 3.49 8.08
C PRO A 50 11.57 2.33 8.11
N SER A 51 12.77 2.58 7.59
CA SER A 51 13.81 1.57 7.57
C SER A 51 15.20 2.22 7.67
N ASN A 52 15.96 1.82 8.69
CA ASN A 52 17.30 2.36 8.90
C ASN A 52 18.21 2.05 7.71
N PRO A 53 18.62 3.09 6.96
CA PRO A 53 19.50 2.90 5.78
C PRO A 53 20.82 2.25 6.15
N THR A 54 21.25 1.31 5.31
CA THR A 54 22.51 0.59 5.54
C THR A 54 22.52 -0.05 6.92
N THR A 55 21.87 -1.20 7.04
CA THR A 55 21.81 -1.92 8.31
C THR A 55 21.90 -3.43 8.08
N GLY A 56 20.96 -3.97 7.32
CA GLY A 56 20.94 -5.39 7.04
C GLY A 56 19.55 -5.91 6.76
N PHE A 57 18.63 -5.60 7.66
CA PHE A 57 17.25 -6.03 7.52
C PHE A 57 16.41 -4.96 6.84
N ARG A 58 16.00 -5.25 5.62
CA ARG A 58 15.18 -4.33 4.83
C ARG A 58 13.74 -4.83 4.80
N TRP A 59 13.02 -4.44 3.75
CA TRP A 59 11.64 -4.86 3.60
C TRP A 59 11.46 -5.70 2.34
N GLU A 60 11.18 -6.99 2.53
CA GLU A 60 11.00 -7.90 1.41
C GLU A 60 9.51 -8.18 1.16
N LEU A 61 9.11 -8.12 -0.11
CA LEU A 61 7.73 -8.36 -0.49
C LEU A 61 7.48 -9.86 -0.59
N ARG A 62 6.53 -10.36 0.20
CA ARG A 62 6.20 -11.77 0.21
C ARG A 62 5.13 -12.10 -0.83
N ASN A 63 3.93 -11.58 -0.62
CA ASN A 63 2.82 -11.80 -1.55
C ASN A 63 2.24 -10.46 -2.03
N PRO A 64 2.60 -10.04 -3.26
CA PRO A 64 2.13 -8.77 -3.83
C PRO A 64 0.68 -8.84 -4.31
N ALA A 65 0.01 -9.96 -4.03
CA ALA A 65 -1.38 -10.13 -4.44
C ALA A 65 -1.54 -9.83 -5.93
N ALA A 66 -0.47 -10.01 -6.69
CA ALA A 66 -0.49 -9.75 -8.12
C ALA A 66 -1.56 -10.58 -8.83
N SER A 67 -2.09 -11.57 -8.13
CA SER A 67 -3.12 -12.43 -8.68
C SER A 67 -4.37 -11.63 -9.05
N VAL A 68 -4.57 -10.51 -8.37
CA VAL A 68 -5.73 -9.66 -8.64
C VAL A 68 -5.32 -8.19 -8.80
N LEU A 69 -4.45 -7.72 -7.91
CA LEU A 69 -3.98 -6.34 -7.97
C LEU A 69 -2.90 -6.17 -9.03
N LYS A 70 -2.67 -4.93 -9.45
CA LYS A 70 -1.67 -4.64 -10.46
C LYS A 70 -0.59 -3.72 -9.89
N ARG A 71 0.65 -3.95 -10.31
CA ARG A 71 1.78 -3.15 -9.84
C ARG A 71 2.14 -2.07 -10.86
N LEU A 72 2.45 -0.88 -10.35
CA LEU A 72 2.81 0.25 -11.21
C LEU A 72 4.29 0.58 -11.06
N GLY A 73 4.96 -0.10 -10.13
CA GLY A 73 6.38 0.14 -9.90
C GLY A 73 6.64 1.02 -8.69
N PRO A 74 7.91 1.18 -8.29
CA PRO A 74 8.29 1.99 -7.14
C PRO A 74 8.43 3.47 -7.48
N GLU A 75 8.92 4.25 -6.52
CA GLU A 75 9.10 5.68 -6.72
C GLU A 75 10.02 6.27 -5.64
N VAL A 76 9.81 5.82 -4.41
CA VAL A 76 10.60 6.29 -3.28
C VAL A 76 11.71 5.29 -2.93
N TYR A 77 12.93 5.80 -2.80
CA TYR A 77 14.08 4.96 -2.47
C TYR A 77 14.27 3.86 -3.52
N SER A 78 15.14 4.13 -4.49
CA SER A 78 15.42 3.15 -5.55
C SER A 78 16.65 3.57 -6.35
N ASN A 79 17.32 4.63 -5.90
CA ASN A 79 18.51 5.14 -6.56
C ASN A 79 18.21 5.55 -8.00
N SER A 80 16.92 5.65 -8.33
CA SER A 80 16.50 6.03 -9.66
C SER A 80 16.02 7.48 -9.69
N GLU A 81 15.64 8.00 -8.53
CA GLU A 81 15.17 9.37 -8.41
C GLU A 81 16.33 10.35 -8.36
N GLU A 82 16.15 11.50 -8.99
CA GLU A 82 17.19 12.53 -9.02
C GLU A 82 17.17 13.35 -7.73
N ASP A 83 16.10 14.11 -7.53
CA ASP A 83 15.96 14.94 -6.34
C ASP A 83 14.49 15.12 -5.97
N SER A 84 14.17 14.83 -4.71
CA SER A 84 12.80 14.97 -4.23
C SER A 84 12.77 15.37 -2.76
N GLY A 85 11.60 15.34 -2.16
CA GLY A 85 11.46 15.71 -0.76
C GLY A 85 11.76 14.55 0.17
N LEU A 86 12.91 13.92 -0.04
CA LEU A 86 13.33 12.79 0.78
C LEU A 86 14.01 13.28 2.06
N VAL A 87 14.23 12.36 3.00
CA VAL A 87 14.87 12.70 4.26
C VAL A 87 16.38 12.49 4.19
N GLY A 88 17.12 13.59 4.22
CA GLY A 88 18.57 13.52 4.14
C GLY A 88 19.08 13.33 2.72
N SER A 89 19.00 12.11 2.23
CA SER A 89 19.47 11.80 0.88
C SER A 89 18.77 10.56 0.33
N GLY A 90 17.94 9.93 1.17
CA GLY A 90 17.23 8.74 0.75
C GLY A 90 17.05 7.75 1.89
N GLY A 91 15.97 6.96 1.82
CA GLY A 91 15.71 5.98 2.85
C GLY A 91 14.25 5.57 2.90
N GLU A 92 13.90 4.75 3.89
CA GLU A 92 12.54 4.27 4.05
C GLU A 92 12.07 3.51 2.81
N SER A 93 10.81 3.08 2.83
CA SER A 93 10.24 2.33 1.71
C SER A 93 8.79 2.75 1.46
N THR A 94 8.31 2.52 0.25
CA THR A 94 6.95 2.87 -0.12
C THR A 94 6.34 1.83 -1.04
N TRP A 95 5.04 1.55 -0.86
CA TRP A 95 4.33 0.58 -1.69
C TRP A 95 3.08 1.19 -2.30
N ARG A 96 2.91 0.99 -3.60
CA ARG A 96 1.75 1.52 -4.31
C ARG A 96 1.30 0.56 -5.40
N PHE A 97 0.09 0.04 -5.28
CA PHE A 97 -0.45 -0.90 -6.27
C PHE A 97 -1.86 -0.50 -6.70
N ARG A 98 -2.10 -0.57 -8.01
CA ARG A 98 -3.40 -0.22 -8.56
C ARG A 98 -4.19 -1.49 -8.89
N VAL A 99 -5.42 -1.56 -8.39
CA VAL A 99 -6.27 -2.72 -8.62
C VAL A 99 -6.66 -2.84 -10.09
N ALA A 100 -6.56 -4.06 -10.62
CA ALA A 100 -6.89 -4.31 -12.03
C ALA A 100 -8.19 -5.11 -12.15
N ALA A 101 -8.41 -6.04 -11.23
CA ALA A 101 -9.62 -6.87 -11.24
C ALA A 101 -9.99 -7.32 -9.84
N SER A 102 -11.08 -8.08 -9.75
CA SER A 102 -11.56 -8.58 -8.49
C SER A 102 -10.84 -9.87 -8.11
N GLY A 103 -11.34 -10.51 -7.06
CA GLY A 103 -10.75 -11.74 -6.59
C GLY A 103 -10.29 -11.66 -5.15
N ASP A 104 -10.12 -12.80 -4.52
CA ASP A 104 -9.69 -12.85 -3.12
C ASP A 104 -8.18 -13.08 -3.02
N ASP A 105 -7.52 -12.23 -2.23
CA ASP A 105 -6.08 -12.32 -2.03
C ASP A 105 -5.69 -11.73 -0.68
N ARG A 106 -4.39 -11.59 -0.45
CA ARG A 106 -3.89 -11.05 0.80
C ARG A 106 -2.44 -10.60 0.67
N LEU A 107 -2.22 -9.29 0.69
CA LEU A 107 -0.87 -8.75 0.57
C LEU A 107 -0.02 -9.19 1.77
N GLU A 108 1.12 -9.82 1.48
CA GLU A 108 2.00 -10.30 2.53
C GLU A 108 3.37 -9.62 2.45
N LEU A 109 3.82 -9.08 3.57
CA LEU A 109 5.11 -8.42 3.65
C LEU A 109 5.84 -8.82 4.93
N VAL A 110 7.17 -8.93 4.86
CA VAL A 110 7.95 -9.31 6.03
C VAL A 110 9.24 -8.50 6.12
N TYR A 111 9.69 -8.27 7.35
CA TYR A 111 10.90 -7.51 7.60
C TYR A 111 12.11 -8.44 7.74
N ARG A 112 12.81 -8.66 6.65
CA ARG A 112 13.98 -9.54 6.64
C ARG A 112 15.04 -9.04 5.66
N ARG A 113 16.09 -9.83 5.48
CA ARG A 113 17.16 -9.48 4.56
C ARG A 113 16.80 -9.91 3.13
N PRO A 114 16.78 -8.95 2.18
CA PRO A 114 16.43 -9.25 0.78
C PRO A 114 17.31 -10.31 0.14
N TRP A 115 18.62 -10.20 0.33
CA TRP A 115 19.57 -11.16 -0.24
C TRP A 115 19.29 -12.58 0.25
N GLU A 116 18.56 -12.70 1.36
CA GLU A 116 18.24 -14.01 1.91
C GLU A 116 17.02 -14.61 1.21
N LYS A 117 17.09 -15.91 0.92
CA LYS A 117 15.99 -16.60 0.24
C LYS A 117 14.86 -16.90 1.22
N ASP A 118 15.17 -17.66 2.27
CA ASP A 118 14.18 -18.02 3.27
C ASP A 118 14.80 -18.11 4.66
N ALA A 119 14.60 -17.07 5.46
CA ALA A 119 15.14 -17.03 6.82
C ALA A 119 14.09 -16.55 7.81
N GLU A 120 14.47 -16.45 9.08
CA GLU A 120 13.57 -16.00 10.12
C GLU A 120 13.62 -14.48 10.28
N PRO A 121 12.54 -13.77 9.88
CA PRO A 121 12.48 -12.31 9.97
C PRO A 121 12.23 -11.84 11.39
N ALA A 122 12.52 -10.55 11.63
CA ALA A 122 12.32 -9.96 12.95
C ALA A 122 10.87 -9.54 13.12
N GLU A 123 10.36 -8.83 12.12
CA GLU A 123 8.98 -8.36 12.13
C GLU A 123 8.14 -9.13 11.12
N SER A 124 7.00 -8.55 10.78
CA SER A 124 6.08 -9.16 9.82
C SER A 124 4.89 -8.26 9.55
N PHE A 125 4.23 -8.48 8.41
CA PHE A 125 3.06 -7.69 8.02
C PHE A 125 2.16 -8.51 7.09
N SER A 126 0.84 -8.33 7.25
CA SER A 126 -0.13 -9.04 6.43
C SER A 126 -1.46 -8.31 6.39
N CYS A 127 -2.09 -8.29 5.22
CA CYS A 127 -3.38 -7.64 5.05
C CYS A 127 -4.21 -8.31 3.97
N ALA A 128 -5.43 -8.68 4.31
CA ALA A 128 -6.34 -9.34 3.36
C ALA A 128 -6.99 -8.32 2.45
N ILE A 129 -7.17 -8.69 1.19
CA ILE A 129 -7.77 -7.79 0.20
C ILE A 129 -8.81 -8.51 -0.66
N GLN A 130 -10.07 -8.13 -0.48
CA GLN A 130 -11.16 -8.73 -1.25
C GLN A 130 -11.73 -7.72 -2.24
N VAL A 131 -11.45 -7.92 -3.53
CA VAL A 131 -11.93 -7.02 -4.57
C VAL A 131 -13.16 -7.58 -5.25
N ARG A 132 -13.98 -6.68 -5.81
CA ARG A 132 -15.19 -7.06 -6.50
C ARG A 132 -15.68 -5.93 -7.41
N MET A 1 -36.72 -14.60 -8.58
CA MET A 1 -36.41 -14.72 -7.12
C MET A 1 -36.85 -16.08 -6.59
N GLY A 2 -35.92 -16.78 -5.94
CA GLY A 2 -36.23 -18.08 -5.39
C GLY A 2 -36.36 -18.06 -3.88
N SER A 3 -36.54 -19.23 -3.28
CA SER A 3 -36.68 -19.33 -1.83
C SER A 3 -35.32 -19.44 -1.16
N SER A 4 -35.33 -19.52 0.17
CA SER A 4 -34.10 -19.61 0.94
C SER A 4 -34.24 -20.62 2.07
N HIS A 5 -33.11 -21.02 2.65
CA HIS A 5 -33.12 -21.98 3.75
C HIS A 5 -31.95 -21.72 4.70
N HIS A 6 -30.95 -20.98 4.21
CA HIS A 6 -29.78 -20.66 5.02
C HIS A 6 -30.18 -19.91 6.29
N HIS A 7 -29.34 -20.01 7.31
CA HIS A 7 -29.60 -19.35 8.59
C HIS A 7 -28.54 -18.30 8.89
N HIS A 8 -28.96 -17.05 8.99
CA HIS A 8 -28.05 -15.94 9.28
C HIS A 8 -28.66 -14.98 10.29
N HIS A 9 -27.93 -13.92 10.61
CA HIS A 9 -28.40 -12.93 11.55
C HIS A 9 -28.23 -11.52 11.00
N HIS A 10 -29.33 -10.77 10.91
CA HIS A 10 -29.30 -9.42 10.40
C HIS A 10 -29.07 -8.41 11.52
N SER A 11 -28.00 -7.62 11.39
CA SER A 11 -27.67 -6.61 12.38
C SER A 11 -26.62 -5.65 11.86
N SER A 12 -25.85 -6.10 10.87
CA SER A 12 -24.80 -5.28 10.29
C SER A 12 -24.63 -5.59 8.81
N GLY A 13 -25.62 -6.27 8.23
CA GLY A 13 -25.56 -6.63 6.82
C GLY A 13 -25.63 -5.41 5.92
N LEU A 14 -24.49 -4.80 5.66
CA LEU A 14 -24.43 -3.62 4.80
C LEU A 14 -22.97 -3.27 4.46
N VAL A 15 -22.07 -3.59 5.37
CA VAL A 15 -20.65 -3.31 5.18
C VAL A 15 -20.07 -4.13 4.03
N PRO A 16 -20.33 -5.45 3.97
CA PRO A 16 -19.83 -6.31 2.90
C PRO A 16 -20.23 -5.82 1.52
N ARG A 17 -21.33 -5.07 1.47
CA ARG A 17 -21.83 -4.55 0.20
C ARG A 17 -21.30 -3.13 -0.03
N GLY A 18 -20.59 -2.95 -1.15
CA GLY A 18 -20.04 -1.65 -1.47
C GLY A 18 -19.93 -1.42 -2.96
N SER A 19 -19.82 -0.16 -3.36
CA SER A 19 -19.70 0.20 -4.77
C SER A 19 -18.90 1.48 -4.95
N HIS A 20 -18.73 1.90 -6.20
CA HIS A 20 -17.98 3.11 -6.51
C HIS A 20 -16.55 3.01 -6.00
N MET A 21 -15.80 4.11 -6.13
CA MET A 21 -14.42 4.16 -5.68
C MET A 21 -14.34 4.10 -4.15
N GLN A 22 -13.17 3.78 -3.63
CA GLN A 22 -12.96 3.69 -2.19
C GLN A 22 -11.95 4.74 -1.72
N LYS A 23 -10.68 4.51 -2.02
CA LYS A 23 -9.62 5.43 -1.63
C LYS A 23 -8.64 5.64 -2.77
N PRO A 24 -8.23 6.90 -2.99
CA PRO A 24 -7.27 7.23 -4.03
C PRO A 24 -5.98 6.48 -3.79
N VAL A 25 -5.67 6.36 -2.51
CA VAL A 25 -4.47 5.67 -2.03
C VAL A 25 -4.58 5.43 -0.52
N VAL A 26 -5.35 4.42 -0.13
CA VAL A 26 -5.51 4.11 1.28
C VAL A 26 -4.17 3.68 1.89
N THR A 27 -3.55 4.59 2.63
CA THR A 27 -2.26 4.33 3.25
C THR A 27 -2.41 3.43 4.48
N LEU A 28 -1.30 2.83 4.91
CA LEU A 28 -1.31 1.95 6.06
C LEU A 28 -0.06 2.17 6.91
N ASP A 29 -0.13 1.74 8.18
CA ASP A 29 0.98 1.88 9.10
C ASP A 29 0.98 0.74 10.11
N ASP A 30 0.08 -0.22 9.91
CA ASP A 30 -0.02 -1.37 10.80
C ASP A 30 -0.84 -2.48 10.16
N ALA A 31 -0.49 -3.73 10.46
CA ALA A 31 -1.19 -4.88 9.90
C ALA A 31 -2.58 -5.03 10.52
N ASP A 32 -2.78 -4.40 11.68
CA ASP A 32 -4.07 -4.47 12.36
C ASP A 32 -5.17 -3.83 11.54
N ASP A 33 -4.86 -2.68 10.94
CA ASP A 33 -5.82 -1.97 10.12
C ASP A 33 -5.51 -2.11 8.64
N CYS A 34 -4.87 -3.22 8.29
CA CYS A 34 -4.50 -3.50 6.90
C CYS A 34 -5.66 -3.22 5.95
N SER A 35 -6.54 -4.19 5.80
CA SER A 35 -7.70 -4.06 4.92
C SER A 35 -8.77 -5.06 5.31
N PRO A 36 -10.06 -4.70 5.16
CA PRO A 36 -11.17 -5.58 5.51
C PRO A 36 -11.47 -6.62 4.45
N LEU A 37 -10.43 -7.09 3.78
CA LEU A 37 -10.58 -8.11 2.74
C LEU A 37 -11.49 -7.59 1.62
N LYS A 38 -12.67 -8.17 1.54
CA LYS A 38 -13.66 -7.78 0.52
C LYS A 38 -13.55 -6.31 0.16
N LEU A 39 -12.95 -6.03 -1.00
CA LEU A 39 -12.75 -4.68 -1.48
C LEU A 39 -13.31 -4.51 -2.89
N THR A 40 -12.86 -3.48 -3.59
CA THR A 40 -13.31 -3.21 -4.94
C THR A 40 -12.30 -2.36 -5.70
N GLN A 41 -12.21 -2.60 -7.00
CA GLN A 41 -11.29 -1.87 -7.85
C GLN A 41 -11.57 -0.37 -7.81
N GLY A 42 -10.57 0.42 -8.16
CA GLY A 42 -10.71 1.87 -8.16
C GLY A 42 -9.98 2.54 -7.02
N GLN A 43 -9.21 1.76 -6.27
CA GLN A 43 -8.44 2.28 -5.15
C GLN A 43 -6.98 1.88 -5.27
N GLU A 44 -6.11 2.70 -4.70
CA GLU A 44 -4.68 2.43 -4.73
C GLU A 44 -4.11 2.25 -3.33
N LEU A 45 -2.78 2.19 -3.26
CA LEU A 45 -2.09 2.02 -1.97
C LEU A 45 -0.63 2.43 -2.07
N VAL A 46 -0.12 3.03 -1.00
CA VAL A 46 1.27 3.47 -0.93
C VAL A 46 1.79 3.34 0.50
N LEU A 47 2.37 2.20 0.82
CA LEU A 47 2.90 1.94 2.14
C LEU A 47 4.04 2.90 2.48
N THR A 48 4.29 3.08 3.77
CA THR A 48 5.35 3.96 4.24
C THR A 48 5.99 3.42 5.51
N LEU A 49 7.17 2.83 5.37
CA LEU A 49 7.89 2.27 6.51
C LEU A 49 9.33 2.75 6.54
N PRO A 50 9.88 3.01 7.74
CA PRO A 50 11.26 3.48 7.90
C PRO A 50 12.28 2.36 7.82
N SER A 51 13.19 2.45 6.87
CA SER A 51 14.22 1.43 6.69
C SER A 51 15.34 1.94 5.79
N ASN A 52 16.57 1.86 6.28
CA ASN A 52 17.73 2.32 5.52
C ASN A 52 18.37 1.16 4.76
N PRO A 53 18.75 1.39 3.48
CA PRO A 53 19.37 0.35 2.66
C PRO A 53 20.85 0.14 2.98
N THR A 54 21.28 0.65 4.13
CA THR A 54 22.66 0.52 4.54
C THR A 54 22.78 -0.17 5.90
N THR A 55 21.67 -0.73 6.35
CA THR A 55 21.64 -1.43 7.64
C THR A 55 21.76 -2.94 7.47
N GLY A 56 20.81 -3.53 6.74
CA GLY A 56 20.83 -4.95 6.51
C GLY A 56 19.44 -5.54 6.49
N PHE A 57 18.62 -5.14 7.46
CA PHE A 57 17.26 -5.64 7.56
C PHE A 57 16.31 -4.78 6.73
N ARG A 58 15.93 -5.28 5.57
CA ARG A 58 15.03 -4.58 4.68
C ARG A 58 13.63 -5.16 4.76
N TRP A 59 12.85 -4.96 3.70
CA TRP A 59 11.48 -5.47 3.65
C TRP A 59 11.29 -6.38 2.44
N GLU A 60 11.02 -7.65 2.71
CA GLU A 60 10.82 -8.63 1.64
C GLU A 60 9.36 -8.73 1.24
N LEU A 61 9.13 -9.05 -0.03
CA LEU A 61 7.79 -9.18 -0.56
C LEU A 61 7.42 -10.66 -0.74
N ARG A 62 6.42 -11.11 0.01
CA ARG A 62 5.98 -12.50 -0.06
C ARG A 62 4.82 -12.66 -1.03
N ASN A 63 3.71 -11.99 -0.74
CA ASN A 63 2.53 -12.07 -1.59
C ASN A 63 1.96 -10.68 -1.88
N PRO A 64 2.40 -10.04 -2.98
CA PRO A 64 1.93 -8.70 -3.35
C PRO A 64 0.49 -8.71 -3.86
N ALA A 65 -0.13 -9.89 -3.90
CA ALA A 65 -1.50 -10.02 -4.36
C ALA A 65 -1.62 -9.46 -5.78
N ALA A 66 -0.51 -9.42 -6.50
CA ALA A 66 -0.48 -8.91 -7.86
C ALA A 66 -1.47 -9.64 -8.75
N SER A 67 -1.92 -10.80 -8.29
CA SER A 67 -2.88 -11.60 -9.04
C SER A 67 -4.16 -10.82 -9.32
N VAL A 68 -4.48 -9.87 -8.45
CA VAL A 68 -5.67 -9.05 -8.60
C VAL A 68 -5.36 -7.57 -8.47
N LEU A 69 -4.15 -7.26 -8.01
CA LEU A 69 -3.74 -5.86 -7.84
C LEU A 69 -2.63 -5.51 -8.82
N LYS A 70 -2.94 -4.63 -9.76
CA LYS A 70 -1.97 -4.21 -10.77
C LYS A 70 -0.95 -3.25 -10.17
N ARG A 71 0.32 -3.43 -10.54
CA ARG A 71 1.39 -2.57 -10.04
C ARG A 71 1.57 -1.35 -10.95
N LEU A 72 1.69 -0.18 -10.33
CA LEU A 72 1.88 1.06 -11.08
C LEU A 72 3.16 1.02 -11.90
N GLY A 73 4.17 0.32 -11.38
CA GLY A 73 5.43 0.22 -12.08
C GLY A 73 6.58 -0.17 -11.15
N PRO A 74 7.76 -0.50 -11.72
CA PRO A 74 8.92 -0.90 -10.94
C PRO A 74 9.76 0.29 -10.49
N GLU A 75 10.88 0.01 -9.83
CA GLU A 75 11.77 1.05 -9.33
C GLU A 75 11.06 1.99 -8.38
N VAL A 76 11.31 1.80 -7.09
CA VAL A 76 10.69 2.64 -6.06
C VAL A 76 11.69 3.62 -5.48
N TYR A 77 12.84 3.73 -6.12
CA TYR A 77 13.90 4.63 -5.67
C TYR A 77 14.06 5.81 -6.64
N SER A 78 14.48 6.94 -6.11
CA SER A 78 14.68 8.13 -6.93
C SER A 78 15.80 9.01 -6.36
N ASN A 79 16.08 10.11 -7.03
CA ASN A 79 17.14 11.03 -6.60
C ASN A 79 16.65 11.90 -5.45
N SER A 80 17.56 12.72 -4.93
CA SER A 80 17.23 13.60 -3.82
C SER A 80 16.73 14.96 -4.32
N GLU A 81 15.54 15.34 -3.90
CA GLU A 81 14.95 16.61 -4.31
C GLU A 81 14.56 17.45 -3.10
N GLU A 82 14.04 18.65 -3.35
CA GLU A 82 13.63 19.55 -2.28
C GLU A 82 12.27 19.14 -1.74
N ASP A 83 11.40 18.66 -2.61
CA ASP A 83 10.06 18.24 -2.21
C ASP A 83 9.54 17.14 -3.12
N SER A 84 9.40 15.94 -2.57
CA SER A 84 8.91 14.79 -3.33
C SER A 84 8.15 13.83 -2.43
N GLY A 85 8.20 14.06 -1.12
CA GLY A 85 7.51 13.21 -0.18
C GLY A 85 8.46 12.28 0.55
N LEU A 86 9.69 12.74 0.78
CA LEU A 86 10.69 11.94 1.47
C LEU A 86 10.39 11.87 2.96
N VAL A 87 10.21 10.65 3.46
CA VAL A 87 9.91 10.45 4.88
C VAL A 87 11.19 10.22 5.68
N GLY A 88 12.22 9.74 4.99
CA GLY A 88 13.49 9.47 5.64
C GLY A 88 14.58 10.43 5.21
N SER A 89 15.69 9.88 4.73
CA SER A 89 16.81 10.69 4.26
C SER A 89 17.67 9.92 3.27
N GLY A 90 17.29 8.68 3.00
CA GLY A 90 18.03 7.85 2.07
C GLY A 90 17.13 7.00 1.20
N GLY A 91 17.20 5.69 1.42
CA GLY A 91 16.37 4.77 0.65
C GLY A 91 15.21 4.22 1.45
N GLU A 92 14.10 4.97 1.48
CA GLU A 92 12.91 4.56 2.21
C GLU A 92 12.09 3.58 1.40
N SER A 93 11.44 2.64 2.09
CA SER A 93 10.61 1.64 1.43
C SER A 93 9.29 2.24 0.97
N THR A 94 8.90 1.93 -0.26
CA THR A 94 7.66 2.43 -0.83
C THR A 94 6.99 1.37 -1.70
N TRP A 95 5.81 0.92 -1.29
CA TRP A 95 5.08 -0.09 -2.05
C TRP A 95 3.80 0.49 -2.66
N ARG A 96 3.77 0.57 -3.98
CA ARG A 96 2.61 1.11 -4.68
C ARG A 96 1.80 0.00 -5.33
N PHE A 97 0.48 0.04 -5.16
CA PHE A 97 -0.40 -0.97 -5.74
C PHE A 97 -1.73 -0.37 -6.17
N ARG A 98 -2.38 -1.02 -7.13
CA ARG A 98 -3.67 -0.56 -7.64
C ARG A 98 -4.61 -1.74 -7.82
N VAL A 99 -5.89 -1.52 -7.49
CA VAL A 99 -6.89 -2.56 -7.63
C VAL A 99 -7.65 -2.41 -8.94
N ALA A 100 -7.41 -3.35 -9.87
CA ALA A 100 -8.07 -3.30 -11.16
C ALA A 100 -8.62 -4.66 -11.57
N ALA A 101 -8.35 -5.67 -10.75
CA ALA A 101 -8.83 -7.02 -11.05
C ALA A 101 -9.53 -7.63 -9.85
N SER A 102 -10.48 -8.51 -10.12
CA SER A 102 -11.24 -9.19 -9.10
C SER A 102 -10.55 -10.48 -8.68
N GLY A 103 -10.95 -10.98 -7.54
CA GLY A 103 -10.39 -12.21 -7.01
C GLY A 103 -10.05 -12.10 -5.54
N ASP A 104 -9.85 -13.25 -4.90
CA ASP A 104 -9.51 -13.29 -3.48
C ASP A 104 -8.00 -13.38 -3.29
N ASP A 105 -7.44 -12.39 -2.60
CA ASP A 105 -6.00 -12.36 -2.34
C ASP A 105 -5.71 -11.81 -0.95
N ARG A 106 -4.43 -11.75 -0.60
CA ARG A 106 -4.01 -11.26 0.69
C ARG A 106 -2.55 -10.79 0.64
N LEU A 107 -2.35 -9.48 0.69
CA LEU A 107 -1.01 -8.93 0.65
C LEU A 107 -0.15 -9.52 1.76
N GLU A 108 1.15 -9.64 1.50
CA GLU A 108 2.07 -10.21 2.48
C GLU A 108 3.46 -9.57 2.39
N LEU A 109 3.95 -9.11 3.54
CA LEU A 109 5.29 -8.51 3.62
C LEU A 109 5.95 -8.85 4.94
N VAL A 110 7.28 -8.85 4.97
CA VAL A 110 8.02 -9.16 6.19
C VAL A 110 9.24 -8.25 6.34
N TYR A 111 9.85 -8.27 7.52
CA TYR A 111 11.02 -7.45 7.79
C TYR A 111 12.27 -8.31 7.98
N ARG A 112 12.91 -8.66 6.88
CA ARG A 112 14.11 -9.49 6.93
C ARG A 112 15.09 -9.07 5.83
N ARG A 113 16.31 -9.60 5.91
CA ARG A 113 17.34 -9.27 4.92
C ARG A 113 16.94 -9.84 3.55
N PRO A 114 17.19 -9.08 2.47
CA PRO A 114 16.83 -9.48 1.10
C PRO A 114 17.78 -10.46 0.45
N TRP A 115 18.59 -11.18 1.23
CA TRP A 115 19.51 -12.15 0.66
C TRP A 115 19.31 -13.50 1.32
N GLU A 116 18.57 -13.50 2.42
CA GLU A 116 18.30 -14.71 3.18
C GLU A 116 17.29 -15.60 2.44
N LYS A 117 16.23 -14.98 1.94
CA LYS A 117 15.17 -15.69 1.22
C LYS A 117 14.37 -16.59 2.14
N ASP A 118 14.85 -16.76 3.37
CA ASP A 118 14.18 -17.61 4.35
C ASP A 118 14.89 -17.56 5.69
N ALA A 119 14.44 -16.68 6.58
CA ALA A 119 15.04 -16.54 7.90
C ALA A 119 14.02 -16.01 8.91
N GLU A 120 14.50 -15.74 10.11
CA GLU A 120 13.64 -15.22 11.17
C GLU A 120 13.67 -13.69 11.20
N PRO A 121 12.55 -13.04 10.80
CA PRO A 121 12.46 -11.59 10.78
C PRO A 121 12.07 -11.00 12.13
N ALA A 122 12.08 -9.68 12.22
CA ALA A 122 11.72 -9.00 13.46
C ALA A 122 10.27 -8.52 13.42
N GLU A 123 9.85 -8.07 12.25
CA GLU A 123 8.49 -7.60 12.05
C GLU A 123 7.74 -8.47 11.06
N SER A 124 6.56 -8.02 10.65
CA SER A 124 5.75 -8.76 9.69
C SER A 124 4.57 -7.92 9.23
N PHE A 125 3.98 -8.31 8.10
CA PHE A 125 2.85 -7.59 7.54
C PHE A 125 1.98 -8.51 6.70
N SER A 126 0.67 -8.23 6.68
CA SER A 126 -0.27 -9.05 5.91
C SER A 126 -1.64 -8.37 5.86
N CYS A 127 -2.08 -8.03 4.66
CA CYS A 127 -3.38 -7.37 4.49
C CYS A 127 -4.35 -8.25 3.71
N ALA A 128 -5.63 -8.19 4.09
CA ALA A 128 -6.67 -8.97 3.43
C ALA A 128 -7.33 -8.16 2.32
N ILE A 129 -7.43 -8.75 1.13
CA ILE A 129 -8.03 -8.05 -0.01
C ILE A 129 -8.74 -9.01 -0.97
N GLN A 130 -10.07 -8.99 -0.97
CA GLN A 130 -10.85 -9.83 -1.87
C GLN A 130 -11.82 -8.98 -2.68
N VAL A 131 -11.43 -8.62 -3.89
CA VAL A 131 -12.27 -7.78 -4.75
C VAL A 131 -13.62 -8.45 -5.04
N ARG A 132 -13.71 -9.15 -6.16
CA ARG A 132 -14.95 -9.83 -6.53
C ARG A 132 -14.68 -11.28 -6.94
N MET A 1 -27.21 15.03 -29.17
CA MET A 1 -26.06 14.50 -28.38
C MET A 1 -24.81 15.33 -28.62
N GLY A 2 -23.87 15.27 -27.68
CA GLY A 2 -22.64 16.02 -27.81
C GLY A 2 -22.65 17.29 -26.97
N SER A 3 -21.66 17.42 -26.09
CA SER A 3 -21.54 18.59 -25.23
C SER A 3 -20.75 19.69 -25.91
N SER A 4 -21.38 20.86 -26.07
CA SER A 4 -20.72 22.00 -26.71
C SER A 4 -20.03 22.87 -25.68
N HIS A 5 -20.44 22.74 -24.42
CA HIS A 5 -19.86 23.52 -23.33
C HIS A 5 -18.58 22.87 -22.82
N HIS A 6 -17.92 23.55 -21.89
CA HIS A 6 -16.68 23.04 -21.31
C HIS A 6 -16.97 22.17 -20.08
N HIS A 7 -16.24 21.06 -19.96
CA HIS A 7 -16.42 20.15 -18.84
C HIS A 7 -15.07 19.69 -18.29
N HIS A 8 -14.06 19.67 -19.17
CA HIS A 8 -12.72 19.24 -18.78
C HIS A 8 -12.00 20.34 -18.02
N HIS A 9 -12.64 21.51 -17.91
CA HIS A 9 -12.06 22.64 -17.20
C HIS A 9 -12.41 22.59 -15.72
N HIS A 10 -11.38 22.63 -14.88
CA HIS A 10 -11.58 22.59 -13.43
C HIS A 10 -12.21 23.89 -12.93
N SER A 11 -13.21 23.76 -12.07
CA SER A 11 -13.90 24.92 -11.51
C SER A 11 -14.11 24.75 -10.01
N SER A 12 -14.50 23.55 -9.61
CA SER A 12 -14.74 23.27 -8.19
C SER A 12 -14.68 21.77 -7.93
N GLY A 13 -13.86 21.37 -6.95
CA GLY A 13 -13.72 19.97 -6.61
C GLY A 13 -14.69 19.55 -5.53
N LEU A 14 -14.96 18.25 -5.46
CA LEU A 14 -15.87 17.70 -4.46
C LEU A 14 -15.37 16.36 -3.93
N VAL A 15 -15.74 16.05 -2.70
CA VAL A 15 -15.35 14.79 -2.07
C VAL A 15 -16.47 13.74 -2.03
N PRO A 16 -17.77 14.15 -2.00
CA PRO A 16 -18.87 13.18 -1.96
C PRO A 16 -18.82 12.19 -3.11
N ARG A 17 -18.88 12.70 -4.33
CA ARG A 17 -18.83 11.84 -5.53
C ARG A 17 -17.43 11.28 -5.74
N GLY A 18 -17.36 10.08 -6.28
CA GLY A 18 -16.08 9.44 -6.53
C GLY A 18 -16.11 7.94 -6.30
N SER A 19 -17.05 7.27 -6.96
CA SER A 19 -17.18 5.82 -6.82
C SER A 19 -16.94 5.12 -8.16
N HIS A 20 -16.75 3.81 -8.10
CA HIS A 20 -16.50 3.02 -9.32
C HIS A 20 -15.27 3.51 -10.05
N MET A 21 -14.46 4.32 -9.38
CA MET A 21 -13.24 4.86 -9.97
C MET A 21 -12.08 4.81 -8.98
N GLN A 22 -10.99 5.50 -9.31
CA GLN A 22 -9.82 5.53 -8.45
C GLN A 22 -10.18 6.06 -7.06
N LYS A 23 -9.32 5.76 -6.08
CA LYS A 23 -9.56 6.21 -4.71
C LYS A 23 -8.38 7.03 -4.21
N PRO A 24 -8.56 7.78 -3.11
CA PRO A 24 -7.50 8.59 -2.50
C PRO A 24 -6.45 7.70 -1.85
N VAL A 25 -6.51 6.42 -2.22
CA VAL A 25 -5.61 5.40 -1.72
C VAL A 25 -5.41 5.51 -0.21
N VAL A 26 -6.20 4.73 0.52
CA VAL A 26 -6.15 4.71 1.97
C VAL A 26 -4.97 3.86 2.46
N THR A 27 -3.96 4.53 2.96
CA THR A 27 -2.76 3.87 3.45
C THR A 27 -3.03 3.14 4.77
N LEU A 28 -2.13 2.22 5.12
CA LEU A 28 -2.26 1.46 6.36
C LEU A 28 -1.03 1.62 7.23
N ASP A 29 -0.96 0.84 8.30
CA ASP A 29 0.18 0.89 9.22
C ASP A 29 0.17 -0.30 10.17
N ASP A 30 -1.03 -0.82 10.44
CA ASP A 30 -1.18 -1.97 11.33
C ASP A 30 -1.82 -3.15 10.60
N ALA A 31 -1.68 -4.34 11.15
CA ALA A 31 -2.23 -5.54 10.55
C ALA A 31 -3.58 -5.91 11.16
N ASP A 32 -3.73 -5.64 12.45
CA ASP A 32 -4.97 -5.95 13.16
C ASP A 32 -6.13 -5.10 12.62
N ASP A 33 -5.80 -4.00 11.95
CA ASP A 33 -6.81 -3.11 11.39
C ASP A 33 -7.27 -3.59 10.03
N CYS A 34 -6.59 -4.61 9.51
CA CYS A 34 -6.94 -5.16 8.20
C CYS A 34 -8.00 -6.24 8.32
N SER A 35 -8.74 -6.46 7.24
CA SER A 35 -9.80 -7.47 7.21
C SER A 35 -10.22 -7.74 5.77
N PRO A 36 -10.84 -8.91 5.51
CA PRO A 36 -11.30 -9.29 4.17
C PRO A 36 -12.31 -8.28 3.62
N LEU A 37 -11.80 -7.16 3.13
CA LEU A 37 -12.65 -6.12 2.59
C LEU A 37 -12.70 -6.18 1.06
N LYS A 38 -13.83 -5.73 0.51
CA LYS A 38 -14.01 -5.72 -0.94
C LYS A 38 -13.61 -4.38 -1.53
N LEU A 39 -13.01 -4.42 -2.72
CA LEU A 39 -12.56 -3.22 -3.40
C LEU A 39 -13.27 -3.06 -4.73
N THR A 40 -12.78 -2.13 -5.56
CA THR A 40 -13.38 -1.88 -6.86
C THR A 40 -12.29 -1.59 -7.90
N GLN A 41 -12.41 -2.23 -9.06
CA GLN A 41 -11.44 -2.05 -10.14
C GLN A 41 -11.33 -0.57 -10.51
N GLY A 42 -10.20 0.03 -10.18
CA GLY A 42 -9.99 1.43 -10.48
C GLY A 42 -9.19 2.16 -9.41
N GLN A 43 -9.37 1.74 -8.15
CA GLN A 43 -8.66 2.36 -7.05
C GLN A 43 -7.30 1.70 -6.85
N GLU A 44 -6.65 2.02 -5.75
CA GLU A 44 -5.33 1.46 -5.45
C GLU A 44 -5.04 1.48 -3.96
N LEU A 45 -3.82 1.05 -3.62
CA LEU A 45 -3.38 1.02 -2.22
C LEU A 45 -1.88 1.27 -2.13
N VAL A 46 -1.46 1.88 -1.02
CA VAL A 46 -0.05 2.18 -0.80
C VAL A 46 0.37 1.79 0.61
N LEU A 47 1.63 1.38 0.77
CA LEU A 47 2.14 0.98 2.08
C LEU A 47 3.44 1.71 2.39
N THR A 48 3.57 2.18 3.64
CA THR A 48 4.76 2.90 4.07
C THR A 48 5.17 2.47 5.47
N LEU A 49 6.40 1.99 5.61
CA LEU A 49 6.91 1.54 6.90
C LEU A 49 8.35 2.01 7.11
N PRO A 50 8.74 2.28 8.37
CA PRO A 50 10.10 2.74 8.69
C PRO A 50 11.17 1.73 8.26
N SER A 51 12.20 2.23 7.59
CA SER A 51 13.29 1.38 7.12
C SER A 51 14.46 2.22 6.62
N ASN A 52 15.59 2.12 7.33
CA ASN A 52 16.79 2.88 6.96
C ASN A 52 17.76 2.00 6.18
N PRO A 53 18.45 2.58 5.17
CA PRO A 53 19.40 1.84 4.35
C PRO A 53 20.75 1.63 5.05
N THR A 54 20.84 2.11 6.30
CA THR A 54 22.06 1.97 7.08
C THR A 54 21.97 0.82 8.07
N THR A 55 20.86 0.09 8.01
CA THR A 55 20.65 -1.04 8.92
C THR A 55 20.91 -2.36 8.21
N GLY A 56 20.09 -2.66 7.20
CA GLY A 56 20.25 -3.90 6.46
C GLY A 56 18.95 -4.65 6.33
N PHE A 57 18.13 -4.59 7.38
CA PHE A 57 16.84 -5.27 7.39
C PHE A 57 15.82 -4.52 6.54
N ARG A 58 15.64 -4.98 5.31
CA ARG A 58 14.70 -4.37 4.39
C ARG A 58 13.34 -5.06 4.50
N TRP A 59 12.56 -5.00 3.43
CA TRP A 59 11.25 -5.63 3.41
C TRP A 59 11.11 -6.59 2.23
N GLU A 60 11.14 -7.89 2.52
CA GLU A 60 11.00 -8.91 1.49
C GLU A 60 9.53 -9.16 1.15
N LEU A 61 9.20 -9.02 -0.13
CA LEU A 61 7.83 -9.23 -0.58
C LEU A 61 7.44 -10.71 -0.53
N ARG A 62 6.37 -10.99 0.20
CA ARG A 62 5.89 -12.37 0.34
C ARG A 62 4.67 -12.60 -0.55
N ASN A 63 3.78 -11.61 -0.60
CA ASN A 63 2.58 -11.70 -1.41
C ASN A 63 2.09 -10.30 -1.81
N PRO A 64 2.51 -9.80 -2.97
CA PRO A 64 2.12 -8.47 -3.45
C PRO A 64 0.69 -8.45 -4.01
N ALA A 65 -0.04 -9.55 -3.83
CA ALA A 65 -1.41 -9.65 -4.32
C ALA A 65 -1.48 -9.38 -5.81
N ALA A 66 -0.37 -9.60 -6.50
CA ALA A 66 -0.30 -9.37 -7.94
C ALA A 66 -1.32 -10.24 -8.68
N SER A 67 -1.91 -11.19 -7.97
CA SER A 67 -2.90 -12.08 -8.56
C SER A 67 -4.14 -11.31 -8.99
N VAL A 68 -4.46 -10.25 -8.26
CA VAL A 68 -5.63 -9.43 -8.58
C VAL A 68 -5.26 -7.98 -8.80
N LEU A 69 -4.43 -7.43 -7.91
CA LEU A 69 -4.00 -6.04 -8.03
C LEU A 69 -2.84 -5.93 -9.01
N LYS A 70 -2.81 -4.83 -9.76
CA LYS A 70 -1.75 -4.61 -10.74
C LYS A 70 -0.54 -3.95 -10.10
N ARG A 71 0.63 -4.56 -10.31
CA ARG A 71 1.87 -4.06 -9.76
C ARG A 71 2.47 -2.97 -10.64
N LEU A 72 3.12 -1.99 -10.01
CA LEU A 72 3.75 -0.90 -10.73
C LEU A 72 5.27 -1.04 -10.73
N GLY A 73 5.96 -0.08 -11.34
CA GLY A 73 7.40 -0.14 -11.40
C GLY A 73 8.06 0.67 -10.30
N PRO A 74 9.40 0.62 -10.20
CA PRO A 74 10.15 1.36 -9.18
C PRO A 74 10.37 2.82 -9.55
N GLU A 75 9.84 3.73 -8.73
CA GLU A 75 9.97 5.16 -8.97
C GLU A 75 10.19 5.92 -7.66
N VAL A 76 10.31 5.17 -6.57
CA VAL A 76 10.51 5.78 -5.26
C VAL A 76 12.01 5.96 -4.98
N TYR A 77 12.83 5.65 -5.97
CA TYR A 77 14.27 5.78 -5.85
C TYR A 77 14.85 6.66 -6.96
N SER A 78 15.56 7.71 -6.56
CA SER A 78 16.16 8.62 -7.52
C SER A 78 17.53 9.08 -7.04
N ASN A 79 17.55 10.00 -6.08
CA ASN A 79 18.80 10.51 -5.55
C ASN A 79 18.56 11.35 -4.29
N SER A 80 17.86 12.47 -4.46
CA SER A 80 17.55 13.36 -3.35
C SER A 80 16.10 13.82 -3.39
N GLU A 81 15.65 14.47 -2.34
CA GLU A 81 14.28 14.96 -2.26
C GLU A 81 14.10 16.23 -3.10
N GLU A 82 12.87 16.72 -3.16
CA GLU A 82 12.56 17.92 -3.93
C GLU A 82 11.66 18.86 -3.13
N ASP A 83 10.89 18.30 -2.21
CA ASP A 83 9.98 19.08 -1.39
C ASP A 83 10.09 18.70 0.08
N SER A 84 10.14 17.40 0.34
CA SER A 84 10.26 16.89 1.71
C SER A 84 10.71 15.43 1.72
N GLY A 85 9.95 14.58 1.04
CA GLY A 85 10.28 13.17 0.97
C GLY A 85 10.23 12.50 2.32
N LEU A 86 9.42 13.06 3.23
CA LEU A 86 9.29 12.50 4.57
C LEU A 86 8.08 11.57 4.65
N VAL A 87 7.63 11.15 3.49
CA VAL A 87 6.49 10.25 3.38
C VAL A 87 6.74 9.18 2.32
N GLY A 88 7.52 9.54 1.31
CA GLY A 88 7.83 8.61 0.24
C GLY A 88 8.23 9.32 -1.04
N SER A 89 8.09 8.63 -2.16
CA SER A 89 8.45 9.19 -3.47
C SER A 89 9.91 9.62 -3.49
N GLY A 90 10.69 9.11 -2.56
CA GLY A 90 12.11 9.45 -2.49
C GLY A 90 12.73 9.07 -1.17
N GLY A 91 12.39 7.88 -0.67
CA GLY A 91 12.94 7.41 0.58
C GLY A 91 12.05 6.40 1.27
N GLU A 92 12.62 5.61 2.17
CA GLU A 92 11.87 4.60 2.90
C GLU A 92 11.25 3.59 1.94
N SER A 93 10.47 2.66 2.49
CA SER A 93 9.80 1.65 1.68
C SER A 93 8.39 2.08 1.33
N THR A 94 8.14 2.28 0.03
CA THR A 94 6.83 2.70 -0.43
C THR A 94 6.35 1.82 -1.58
N TRP A 95 5.35 0.99 -1.31
CA TRP A 95 4.79 0.11 -2.33
C TRP A 95 3.48 0.66 -2.88
N ARG A 96 3.26 0.43 -4.18
CA ARG A 96 2.05 0.92 -4.83
C ARG A 96 1.45 -0.14 -5.74
N PHE A 97 0.14 -0.37 -5.58
CA PHE A 97 -0.55 -1.37 -6.38
C PHE A 97 -1.91 -0.83 -6.83
N ARG A 98 -2.11 -0.76 -8.15
CA ARG A 98 -3.37 -0.25 -8.69
C ARG A 98 -4.32 -1.41 -9.00
N VAL A 99 -5.51 -1.35 -8.43
CA VAL A 99 -6.51 -2.39 -8.66
C VAL A 99 -6.90 -2.46 -10.13
N ALA A 100 -6.83 -3.66 -10.70
CA ALA A 100 -7.16 -3.85 -12.11
C ALA A 100 -8.31 -4.84 -12.29
N ALA A 101 -8.35 -5.86 -11.45
CA ALA A 101 -9.41 -6.87 -11.54
C ALA A 101 -9.87 -7.31 -10.16
N SER A 102 -10.91 -8.14 -10.13
CA SER A 102 -11.45 -8.65 -8.88
C SER A 102 -10.69 -9.88 -8.41
N GLY A 103 -11.23 -10.54 -7.40
CA GLY A 103 -10.59 -11.73 -6.85
C GLY A 103 -10.12 -11.54 -5.43
N ASP A 104 -9.95 -12.65 -4.70
CA ASP A 104 -9.51 -12.60 -3.32
C ASP A 104 -7.98 -12.63 -3.23
N ASP A 105 -7.45 -12.05 -2.17
CA ASP A 105 -6.00 -12.01 -1.98
C ASP A 105 -5.66 -11.57 -0.55
N ARG A 106 -4.37 -11.42 -0.28
CA ARG A 106 -3.90 -11.01 1.04
C ARG A 106 -2.44 -10.57 0.99
N LEU A 107 -2.21 -9.27 1.07
CA LEU A 107 -0.84 -8.74 1.03
C LEU A 107 0.00 -9.30 2.16
N GLU A 108 1.24 -9.65 1.84
CA GLU A 108 2.16 -10.20 2.83
C GLU A 108 3.55 -9.62 2.67
N LEU A 109 3.99 -8.83 3.65
CA LEU A 109 5.30 -8.20 3.62
C LEU A 109 6.08 -8.51 4.89
N VAL A 110 7.21 -9.20 4.74
CA VAL A 110 8.05 -9.55 5.88
C VAL A 110 9.29 -8.67 5.91
N TYR A 111 9.92 -8.60 7.08
CA TYR A 111 11.12 -7.79 7.26
C TYR A 111 12.32 -8.49 6.60
N ARG A 112 12.99 -9.34 7.36
CA ARG A 112 14.15 -10.08 6.85
C ARG A 112 15.13 -9.16 6.13
N ARG A 113 16.05 -9.76 5.38
CA ARG A 113 17.03 -9.00 4.63
C ARG A 113 16.99 -9.38 3.14
N PRO A 114 17.35 -8.44 2.25
CA PRO A 114 17.34 -8.67 0.80
C PRO A 114 18.34 -9.73 0.35
N TRP A 115 19.30 -10.07 1.21
CA TRP A 115 20.30 -11.06 0.87
C TRP A 115 20.14 -12.34 1.68
N GLU A 116 18.92 -12.59 2.16
CA GLU A 116 18.63 -13.78 2.95
C GLU A 116 17.52 -14.60 2.31
N LYS A 117 17.88 -15.73 1.72
CA LYS A 117 16.91 -16.61 1.07
C LYS A 117 16.28 -17.55 2.10
N ASP A 118 15.06 -17.24 2.51
CA ASP A 118 14.34 -18.06 3.47
C ASP A 118 15.14 -18.21 4.76
N ALA A 119 15.05 -17.21 5.63
CA ALA A 119 15.75 -17.23 6.91
C ALA A 119 14.87 -16.68 8.03
N GLU A 120 15.36 -16.79 9.27
CA GLU A 120 14.62 -16.30 10.42
C GLU A 120 14.31 -14.81 10.29
N PRO A 121 13.03 -14.45 10.07
CA PRO A 121 12.61 -13.06 9.91
C PRO A 121 12.44 -12.35 11.25
N ALA A 122 12.45 -11.03 11.21
CA ALA A 122 12.31 -10.21 12.41
C ALA A 122 10.87 -9.71 12.54
N GLU A 123 10.48 -8.80 11.65
CA GLU A 123 9.13 -8.25 11.66
C GLU A 123 8.24 -8.97 10.65
N SER A 124 7.02 -8.48 10.49
CA SER A 124 6.08 -9.07 9.56
C SER A 124 4.88 -8.15 9.33
N PHE A 125 4.00 -8.55 8.42
CA PHE A 125 2.81 -7.77 8.10
C PHE A 125 1.89 -8.53 7.16
N SER A 126 0.65 -8.74 7.58
CA SER A 126 -0.33 -9.46 6.76
C SER A 126 -1.65 -8.69 6.72
N CYS A 127 -2.05 -8.29 5.52
CA CYS A 127 -3.29 -7.55 5.34
C CYS A 127 -4.22 -8.25 4.35
N ALA A 128 -5.47 -8.44 4.76
CA ALA A 128 -6.45 -9.09 3.91
C ALA A 128 -7.00 -8.13 2.87
N ILE A 129 -7.19 -8.62 1.64
CA ILE A 129 -7.69 -7.79 0.56
C ILE A 129 -8.56 -8.60 -0.40
N GLN A 130 -9.69 -8.03 -0.79
CA GLN A 130 -10.61 -8.69 -1.71
C GLN A 130 -11.21 -7.68 -2.66
N VAL A 131 -11.54 -8.13 -3.88
CA VAL A 131 -12.11 -7.24 -4.88
C VAL A 131 -13.26 -7.93 -5.63
N ARG A 132 -14.19 -7.11 -6.12
CA ARG A 132 -15.33 -7.62 -6.86
C ARG A 132 -16.19 -6.47 -7.39
N MET A 1 -19.36 -26.85 -3.61
CA MET A 1 -19.52 -26.40 -5.02
C MET A 1 -20.54 -27.27 -5.75
N GLY A 2 -21.65 -26.65 -6.17
CA GLY A 2 -22.67 -27.39 -6.88
C GLY A 2 -23.78 -26.48 -7.39
N SER A 3 -23.98 -25.36 -6.72
CA SER A 3 -25.01 -24.41 -7.12
C SER A 3 -24.44 -23.35 -8.06
N SER A 4 -23.13 -23.14 -7.98
CA SER A 4 -22.46 -22.16 -8.82
C SER A 4 -21.07 -22.65 -9.22
N HIS A 5 -20.69 -22.37 -10.46
CA HIS A 5 -19.39 -22.78 -10.97
C HIS A 5 -18.84 -21.76 -11.96
N HIS A 6 -17.73 -21.12 -11.59
CA HIS A 6 -17.11 -20.11 -12.45
C HIS A 6 -15.66 -20.45 -12.71
N HIS A 7 -15.04 -19.71 -13.63
CA HIS A 7 -13.64 -19.93 -13.98
C HIS A 7 -12.72 -19.47 -12.87
N HIS A 8 -11.73 -20.29 -12.56
CA HIS A 8 -10.76 -19.96 -11.50
C HIS A 8 -9.94 -18.74 -11.88
N HIS A 9 -9.16 -18.85 -12.95
CA HIS A 9 -8.32 -17.75 -13.40
C HIS A 9 -8.14 -17.81 -14.92
N HIS A 10 -8.76 -16.86 -15.62
CA HIS A 10 -8.67 -16.80 -17.07
C HIS A 10 -9.12 -15.44 -17.58
N SER A 11 -8.30 -14.82 -18.42
CA SER A 11 -8.62 -13.51 -18.99
C SER A 11 -8.82 -12.47 -17.89
N SER A 12 -9.26 -11.28 -18.28
CA SER A 12 -9.50 -10.21 -17.34
C SER A 12 -10.71 -9.37 -17.75
N GLY A 13 -11.01 -8.34 -16.98
CA GLY A 13 -12.14 -7.48 -17.28
C GLY A 13 -11.86 -6.02 -16.97
N LEU A 14 -11.13 -5.37 -17.86
CA LEU A 14 -10.79 -3.95 -17.68
C LEU A 14 -10.40 -3.31 -19.01
N VAL A 15 -10.81 -2.06 -19.19
CA VAL A 15 -10.51 -1.32 -20.40
C VAL A 15 -9.78 -0.02 -20.10
N PRO A 16 -8.78 0.35 -20.93
CA PRO A 16 -8.00 1.58 -20.74
C PRO A 16 -8.86 2.83 -20.88
N ARG A 17 -9.82 2.78 -21.79
CA ARG A 17 -10.70 3.91 -22.03
C ARG A 17 -12.17 3.48 -21.94
N GLY A 18 -12.99 4.35 -21.34
CA GLY A 18 -14.40 4.05 -21.18
C GLY A 18 -14.93 4.49 -19.84
N SER A 19 -14.29 4.04 -18.77
CA SER A 19 -14.72 4.40 -17.42
C SER A 19 -13.51 4.71 -16.54
N HIS A 20 -13.55 5.87 -15.88
CA HIS A 20 -12.46 6.29 -15.01
C HIS A 20 -12.98 6.60 -13.61
N MET A 21 -12.55 5.79 -12.64
CA MET A 21 -12.97 5.97 -11.25
C MET A 21 -11.94 5.38 -10.30
N GLN A 22 -11.30 6.24 -9.51
CA GLN A 22 -10.30 5.80 -8.55
C GLN A 22 -10.59 6.34 -7.16
N LYS A 23 -9.64 6.16 -6.24
CA LYS A 23 -9.79 6.63 -4.88
C LYS A 23 -8.67 7.60 -4.50
N PRO A 24 -8.93 8.48 -3.52
CA PRO A 24 -7.95 9.44 -3.02
C PRO A 24 -6.78 8.73 -2.38
N VAL A 25 -6.78 7.41 -2.51
CA VAL A 25 -5.74 6.53 -1.97
C VAL A 25 -5.37 6.91 -0.55
N VAL A 26 -5.92 6.16 0.40
CA VAL A 26 -5.67 6.38 1.81
C VAL A 26 -4.37 5.72 2.25
N THR A 27 -3.60 6.43 3.07
CA THR A 27 -2.34 5.93 3.58
C THR A 27 -2.55 4.96 4.73
N LEU A 28 -1.52 4.19 5.04
CA LEU A 28 -1.58 3.22 6.13
C LEU A 28 -0.34 3.29 7.02
N ASP A 29 -0.29 2.39 8.00
CA ASP A 29 0.83 2.32 8.93
C ASP A 29 0.74 1.05 9.77
N ASP A 30 -0.48 0.58 9.98
CA ASP A 30 -0.72 -0.62 10.75
C ASP A 30 -1.96 -1.36 10.22
N ALA A 31 -2.04 -2.65 10.49
CA ALA A 31 -3.17 -3.46 10.05
C ALA A 31 -4.49 -2.88 10.56
N ASP A 32 -5.17 -2.13 9.70
CA ASP A 32 -6.45 -1.52 10.05
C ASP A 32 -7.40 -1.53 8.87
N ASP A 33 -7.05 -0.81 7.82
CA ASP A 33 -7.87 -0.73 6.62
C ASP A 33 -8.07 -2.10 5.99
N CYS A 34 -7.00 -2.64 5.42
CA CYS A 34 -7.06 -3.96 4.79
C CYS A 34 -7.10 -5.07 5.83
N SER A 35 -8.13 -5.90 5.74
CA SER A 35 -8.30 -7.02 6.67
C SER A 35 -9.58 -7.81 6.37
N PRO A 36 -10.71 -7.14 6.04
CA PRO A 36 -11.96 -7.83 5.74
C PRO A 36 -12.04 -8.35 4.31
N LEU A 37 -10.88 -8.43 3.66
CA LEU A 37 -10.79 -8.91 2.29
C LEU A 37 -11.61 -8.05 1.35
N LYS A 38 -12.89 -8.35 1.31
CA LYS A 38 -13.86 -7.65 0.46
C LYS A 38 -13.42 -6.22 0.15
N LEU A 39 -13.21 -5.94 -1.13
CA LEU A 39 -12.79 -4.62 -1.58
C LEU A 39 -13.34 -4.32 -2.97
N THR A 40 -12.72 -3.38 -3.68
CA THR A 40 -13.17 -3.01 -5.02
C THR A 40 -12.03 -2.40 -5.82
N GLN A 41 -12.11 -2.53 -7.14
CA GLN A 41 -11.09 -2.00 -8.03
C GLN A 41 -11.00 -0.48 -7.92
N GLY A 42 -9.94 0.08 -8.48
CA GLY A 42 -9.74 1.52 -8.44
C GLY A 42 -9.14 1.98 -7.12
N GLN A 43 -9.32 1.18 -6.08
CA GLN A 43 -8.81 1.49 -4.77
C GLN A 43 -7.28 1.38 -4.72
N GLU A 44 -6.61 2.51 -4.56
CA GLU A 44 -5.16 2.53 -4.46
C GLU A 44 -4.74 2.68 -3.01
N LEU A 45 -3.51 2.30 -2.71
CA LEU A 45 -3.02 2.39 -1.34
C LEU A 45 -1.51 2.54 -1.29
N VAL A 46 -1.04 3.40 -0.38
CA VAL A 46 0.38 3.64 -0.20
C VAL A 46 0.82 3.22 1.19
N LEU A 47 1.75 2.27 1.26
CA LEU A 47 2.23 1.79 2.55
C LEU A 47 3.55 2.45 2.95
N THR A 48 3.95 2.21 4.20
CA THR A 48 5.19 2.78 4.73
C THR A 48 5.96 1.71 5.50
N LEU A 49 6.90 1.06 4.83
CA LEU A 49 7.70 0.00 5.45
C LEU A 49 9.13 -0.05 4.91
N PRO A 50 9.32 -0.13 3.57
CA PRO A 50 10.64 -0.20 2.95
C PRO A 50 11.72 0.54 3.74
N SER A 51 12.89 -0.09 3.85
CA SER A 51 14.00 0.49 4.58
C SER A 51 15.33 0.14 3.93
N ASN A 52 16.10 1.16 3.54
CA ASN A 52 17.39 0.92 2.91
C ASN A 52 18.46 1.87 3.46
N PRO A 53 18.59 1.95 4.80
CA PRO A 53 19.59 2.81 5.44
C PRO A 53 20.95 2.15 5.47
N THR A 54 21.86 2.64 4.63
CA THR A 54 23.21 2.08 4.54
C THR A 54 23.15 0.63 4.07
N THR A 55 21.94 0.21 3.67
CA THR A 55 21.69 -1.15 3.19
C THR A 55 22.07 -2.20 4.23
N GLY A 56 21.57 -3.42 4.03
CA GLY A 56 21.84 -4.49 4.95
C GLY A 56 20.57 -5.15 5.43
N PHE A 57 19.50 -4.39 5.47
CA PHE A 57 18.20 -4.88 5.90
C PHE A 57 17.10 -4.29 5.03
N ARG A 58 16.37 -5.17 4.34
CA ARG A 58 15.28 -4.73 3.47
C ARG A 58 13.98 -5.43 3.83
N TRP A 59 13.02 -5.37 2.91
CA TRP A 59 11.73 -6.01 3.12
C TRP A 59 11.46 -7.02 2.01
N GLU A 60 10.64 -8.03 2.31
CA GLU A 60 10.30 -9.06 1.33
C GLU A 60 8.80 -9.23 1.20
N LEU A 61 8.33 -9.39 -0.03
CA LEU A 61 6.91 -9.56 -0.30
C LEU A 61 6.55 -11.03 -0.38
N ARG A 62 5.91 -11.55 0.66
CA ARG A 62 5.52 -12.96 0.68
C ARG A 62 4.29 -13.18 -0.19
N ASN A 63 3.58 -12.09 -0.49
CA ASN A 63 2.38 -12.16 -1.32
C ASN A 63 1.84 -10.75 -1.59
N PRO A 64 2.34 -10.10 -2.66
CA PRO A 64 1.91 -8.74 -3.02
C PRO A 64 0.52 -8.72 -3.64
N ALA A 65 -0.14 -9.88 -3.66
CA ALA A 65 -1.47 -9.99 -4.24
C ALA A 65 -1.51 -9.48 -5.67
N ALA A 66 -0.34 -9.48 -6.31
CA ALA A 66 -0.22 -9.01 -7.69
C ALA A 66 -1.12 -9.82 -8.62
N SER A 67 -1.65 -10.92 -8.11
CA SER A 67 -2.52 -11.78 -8.90
C SER A 67 -3.79 -11.03 -9.34
N VAL A 68 -4.23 -10.09 -8.51
CA VAL A 68 -5.42 -9.31 -8.82
C VAL A 68 -5.16 -7.81 -8.72
N LEU A 69 -3.98 -7.45 -8.20
CA LEU A 69 -3.62 -6.05 -8.06
C LEU A 69 -2.47 -5.69 -8.99
N LYS A 70 -2.45 -4.44 -9.45
CA LYS A 70 -1.40 -3.98 -10.35
C LYS A 70 -0.39 -3.11 -9.60
N ARG A 71 0.88 -3.24 -9.98
CA ARG A 71 1.94 -2.47 -9.35
C ARG A 71 2.20 -1.19 -10.13
N LEU A 72 2.65 -0.15 -9.43
CA LEU A 72 2.93 1.14 -10.05
C LEU A 72 4.39 1.25 -10.47
N GLY A 73 5.17 0.20 -10.18
CA GLY A 73 6.57 0.21 -10.54
C GLY A 73 7.46 -0.42 -9.48
N PRO A 74 8.67 -0.86 -9.85
CA PRO A 74 9.61 -1.49 -8.92
C PRO A 74 10.03 -0.54 -7.80
N GLU A 75 10.76 0.51 -8.16
CA GLU A 75 11.23 1.48 -7.17
C GLU A 75 10.17 2.55 -6.93
N VAL A 76 10.36 3.33 -5.86
CA VAL A 76 9.42 4.39 -5.51
C VAL A 76 10.14 5.62 -4.98
N TYR A 77 11.44 5.69 -5.25
CA TYR A 77 12.25 6.82 -4.79
C TYR A 77 11.71 8.13 -5.36
N SER A 78 11.54 9.12 -4.50
CA SER A 78 11.02 10.42 -4.91
C SER A 78 12.01 11.13 -5.84
N ASN A 79 11.58 12.25 -6.40
CA ASN A 79 12.41 13.02 -7.30
C ASN A 79 12.59 14.45 -6.81
N SER A 80 11.47 15.12 -6.53
CA SER A 80 11.50 16.50 -6.05
C SER A 80 10.42 16.72 -5.00
N GLU A 81 9.24 16.14 -5.23
CA GLU A 81 8.12 16.29 -4.32
C GLU A 81 7.74 17.75 -4.12
N GLU A 82 6.85 18.00 -3.17
CA GLU A 82 6.40 19.36 -2.89
C GLU A 82 6.49 19.66 -1.39
N ASP A 83 5.99 18.73 -0.59
CA ASP A 83 6.02 18.89 0.86
C ASP A 83 5.85 17.54 1.56
N SER A 84 5.82 16.48 0.77
CA SER A 84 5.66 15.13 1.31
C SER A 84 6.89 14.73 2.13
N GLY A 85 8.05 14.79 1.52
CA GLY A 85 9.28 14.43 2.21
C GLY A 85 9.27 12.98 2.67
N LEU A 86 9.05 12.07 1.74
CA LEU A 86 9.01 10.64 2.05
C LEU A 86 10.38 10.02 1.86
N VAL A 87 11.39 10.86 1.86
CA VAL A 87 12.77 10.42 1.70
C VAL A 87 13.69 11.10 2.71
N GLY A 88 14.18 10.32 3.66
CA GLY A 88 15.07 10.87 4.68
C GLY A 88 16.51 10.43 4.49
N SER A 89 17.22 10.26 5.59
CA SER A 89 18.62 9.84 5.54
C SER A 89 18.72 8.33 5.43
N GLY A 90 17.70 7.62 5.92
CA GLY A 90 17.70 6.18 5.85
C GLY A 90 16.29 5.60 5.92
N GLY A 91 15.98 4.72 4.98
CA GLY A 91 14.67 4.10 4.94
C GLY A 91 13.61 5.01 4.35
N GLU A 92 13.19 4.71 3.13
CA GLU A 92 12.17 5.50 2.46
C GLU A 92 10.78 5.09 2.88
N SER A 93 10.56 3.79 3.01
CA SER A 93 9.27 3.25 3.40
C SER A 93 8.15 3.77 2.52
N THR A 94 7.94 3.11 1.38
CA THR A 94 6.89 3.51 0.45
C THR A 94 6.51 2.37 -0.49
N TRP A 95 5.21 2.13 -0.63
CA TRP A 95 4.70 1.08 -1.52
C TRP A 95 3.49 1.58 -2.29
N ARG A 96 3.40 1.20 -3.55
CA ARG A 96 2.28 1.62 -4.40
C ARG A 96 1.55 0.41 -4.97
N PHE A 97 0.31 0.23 -4.52
CA PHE A 97 -0.51 -0.89 -4.99
C PHE A 97 -1.91 -0.41 -5.37
N ARG A 98 -2.25 -0.52 -6.65
CA ARG A 98 -3.55 -0.11 -7.14
C ARG A 98 -4.31 -1.31 -7.70
N VAL A 99 -5.55 -1.48 -7.25
CA VAL A 99 -6.37 -2.60 -7.70
C VAL A 99 -6.82 -2.41 -9.15
N ALA A 100 -6.55 -3.40 -9.99
CA ALA A 100 -6.92 -3.33 -11.40
C ALA A 100 -7.65 -4.59 -11.85
N ALA A 101 -7.67 -5.61 -11.00
CA ALA A 101 -8.34 -6.86 -11.33
C ALA A 101 -9.09 -7.42 -10.13
N SER A 102 -10.12 -8.21 -10.40
CA SER A 102 -10.91 -8.82 -9.36
C SER A 102 -10.35 -10.16 -8.93
N GLY A 103 -10.82 -10.65 -7.80
CA GLY A 103 -10.35 -11.92 -7.29
C GLY A 103 -10.03 -11.88 -5.81
N ASP A 104 -9.80 -13.05 -5.22
CA ASP A 104 -9.48 -13.15 -3.81
C ASP A 104 -7.98 -13.29 -3.58
N ASP A 105 -7.43 -12.43 -2.74
CA ASP A 105 -6.00 -12.45 -2.43
C ASP A 105 -5.73 -11.96 -1.01
N ARG A 106 -4.47 -12.02 -0.60
CA ARG A 106 -4.08 -11.60 0.74
C ARG A 106 -2.66 -11.06 0.73
N LEU A 107 -2.50 -9.76 0.95
CA LEU A 107 -1.19 -9.14 0.97
C LEU A 107 -0.34 -9.69 2.10
N GLU A 108 0.97 -9.67 1.90
CA GLU A 108 1.91 -10.18 2.90
C GLU A 108 3.26 -9.47 2.80
N LEU A 109 3.79 -9.08 3.95
CA LEU A 109 5.09 -8.39 4.01
C LEU A 109 5.85 -8.76 5.28
N VAL A 110 7.18 -8.84 5.17
CA VAL A 110 8.03 -9.17 6.30
C VAL A 110 9.35 -8.39 6.22
N TYR A 111 9.93 -8.11 7.37
CA TYR A 111 11.20 -7.37 7.42
C TYR A 111 12.39 -8.31 7.50
N ARG A 112 13.05 -8.49 6.35
CA ARG A 112 14.21 -9.37 6.27
C ARG A 112 14.92 -9.19 4.93
N ARG A 113 16.22 -9.47 4.91
CA ARG A 113 17.00 -9.34 3.69
C ARG A 113 16.42 -10.22 2.58
N PRO A 114 16.49 -9.75 1.32
CA PRO A 114 15.95 -10.49 0.17
C PRO A 114 16.81 -11.66 -0.29
N TRP A 115 18.11 -11.60 -0.01
CA TRP A 115 19.01 -12.67 -0.43
C TRP A 115 19.21 -13.72 0.66
N GLU A 116 18.34 -13.71 1.67
CA GLU A 116 18.43 -14.68 2.75
C GLU A 116 17.58 -15.91 2.45
N LYS A 117 18.16 -17.09 2.62
CA LYS A 117 17.46 -18.34 2.37
C LYS A 117 16.74 -18.81 3.64
N ASP A 118 15.45 -18.50 3.72
CA ASP A 118 14.66 -18.90 4.88
C ASP A 118 15.26 -18.37 6.18
N ALA A 119 14.87 -17.17 6.57
CA ALA A 119 15.36 -16.55 7.79
C ALA A 119 14.26 -15.84 8.55
N GLU A 120 14.32 -15.90 9.87
CA GLU A 120 13.31 -15.27 10.71
C GLU A 120 13.39 -13.75 10.60
N PRO A 121 12.33 -13.10 10.07
CA PRO A 121 12.28 -11.64 9.92
C PRO A 121 12.02 -10.93 11.24
N ALA A 122 12.60 -9.74 11.41
CA ALA A 122 12.42 -8.97 12.62
C ALA A 122 10.97 -8.51 12.76
N GLU A 123 10.50 -7.77 11.78
CA GLU A 123 9.12 -7.28 11.77
C GLU A 123 8.24 -8.16 10.88
N SER A 124 6.99 -7.75 10.74
CA SER A 124 6.03 -8.49 9.92
C SER A 124 4.80 -7.65 9.62
N PHE A 125 4.05 -8.07 8.61
CA PHE A 125 2.83 -7.36 8.22
C PHE A 125 2.01 -8.20 7.23
N SER A 126 0.71 -7.91 7.16
CA SER A 126 -0.17 -8.64 6.25
C SER A 126 -1.52 -7.94 6.13
N CYS A 127 -2.18 -8.11 4.99
CA CYS A 127 -3.47 -7.50 4.76
C CYS A 127 -4.36 -8.40 3.91
N ALA A 128 -5.66 -8.11 3.90
CA ALA A 128 -6.62 -8.89 3.14
C ALA A 128 -7.23 -8.07 2.01
N ILE A 129 -7.26 -8.64 0.81
CA ILE A 129 -7.82 -7.95 -0.34
C ILE A 129 -8.56 -8.90 -1.27
N GLN A 130 -9.88 -8.76 -1.33
CA GLN A 130 -10.71 -9.60 -2.19
C GLN A 130 -11.73 -8.73 -2.93
N VAL A 131 -11.42 -8.40 -4.17
CA VAL A 131 -12.30 -7.57 -4.98
C VAL A 131 -13.68 -8.23 -5.18
N ARG A 132 -13.83 -8.97 -6.28
CA ARG A 132 -15.09 -9.64 -6.56
C ARG A 132 -15.00 -11.12 -6.19
N MET A 1 3.19 12.76 9.44
CA MET A 1 3.26 11.48 10.19
C MET A 1 3.02 11.71 11.68
N GLY A 2 3.16 12.96 12.11
CA GLY A 2 2.94 13.29 13.50
C GLY A 2 2.58 14.75 13.71
N SER A 3 1.95 15.04 14.84
CA SER A 3 1.55 16.41 15.16
C SER A 3 2.60 17.11 16.01
N SER A 4 2.99 18.30 15.59
CA SER A 4 4.00 19.08 16.31
C SER A 4 3.76 20.58 16.13
N HIS A 5 4.42 21.38 16.96
CA HIS A 5 4.28 22.84 16.88
C HIS A 5 5.10 23.41 15.74
N HIS A 6 5.74 22.52 14.98
CA HIS A 6 6.56 22.94 13.85
C HIS A 6 5.71 23.60 12.77
N HIS A 7 5.69 24.93 12.77
CA HIS A 7 4.92 25.70 11.81
C HIS A 7 3.43 25.37 11.90
N HIS A 8 3.01 24.30 11.20
CA HIS A 8 1.62 23.88 11.21
C HIS A 8 1.51 22.38 11.43
N HIS A 9 0.31 21.92 11.77
CA HIS A 9 0.07 20.51 12.01
C HIS A 9 -0.38 19.80 10.73
N HIS A 10 -1.45 20.31 10.13
CA HIS A 10 -1.98 19.74 8.90
C HIS A 10 -2.50 20.83 7.97
N SER A 11 -2.45 20.56 6.66
CA SER A 11 -2.90 21.52 5.67
C SER A 11 -4.37 21.88 5.90
N SER A 12 -4.62 23.15 6.19
CA SER A 12 -5.98 23.63 6.43
C SER A 12 -6.70 23.89 5.13
N GLY A 13 -7.96 24.31 5.23
CA GLY A 13 -8.75 24.59 4.04
C GLY A 13 -9.71 23.47 3.70
N LEU A 14 -9.55 22.89 2.52
CA LEU A 14 -10.41 21.80 2.08
C LEU A 14 -9.99 20.48 2.72
N VAL A 15 -10.97 19.73 3.22
CA VAL A 15 -10.69 18.45 3.86
C VAL A 15 -11.58 17.34 3.28
N PRO A 16 -11.06 16.10 3.20
CA PRO A 16 -11.79 14.96 2.67
C PRO A 16 -13.07 14.68 3.45
N ARG A 17 -14.06 14.07 2.80
CA ARG A 17 -15.33 13.75 3.44
C ARG A 17 -16.08 12.70 2.63
N GLY A 18 -16.72 11.77 3.35
CA GLY A 18 -17.47 10.72 2.69
C GLY A 18 -16.89 9.34 2.95
N SER A 19 -16.28 8.76 1.92
CA SER A 19 -15.68 7.43 2.04
C SER A 19 -14.16 7.54 2.22
N HIS A 20 -13.64 6.83 3.21
CA HIS A 20 -12.21 6.84 3.49
C HIS A 20 -11.60 5.48 3.18
N MET A 21 -12.30 4.41 3.51
CA MET A 21 -11.82 3.06 3.28
C MET A 21 -11.79 2.75 1.79
N GLN A 22 -12.54 3.53 1.01
CA GLN A 22 -12.60 3.35 -0.44
C GLN A 22 -12.19 4.62 -1.17
N LYS A 23 -10.96 4.65 -1.67
CA LYS A 23 -10.45 5.81 -2.37
C LYS A 23 -9.45 5.39 -3.44
N PRO A 24 -9.15 6.30 -4.40
CA PRO A 24 -8.22 6.04 -5.51
C PRO A 24 -6.88 5.55 -5.02
N VAL A 25 -6.70 5.53 -3.71
CA VAL A 25 -5.46 5.05 -3.11
C VAL A 25 -5.69 4.46 -1.72
N VAL A 26 -5.78 5.34 -0.72
CA VAL A 26 -5.98 4.92 0.67
C VAL A 26 -4.66 4.43 1.27
N THR A 27 -4.06 5.26 2.11
CA THR A 27 -2.80 4.92 2.74
C THR A 27 -3.02 4.04 3.98
N LEU A 28 -2.00 3.24 4.30
CA LEU A 28 -2.07 2.34 5.45
C LEU A 28 -0.74 2.31 6.19
N ASP A 29 -0.80 2.07 7.49
CA ASP A 29 0.40 2.01 8.32
C ASP A 29 0.28 0.92 9.39
N ASP A 30 -0.93 0.70 9.86
CA ASP A 30 -1.18 -0.30 10.89
C ASP A 30 -1.48 -1.66 10.25
N ALA A 31 -1.71 -2.67 11.09
CA ALA A 31 -2.00 -4.01 10.62
C ALA A 31 -3.31 -4.53 11.21
N ASP A 32 -3.72 -3.95 12.34
CA ASP A 32 -4.95 -4.34 13.00
C ASP A 32 -6.17 -3.75 12.30
N ASP A 33 -5.93 -2.74 11.46
CA ASP A 33 -7.00 -2.08 10.72
C ASP A 33 -7.29 -2.81 9.42
N CYS A 34 -6.71 -3.99 9.27
CA CYS A 34 -6.92 -4.80 8.06
C CYS A 34 -8.05 -5.78 8.24
N SER A 35 -8.69 -6.13 7.13
CA SER A 35 -9.81 -7.08 7.13
C SER A 35 -10.24 -7.40 5.71
N PRO A 36 -10.77 -8.61 5.46
CA PRO A 36 -11.23 -9.01 4.13
C PRO A 36 -12.25 -8.03 3.57
N LEU A 37 -11.75 -6.99 2.94
CA LEU A 37 -12.60 -5.96 2.35
C LEU A 37 -12.75 -6.15 0.84
N LYS A 38 -13.88 -5.68 0.30
CA LYS A 38 -14.15 -5.78 -1.12
C LYS A 38 -13.90 -4.45 -1.82
N LEU A 39 -12.69 -4.28 -2.34
CA LEU A 39 -12.32 -3.05 -3.04
C LEU A 39 -13.10 -2.90 -4.34
N THR A 40 -12.67 -1.95 -5.16
CA THR A 40 -13.33 -1.69 -6.43
C THR A 40 -12.31 -1.49 -7.54
N GLN A 41 -12.64 -1.94 -8.75
CA GLN A 41 -11.77 -1.82 -9.89
C GLN A 41 -11.73 -0.38 -10.40
N GLY A 42 -10.70 0.36 -10.00
CA GLY A 42 -10.57 1.74 -10.42
C GLY A 42 -9.76 2.57 -9.43
N GLN A 43 -9.65 2.07 -8.20
CA GLN A 43 -8.90 2.77 -7.17
C GLN A 43 -7.51 2.17 -7.02
N GLU A 44 -6.81 2.56 -5.95
CA GLU A 44 -5.45 2.06 -5.71
C GLU A 44 -5.18 1.91 -4.21
N LEU A 45 -3.89 1.89 -3.86
CA LEU A 45 -3.46 1.78 -2.48
C LEU A 45 -1.94 1.86 -2.37
N VAL A 46 -1.46 2.56 -1.35
CA VAL A 46 -0.02 2.71 -1.15
C VAL A 46 0.37 2.45 0.30
N LEU A 47 1.51 1.80 0.49
CA LEU A 47 2.01 1.48 1.83
C LEU A 47 3.35 2.16 2.08
N THR A 48 3.53 2.70 3.28
CA THR A 48 4.77 3.38 3.63
C THR A 48 5.23 2.98 5.04
N LEU A 49 6.37 2.29 5.10
CA LEU A 49 6.93 1.84 6.37
C LEU A 49 8.46 1.88 6.34
N PRO A 50 9.11 2.10 7.50
CA PRO A 50 10.57 2.17 7.59
C PRO A 50 11.23 0.92 7.01
N SER A 51 12.25 1.11 6.17
CA SER A 51 12.94 -0.01 5.56
C SER A 51 14.44 0.26 5.44
N ASN A 52 14.83 1.53 5.33
CA ASN A 52 16.23 1.89 5.21
C ASN A 52 16.66 2.99 6.19
N PRO A 53 16.24 2.92 7.47
CA PRO A 53 16.61 3.92 8.47
C PRO A 53 18.13 4.04 8.58
N THR A 54 18.80 2.90 8.50
CA THR A 54 20.25 2.84 8.58
C THR A 54 20.79 1.76 7.65
N THR A 55 19.90 1.23 6.80
CA THR A 55 20.25 0.19 5.84
C THR A 55 20.76 -1.08 6.52
N GLY A 56 20.52 -2.22 5.88
CA GLY A 56 20.97 -3.48 6.43
C GLY A 56 19.84 -4.48 6.54
N PHE A 57 18.60 -3.98 6.51
CA PHE A 57 17.43 -4.82 6.62
C PHE A 57 16.31 -4.30 5.72
N ARG A 58 15.94 -5.08 4.71
CA ARG A 58 14.87 -4.70 3.79
C ARG A 58 13.62 -5.52 4.02
N TRP A 59 12.68 -5.45 3.07
CA TRP A 59 11.44 -6.20 3.15
C TRP A 59 11.36 -7.23 2.04
N GLU A 60 10.54 -8.25 2.25
CA GLU A 60 10.36 -9.32 1.27
C GLU A 60 8.88 -9.53 0.98
N LEU A 61 8.49 -9.30 -0.27
CA LEU A 61 7.09 -9.47 -0.68
C LEU A 61 6.73 -10.94 -0.82
N ARG A 62 6.15 -11.50 0.22
CA ARG A 62 5.74 -12.91 0.21
C ARG A 62 4.42 -13.05 -0.53
N ASN A 63 3.75 -11.92 -0.74
CA ASN A 63 2.47 -11.91 -1.44
C ASN A 63 2.03 -10.48 -1.73
N PRO A 64 2.57 -9.87 -2.80
CA PRO A 64 2.25 -8.48 -3.17
C PRO A 64 0.84 -8.35 -3.76
N ALA A 65 0.04 -9.40 -3.62
CA ALA A 65 -1.33 -9.39 -4.13
C ALA A 65 -1.35 -9.10 -5.62
N ALA A 66 -0.23 -9.35 -6.28
CA ALA A 66 -0.11 -9.12 -7.73
C ALA A 66 -1.10 -9.98 -8.50
N SER A 67 -1.75 -10.90 -7.81
CA SER A 67 -2.72 -11.80 -8.42
C SER A 67 -3.99 -11.04 -8.82
N VAL A 68 -4.32 -10.01 -8.05
CA VAL A 68 -5.51 -9.21 -8.32
C VAL A 68 -5.18 -7.73 -8.50
N LEU A 69 -4.34 -7.20 -7.62
CA LEU A 69 -3.94 -5.80 -7.70
C LEU A 69 -2.70 -5.64 -8.59
N LYS A 70 -2.87 -4.86 -9.66
CA LYS A 70 -1.78 -4.61 -10.59
C LYS A 70 -0.58 -3.99 -9.88
N ARG A 71 0.61 -4.27 -10.38
CA ARG A 71 1.84 -3.74 -9.80
C ARG A 71 2.38 -2.57 -10.61
N LEU A 72 2.55 -1.43 -9.96
CA LEU A 72 3.06 -0.23 -10.63
C LEU A 72 4.44 0.13 -10.10
N GLY A 73 5.00 1.22 -10.62
CA GLY A 73 6.32 1.65 -10.19
C GLY A 73 6.27 2.49 -8.92
N PRO A 74 7.41 2.64 -8.22
CA PRO A 74 7.48 3.43 -6.98
C PRO A 74 7.07 4.88 -7.20
N GLU A 75 6.95 5.62 -6.09
CA GLU A 75 6.57 7.03 -6.16
C GLU A 75 7.53 7.89 -5.35
N VAL A 76 7.93 7.40 -4.19
CA VAL A 76 8.84 8.12 -3.31
C VAL A 76 10.19 7.42 -3.23
N TYR A 77 10.39 6.44 -4.10
CA TYR A 77 11.64 5.69 -4.13
C TYR A 77 12.16 5.55 -5.56
N SER A 78 11.42 6.11 -6.51
CA SER A 78 11.79 6.05 -7.91
C SER A 78 13.13 6.73 -8.15
N ASN A 79 13.70 6.53 -9.34
CA ASN A 79 14.98 7.12 -9.69
C ASN A 79 14.79 8.40 -10.50
N SER A 80 13.58 8.58 -11.03
CA SER A 80 13.26 9.76 -11.83
C SER A 80 12.91 10.94 -10.94
N GLU A 81 13.05 10.76 -9.62
CA GLU A 81 12.74 11.81 -8.66
C GLU A 81 13.71 12.98 -8.81
N GLU A 82 13.20 14.10 -9.29
CA GLU A 82 14.02 15.29 -9.48
C GLU A 82 14.23 16.02 -8.15
N ASP A 83 13.14 16.53 -7.59
CA ASP A 83 13.20 17.25 -6.33
C ASP A 83 13.02 16.29 -5.15
N SER A 84 13.74 16.54 -4.06
CA SER A 84 13.66 15.68 -2.88
C SER A 84 12.27 15.74 -2.27
N GLY A 85 11.45 14.72 -2.56
CA GLY A 85 10.12 14.66 -2.02
C GLY A 85 9.92 13.49 -1.09
N LEU A 86 10.51 13.58 0.10
CA LEU A 86 10.40 12.52 1.08
C LEU A 86 9.52 12.96 2.24
N VAL A 87 9.88 12.53 3.43
CA VAL A 87 9.14 12.86 4.64
C VAL A 87 9.96 13.75 5.56
N GLY A 88 11.29 13.60 5.50
CA GLY A 88 12.17 14.38 6.33
C GLY A 88 13.44 13.65 6.68
N SER A 89 13.38 12.82 7.72
CA SER A 89 14.55 12.05 8.15
C SER A 89 14.91 10.99 7.12
N GLY A 90 13.90 10.27 6.64
CA GLY A 90 14.15 9.23 5.65
C GLY A 90 14.15 7.84 6.26
N GLY A 91 14.52 6.85 5.46
CA GLY A 91 14.55 5.48 5.94
C GLY A 91 13.19 4.82 5.92
N GLU A 92 12.59 4.75 4.74
CA GLU A 92 11.27 4.15 4.58
C GLU A 92 11.12 3.54 3.19
N SER A 93 9.90 3.08 2.88
CA SER A 93 9.63 2.48 1.57
C SER A 93 8.29 2.97 1.03
N THR A 94 8.00 2.61 -0.21
CA THR A 94 6.74 3.01 -0.85
C THR A 94 6.32 2.01 -1.91
N TRP A 95 5.19 1.34 -1.65
CA TRP A 95 4.66 0.35 -2.59
C TRP A 95 3.31 0.79 -3.15
N ARG A 96 3.26 0.99 -4.46
CA ARG A 96 2.03 1.41 -5.11
C ARG A 96 1.34 0.24 -5.80
N PHE A 97 0.02 0.18 -5.67
CA PHE A 97 -0.77 -0.89 -6.28
C PHE A 97 -2.09 -0.36 -6.83
N ARG A 98 -2.43 -0.76 -8.05
CA ARG A 98 -3.66 -0.33 -8.69
C ARG A 98 -4.55 -1.53 -8.98
N VAL A 99 -5.83 -1.43 -8.61
CA VAL A 99 -6.77 -2.51 -8.83
C VAL A 99 -7.10 -2.68 -10.31
N ALA A 100 -6.72 -3.82 -10.86
CA ALA A 100 -6.96 -4.10 -12.27
C ALA A 100 -8.11 -5.10 -12.47
N ALA A 101 -8.38 -5.91 -11.46
CA ALA A 101 -9.45 -6.90 -11.55
C ALA A 101 -9.89 -7.38 -10.17
N SER A 102 -10.87 -8.27 -10.17
CA SER A 102 -11.40 -8.82 -8.93
C SER A 102 -10.57 -10.01 -8.46
N GLY A 103 -11.10 -10.73 -7.47
CA GLY A 103 -10.40 -11.88 -6.93
C GLY A 103 -9.99 -11.69 -5.48
N ASP A 104 -9.80 -12.80 -4.78
CA ASP A 104 -9.41 -12.75 -3.38
C ASP A 104 -7.88 -12.89 -3.24
N ASP A 105 -7.33 -12.23 -2.24
CA ASP A 105 -5.89 -12.29 -2.00
C ASP A 105 -5.54 -11.74 -0.62
N ARG A 106 -4.26 -11.70 -0.29
CA ARG A 106 -3.81 -11.22 1.01
C ARG A 106 -2.36 -10.74 0.94
N LEU A 107 -2.15 -9.44 1.12
CA LEU A 107 -0.82 -8.86 1.08
C LEU A 107 0.06 -9.45 2.19
N GLU A 108 1.32 -9.73 1.85
CA GLU A 108 2.25 -10.31 2.81
C GLU A 108 3.63 -9.66 2.68
N LEU A 109 4.07 -8.98 3.74
CA LEU A 109 5.37 -8.34 3.74
C LEU A 109 6.13 -8.65 5.04
N VAL A 110 7.31 -9.25 4.90
CA VAL A 110 8.12 -9.61 6.06
C VAL A 110 9.44 -8.83 6.05
N TYR A 111 9.86 -8.37 7.22
CA TYR A 111 11.10 -7.61 7.35
C TYR A 111 12.29 -8.54 7.54
N ARG A 112 13.13 -8.63 6.52
CA ARG A 112 14.32 -9.48 6.57
C ARG A 112 15.27 -9.17 5.41
N ARG A 113 16.54 -9.51 5.59
CA ARG A 113 17.54 -9.27 4.56
C ARG A 113 17.24 -10.11 3.31
N PRO A 114 17.13 -9.46 2.13
CA PRO A 114 16.82 -10.14 0.87
C PRO A 114 17.91 -11.14 0.44
N TRP A 115 19.14 -10.90 0.87
CA TRP A 115 20.26 -11.77 0.52
C TRP A 115 20.29 -13.01 1.41
N GLU A 116 19.18 -13.31 2.06
CA GLU A 116 19.10 -14.47 2.94
C GLU A 116 18.48 -15.66 2.21
N LYS A 117 18.50 -16.82 2.86
CA LYS A 117 17.93 -18.04 2.28
C LYS A 117 16.98 -18.70 3.27
N ASP A 118 15.68 -18.41 3.10
CA ASP A 118 14.64 -18.96 3.97
C ASP A 118 15.07 -18.97 5.43
N ALA A 119 14.85 -17.85 6.12
CA ALA A 119 15.21 -17.72 7.52
C ALA A 119 14.13 -16.96 8.30
N GLU A 120 14.37 -16.75 9.59
CA GLU A 120 13.42 -16.04 10.43
C GLU A 120 13.61 -14.53 10.31
N PRO A 121 12.50 -13.78 10.12
CA PRO A 121 12.53 -12.34 9.99
C PRO A 121 12.29 -11.62 11.31
N ALA A 122 12.37 -10.29 11.29
CA ALA A 122 12.15 -9.48 12.48
C ALA A 122 10.67 -9.10 12.60
N GLU A 123 10.18 -8.37 11.60
CA GLU A 123 8.79 -7.94 11.58
C GLU A 123 7.95 -8.84 10.70
N SER A 124 6.69 -8.46 10.50
CA SER A 124 5.78 -9.22 9.67
C SER A 124 4.53 -8.40 9.35
N PHE A 125 3.93 -8.68 8.20
CA PHE A 125 2.73 -7.96 7.78
C PHE A 125 1.81 -8.86 6.97
N SER A 126 0.52 -8.81 7.29
CA SER A 126 -0.49 -9.61 6.59
C SER A 126 -1.83 -8.87 6.55
N CYS A 127 -2.17 -8.33 5.38
CA CYS A 127 -3.42 -7.60 5.22
C CYS A 127 -4.35 -8.32 4.26
N ALA A 128 -5.62 -8.40 4.63
CA ALA A 128 -6.62 -9.06 3.78
C ALA A 128 -7.14 -8.12 2.71
N ILE A 129 -7.23 -8.62 1.48
CA ILE A 129 -7.70 -7.82 0.35
C ILE A 129 -8.51 -8.66 -0.63
N GLN A 130 -9.74 -8.23 -0.89
CA GLN A 130 -10.60 -8.94 -1.82
C GLN A 130 -11.30 -7.96 -2.76
N VAL A 131 -11.66 -8.42 -3.95
CA VAL A 131 -12.34 -7.58 -4.93
C VAL A 131 -13.39 -8.36 -5.69
N ARG A 132 -14.41 -7.65 -6.18
CA ARG A 132 -15.48 -8.27 -6.95
C ARG A 132 -16.46 -7.21 -7.46
#